data_8DAQ
#
_entry.id   8DAQ
#
loop_
_entity.id
_entity.type
_entity.pdbx_description
1 polymer 'E1 envelope glycoprotein'
2 polymer 'E2 envelope glycoprotein'
3 non-polymer 2-acetamido-2-deoxy-beta-D-glucopyranose
#
loop_
_entity_poly.entity_id
_entity_poly.type
_entity_poly.pdbx_seq_one_letter_code
_entity_poly.pdbx_strand_id
1 'polypeptide(L)'
;FEHATTVPNVPGIPYKALVERAGYAPLNLEITVVSSELTPSTNKEYVTCKFHTVVPSPQVKCCGSLECKASSKADYTCRV
FGGVYPFMWGGAQCFCDSENTQLSEAYVEFAPDCTIDHAVALKVHTAALKVGLRIVYGNTTARLDTFVNGVTPGSSRDLK
VIAGPISAAFSPFDHKVVIRKGLVYNYDFPEYGAMNPGAFGDIQASSLDATDIVARTDIRLLKPSVKNIHVPYTQAVSGY
EMWKNNSGRPLQETAPFGCKIEVEPLRATNCAYGHIPISIDIPDAAFVRSSESPTILEVSCTVADCIYSADFGGSLTLQY
KANREGHCPVHSHSTTAVLKEATTHVTATGSITLHFSTSSPQANFIVSLCGKKTTCNAECKPPADHIIGEPHKVDQEFQA
AVSKTSWNWLLALFGGASSLIVVGLIVLVCSSMLINTR
;
A,C,E,G
2 'polypeptide(L)'
;ITDDFTLTSPYLGFCPYCRHSAPCFSPIKIENVWDESDDGSIRIQVSAQFGYNQAGTADVTKFRYMSYDHDHDIKEDSME
KLAISTSGPCRRLGHKGYFLLAQCPPGDSVTVSITSGASENSCTVEKKIRRKFVGREEYLFPPVHGKLVKCHVYDHLKET
SAGYITMHRPGPHAYKSYLEEASGEVYIKPPSGKNVTYECKCGDYSTGIVSTRTKMNGCTKAKQCIAYKRDQTKWVFNSP
DLIRHTDHSVQGKLHIPFRLTPTVCPVPLAHTPTVTKWFKGITLHLTATRPTLLTTRKLGLRADATAEWITGTTSRNFSV
GREGLEYVWGNHEPVRVWAQESAPGDPHGWPHEIIIHYYHRHPVYTVIVLCGVALAILVGTASSAACIAKARRDCLTPYA
LAPNATVPTALAVLC
;
B,D,F,H
#
# COMPACT_ATOMS: atom_id res chain seq x y z
N PHE A 1 -71.82 -16.66 7.24
CA PHE A 1 -71.85 -15.42 6.48
C PHE A 1 -70.79 -15.45 5.38
N GLU A 2 -70.85 -14.48 4.47
CA GLU A 2 -69.92 -14.39 3.35
C GLU A 2 -69.30 -13.01 3.32
N HIS A 3 -68.06 -12.96 2.82
CA HIS A 3 -67.31 -11.71 2.73
C HIS A 3 -66.26 -11.86 1.65
N ALA A 4 -65.72 -10.73 1.21
CA ALA A 4 -64.64 -10.74 0.23
C ALA A 4 -63.67 -9.61 0.56
N THR A 5 -62.41 -9.79 0.16
CA THR A 5 -61.39 -8.78 0.43
C THR A 5 -60.12 -9.13 -0.32
N THR A 6 -59.36 -8.11 -0.68
CA THR A 6 -58.09 -8.28 -1.39
C THR A 6 -56.93 -8.04 -0.45
N VAL A 7 -55.88 -8.84 -0.60
CA VAL A 7 -54.69 -8.73 0.25
C VAL A 7 -53.44 -8.72 -0.62
N PRO A 8 -52.41 -7.95 -0.30
CA PRO A 8 -51.18 -8.01 -1.09
C PRO A 8 -50.42 -9.30 -0.82
N ASN A 9 -49.61 -9.68 -1.81
CA ASN A 9 -48.75 -10.85 -1.67
C ASN A 9 -47.56 -10.50 -0.78
N VAL A 10 -47.48 -11.16 0.37
CA VAL A 10 -46.38 -10.93 1.32
C VAL A 10 -46.48 -11.97 2.43
N PRO A 11 -45.37 -12.52 2.91
CA PRO A 11 -45.45 -13.54 3.95
C PRO A 11 -45.35 -12.97 5.36
N GLY A 12 -46.12 -13.61 6.26
CA GLY A 12 -46.03 -13.28 7.67
C GLY A 12 -46.41 -11.85 8.02
N ILE A 13 -47.48 -11.34 7.42
CA ILE A 13 -47.97 -10.00 7.71
C ILE A 13 -49.46 -10.08 8.03
N PRO A 14 -49.85 -10.27 9.29
CA PRO A 14 -51.27 -10.38 9.61
C PRO A 14 -52.04 -9.13 9.20
N TYR A 15 -53.19 -9.34 8.58
CA TYR A 15 -54.13 -8.29 8.25
C TYR A 15 -55.40 -8.51 9.05
N LYS A 16 -55.92 -7.44 9.64
CA LYS A 16 -57.08 -7.49 10.50
C LYS A 16 -58.25 -6.80 9.80
N ALA A 17 -59.37 -7.50 9.69
CA ALA A 17 -60.55 -6.99 9.02
C ALA A 17 -61.77 -7.26 9.88
N LEU A 18 -62.89 -6.66 9.47
CA LEU A 18 -64.14 -6.76 10.21
C LEU A 18 -65.27 -7.19 9.28
N VAL A 19 -66.19 -7.97 9.83
CA VAL A 19 -67.44 -8.32 9.17
C VAL A 19 -68.57 -7.74 10.00
N GLU A 20 -69.40 -6.89 9.39
CA GLU A 20 -70.41 -6.13 10.10
C GLU A 20 -71.78 -6.74 9.83
N ARG A 21 -72.53 -6.99 10.90
CA ARG A 21 -73.89 -7.52 10.81
C ARG A 21 -74.71 -6.92 11.94
N ALA A 22 -75.83 -6.28 11.58
CA ALA A 22 -76.70 -5.71 12.60
C ALA A 22 -77.20 -6.81 13.53
N GLY A 23 -77.19 -6.53 14.83
CA GLY A 23 -77.56 -7.50 15.83
C GLY A 23 -76.46 -8.47 16.19
N TYR A 24 -75.27 -8.35 15.60
CA TYR A 24 -74.15 -9.22 15.90
C TYR A 24 -72.87 -8.40 15.95
N ALA A 25 -72.04 -8.67 16.95
CA ALA A 25 -70.79 -7.93 17.08
C ALA A 25 -69.91 -8.18 15.86
N PRO A 26 -69.17 -7.18 15.39
CA PRO A 26 -68.32 -7.40 14.21
C PRO A 26 -67.08 -8.21 14.53
N LEU A 27 -67.03 -9.44 14.04
CA LEU A 27 -65.91 -10.32 14.35
C LEU A 27 -64.62 -9.78 13.74
N ASN A 28 -63.52 -10.00 14.44
CA ASN A 28 -62.19 -9.61 13.97
C ASN A 28 -61.57 -10.81 13.25
N LEU A 29 -61.26 -10.62 11.97
CA LEU A 29 -60.69 -11.68 11.15
C LEU A 29 -59.22 -11.37 10.89
N GLU A 30 -58.35 -12.33 11.19
CA GLU A 30 -56.92 -12.19 11.03
C GLU A 30 -56.44 -13.11 9.92
N ILE A 31 -55.75 -12.55 8.94
CA ILE A 31 -55.31 -13.27 7.75
C ILE A 31 -53.81 -13.17 7.66
N THR A 32 -53.12 -14.32 7.57
CA THR A 32 -51.68 -14.33 7.41
C THR A 32 -51.29 -15.28 6.28
N VAL A 33 -50.36 -14.82 5.46
CA VAL A 33 -49.78 -15.65 4.38
C VAL A 33 -48.59 -16.36 5.01
N VAL A 34 -48.81 -17.60 5.45
CA VAL A 34 -47.75 -18.35 6.12
C VAL A 34 -46.58 -18.57 5.17
N SER A 35 -46.87 -18.96 3.93
CA SER A 35 -45.83 -19.21 2.94
C SER A 35 -46.43 -19.13 1.55
N SER A 36 -45.55 -19.09 0.56
CA SER A 36 -45.94 -19.09 -0.85
C SER A 36 -45.23 -20.23 -1.55
N GLU A 37 -45.89 -20.76 -2.59
CA GLU A 37 -45.31 -21.89 -3.34
C GLU A 37 -45.75 -21.75 -4.79
N LEU A 38 -44.87 -21.20 -5.62
CA LEU A 38 -45.11 -21.08 -7.05
C LEU A 38 -44.49 -22.27 -7.76
N THR A 39 -45.33 -23.10 -8.37
CA THR A 39 -44.90 -24.33 -9.03
C THR A 39 -45.30 -24.29 -10.50
N PRO A 40 -44.38 -24.16 -11.43
CA PRO A 40 -44.73 -24.18 -12.85
C PRO A 40 -44.86 -25.60 -13.37
N SER A 41 -45.12 -25.70 -14.67
CA SER A 41 -45.20 -26.99 -15.35
C SER A 41 -43.89 -27.23 -16.08
N THR A 42 -43.34 -28.44 -15.93
CA THR A 42 -41.99 -28.75 -16.39
C THR A 42 -42.02 -29.87 -17.41
N ASN A 43 -41.03 -29.85 -18.31
CA ASN A 43 -40.84 -30.89 -19.30
C ASN A 43 -39.35 -31.16 -19.42
N LYS A 44 -38.97 -32.43 -19.37
CA LYS A 44 -37.57 -32.81 -19.49
C LYS A 44 -37.20 -32.96 -20.96
N GLU A 45 -36.07 -32.36 -21.35
CA GLU A 45 -35.63 -32.37 -22.73
C GLU A 45 -34.46 -33.32 -22.95
N TYR A 46 -33.37 -33.15 -22.20
CA TYR A 46 -32.24 -34.05 -22.32
C TYR A 46 -31.21 -33.73 -21.25
N VAL A 47 -30.35 -34.70 -20.99
CA VAL A 47 -29.30 -34.58 -19.98
C VAL A 47 -27.97 -34.34 -20.69
N THR A 48 -26.99 -33.89 -19.93
CA THR A 48 -25.66 -33.66 -20.46
C THR A 48 -24.66 -33.67 -19.31
N CYS A 49 -23.40 -33.90 -19.65
CA CYS A 49 -22.32 -33.96 -18.67
C CYS A 49 -21.01 -34.12 -19.43
N LYS A 50 -19.90 -34.14 -18.67
CA LYS A 50 -18.61 -34.39 -19.27
C LYS A 50 -18.60 -35.77 -19.92
N PHE A 51 -17.94 -35.87 -21.06
CA PHE A 51 -17.91 -37.09 -21.86
C PHE A 51 -16.52 -37.72 -21.81
N HIS A 52 -16.48 -39.03 -22.01
CA HIS A 52 -15.24 -39.78 -22.16
C HIS A 52 -15.23 -40.42 -23.54
N THR A 53 -14.13 -40.22 -24.26
CA THR A 53 -13.98 -40.80 -25.58
C THR A 53 -13.61 -42.27 -25.47
N VAL A 54 -13.68 -42.97 -26.60
CA VAL A 54 -13.32 -44.37 -26.69
C VAL A 54 -12.32 -44.54 -27.82
N VAL A 55 -11.25 -45.28 -27.55
CA VAL A 55 -10.23 -45.56 -28.56
C VAL A 55 -10.05 -47.07 -28.59
N PRO A 56 -10.98 -47.80 -29.22
CA PRO A 56 -10.90 -49.27 -29.17
C PRO A 56 -9.66 -49.79 -29.87
N SER A 57 -9.27 -51.00 -29.49
CA SER A 57 -8.15 -51.67 -30.15
C SER A 57 -8.35 -51.62 -31.65
N PRO A 58 -7.32 -51.22 -32.42
CA PRO A 58 -7.52 -51.00 -33.85
C PRO A 58 -7.74 -52.31 -34.60
N GLN A 59 -8.32 -52.18 -35.79
CA GLN A 59 -8.55 -53.31 -36.69
C GLN A 59 -7.45 -53.27 -37.75
N VAL A 60 -6.43 -54.11 -37.58
CA VAL A 60 -5.27 -54.12 -38.46
C VAL A 60 -5.30 -55.39 -39.28
N LYS A 61 -5.27 -55.24 -40.60
CA LYS A 61 -5.20 -56.36 -41.52
C LYS A 61 -3.77 -56.48 -42.02
N CYS A 62 -3.13 -57.59 -41.69
CA CYS A 62 -1.76 -57.90 -42.10
C CYS A 62 -1.77 -58.31 -43.57
N CYS A 63 -1.28 -57.43 -44.42
CA CYS A 63 -1.10 -57.72 -45.85
C CYS A 63 -2.43 -58.07 -46.50
N GLY A 64 -3.38 -57.15 -46.39
CA GLY A 64 -4.69 -57.33 -46.99
C GLY A 64 -5.39 -56.01 -47.29
N SER A 65 -6.69 -55.94 -46.98
CA SER A 65 -7.47 -54.73 -47.21
C SER A 65 -8.61 -54.67 -46.21
N LEU A 66 -9.16 -53.47 -46.04
CA LEU A 66 -10.24 -53.23 -45.10
C LEU A 66 -11.15 -52.14 -45.66
N GLU A 67 -12.06 -51.64 -44.82
CA GLU A 67 -13.00 -50.60 -45.23
C GLU A 67 -13.43 -49.81 -44.00
N CYS A 68 -14.28 -48.82 -44.23
CA CYS A 68 -14.75 -47.90 -43.21
C CYS A 68 -16.26 -48.13 -43.07
N LYS A 69 -16.64 -48.93 -42.08
CA LYS A 69 -18.04 -49.35 -41.92
C LYS A 69 -18.83 -48.26 -41.20
N ALA A 70 -20.04 -48.61 -40.78
CA ALA A 70 -20.93 -47.68 -40.10
C ALA A 70 -21.43 -48.31 -38.80
N SER A 71 -21.83 -47.45 -37.87
CA SER A 71 -22.30 -47.89 -36.56
C SER A 71 -23.22 -46.83 -35.98
N SER A 72 -23.94 -47.22 -34.93
CA SER A 72 -24.93 -46.35 -34.29
C SER A 72 -24.37 -45.57 -33.11
N LYS A 73 -23.11 -45.77 -32.76
CA LYS A 73 -22.53 -45.06 -31.63
C LYS A 73 -22.52 -43.56 -31.89
N ALA A 74 -22.77 -42.78 -30.83
CA ALA A 74 -22.72 -41.33 -30.96
C ALA A 74 -21.32 -40.87 -31.35
N ASP A 75 -21.26 -39.96 -32.30
CA ASP A 75 -19.98 -39.45 -32.82
C ASP A 75 -19.12 -40.57 -33.39
N TYR A 76 -19.76 -41.66 -33.83
CA TYR A 76 -18.98 -42.76 -34.38
C TYR A 76 -18.30 -42.31 -35.67
N THR A 77 -17.02 -42.66 -35.79
CA THR A 77 -16.25 -42.34 -36.98
C THR A 77 -15.26 -43.47 -37.22
N CYS A 78 -14.92 -43.68 -38.49
CA CYS A 78 -13.90 -44.64 -38.86
C CYS A 78 -13.02 -44.04 -39.94
N ARG A 79 -11.80 -44.56 -40.03
CA ARG A 79 -10.90 -44.15 -41.09
C ARG A 79 -9.80 -45.19 -41.25
N VAL A 80 -9.30 -45.31 -42.48
CA VAL A 80 -8.39 -46.39 -42.86
C VAL A 80 -7.15 -45.81 -43.51
N PHE A 81 -6.05 -46.55 -43.41
CA PHE A 81 -4.79 -46.20 -44.05
C PHE A 81 -4.12 -47.48 -44.50
N GLY A 82 -3.11 -47.34 -45.37
CA GLY A 82 -2.39 -48.48 -45.89
C GLY A 82 -0.90 -48.27 -45.84
N GLY A 83 -0.16 -49.34 -46.12
CA GLY A 83 1.29 -49.29 -46.14
C GLY A 83 1.89 -48.90 -44.81
N VAL A 84 1.45 -49.56 -43.74
CA VAL A 84 1.83 -49.22 -42.38
C VAL A 84 2.59 -50.40 -41.77
N TYR A 85 3.67 -50.08 -41.04
CA TYR A 85 4.48 -51.08 -40.34
C TYR A 85 4.39 -50.80 -38.85
N PRO A 86 3.37 -51.34 -38.17
CA PRO A 86 3.32 -51.20 -36.72
C PRO A 86 4.38 -52.06 -36.04
N PHE A 87 4.82 -51.60 -34.87
CA PHE A 87 5.85 -52.29 -34.10
C PHE A 87 5.36 -52.49 -32.67
N MET A 88 6.08 -53.33 -31.94
CA MET A 88 5.72 -53.67 -30.56
C MET A 88 6.94 -54.30 -29.90
N TRP A 89 6.84 -54.51 -28.58
CA TRP A 89 8.02 -54.87 -27.80
C TRP A 89 8.67 -56.14 -28.32
N GLY A 90 7.86 -57.15 -28.64
CA GLY A 90 8.39 -58.35 -29.24
C GLY A 90 8.94 -58.15 -30.64
N GLY A 91 8.72 -56.98 -31.24
CA GLY A 91 9.21 -56.64 -32.55
C GLY A 91 8.09 -56.12 -33.42
N ALA A 92 8.29 -56.22 -34.73
CA ALA A 92 7.29 -55.81 -35.70
C ALA A 92 6.33 -56.97 -35.93
N GLN A 93 5.03 -56.70 -35.73
CA GLN A 93 4.03 -57.76 -35.86
C GLN A 93 3.79 -58.13 -37.31
N CYS A 94 3.94 -57.19 -38.23
CA CYS A 94 3.64 -57.43 -39.63
C CYS A 94 4.12 -56.25 -40.45
N PHE A 95 4.68 -56.53 -41.63
CA PHE A 95 5.06 -55.47 -42.55
C PHE A 95 4.79 -55.93 -43.98
N CYS A 96 4.11 -55.09 -44.73
CA CYS A 96 3.83 -55.33 -46.14
C CYS A 96 3.67 -53.96 -46.79
N ASP A 97 4.63 -53.58 -47.63
CA ASP A 97 4.79 -52.21 -48.09
C ASP A 97 3.47 -51.55 -48.46
N SER A 98 2.56 -52.31 -49.07
CA SER A 98 1.28 -51.75 -49.51
C SER A 98 0.11 -52.55 -48.97
N GLU A 99 0.28 -53.87 -48.85
CA GLU A 99 -0.84 -54.73 -48.50
C GLU A 99 -1.31 -54.54 -47.06
N ASN A 100 -0.41 -54.13 -46.15
CA ASN A 100 -0.84 -53.83 -44.79
C ASN A 100 -1.89 -52.73 -44.81
N THR A 101 -2.90 -52.87 -43.94
CA THR A 101 -3.84 -51.77 -43.76
C THR A 101 -4.27 -51.69 -42.31
N GLN A 102 -4.58 -50.47 -41.87
CA GLN A 102 -4.99 -50.16 -40.52
C GLN A 102 -6.33 -49.45 -40.57
N LEU A 103 -7.23 -49.81 -39.66
CA LEU A 103 -8.54 -49.20 -39.55
C LEU A 103 -8.77 -48.80 -38.11
N SER A 104 -9.11 -47.53 -37.89
CA SER A 104 -9.39 -47.02 -36.56
C SER A 104 -10.79 -46.45 -36.52
N GLU A 105 -11.39 -46.49 -35.33
CA GLU A 105 -12.73 -45.97 -35.12
C GLU A 105 -12.78 -45.32 -33.74
N ALA A 106 -13.74 -44.40 -33.59
CA ALA A 106 -13.84 -43.62 -32.37
C ALA A 106 -15.30 -43.24 -32.11
N TYR A 107 -15.67 -43.25 -30.85
CA TYR A 107 -16.98 -42.78 -30.39
C TYR A 107 -16.81 -42.27 -28.96
N VAL A 108 -17.93 -42.05 -28.27
CA VAL A 108 -17.91 -41.36 -26.99
C VAL A 108 -19.09 -41.84 -26.15
N GLU A 109 -18.95 -41.71 -24.83
CA GLU A 109 -20.06 -42.01 -23.93
C GLU A 109 -19.90 -41.16 -22.67
N PHE A 110 -21.01 -40.98 -21.95
CA PHE A 110 -20.98 -40.21 -20.71
C PHE A 110 -20.03 -40.87 -19.72
N ALA A 111 -19.26 -40.03 -19.02
CA ALA A 111 -18.27 -40.51 -18.07
C ALA A 111 -18.97 -41.16 -16.87
N PRO A 112 -18.28 -42.09 -16.19
CA PRO A 112 -18.93 -42.75 -15.05
C PRO A 112 -19.35 -41.79 -13.95
N ASP A 113 -18.57 -40.75 -13.68
CA ASP A 113 -18.94 -39.78 -12.66
C ASP A 113 -20.16 -38.97 -13.05
N CYS A 114 -20.50 -38.92 -14.34
CA CYS A 114 -21.66 -38.20 -14.81
C CYS A 114 -22.87 -38.46 -13.93
N THR A 115 -22.99 -39.70 -13.44
CA THR A 115 -24.15 -40.09 -12.65
C THR A 115 -24.51 -39.06 -11.59
N ILE A 116 -23.53 -38.30 -11.11
CA ILE A 116 -23.79 -37.27 -10.11
C ILE A 116 -23.44 -35.87 -10.60
N ASP A 117 -22.58 -35.73 -11.61
CA ASP A 117 -22.22 -34.42 -12.12
C ASP A 117 -23.10 -33.99 -13.28
N HIS A 118 -24.14 -34.76 -13.61
CA HIS A 118 -24.97 -34.46 -14.76
C HIS A 118 -25.82 -33.22 -14.53
N ALA A 119 -26.03 -32.47 -15.61
CA ALA A 119 -26.97 -31.37 -15.65
C ALA A 119 -28.07 -31.72 -16.65
N VAL A 120 -29.20 -31.04 -16.53
CA VAL A 120 -30.38 -31.37 -17.31
C VAL A 120 -30.98 -30.10 -17.89
N ALA A 121 -31.47 -30.16 -19.11
CA ALA A 121 -32.15 -29.04 -19.76
C ALA A 121 -33.65 -29.21 -19.59
N LEU A 122 -34.31 -28.16 -19.09
CA LEU A 122 -35.72 -28.19 -18.77
C LEU A 122 -36.49 -27.13 -19.56
N LYS A 123 -37.65 -27.55 -20.06
CA LYS A 123 -38.62 -26.66 -20.70
C LYS A 123 -39.74 -26.39 -19.70
N VAL A 124 -39.91 -25.12 -19.31
CA VAL A 124 -40.88 -24.74 -18.30
C VAL A 124 -41.92 -23.82 -18.92
N HIS A 125 -43.06 -23.71 -18.25
CA HIS A 125 -44.20 -22.97 -18.79
C HIS A 125 -45.28 -22.92 -17.73
N THR A 126 -46.24 -22.01 -17.93
CA THR A 126 -47.50 -21.99 -17.18
C THR A 126 -47.24 -22.02 -15.67
N ALA A 127 -46.63 -20.94 -15.19
CA ALA A 127 -46.39 -20.81 -13.76
C ALA A 127 -47.71 -20.89 -13.00
N ALA A 128 -47.73 -21.72 -11.96
CA ALA A 128 -48.90 -21.89 -11.11
C ALA A 128 -48.49 -21.69 -9.66
N LEU A 129 -49.42 -21.17 -8.86
CA LEU A 129 -49.13 -20.76 -7.50
C LEU A 129 -49.88 -21.63 -6.50
N LYS A 130 -49.22 -21.89 -5.37
CA LYS A 130 -49.82 -22.58 -4.23
C LYS A 130 -49.49 -21.77 -2.99
N VAL A 131 -50.50 -21.47 -2.17
CA VAL A 131 -50.37 -20.52 -1.08
C VAL A 131 -50.90 -21.14 0.20
N GLY A 132 -50.14 -20.99 1.28
CA GLY A 132 -50.56 -21.43 2.60
C GLY A 132 -50.97 -20.24 3.45
N LEU A 133 -52.14 -20.37 4.08
CA LEU A 133 -52.75 -19.29 4.82
C LEU A 133 -53.11 -19.76 6.23
N ARG A 134 -53.00 -18.85 7.19
CA ARG A 134 -53.54 -19.04 8.53
C ARG A 134 -54.60 -17.98 8.77
N ILE A 135 -55.82 -18.44 9.09
CA ILE A 135 -56.97 -17.57 9.21
C ILE A 135 -57.57 -17.77 10.59
N VAL A 136 -57.73 -16.69 11.34
CA VAL A 136 -58.30 -16.74 12.69
C VAL A 136 -59.54 -15.88 12.72
N TYR A 137 -60.66 -16.47 13.13
CA TYR A 137 -61.92 -15.76 13.29
C TYR A 137 -62.51 -16.12 14.65
N GLY A 138 -62.65 -15.13 15.52
CA GLY A 138 -63.21 -15.35 16.84
C GLY A 138 -62.48 -16.44 17.59
N ASN A 139 -61.16 -16.26 17.76
CA ASN A 139 -60.29 -17.25 18.38
C ASN A 139 -60.53 -18.64 17.81
N THR A 140 -60.87 -18.70 16.52
CA THR A 140 -61.02 -19.95 15.77
C THR A 140 -59.95 -19.94 14.68
N THR A 141 -58.87 -20.67 14.92
CA THR A 141 -57.75 -20.69 13.99
C THR A 141 -57.92 -21.82 12.97
N ALA A 142 -57.36 -21.61 11.78
CA ALA A 142 -57.42 -22.61 10.72
C ALA A 142 -56.19 -22.44 9.83
N ARG A 143 -55.54 -23.56 9.54
CA ARG A 143 -54.39 -23.61 8.64
C ARG A 143 -54.84 -24.27 7.34
N LEU A 144 -54.68 -23.56 6.23
CA LEU A 144 -55.20 -23.99 4.94
C LEU A 144 -54.13 -23.80 3.87
N ASP A 145 -54.28 -24.52 2.77
CA ASP A 145 -53.37 -24.38 1.64
C ASP A 145 -54.17 -24.59 0.36
N THR A 146 -53.99 -23.70 -0.61
CA THR A 146 -54.83 -23.71 -1.81
C THR A 146 -54.12 -23.02 -2.96
N PHE A 147 -54.59 -23.32 -4.17
CA PHE A 147 -54.11 -22.61 -5.36
C PHE A 147 -54.79 -21.25 -5.45
N VAL A 148 -54.14 -20.34 -6.17
CA VAL A 148 -54.72 -19.01 -6.38
C VAL A 148 -55.80 -19.03 -7.45
N ASN A 149 -55.91 -20.11 -8.22
CA ASN A 149 -56.93 -20.16 -9.26
C ASN A 149 -58.31 -19.99 -8.63
N GLY A 150 -59.16 -19.22 -9.31
CA GLY A 150 -60.44 -18.84 -8.74
C GLY A 150 -61.42 -19.99 -8.60
N VAL A 151 -61.07 -21.17 -9.12
CA VAL A 151 -62.02 -22.27 -9.14
C VAL A 151 -61.90 -23.11 -7.86
N THR A 152 -60.67 -23.46 -7.46
CA THR A 152 -60.50 -24.47 -6.43
C THR A 152 -60.49 -23.82 -5.05
N PRO A 153 -61.36 -24.23 -4.12
CA PRO A 153 -61.18 -23.86 -2.72
C PRO A 153 -60.35 -24.91 -1.97
N GLY A 154 -59.32 -24.45 -1.27
CA GLY A 154 -58.60 -25.36 -0.38
C GLY A 154 -59.48 -25.82 0.76
N SER A 155 -59.21 -27.02 1.24
CA SER A 155 -60.03 -27.64 2.28
C SER A 155 -59.36 -27.48 3.64
N SER A 156 -60.07 -26.81 4.55
CA SER A 156 -59.61 -26.66 5.93
C SER A 156 -60.85 -26.46 6.79
N ARG A 157 -61.21 -27.49 7.55
CA ARG A 157 -62.47 -27.56 8.29
C ARG A 157 -63.66 -27.73 7.37
N ASP A 158 -63.41 -28.00 6.08
CA ASP A 158 -64.44 -28.04 5.04
C ASP A 158 -65.03 -26.64 4.83
N LEU A 159 -64.22 -25.61 5.07
CA LEU A 159 -64.60 -24.23 4.79
C LEU A 159 -63.97 -23.84 3.45
N LYS A 160 -64.80 -23.68 2.44
CA LYS A 160 -64.32 -23.36 1.09
C LYS A 160 -64.15 -21.86 0.98
N VAL A 161 -62.89 -21.44 0.90
CA VAL A 161 -62.53 -20.03 0.71
C VAL A 161 -61.77 -19.92 -0.60
N ILE A 162 -62.31 -19.14 -1.53
CA ILE A 162 -61.72 -18.96 -2.85
C ILE A 162 -60.87 -17.70 -2.84
N ALA A 163 -59.87 -17.67 -3.71
CA ALA A 163 -59.02 -16.50 -3.84
C ALA A 163 -58.44 -16.45 -5.24
N GLY A 164 -57.94 -15.27 -5.61
CA GLY A 164 -57.35 -15.05 -6.91
C GLY A 164 -58.38 -14.67 -7.95
N PRO A 165 -57.94 -14.52 -9.20
CA PRO A 165 -56.60 -14.80 -9.72
C PRO A 165 -55.56 -13.75 -9.32
N ILE A 166 -54.28 -14.05 -9.58
CA ILE A 166 -53.21 -13.12 -9.23
C ILE A 166 -53.42 -11.80 -9.95
N SER A 167 -53.13 -10.70 -9.25
CA SER A 167 -53.22 -9.37 -9.86
C SER A 167 -52.25 -9.22 -11.03
N ALA A 168 -51.01 -9.67 -10.87
CA ALA A 168 -50.01 -9.58 -11.92
C ALA A 168 -49.09 -10.78 -11.82
N ALA A 169 -48.89 -11.45 -12.96
CA ALA A 169 -48.11 -12.67 -13.02
C ALA A 169 -46.63 -12.32 -13.07
N PHE A 170 -45.84 -12.98 -12.21
CA PHE A 170 -44.40 -12.81 -12.17
C PHE A 170 -43.75 -14.17 -12.20
N SER A 171 -42.73 -14.33 -13.05
CA SER A 171 -42.07 -15.61 -13.19
C SER A 171 -40.60 -15.41 -13.49
N PRO A 172 -39.70 -15.61 -12.51
CA PRO A 172 -38.27 -15.50 -12.82
C PRO A 172 -37.79 -16.57 -13.77
N PHE A 173 -38.55 -17.65 -13.95
CA PHE A 173 -38.15 -18.74 -14.82
C PHE A 173 -38.35 -18.35 -16.28
N ASP A 174 -37.30 -18.49 -17.08
CA ASP A 174 -37.45 -18.43 -18.53
C ASP A 174 -37.98 -19.77 -19.03
N HIS A 175 -38.55 -19.75 -20.24
CA HIS A 175 -39.15 -20.96 -20.78
C HIS A 175 -38.14 -22.10 -20.82
N LYS A 176 -36.86 -21.79 -21.00
CA LYS A 176 -35.78 -22.77 -20.98
C LYS A 176 -34.89 -22.51 -19.77
N VAL A 177 -34.45 -23.59 -19.11
CA VAL A 177 -33.60 -23.51 -17.94
C VAL A 177 -32.69 -24.72 -17.90
N VAL A 178 -31.69 -24.68 -17.02
CA VAL A 178 -30.80 -25.82 -16.80
C VAL A 178 -30.69 -26.05 -15.31
N ILE A 179 -30.52 -27.31 -14.92
CA ILE A 179 -30.41 -27.70 -13.52
C ILE A 179 -29.15 -28.53 -13.33
N ARG A 180 -28.44 -28.27 -12.23
CA ARG A 180 -27.18 -28.95 -11.95
C ARG A 180 -26.91 -28.90 -10.46
N LYS A 181 -26.85 -30.06 -9.81
CA LYS A 181 -26.37 -30.17 -8.43
C LYS A 181 -27.14 -29.27 -7.48
N GLY A 182 -28.45 -29.18 -7.68
CA GLY A 182 -29.27 -28.36 -6.82
C GLY A 182 -29.30 -26.89 -7.16
N LEU A 183 -28.74 -26.51 -8.30
CA LEU A 183 -28.73 -25.12 -8.76
C LEU A 183 -29.51 -25.01 -10.07
N VAL A 184 -30.15 -23.86 -10.26
CA VAL A 184 -30.94 -23.59 -11.45
C VAL A 184 -30.35 -22.38 -12.15
N TYR A 185 -29.98 -22.54 -13.41
CA TYR A 185 -29.38 -21.48 -14.21
C TYR A 185 -30.28 -21.18 -15.40
N ASN A 186 -30.57 -19.90 -15.59
CA ASN A 186 -31.40 -19.45 -16.71
C ASN A 186 -30.55 -19.43 -17.98
N TYR A 187 -30.90 -20.26 -18.95
CA TYR A 187 -30.10 -20.44 -20.15
C TYR A 187 -31.01 -20.87 -21.29
N ASP A 188 -30.57 -20.58 -22.51
CA ASP A 188 -31.28 -20.96 -23.73
C ASP A 188 -30.50 -22.09 -24.39
N PHE A 189 -30.78 -23.32 -23.95
CA PHE A 189 -30.09 -24.47 -24.50
C PHE A 189 -30.62 -24.80 -25.89
N PRO A 190 -29.81 -25.46 -26.72
CA PRO A 190 -30.29 -25.84 -28.06
C PRO A 190 -31.27 -27.00 -27.99
N GLU A 191 -31.90 -27.25 -29.13
CA GLU A 191 -32.92 -28.28 -29.21
C GLU A 191 -32.29 -29.68 -29.18
N TYR A 192 -33.08 -30.66 -28.76
CA TYR A 192 -32.65 -32.04 -28.81
C TYR A 192 -32.23 -32.41 -30.23
N GLY A 193 -31.09 -33.08 -30.35
CA GLY A 193 -30.53 -33.40 -31.64
C GLY A 193 -29.81 -32.26 -32.32
N ALA A 194 -29.72 -31.10 -31.69
CA ALA A 194 -29.00 -29.95 -32.23
C ALA A 194 -27.77 -29.71 -31.36
N MET A 195 -26.60 -29.94 -31.94
CA MET A 195 -25.33 -29.83 -31.21
C MET A 195 -24.36 -28.97 -32.01
N ASN A 196 -23.34 -28.48 -31.31
CA ASN A 196 -22.28 -27.71 -31.91
C ASN A 196 -21.00 -28.03 -31.15
N PRO A 197 -19.92 -28.42 -31.83
CA PRO A 197 -18.67 -28.72 -31.13
C PRO A 197 -18.21 -27.52 -30.31
N GLY A 198 -17.73 -27.79 -29.09
CA GLY A 198 -17.30 -26.73 -28.22
C GLY A 198 -18.41 -25.93 -27.58
N ALA A 199 -19.65 -26.37 -27.71
CA ALA A 199 -20.81 -25.64 -27.20
C ALA A 199 -21.53 -26.47 -26.15
N PHE A 200 -22.31 -25.78 -25.32
CA PHE A 200 -23.09 -26.45 -24.29
C PHE A 200 -24.01 -27.49 -24.91
N GLY A 201 -24.25 -28.56 -24.16
CA GLY A 201 -25.12 -29.62 -24.62
C GLY A 201 -24.60 -30.29 -25.88
N ASP A 202 -23.30 -30.59 -25.90
CA ASP A 202 -22.74 -31.32 -27.03
C ASP A 202 -23.13 -32.79 -27.01
N ILE A 203 -23.55 -33.31 -25.86
CA ILE A 203 -23.95 -34.70 -25.71
C ILE A 203 -25.33 -34.73 -25.08
N GLN A 204 -26.20 -35.61 -25.58
CA GLN A 204 -27.59 -35.66 -25.17
C GLN A 204 -27.98 -37.10 -24.84
N ALA A 205 -28.98 -37.22 -23.98
CA ALA A 205 -29.54 -38.52 -23.62
C ALA A 205 -30.87 -38.35 -22.91
N SER A 206 -31.91 -39.07 -23.35
CA SER A 206 -33.21 -38.95 -22.71
C SER A 206 -33.15 -39.36 -21.25
N SER A 207 -32.22 -40.24 -20.89
CA SER A 207 -32.01 -40.65 -19.51
C SER A 207 -30.53 -40.65 -19.21
N LEU A 208 -30.20 -40.56 -17.91
CA LEU A 208 -28.80 -40.55 -17.50
C LEU A 208 -28.08 -41.81 -17.95
N ASP A 209 -28.81 -42.92 -18.07
CA ASP A 209 -28.23 -44.21 -18.46
C ASP A 209 -28.86 -44.76 -19.73
N ALA A 210 -29.58 -43.93 -20.48
CA ALA A 210 -30.18 -44.39 -21.74
C ALA A 210 -29.10 -44.90 -22.67
N THR A 211 -29.35 -46.05 -23.29
CA THR A 211 -28.40 -46.59 -24.26
C THR A 211 -28.26 -45.66 -25.46
N ASP A 212 -29.36 -45.08 -25.92
CA ASP A 212 -29.31 -44.15 -27.03
C ASP A 212 -28.61 -42.86 -26.62
N ILE A 213 -27.73 -42.37 -27.47
CA ILE A 213 -26.99 -41.15 -27.22
C ILE A 213 -26.60 -40.54 -28.56
N VAL A 214 -26.50 -39.22 -28.60
CA VAL A 214 -26.15 -38.50 -29.82
C VAL A 214 -25.32 -37.28 -29.45
N ALA A 215 -24.36 -36.95 -30.30
CA ALA A 215 -23.48 -35.81 -30.08
C ALA A 215 -22.80 -35.44 -31.39
N ARG A 216 -22.07 -34.32 -31.36
CA ARG A 216 -21.25 -33.92 -32.50
C ARG A 216 -20.22 -32.92 -31.99
N THR A 217 -18.94 -33.33 -31.97
CA THR A 217 -17.90 -32.49 -31.38
C THR A 217 -16.64 -32.46 -32.24
N ASP A 218 -16.79 -32.60 -33.55
CA ASP A 218 -15.68 -32.41 -34.50
C ASP A 218 -14.50 -33.35 -34.17
N ILE A 219 -14.77 -34.64 -34.33
CA ILE A 219 -13.76 -35.67 -34.13
C ILE A 219 -13.29 -36.10 -35.52
N ARG A 220 -12.09 -35.68 -35.90
CA ARG A 220 -11.45 -36.13 -37.13
C ARG A 220 -10.20 -36.90 -36.76
N LEU A 221 -10.07 -38.11 -37.30
CA LEU A 221 -8.94 -38.97 -36.98
C LEU A 221 -7.67 -38.45 -37.65
N LEU A 222 -6.53 -38.85 -37.09
CA LEU A 222 -5.22 -38.44 -37.57
C LEU A 222 -4.45 -39.64 -38.11
N LYS A 223 -3.58 -39.39 -39.08
CA LYS A 223 -2.80 -40.45 -39.69
C LYS A 223 -1.87 -41.08 -38.65
N PRO A 224 -1.60 -42.39 -38.78
CA PRO A 224 -0.67 -43.03 -37.83
C PRO A 224 0.70 -42.38 -37.84
N SER A 225 1.34 -42.38 -36.68
CA SER A 225 2.64 -41.75 -36.51
C SER A 225 3.75 -42.73 -36.83
N VAL A 226 4.98 -42.36 -36.47
CA VAL A 226 6.18 -43.07 -36.95
C VAL A 226 6.35 -44.35 -36.15
N LYS A 227 6.15 -45.49 -36.81
CA LYS A 227 6.64 -46.80 -36.44
C LYS A 227 6.01 -47.38 -35.17
N ASN A 228 5.16 -46.64 -34.47
CA ASN A 228 4.59 -47.10 -33.21
C ASN A 228 3.07 -47.14 -33.36
N ILE A 229 2.49 -48.32 -33.11
CA ILE A 229 1.04 -48.47 -33.23
C ILE A 229 0.36 -47.65 -32.15
N HIS A 230 -0.58 -46.81 -32.58
CA HIS A 230 -1.41 -46.03 -31.67
C HIS A 230 -2.52 -45.40 -32.51
N VAL A 231 -3.35 -44.59 -31.86
CA VAL A 231 -4.49 -43.98 -32.53
C VAL A 231 -4.47 -42.48 -32.24
N PRO A 232 -3.73 -41.68 -33.00
CA PRO A 232 -3.77 -40.23 -32.79
C PRO A 232 -5.11 -39.67 -33.21
N TYR A 233 -5.78 -38.97 -32.30
CA TYR A 233 -7.12 -38.46 -32.52
C TYR A 233 -7.16 -36.98 -32.19
N THR A 234 -8.31 -36.37 -32.44
CA THR A 234 -8.50 -34.94 -32.21
C THR A 234 -9.97 -34.68 -31.97
N GLN A 235 -10.26 -33.72 -31.11
CA GLN A 235 -11.64 -33.41 -30.74
C GLN A 235 -11.64 -32.16 -29.88
N ALA A 236 -12.77 -31.44 -29.90
CA ALA A 236 -12.89 -30.17 -29.22
C ALA A 236 -13.31 -30.38 -27.76
N VAL A 237 -12.89 -29.44 -26.92
CA VAL A 237 -13.16 -29.57 -25.48
C VAL A 237 -14.66 -29.67 -25.25
N SER A 238 -15.02 -30.29 -24.12
CA SER A 238 -16.42 -30.42 -23.75
C SER A 238 -17.03 -29.05 -23.52
N GLY A 239 -18.23 -28.84 -24.07
CA GLY A 239 -18.99 -27.65 -23.76
C GLY A 239 -19.43 -27.57 -22.32
N TYR A 240 -19.49 -28.72 -21.63
CA TYR A 240 -19.89 -28.73 -20.23
C TYR A 240 -18.93 -27.92 -19.37
N GLU A 241 -17.63 -28.22 -19.48
CA GLU A 241 -16.65 -27.50 -18.68
C GLU A 241 -16.59 -26.02 -19.07
N MET A 242 -16.65 -25.73 -20.37
CA MET A 242 -16.66 -24.35 -20.82
C MET A 242 -17.82 -23.58 -20.20
N TRP A 243 -19.04 -24.12 -20.33
CA TRP A 243 -20.20 -23.45 -19.76
C TRP A 243 -20.07 -23.35 -18.24
N LYS A 244 -19.46 -24.34 -17.60
CA LYS A 244 -19.23 -24.26 -16.17
C LYS A 244 -18.34 -23.07 -15.82
N ASN A 245 -17.26 -22.87 -16.57
CA ASN A 245 -16.37 -21.75 -16.29
C ASN A 245 -17.06 -20.42 -16.53
N ASN A 246 -18.10 -20.39 -17.36
CA ASN A 246 -18.78 -19.15 -17.71
C ASN A 246 -20.29 -19.32 -17.71
N SER A 247 -20.82 -20.19 -16.84
CA SER A 247 -22.26 -20.40 -16.78
C SER A 247 -23.01 -19.16 -16.33
N GLY A 248 -22.33 -18.20 -15.71
CA GLY A 248 -22.99 -17.09 -15.06
C GLY A 248 -23.41 -17.46 -13.65
N ARG A 249 -23.85 -16.45 -12.91
CA ARG A 249 -24.22 -16.67 -11.52
C ARG A 249 -25.58 -17.36 -11.42
N PRO A 250 -25.81 -18.08 -10.33
CA PRO A 250 -27.09 -18.79 -10.17
C PRO A 250 -28.26 -17.81 -10.11
N LEU A 251 -29.42 -18.30 -10.57
CA LEU A 251 -30.65 -17.52 -10.46
C LEU A 251 -30.99 -17.23 -9.01
N GLN A 252 -30.48 -18.02 -8.06
CA GLN A 252 -30.77 -17.80 -6.66
C GLN A 252 -30.40 -16.38 -6.22
N GLU A 253 -29.37 -15.80 -6.84
CA GLU A 253 -28.89 -14.48 -6.46
C GLU A 253 -29.34 -13.39 -7.41
N THR A 254 -30.32 -13.67 -8.27
CA THR A 254 -30.79 -12.69 -9.25
C THR A 254 -32.31 -12.58 -9.34
N ALA A 255 -33.06 -13.52 -8.76
CA ALA A 255 -34.51 -13.46 -8.87
C ALA A 255 -35.05 -12.25 -8.11
N PRO A 256 -36.08 -11.59 -8.61
CA PRO A 256 -36.70 -10.49 -7.88
C PRO A 256 -37.59 -11.00 -6.75
N PHE A 257 -37.92 -10.08 -5.84
CA PHE A 257 -38.86 -10.33 -4.76
C PHE A 257 -38.36 -11.38 -3.78
N GLY A 258 -37.05 -11.64 -3.78
CA GLY A 258 -36.47 -12.56 -2.80
C GLY A 258 -37.00 -13.97 -2.91
N CYS A 259 -37.12 -14.49 -4.13
CA CYS A 259 -37.58 -15.87 -4.30
C CYS A 259 -36.60 -16.83 -3.64
N LYS A 260 -37.14 -17.90 -3.04
CA LYS A 260 -36.35 -19.01 -2.54
C LYS A 260 -36.70 -20.22 -3.39
N ILE A 261 -35.75 -20.69 -4.19
CA ILE A 261 -36.02 -21.64 -5.27
C ILE A 261 -35.40 -22.98 -4.93
N GLU A 262 -36.17 -24.05 -5.15
CA GLU A 262 -35.71 -25.41 -4.93
C GLU A 262 -35.95 -26.24 -6.19
N VAL A 263 -35.17 -27.32 -6.31
CA VAL A 263 -34.99 -28.01 -7.58
C VAL A 263 -35.96 -29.19 -7.72
N GLU A 264 -36.01 -30.09 -6.74
CA GLU A 264 -36.80 -31.30 -6.94
C GLU A 264 -38.25 -31.02 -7.27
N PRO A 265 -38.87 -29.89 -6.85
CA PRO A 265 -40.16 -29.52 -7.41
C PRO A 265 -40.01 -28.48 -8.51
N LEU A 266 -38.79 -27.97 -8.65
CA LEU A 266 -38.51 -26.82 -9.51
C LEU A 266 -39.52 -25.71 -9.24
N ARG A 267 -39.50 -25.22 -8.00
CA ARG A 267 -40.50 -24.28 -7.52
C ARG A 267 -39.83 -23.12 -6.80
N ALA A 268 -40.60 -22.05 -6.64
CA ALA A 268 -40.22 -20.88 -5.86
C ALA A 268 -41.09 -20.80 -4.61
N THR A 269 -40.58 -20.10 -3.60
CA THR A 269 -41.21 -20.06 -2.30
C THR A 269 -40.87 -18.77 -1.59
N ASN A 270 -41.83 -18.26 -0.80
CA ASN A 270 -41.67 -17.03 -0.04
C ASN A 270 -41.27 -15.86 -0.94
N CYS A 271 -41.76 -15.86 -2.18
CA CYS A 271 -41.49 -14.79 -3.14
C CYS A 271 -42.78 -14.01 -3.31
N ALA A 272 -42.75 -12.72 -2.99
CA ALA A 272 -43.96 -11.93 -2.80
C ALA A 272 -44.04 -10.81 -3.84
N TYR A 273 -45.21 -10.68 -4.47
CA TYR A 273 -45.51 -9.57 -5.36
C TYR A 273 -46.97 -9.63 -5.74
N GLY A 274 -47.60 -8.47 -5.87
CA GLY A 274 -48.97 -8.40 -6.35
C GLY A 274 -50.00 -8.50 -5.24
N HIS A 275 -51.25 -8.62 -5.67
CA HIS A 275 -52.39 -8.70 -4.78
C HIS A 275 -53.31 -9.83 -5.22
N ILE A 276 -54.10 -10.32 -4.27
CA ILE A 276 -54.97 -11.47 -4.50
C ILE A 276 -56.34 -11.15 -3.89
N PRO A 277 -57.44 -11.29 -4.64
CA PRO A 277 -58.76 -11.26 -4.02
C PRO A 277 -59.08 -12.59 -3.35
N ILE A 278 -59.97 -12.53 -2.36
CA ILE A 278 -60.32 -13.70 -1.56
C ILE A 278 -61.80 -13.62 -1.22
N SER A 279 -62.48 -14.75 -1.30
CA SER A 279 -63.85 -14.92 -0.85
C SER A 279 -63.86 -15.87 0.34
N ILE A 280 -64.59 -15.48 1.40
CA ILE A 280 -64.55 -16.19 2.67
C ILE A 280 -65.98 -16.46 3.12
N ASP A 281 -66.31 -17.73 3.33
CA ASP A 281 -67.57 -18.12 3.92
C ASP A 281 -67.35 -18.45 5.39
N ILE A 282 -68.34 -18.09 6.22
CA ILE A 282 -68.19 -18.21 7.67
C ILE A 282 -69.47 -18.81 8.25
N PRO A 283 -69.39 -19.80 9.13
CA PRO A 283 -70.59 -20.25 9.84
C PRO A 283 -71.16 -19.14 10.71
N ASP A 284 -72.50 -19.10 10.77
CA ASP A 284 -73.14 -18.12 11.64
C ASP A 284 -72.98 -18.46 13.11
N ALA A 285 -72.62 -19.70 13.44
CA ALA A 285 -72.37 -20.06 14.83
C ALA A 285 -71.22 -19.26 15.41
N ALA A 286 -70.16 -19.04 14.62
CA ALA A 286 -69.03 -18.27 15.10
C ALA A 286 -69.44 -16.84 15.46
N PHE A 287 -70.49 -16.32 14.85
CA PHE A 287 -70.95 -14.97 15.12
C PHE A 287 -71.65 -14.91 16.47
N VAL A 288 -71.61 -13.72 17.08
CA VAL A 288 -72.15 -13.51 18.42
C VAL A 288 -73.18 -12.38 18.35
N ARG A 289 -74.34 -12.61 18.96
CA ARG A 289 -75.38 -11.60 18.98
C ARG A 289 -74.90 -10.37 19.74
N SER A 290 -75.27 -9.19 19.24
CA SER A 290 -74.77 -7.94 19.81
C SER A 290 -75.11 -7.82 21.28
N SER A 291 -76.36 -8.06 21.65
CA SER A 291 -76.76 -7.98 23.06
C SER A 291 -75.83 -8.80 23.94
N GLU A 292 -75.41 -9.98 23.47
CA GLU A 292 -74.42 -10.74 24.21
C GLU A 292 -73.11 -9.97 24.32
N SER A 293 -72.74 -9.25 23.27
CA SER A 293 -71.53 -8.44 23.32
C SER A 293 -71.73 -7.24 24.25
N PRO A 294 -70.66 -6.75 24.87
CA PRO A 294 -70.81 -5.58 25.74
C PRO A 294 -71.06 -4.31 24.94
N THR A 295 -71.68 -3.35 25.61
CA THR A 295 -71.95 -2.03 25.05
C THR A 295 -71.00 -1.01 25.68
N ILE A 296 -70.73 0.06 24.93
CA ILE A 296 -69.77 1.08 25.34
C ILE A 296 -70.46 2.43 25.34
N LEU A 297 -69.83 3.39 26.03
CA LEU A 297 -70.43 4.71 26.23
C LEU A 297 -69.34 5.76 26.29
N GLU A 298 -69.56 6.87 25.59
CA GLU A 298 -68.75 8.08 25.72
C GLU A 298 -67.26 7.76 25.76
N VAL A 299 -66.79 7.12 24.71
CA VAL A 299 -65.38 6.74 24.61
C VAL A 299 -64.60 7.87 23.94
N SER A 300 -63.41 8.14 24.46
CA SER A 300 -62.55 9.20 23.96
C SER A 300 -61.23 8.63 23.45
N CYS A 301 -60.66 9.30 22.46
CA CYS A 301 -59.38 8.92 21.88
C CYS A 301 -58.32 9.91 22.33
N THR A 302 -57.19 9.37 22.82
CA THR A 302 -56.10 10.19 23.34
C THR A 302 -54.79 9.59 22.87
N VAL A 303 -53.99 10.40 22.18
CA VAL A 303 -52.69 9.97 21.68
C VAL A 303 -51.64 10.30 22.72
N ALA A 304 -51.14 9.27 23.41
CA ALA A 304 -50.05 9.48 24.37
C ALA A 304 -48.81 10.00 23.67
N ASP A 305 -48.45 9.39 22.55
CA ASP A 305 -47.32 9.82 21.73
C ASP A 305 -47.28 8.93 20.50
N CYS A 306 -46.58 9.40 19.46
CA CYS A 306 -46.43 8.63 18.23
C CYS A 306 -45.28 9.21 17.44
N ILE A 307 -44.32 8.37 17.07
CA ILE A 307 -43.24 8.74 16.16
C ILE A 307 -43.40 7.91 14.90
N TYR A 308 -43.43 8.56 13.75
CA TYR A 308 -43.50 7.83 12.49
C TYR A 308 -42.31 6.90 12.40
N SER A 309 -42.57 5.64 12.08
CA SER A 309 -41.54 4.61 12.10
C SER A 309 -42.00 3.46 11.21
N ALA A 310 -41.31 2.32 11.32
CA ALA A 310 -41.63 1.13 10.56
C ALA A 310 -42.34 0.07 11.38
N ASP A 311 -41.89 -0.16 12.62
CA ASP A 311 -42.55 -1.11 13.50
C ASP A 311 -43.78 -0.44 14.10
N PHE A 312 -44.37 -1.08 15.12
CA PHE A 312 -45.54 -0.53 15.80
C PHE A 312 -45.13 0.59 16.75
N GLY A 313 -44.54 1.63 16.17
CA GLY A 313 -44.05 2.76 16.92
C GLY A 313 -45.08 3.78 17.31
N GLY A 314 -46.31 3.65 16.82
CA GLY A 314 -47.38 4.55 17.20
C GLY A 314 -48.11 4.01 18.42
N SER A 315 -48.37 4.89 19.38
CA SER A 315 -49.05 4.53 20.62
C SER A 315 -50.27 5.41 20.81
N LEU A 316 -51.36 4.80 21.27
CA LEU A 316 -52.63 5.50 21.45
C LEU A 316 -53.24 5.08 22.77
N THR A 317 -54.17 5.90 23.26
CA THR A 317 -54.87 5.61 24.51
C THR A 317 -56.36 5.78 24.30
N LEU A 318 -57.15 4.99 25.03
CA LEU A 318 -58.60 5.01 24.92
C LEU A 318 -59.22 4.95 26.30
N GLN A 319 -60.17 5.84 26.56
CA GLN A 319 -60.97 5.84 27.78
C GLN A 319 -62.41 5.54 27.41
N TYR A 320 -62.99 4.52 28.05
CA TYR A 320 -64.32 4.03 27.67
C TYR A 320 -65.20 3.85 28.91
N LYS A 321 -66.51 3.93 28.68
CA LYS A 321 -67.51 3.60 29.67
C LYS A 321 -68.40 2.49 29.10
N ALA A 322 -68.64 1.45 29.91
CA ALA A 322 -69.38 0.28 29.46
C ALA A 322 -70.39 -0.14 30.51
N ASN A 323 -71.45 -0.80 30.05
CA ASN A 323 -72.47 -1.37 30.92
C ASN A 323 -72.33 -2.89 31.06
N ARG A 324 -71.28 -3.47 30.50
CA ARG A 324 -71.15 -4.92 30.43
C ARG A 324 -69.67 -5.30 30.45
N GLU A 325 -69.42 -6.58 30.73
CA GLU A 325 -68.08 -7.13 30.75
C GLU A 325 -67.94 -8.16 29.64
N GLY A 326 -66.70 -8.42 29.24
CA GLY A 326 -66.41 -9.34 28.16
C GLY A 326 -65.25 -8.90 27.29
N HIS A 327 -65.44 -8.92 25.98
CA HIS A 327 -64.39 -8.53 25.05
C HIS A 327 -65.00 -7.88 23.82
N CYS A 328 -64.24 -6.98 23.22
CA CYS A 328 -64.58 -6.37 21.94
C CYS A 328 -63.33 -6.31 21.06
N PRO A 329 -63.48 -6.47 19.76
CA PRO A 329 -62.36 -6.22 18.84
C PRO A 329 -62.21 -4.72 18.57
N VAL A 330 -61.04 -4.37 18.04
CA VAL A 330 -60.75 -3.00 17.65
C VAL A 330 -60.25 -3.02 16.21
N HIS A 331 -60.49 -1.92 15.49
CA HIS A 331 -60.09 -1.85 14.10
C HIS A 331 -59.76 -0.41 13.73
N SER A 332 -58.86 -0.26 12.75
CA SER A 332 -58.56 1.03 12.16
C SER A 332 -59.26 1.09 10.80
N HIS A 333 -60.42 1.75 10.77
CA HIS A 333 -61.18 1.85 9.53
C HIS A 333 -60.45 2.63 8.45
N SER A 334 -59.41 3.37 8.81
CA SER A 334 -58.57 4.07 7.84
C SER A 334 -57.38 3.19 7.49
N THR A 335 -57.17 2.97 6.19
CA THR A 335 -56.12 2.06 5.75
C THR A 335 -54.74 2.55 6.14
N THR A 336 -54.53 3.87 6.17
CA THR A 336 -53.18 4.41 6.30
C THR A 336 -52.46 3.87 7.53
N ALA A 337 -53.20 3.53 8.58
CA ALA A 337 -52.61 3.01 9.80
C ALA A 337 -53.32 1.72 10.22
N VAL A 338 -52.56 0.84 10.87
CA VAL A 338 -53.06 -0.47 11.28
C VAL A 338 -52.61 -0.74 12.71
N LEU A 339 -53.50 -1.33 13.50
CA LEU A 339 -53.20 -1.68 14.88
C LEU A 339 -52.23 -2.85 14.93
N LYS A 340 -51.92 -3.29 16.15
CA LYS A 340 -51.11 -4.48 16.37
C LYS A 340 -51.85 -5.56 17.16
N GLU A 341 -52.86 -5.23 17.94
CA GLU A 341 -53.63 -6.18 18.72
C GLU A 341 -55.09 -6.15 18.28
N ALA A 342 -55.80 -7.23 18.58
CA ALA A 342 -57.17 -7.41 18.11
C ALA A 342 -58.22 -7.01 19.14
N THR A 343 -58.13 -7.52 20.36
CA THR A 343 -59.12 -7.24 21.39
C THR A 343 -58.43 -7.22 22.76
N THR A 344 -59.21 -6.91 23.78
CA THR A 344 -58.69 -6.83 25.14
C THR A 344 -59.85 -6.98 26.12
N HIS A 345 -59.50 -7.23 27.38
CA HIS A 345 -60.50 -7.24 28.44
C HIS A 345 -61.16 -5.86 28.53
N VAL A 346 -62.46 -5.85 28.78
CA VAL A 346 -63.23 -4.63 28.86
C VAL A 346 -63.53 -4.33 30.32
N THR A 347 -64.08 -3.14 30.57
CA THR A 347 -64.40 -2.71 31.93
C THR A 347 -65.54 -1.71 31.86
N ALA A 348 -66.18 -1.50 33.02
CA ALA A 348 -67.28 -0.55 33.07
C ALA A 348 -66.83 0.86 32.73
N THR A 349 -65.65 1.26 33.22
CA THR A 349 -65.13 2.59 32.94
C THR A 349 -63.62 2.59 32.69
N GLY A 350 -63.03 1.45 32.35
CA GLY A 350 -61.58 1.35 32.23
C GLY A 350 -61.01 2.04 31.01
N SER A 351 -59.67 2.05 30.92
CA SER A 351 -58.96 2.64 29.80
C SER A 351 -57.79 1.75 29.43
N ILE A 352 -57.37 1.83 28.17
CA ILE A 352 -56.34 0.94 27.62
C ILE A 352 -55.37 1.74 26.77
N THR A 353 -54.21 1.15 26.52
CA THR A 353 -53.21 1.67 25.59
C THR A 353 -53.00 0.68 24.47
N LEU A 354 -52.80 1.20 23.26
CA LEU A 354 -52.75 0.39 22.05
C LEU A 354 -51.52 0.75 21.23
N HIS A 355 -50.99 -0.26 20.53
CA HIS A 355 -49.91 -0.08 19.58
C HIS A 355 -50.46 -0.06 18.15
N PHE A 356 -49.68 0.53 17.25
CA PHE A 356 -50.07 0.58 15.85
C PHE A 356 -48.91 1.13 15.03
N SER A 357 -49.08 1.12 13.72
CA SER A 357 -48.11 1.68 12.78
C SER A 357 -48.88 2.36 11.66
N THR A 358 -48.16 3.14 10.85
CA THR A 358 -48.80 3.93 9.80
C THR A 358 -47.82 4.17 8.67
N SER A 359 -48.38 4.53 7.51
CA SER A 359 -47.60 4.88 6.33
C SER A 359 -47.44 6.39 6.17
N SER A 360 -48.04 7.18 7.04
CA SER A 360 -47.89 8.63 7.02
C SER A 360 -47.66 9.16 8.43
N PRO A 361 -46.97 10.29 8.57
CA PRO A 361 -46.81 10.88 9.91
C PRO A 361 -48.07 11.57 10.42
N GLN A 362 -49.08 11.76 9.58
CA GLN A 362 -50.31 12.42 9.97
C GLN A 362 -51.26 11.38 10.55
N ALA A 363 -51.39 11.37 11.88
CA ALA A 363 -52.22 10.37 12.56
C ALA A 363 -53.66 10.81 12.66
N ASN A 364 -54.26 11.17 11.52
CA ASN A 364 -55.65 11.58 11.44
C ASN A 364 -56.45 10.45 10.80
N PHE A 365 -57.37 9.87 11.57
CA PHE A 365 -58.17 8.73 11.11
C PHE A 365 -59.28 8.49 12.13
N ILE A 366 -60.03 7.42 11.91
CA ILE A 366 -61.08 6.99 12.83
C ILE A 366 -60.81 5.52 13.18
N VAL A 367 -61.13 5.15 14.42
CA VAL A 367 -60.89 3.80 14.92
C VAL A 367 -62.12 3.33 15.67
N SER A 368 -62.46 2.06 15.46
CA SER A 368 -63.68 1.47 16.00
C SER A 368 -63.36 0.51 17.12
N LEU A 369 -64.09 0.67 18.23
CA LEU A 369 -64.09 -0.26 19.35
C LEU A 369 -65.52 -0.76 19.54
N CYS A 370 -65.66 -2.05 19.85
CA CYS A 370 -66.97 -2.72 19.82
C CYS A 370 -67.59 -2.36 18.47
N GLY A 371 -68.83 -1.87 18.44
CA GLY A 371 -69.40 -1.37 17.21
C GLY A 371 -69.29 0.13 17.03
N LYS A 372 -68.98 0.86 18.11
CA LYS A 372 -68.87 2.30 18.03
C LYS A 372 -67.47 2.69 17.55
N LYS A 373 -67.28 3.96 17.23
CA LYS A 373 -65.99 4.44 16.76
C LYS A 373 -65.75 5.87 17.22
N THR A 374 -64.48 6.26 17.23
CA THR A 374 -64.06 7.59 17.63
C THR A 374 -62.91 8.05 16.74
N THR A 375 -62.80 9.35 16.54
CA THR A 375 -61.76 9.92 15.71
C THR A 375 -60.46 10.07 16.52
N CYS A 376 -59.35 10.17 15.80
CA CYS A 376 -58.03 10.32 16.41
C CYS A 376 -57.17 11.11 15.46
N ASN A 377 -56.74 12.29 15.88
CA ASN A 377 -55.85 13.14 15.10
C ASN A 377 -54.61 13.49 15.90
N ALA A 378 -53.47 13.55 15.22
CA ALA A 378 -52.20 13.87 15.85
C ALA A 378 -51.10 13.95 14.81
N GLU A 379 -49.89 14.31 15.23
CA GLU A 379 -48.73 14.35 14.36
C GLU A 379 -47.65 13.42 14.89
N CYS A 380 -47.07 12.64 13.98
CA CYS A 380 -45.98 11.72 14.31
C CYS A 380 -44.72 12.16 13.58
N LYS A 381 -43.58 11.90 14.19
CA LYS A 381 -42.30 12.36 13.66
C LYS A 381 -41.53 11.23 13.01
N PRO A 382 -40.67 11.52 12.04
CA PRO A 382 -39.81 10.47 11.49
C PRO A 382 -38.81 10.00 12.52
N PRO A 383 -38.30 8.78 12.40
CA PRO A 383 -37.37 8.25 13.39
C PRO A 383 -35.93 8.61 13.05
N ALA A 384 -35.03 8.31 13.98
CA ALA A 384 -33.61 8.51 13.76
C ALA A 384 -33.03 7.37 12.93
N ASP A 385 -33.15 6.14 13.43
CA ASP A 385 -32.74 4.98 12.65
C ASP A 385 -33.55 4.90 11.37
N HIS A 386 -32.88 4.59 10.26
CA HIS A 386 -33.52 4.60 8.94
C HIS A 386 -33.16 3.36 8.13
N ILE A 387 -32.57 2.33 8.76
CA ILE A 387 -32.20 1.11 8.05
C ILE A 387 -32.59 -0.11 8.88
N ILE A 388 -33.66 -0.80 8.48
CA ILE A 388 -34.09 -2.02 9.15
C ILE A 388 -34.80 -2.90 8.13
N GLY A 389 -34.65 -4.22 8.30
CA GLY A 389 -35.23 -5.18 7.39
C GLY A 389 -36.49 -5.84 7.91
N GLU A 390 -36.87 -5.49 9.12
CA GLU A 390 -38.06 -6.08 9.72
C GLU A 390 -39.30 -5.59 8.97
N PRO A 391 -40.45 -6.23 9.14
CA PRO A 391 -41.62 -5.86 8.33
C PRO A 391 -41.89 -4.36 8.39
N HIS A 392 -42.18 -3.79 7.22
CA HIS A 392 -42.32 -2.35 7.06
C HIS A 392 -43.14 -2.09 5.82
N LYS A 393 -43.73 -0.90 5.75
CA LYS A 393 -44.63 -0.54 4.66
C LYS A 393 -45.78 -1.53 4.56
N VAL A 394 -46.24 -2.02 5.72
CA VAL A 394 -47.41 -2.90 5.75
C VAL A 394 -48.57 -2.29 5.00
N ASP A 395 -48.61 -0.95 4.92
CA ASP A 395 -49.53 -0.24 4.06
C ASP A 395 -48.73 0.59 3.06
N GLN A 396 -49.14 0.53 1.79
CA GLN A 396 -48.52 1.34 0.77
C GLN A 396 -48.93 2.80 0.93
N GLU A 397 -48.03 3.69 0.52
CA GLU A 397 -48.31 5.12 0.61
C GLU A 397 -49.42 5.51 -0.36
N PHE A 398 -50.23 6.48 0.06
CA PHE A 398 -51.32 7.01 -0.74
C PHE A 398 -51.24 8.52 -0.82
N GLN A 399 -50.03 9.02 -1.12
CA GLN A 399 -49.75 10.45 -1.22
C GLN A 399 -50.34 11.22 -0.05
N ALA A 400 -50.52 10.55 1.09
CA ALA A 400 -51.05 11.15 2.29
C ALA A 400 -49.97 11.64 3.24
N ALA A 401 -48.69 11.47 2.88
CA ALA A 401 -47.62 12.04 3.69
C ALA A 401 -47.70 13.56 3.77
N VAL A 402 -48.44 14.19 2.85
CA VAL A 402 -48.65 15.62 2.86
C VAL A 402 -49.19 16.03 4.23
N SER A 403 -48.46 16.90 4.93
CA SER A 403 -48.87 17.33 6.25
C SER A 403 -50.04 18.31 6.16
N LYS A 404 -50.78 18.42 7.26
CA LYS A 404 -51.87 19.38 7.31
C LYS A 404 -51.37 20.80 7.16
N THR A 405 -50.17 21.09 7.67
CA THR A 405 -49.59 22.42 7.51
C THR A 405 -49.34 22.74 6.05
N SER A 406 -48.85 21.76 5.28
CA SER A 406 -48.63 21.97 3.86
C SER A 406 -49.95 22.25 3.15
N TRP A 407 -51.00 21.50 3.50
CA TRP A 407 -52.32 21.77 2.94
C TRP A 407 -52.79 23.16 3.29
N ASN A 408 -52.54 23.60 4.53
CA ASN A 408 -52.94 24.95 4.94
C ASN A 408 -52.22 26.00 4.09
N TRP A 409 -50.91 25.82 3.90
CA TRP A 409 -50.17 26.78 3.07
C TRP A 409 -50.64 26.75 1.62
N LEU A 410 -50.96 25.57 1.08
CA LEU A 410 -51.40 25.49 -0.30
C LEU A 410 -52.76 26.13 -0.50
N LEU A 411 -53.70 25.89 0.44
CA LEU A 411 -55.05 26.41 0.28
C LEU A 411 -55.05 27.93 0.21
N ALA A 412 -54.39 28.59 1.18
CA ALA A 412 -54.32 30.04 1.18
C ALA A 412 -53.43 30.58 0.08
N LEU A 413 -52.66 29.73 -0.61
CA LEU A 413 -51.74 30.21 -1.63
C LEU A 413 -52.47 30.46 -2.94
N PHE A 414 -53.13 29.44 -3.48
CA PHE A 414 -53.76 29.56 -4.80
C PHE A 414 -54.67 30.78 -4.84
N GLY A 415 -54.45 31.63 -5.85
CA GLY A 415 -55.17 32.87 -5.94
C GLY A 415 -56.56 32.71 -6.52
N GLY A 416 -57.33 33.78 -6.40
CA GLY A 416 -58.68 33.82 -6.95
C GLY A 416 -58.95 35.12 -7.68
N ALA A 417 -57.89 35.68 -8.28
CA ALA A 417 -58.01 36.95 -8.97
C ALA A 417 -59.04 36.91 -10.10
N SER A 418 -59.35 35.71 -10.61
CA SER A 418 -60.36 35.60 -11.67
C SER A 418 -61.69 36.20 -11.23
N SER A 419 -62.02 36.09 -9.94
CA SER A 419 -63.21 36.76 -9.43
C SER A 419 -63.07 38.27 -9.54
N LEU A 420 -61.89 38.79 -9.20
CA LEU A 420 -61.62 40.22 -9.40
C LEU A 420 -61.72 40.58 -10.87
N ILE A 421 -61.27 39.68 -11.75
CA ILE A 421 -61.35 39.93 -13.19
C ILE A 421 -62.80 40.04 -13.63
N VAL A 422 -63.66 39.14 -13.14
CA VAL A 422 -65.06 39.17 -13.52
C VAL A 422 -65.74 40.42 -12.98
N VAL A 423 -65.41 40.82 -11.75
CA VAL A 423 -65.96 42.05 -11.20
C VAL A 423 -65.52 43.24 -12.03
N GLY A 424 -64.24 43.26 -12.43
CA GLY A 424 -63.76 44.32 -13.30
C GLY A 424 -64.49 44.36 -14.62
N LEU A 425 -64.76 43.19 -15.20
CA LEU A 425 -65.50 43.15 -16.46
C LEU A 425 -66.92 43.67 -16.29
N ILE A 426 -67.57 43.31 -15.19
CA ILE A 426 -68.94 43.77 -14.97
C ILE A 426 -68.99 45.28 -14.78
N VAL A 427 -68.08 45.82 -13.97
CA VAL A 427 -68.04 47.27 -13.79
C VAL A 427 -67.66 47.94 -15.10
N LEU A 428 -66.82 47.30 -15.91
CA LEU A 428 -66.50 47.84 -17.23
C LEU A 428 -67.75 47.93 -18.09
N VAL A 429 -68.58 46.89 -18.07
CA VAL A 429 -69.81 46.91 -18.87
C VAL A 429 -70.73 48.03 -18.39
N CYS A 430 -70.88 48.16 -17.08
CA CYS A 430 -71.76 49.21 -16.55
C CYS A 430 -71.24 50.59 -16.91
N SER A 431 -69.93 50.80 -16.78
CA SER A 431 -69.33 52.09 -17.15
C SER A 431 -69.43 52.35 -18.65
N SER A 432 -69.33 51.30 -19.47
CA SER A 432 -69.50 51.46 -20.90
C SER A 432 -70.91 51.92 -21.23
N MET A 433 -71.91 51.33 -20.56
CA MET A 433 -73.28 51.80 -20.76
C MET A 433 -73.44 53.25 -20.29
N LEU A 434 -72.85 53.58 -19.15
CA LEU A 434 -72.94 54.95 -18.65
C LEU A 434 -72.32 55.94 -19.63
N ILE A 435 -71.18 55.58 -20.22
CA ILE A 435 -70.56 56.41 -21.25
C ILE A 435 -71.46 56.50 -22.47
N ASN A 436 -72.08 55.38 -22.85
CA ASN A 436 -73.04 55.40 -23.95
C ASN A 436 -74.17 56.38 -23.68
N THR A 437 -74.47 56.63 -22.41
CA THR A 437 -75.44 57.68 -22.08
C THR A 437 -74.98 59.02 -22.66
N ARG A 438 -73.70 59.34 -22.50
CA ARG A 438 -73.11 60.55 -23.08
C ARG A 438 -73.78 61.81 -22.53
N ILE B 1 -22.73 -61.42 -16.14
CA ILE B 1 -21.53 -60.60 -15.99
C ILE B 1 -20.97 -60.80 -14.59
N THR B 2 -19.66 -60.60 -14.44
CA THR B 2 -18.93 -60.96 -13.23
C THR B 2 -18.12 -59.77 -12.71
N ASP B 3 -17.50 -59.99 -11.55
CA ASP B 3 -16.58 -59.02 -10.97
C ASP B 3 -15.32 -59.70 -10.43
N ASP B 4 -15.01 -60.91 -10.87
CA ASP B 4 -13.86 -61.64 -10.36
C ASP B 4 -12.56 -61.02 -10.87
N PHE B 5 -11.45 -61.65 -10.50
CA PHE B 5 -10.12 -61.16 -10.86
C PHE B 5 -9.23 -62.21 -11.52
N THR B 6 -9.62 -63.48 -11.49
CA THR B 6 -8.75 -64.52 -12.05
C THR B 6 -8.73 -64.46 -13.58
N LEU B 7 -9.86 -64.14 -14.21
CA LEU B 7 -9.97 -64.19 -15.66
C LEU B 7 -9.25 -63.04 -16.36
N THR B 8 -8.78 -62.04 -15.62
CA THR B 8 -8.10 -60.90 -16.20
C THR B 8 -6.59 -61.01 -16.01
N SER B 9 -5.86 -60.32 -16.87
CA SER B 9 -4.40 -60.27 -16.80
C SER B 9 -3.94 -58.89 -17.24
N PRO B 10 -2.78 -58.42 -16.74
CA PRO B 10 -2.28 -57.11 -17.18
C PRO B 10 -1.77 -57.13 -18.61
N TYR B 11 -1.24 -56.00 -19.07
CA TYR B 11 -0.74 -55.90 -20.44
C TYR B 11 0.27 -54.76 -20.51
N LEU B 12 1.00 -54.72 -21.62
CA LEU B 12 2.01 -53.70 -21.86
C LEU B 12 1.42 -52.54 -22.63
N GLY B 13 1.98 -51.35 -22.41
CA GLY B 13 1.49 -50.14 -23.05
C GLY B 13 2.62 -49.21 -23.45
N PHE B 14 2.22 -48.10 -24.08
CA PHE B 14 3.13 -47.09 -24.60
C PHE B 14 2.95 -45.79 -23.84
N CYS B 15 3.93 -45.46 -23.00
CA CYS B 15 3.89 -44.20 -22.27
C CYS B 15 4.67 -43.12 -23.02
N PRO B 16 4.07 -41.93 -23.22
CA PRO B 16 4.82 -40.86 -23.86
C PRO B 16 6.09 -40.47 -23.11
N TYR B 17 6.09 -40.62 -21.79
CA TYR B 17 7.26 -40.35 -20.96
C TYR B 17 7.70 -41.64 -20.28
N CYS B 18 9.01 -41.85 -20.24
CA CYS B 18 9.62 -42.97 -19.53
C CYS B 18 10.68 -42.44 -18.58
N ARG B 19 11.33 -43.35 -17.86
CA ARG B 19 12.39 -42.96 -16.96
C ARG B 19 13.52 -42.25 -17.68
N HIS B 20 13.64 -42.46 -18.99
CA HIS B 20 14.67 -41.82 -19.81
C HIS B 20 14.15 -40.62 -20.58
N SER B 21 12.94 -40.14 -20.27
CA SER B 21 12.35 -38.99 -20.95
C SER B 21 12.22 -39.25 -22.45
N ALA B 22 12.03 -40.52 -22.81
CA ALA B 22 11.84 -40.92 -24.19
C ALA B 22 10.58 -41.78 -24.22
N PRO B 23 9.61 -41.44 -25.07
CA PRO B 23 8.38 -42.26 -25.12
C PRO B 23 8.73 -43.71 -25.43
N CYS B 24 8.19 -44.63 -24.64
CA CYS B 24 8.61 -46.02 -24.75
C CYS B 24 7.57 -46.92 -24.09
N PHE B 25 7.84 -48.23 -24.18
CA PHE B 25 6.93 -49.23 -23.65
C PHE B 25 7.17 -49.46 -22.17
N SER B 26 6.08 -49.47 -21.41
CA SER B 26 6.09 -49.81 -19.99
C SER B 26 4.85 -50.63 -19.67
N PRO B 27 4.93 -51.52 -18.68
CA PRO B 27 3.74 -52.24 -18.23
C PRO B 27 2.89 -51.46 -17.24
N ILE B 28 3.22 -50.20 -16.98
CA ILE B 28 2.50 -49.38 -16.00
C ILE B 28 1.75 -48.29 -16.76
N LYS B 29 1.35 -48.60 -18.00
CA LYS B 29 0.72 -47.61 -18.85
C LYS B 29 -0.62 -47.16 -18.26
N ILE B 30 -0.93 -45.89 -18.44
CA ILE B 30 -2.16 -45.28 -17.96
C ILE B 30 -2.86 -44.62 -19.14
N GLU B 31 -4.16 -44.35 -18.98
CA GLU B 31 -4.94 -43.77 -20.07
C GLU B 31 -5.73 -42.54 -19.69
N ASN B 32 -6.24 -42.41 -18.46
CA ASN B 32 -6.94 -41.19 -18.09
C ASN B 32 -7.05 -41.11 -16.57
N VAL B 33 -7.61 -39.99 -16.11
CA VAL B 33 -7.74 -39.69 -14.68
C VAL B 33 -9.10 -39.08 -14.44
N TRP B 34 -9.51 -39.04 -13.16
CA TRP B 34 -10.75 -38.40 -12.76
C TRP B 34 -10.53 -37.74 -11.40
N ASP B 35 -10.92 -36.47 -11.28
CA ASP B 35 -10.65 -35.69 -10.09
C ASP B 35 -11.86 -34.83 -9.69
N GLU B 36 -13.07 -35.29 -10.00
CA GLU B 36 -14.26 -34.52 -9.68
C GLU B 36 -14.56 -34.50 -8.18
N SER B 37 -13.94 -35.38 -7.40
CA SER B 37 -14.20 -35.42 -5.97
C SER B 37 -13.80 -34.10 -5.32
N ASP B 38 -14.66 -33.61 -4.42
CA ASP B 38 -14.40 -32.31 -3.79
C ASP B 38 -13.17 -32.35 -2.90
N ASP B 39 -12.81 -33.52 -2.37
CA ASP B 39 -11.67 -33.63 -1.48
C ASP B 39 -10.34 -33.41 -2.17
N GLY B 40 -10.32 -33.38 -3.50
CA GLY B 40 -9.08 -33.29 -4.25
C GLY B 40 -8.42 -34.61 -4.54
N SER B 41 -9.03 -35.72 -4.13
CA SER B 41 -8.47 -37.03 -4.42
C SER B 41 -8.56 -37.31 -5.92
N ILE B 42 -7.90 -38.39 -6.34
CA ILE B 42 -7.83 -38.74 -7.75
C ILE B 42 -7.92 -40.25 -7.90
N ARG B 43 -8.61 -40.67 -8.95
CA ARG B 43 -8.70 -42.06 -9.39
C ARG B 43 -7.88 -42.22 -10.66
N ILE B 44 -7.04 -43.25 -10.69
CA ILE B 44 -6.07 -43.45 -11.75
C ILE B 44 -6.16 -44.87 -12.27
N GLN B 45 -6.17 -44.99 -13.59
CA GLN B 45 -6.13 -46.25 -14.31
C GLN B 45 -4.69 -46.77 -14.38
N VAL B 46 -4.54 -48.00 -14.85
CA VAL B 46 -3.23 -48.49 -15.25
C VAL B 46 -3.39 -49.79 -16.04
N SER B 47 -2.42 -50.07 -16.91
CA SER B 47 -2.41 -51.35 -17.61
C SER B 47 -2.17 -52.50 -16.63
N ALA B 48 -1.29 -52.28 -15.66
CA ALA B 48 -0.97 -53.30 -14.67
C ALA B 48 -2.10 -53.43 -13.66
N GLN B 49 -1.87 -54.24 -12.64
CA GLN B 49 -2.86 -54.45 -11.58
C GLN B 49 -2.13 -54.71 -10.28
N PHE B 50 -2.78 -54.34 -9.18
CA PHE B 50 -2.25 -54.60 -7.84
C PHE B 50 -3.39 -54.50 -6.85
N GLY B 51 -3.06 -54.72 -5.57
CA GLY B 51 -4.06 -55.09 -4.59
C GLY B 51 -4.47 -56.53 -4.69
N TYR B 52 -3.95 -57.26 -5.67
CA TYR B 52 -4.18 -58.69 -5.84
C TYR B 52 -2.83 -59.37 -6.00
N ASN B 53 -2.87 -60.70 -6.07
CA ASN B 53 -1.69 -61.44 -6.48
C ASN B 53 -1.56 -61.38 -7.99
N GLN B 54 -0.39 -61.76 -8.48
CA GLN B 54 -0.14 -61.90 -9.90
C GLN B 54 -1.34 -62.51 -10.63
N ALA B 55 -1.84 -61.79 -11.62
CA ALA B 55 -2.92 -62.32 -12.45
C ALA B 55 -2.47 -63.62 -13.10
N GLY B 56 -3.14 -64.72 -12.75
CA GLY B 56 -2.79 -66.04 -13.20
C GLY B 56 -2.15 -66.90 -12.12
N THR B 57 -1.56 -66.28 -11.11
CA THR B 57 -1.06 -67.02 -9.96
C THR B 57 -2.22 -67.61 -9.17
N ALA B 58 -1.94 -68.73 -8.49
CA ALA B 58 -3.00 -69.46 -7.80
C ALA B 58 -3.84 -68.54 -6.92
N ASP B 59 -3.20 -67.62 -6.21
CA ASP B 59 -3.94 -66.67 -5.39
C ASP B 59 -4.61 -65.64 -6.28
N VAL B 60 -5.92 -65.48 -6.11
CA VAL B 60 -6.63 -64.44 -6.86
C VAL B 60 -6.31 -63.07 -6.30
N THR B 61 -6.18 -62.95 -4.98
CA THR B 61 -5.98 -61.66 -4.33
C THR B 61 -4.90 -61.76 -3.25
N LYS B 62 -3.93 -60.86 -3.34
CA LYS B 62 -2.89 -60.68 -2.32
C LYS B 62 -2.51 -59.20 -2.36
N PHE B 63 -2.91 -58.45 -1.34
CA PHE B 63 -2.75 -57.00 -1.39
C PHE B 63 -1.29 -56.57 -1.39
N ARG B 64 -0.37 -57.47 -1.08
CA ARG B 64 1.05 -57.15 -1.08
C ARG B 64 1.72 -57.35 -2.44
N TYR B 65 0.98 -57.80 -3.45
CA TYR B 65 1.54 -58.10 -4.76
C TYR B 65 0.97 -57.17 -5.82
N MET B 66 1.79 -56.89 -6.83
CA MET B 66 1.39 -56.10 -7.98
C MET B 66 1.56 -56.95 -9.24
N SER B 67 0.51 -57.02 -10.05
CA SER B 67 0.51 -57.83 -11.26
C SER B 67 0.97 -57.01 -12.44
N TYR B 68 1.97 -57.52 -13.16
CA TYR B 68 2.52 -56.84 -14.33
C TYR B 68 3.12 -57.91 -15.24
N ASP B 69 3.35 -57.53 -16.49
CA ASP B 69 3.92 -58.44 -17.47
C ASP B 69 5.18 -57.83 -18.07
N HIS B 70 6.15 -58.71 -18.38
CA HIS B 70 7.39 -58.30 -19.01
C HIS B 70 8.02 -59.53 -19.62
N ASP B 71 9.05 -59.31 -20.43
CA ASP B 71 9.74 -60.40 -21.14
C ASP B 71 8.67 -61.21 -21.87
N HIS B 72 8.40 -62.43 -21.46
CA HIS B 72 7.43 -63.29 -22.13
C HIS B 72 6.14 -63.49 -21.34
N ASP B 73 6.11 -63.10 -20.07
CA ASP B 73 4.99 -63.53 -19.23
C ASP B 73 4.80 -62.54 -18.08
N ILE B 74 3.83 -62.86 -17.22
CA ILE B 74 3.52 -62.05 -16.06
C ILE B 74 4.47 -62.42 -14.91
N LYS B 75 4.71 -61.46 -14.03
CA LYS B 75 5.63 -61.64 -12.91
C LYS B 75 5.03 -61.07 -11.63
N GLU B 76 5.73 -61.28 -10.52
CA GLU B 76 5.33 -60.82 -9.21
C GLU B 76 6.33 -59.79 -8.68
N ASP B 77 5.86 -59.00 -7.72
CA ASP B 77 6.71 -58.08 -6.96
C ASP B 77 5.87 -57.44 -5.87
N SER B 78 6.56 -56.86 -4.88
CA SER B 78 5.88 -56.19 -3.79
C SER B 78 5.36 -54.83 -4.26
N MET B 79 4.10 -54.55 -3.96
CA MET B 79 3.53 -53.25 -4.30
C MET B 79 4.13 -52.12 -3.48
N GLU B 80 4.85 -52.44 -2.39
CA GLU B 80 5.37 -51.40 -1.52
C GLU B 80 6.33 -50.47 -2.26
N LYS B 81 7.01 -50.98 -3.29
CA LYS B 81 8.00 -50.19 -4.03
C LYS B 81 7.38 -49.17 -4.97
N LEU B 82 6.04 -49.07 -5.00
CA LEU B 82 5.36 -48.14 -5.89
C LEU B 82 5.25 -46.76 -5.26
N ALA B 83 5.22 -45.74 -6.11
CA ALA B 83 5.09 -44.37 -5.64
C ALA B 83 4.37 -43.55 -6.70
N ILE B 84 3.73 -42.47 -6.24
CA ILE B 84 2.99 -41.55 -7.11
C ILE B 84 3.43 -40.13 -6.77
N SER B 85 3.49 -39.27 -7.77
CA SER B 85 3.83 -37.88 -7.50
C SER B 85 3.44 -37.01 -8.69
N THR B 86 2.95 -35.81 -8.38
CA THR B 86 2.72 -34.78 -9.38
C THR B 86 3.65 -33.58 -9.19
N SER B 87 3.63 -32.98 -8.01
CA SER B 87 4.63 -32.03 -7.58
C SER B 87 5.35 -32.49 -6.33
N GLY B 88 5.03 -33.69 -5.83
CA GLY B 88 5.63 -34.23 -4.63
C GLY B 88 4.99 -35.56 -4.27
N PRO B 89 5.38 -36.12 -3.13
CA PRO B 89 4.82 -37.42 -2.74
C PRO B 89 3.30 -37.37 -2.61
N CYS B 90 2.66 -38.46 -2.98
CA CYS B 90 1.21 -38.61 -2.91
C CYS B 90 0.87 -39.70 -1.91
N ARG B 91 -0.06 -39.40 -1.01
CA ARG B 91 -0.48 -40.38 -0.01
C ARG B 91 -1.49 -41.34 -0.61
N ARG B 92 -1.21 -42.64 -0.48
CA ARG B 92 -2.13 -43.65 -0.96
C ARG B 92 -3.40 -43.65 -0.13
N LEU B 93 -4.53 -43.88 -0.79
CA LEU B 93 -5.82 -44.02 -0.12
C LEU B 93 -6.37 -45.44 -0.24
N GLY B 94 -6.39 -45.99 -1.44
CA GLY B 94 -6.86 -47.36 -1.63
C GLY B 94 -6.57 -47.83 -3.03
N HIS B 95 -6.76 -49.13 -3.24
CA HIS B 95 -6.43 -49.75 -4.52
C HIS B 95 -7.35 -50.94 -4.75
N LYS B 96 -7.76 -51.13 -6.00
CA LYS B 96 -8.59 -52.28 -6.35
C LYS B 96 -8.72 -52.32 -7.87
N GLY B 97 -8.89 -53.53 -8.40
CA GLY B 97 -8.85 -53.71 -9.84
C GLY B 97 -7.54 -53.20 -10.40
N TYR B 98 -7.60 -52.64 -11.60
CA TYR B 98 -6.46 -51.93 -12.16
C TYR B 98 -6.27 -50.56 -11.53
N PHE B 99 -7.19 -50.12 -10.68
CA PHE B 99 -7.36 -48.71 -10.36
C PHE B 99 -6.81 -48.38 -8.97
N LEU B 100 -6.33 -47.14 -8.84
CA LEU B 100 -5.79 -46.63 -7.58
C LEU B 100 -6.44 -45.31 -7.23
N LEU B 101 -6.68 -45.09 -5.94
CA LEU B 101 -7.22 -43.85 -5.40
C LEU B 101 -6.24 -43.26 -4.42
N ALA B 102 -5.91 -41.98 -4.62
CA ALA B 102 -4.95 -41.32 -3.75
C ALA B 102 -5.07 -39.81 -3.90
N GLN B 103 -4.51 -39.09 -2.93
CA GLN B 103 -4.52 -37.64 -2.93
C GLN B 103 -3.13 -37.11 -3.27
N CYS B 104 -3.09 -36.03 -4.05
CA CYS B 104 -1.85 -35.40 -4.47
C CYS B 104 -1.99 -33.90 -4.28
N PRO B 105 -0.87 -33.18 -4.15
CA PRO B 105 -0.94 -31.72 -4.09
C PRO B 105 -1.23 -31.13 -5.46
N PRO B 106 -1.42 -29.81 -5.54
CA PRO B 106 -1.64 -29.20 -6.86
C PRO B 106 -0.45 -29.42 -7.77
N GLY B 107 -0.74 -29.58 -9.07
CA GLY B 107 0.32 -29.82 -10.04
C GLY B 107 -0.21 -29.71 -11.44
N ASP B 108 0.72 -29.77 -12.40
CA ASP B 108 0.39 -29.70 -13.81
C ASP B 108 0.59 -31.02 -14.54
N SER B 109 1.20 -32.01 -13.89
CA SER B 109 1.39 -33.33 -14.50
C SER B 109 1.53 -34.36 -13.39
N VAL B 110 1.11 -35.58 -13.67
CA VAL B 110 1.16 -36.67 -12.70
C VAL B 110 2.08 -37.75 -13.23
N THR B 111 2.62 -38.55 -12.31
CA THR B 111 3.54 -39.61 -12.66
C THR B 111 3.46 -40.72 -11.63
N VAL B 112 3.63 -41.95 -12.10
CA VAL B 112 3.69 -43.13 -11.25
C VAL B 112 5.01 -43.83 -11.51
N SER B 113 5.75 -44.13 -10.45
CA SER B 113 7.08 -44.72 -10.56
C SER B 113 7.17 -45.95 -9.67
N ILE B 114 8.15 -46.80 -9.97
CA ILE B 114 8.39 -47.98 -9.17
C ILE B 114 9.80 -48.48 -9.47
N THR B 115 10.48 -48.95 -8.42
CA THR B 115 11.80 -49.53 -8.56
C THR B 115 11.69 -51.05 -8.52
N SER B 116 12.24 -51.70 -9.55
CA SER B 116 12.27 -53.16 -9.61
C SER B 116 13.42 -53.75 -8.81
N GLY B 117 14.05 -52.97 -7.95
CA GLY B 117 15.24 -53.38 -7.24
C GLY B 117 16.53 -53.15 -7.99
N ALA B 118 16.47 -52.88 -9.29
CA ALA B 118 17.65 -52.58 -10.09
C ALA B 118 17.46 -51.43 -11.06
N SER B 119 16.24 -50.98 -11.31
CA SER B 119 15.99 -49.89 -12.25
C SER B 119 14.69 -49.19 -11.87
N GLU B 120 14.54 -47.96 -12.36
CA GLU B 120 13.36 -47.15 -12.11
C GLU B 120 12.49 -47.15 -13.35
N ASN B 121 11.28 -47.67 -13.23
CA ASN B 121 10.30 -47.68 -14.31
C ASN B 121 9.14 -46.79 -13.91
N SER B 122 8.81 -45.82 -14.77
CA SER B 122 7.80 -44.84 -14.43
C SER B 122 7.10 -44.36 -15.69
N CYS B 123 5.90 -43.82 -15.50
CA CYS B 123 5.11 -43.25 -16.58
C CYS B 123 4.48 -41.95 -16.11
N THR B 124 4.58 -40.92 -16.95
CA THR B 124 4.05 -39.60 -16.66
C THR B 124 2.98 -39.24 -17.67
N VAL B 125 1.93 -38.56 -17.21
CA VAL B 125 0.88 -38.05 -18.07
C VAL B 125 0.56 -36.62 -17.63
N GLU B 126 -0.09 -35.89 -18.53
CA GLU B 126 -0.34 -34.46 -18.36
C GLU B 126 -1.74 -34.25 -17.83
N LYS B 127 -1.89 -33.41 -16.82
CA LYS B 127 -3.22 -33.13 -16.27
C LYS B 127 -3.16 -31.88 -15.43
N LYS B 128 -4.21 -31.06 -15.52
CA LYS B 128 -4.32 -29.84 -14.75
C LYS B 128 -4.92 -30.17 -13.38
N ILE B 129 -4.14 -29.99 -12.32
CA ILE B 129 -4.54 -30.34 -10.96
C ILE B 129 -4.50 -29.10 -10.10
N ARG B 130 -5.65 -28.72 -9.56
CA ARG B 130 -5.81 -27.58 -8.67
C ARG B 130 -6.53 -28.02 -7.40
N ARG B 131 -6.72 -27.08 -6.49
CA ARG B 131 -7.34 -27.34 -5.20
C ARG B 131 -8.72 -26.69 -5.20
N LYS B 132 -9.70 -27.42 -5.71
CA LYS B 132 -11.08 -26.94 -5.78
C LYS B 132 -11.79 -27.24 -4.47
N PHE B 133 -12.42 -26.21 -3.89
CA PHE B 133 -13.09 -26.34 -2.62
C PHE B 133 -14.54 -25.87 -2.73
N VAL B 134 -15.39 -26.47 -1.93
CA VAL B 134 -16.82 -26.21 -1.95
C VAL B 134 -17.12 -25.03 -1.03
N GLY B 135 -18.12 -24.25 -1.40
CA GLY B 135 -18.54 -23.12 -0.59
C GLY B 135 -18.52 -21.81 -1.33
N ARG B 136 -18.01 -20.77 -0.69
CA ARG B 136 -17.99 -19.43 -1.27
C ARG B 136 -16.64 -18.73 -1.12
N GLU B 137 -15.75 -19.23 -0.27
CA GLU B 137 -14.36 -18.79 -0.23
C GLU B 137 -13.47 -20.01 -0.36
N GLU B 138 -12.54 -19.97 -1.31
CA GLU B 138 -11.59 -21.07 -1.49
C GLU B 138 -10.62 -21.04 -0.32
N TYR B 139 -10.84 -21.92 0.65
CA TYR B 139 -10.02 -21.97 1.85
C TYR B 139 -8.69 -22.65 1.51
N LEU B 140 -7.90 -22.96 2.53
CA LEU B 140 -6.61 -23.62 2.36
C LEU B 140 -6.59 -25.02 2.98
N PHE B 141 -7.02 -25.13 4.24
CA PHE B 141 -7.25 -26.42 4.88
C PHE B 141 -8.50 -26.32 5.73
N PRO B 142 -9.30 -27.38 5.82
CA PRO B 142 -10.57 -27.29 6.55
C PRO B 142 -10.34 -26.90 8.00
N PRO B 143 -11.17 -26.02 8.55
CA PRO B 143 -11.04 -25.67 9.97
C PRO B 143 -11.75 -26.66 10.87
N VAL B 144 -11.42 -26.58 12.16
CA VAL B 144 -12.12 -27.38 13.15
C VAL B 144 -13.58 -26.95 13.26
N HIS B 145 -13.82 -25.65 13.23
CA HIS B 145 -15.14 -25.08 13.43
C HIS B 145 -15.67 -24.52 12.12
N GLY B 146 -16.98 -24.62 11.92
CA GLY B 146 -17.61 -24.12 10.72
C GLY B 146 -18.99 -24.71 10.56
N LYS B 147 -19.52 -24.56 9.35
CA LYS B 147 -20.83 -25.08 9.00
C LYS B 147 -20.68 -26.37 8.19
N LEU B 148 -21.60 -27.30 8.44
CA LEU B 148 -21.61 -28.58 7.75
C LEU B 148 -22.58 -28.52 6.57
N VAL B 149 -22.10 -28.92 5.38
CA VAL B 149 -22.86 -28.78 4.15
C VAL B 149 -22.64 -30.01 3.29
N LYS B 150 -23.57 -30.23 2.36
CA LYS B 150 -23.48 -31.36 1.46
C LYS B 150 -22.25 -31.25 0.57
N CYS B 151 -21.70 -32.42 0.21
CA CYS B 151 -20.52 -32.49 -0.65
C CYS B 151 -20.50 -33.86 -1.30
N HIS B 152 -19.69 -33.99 -2.33
CA HIS B 152 -19.55 -35.24 -3.07
C HIS B 152 -18.08 -35.61 -3.16
N VAL B 153 -17.74 -36.84 -2.78
CA VAL B 153 -16.35 -37.30 -2.80
C VAL B 153 -16.32 -38.81 -3.00
N TYR B 154 -15.14 -39.31 -3.36
CA TYR B 154 -14.96 -40.75 -3.55
C TYR B 154 -14.76 -41.43 -2.21
N ASP B 155 -15.51 -42.50 -1.98
CA ASP B 155 -15.42 -43.25 -0.73
C ASP B 155 -14.21 -44.16 -0.76
N HIS B 156 -13.47 -44.21 0.35
CA HIS B 156 -12.28 -45.05 0.44
C HIS B 156 -12.60 -46.53 0.58
N LEU B 157 -13.87 -46.92 0.51
CA LEU B 157 -14.22 -48.32 0.60
C LEU B 157 -13.90 -49.04 -0.71
N LYS B 158 -13.26 -50.21 -0.59
CA LYS B 158 -12.89 -50.97 -1.77
C LYS B 158 -14.12 -51.31 -2.61
N GLU B 159 -15.24 -51.61 -1.97
CA GLU B 159 -16.46 -51.92 -2.69
C GLU B 159 -16.99 -50.67 -3.40
N THR B 160 -17.84 -50.90 -4.40
CA THR B 160 -18.31 -49.84 -5.26
C THR B 160 -19.65 -50.22 -5.86
N SER B 161 -20.34 -49.20 -6.41
CA SER B 161 -21.62 -49.41 -7.08
C SER B 161 -21.77 -48.51 -8.30
N ALA B 162 -20.67 -48.21 -8.98
CA ALA B 162 -20.70 -47.29 -10.11
C ALA B 162 -19.80 -47.81 -11.23
N GLY B 163 -20.11 -47.36 -12.45
CA GLY B 163 -19.23 -47.56 -13.58
C GLY B 163 -19.34 -48.93 -14.22
N TYR B 164 -18.56 -49.09 -15.29
CA TYR B 164 -18.60 -50.29 -16.11
C TYR B 164 -17.41 -50.25 -17.08
N ILE B 165 -16.80 -51.41 -17.32
CA ILE B 165 -15.65 -51.49 -18.22
C ILE B 165 -15.72 -52.81 -18.97
N THR B 166 -15.27 -52.78 -20.23
CA THR B 166 -15.28 -53.95 -21.10
C THR B 166 -14.03 -54.79 -20.89
N MET B 167 -14.12 -56.07 -21.24
CA MET B 167 -13.01 -57.01 -21.13
C MET B 167 -13.16 -58.08 -22.20
N HIS B 168 -12.06 -58.36 -22.90
CA HIS B 168 -12.07 -59.40 -23.92
C HIS B 168 -10.63 -59.85 -24.16
N ARG B 169 -10.49 -60.95 -24.91
CA ARG B 169 -9.19 -61.52 -25.18
C ARG B 169 -8.39 -60.62 -26.13
N PRO B 170 -7.05 -60.72 -26.10
CA PRO B 170 -6.23 -59.82 -26.91
C PRO B 170 -5.92 -60.38 -28.30
N GLY B 171 -5.22 -59.59 -29.10
CA GLY B 171 -4.71 -60.04 -30.37
C GLY B 171 -3.41 -60.79 -30.21
N PRO B 172 -2.84 -61.23 -31.32
CA PRO B 172 -1.57 -61.97 -31.25
C PRO B 172 -0.42 -61.09 -30.80
N HIS B 173 0.58 -61.74 -30.19
CA HIS B 173 1.81 -61.10 -29.77
C HIS B 173 2.94 -61.62 -30.63
N ALA B 174 3.64 -60.72 -31.31
CA ALA B 174 4.74 -61.08 -32.20
C ALA B 174 6.06 -60.84 -31.50
N TYR B 175 6.87 -61.89 -31.37
CA TYR B 175 8.17 -61.82 -30.71
C TYR B 175 9.26 -61.94 -31.77
N LYS B 176 10.19 -60.98 -31.76
CA LYS B 176 11.25 -60.97 -32.76
C LYS B 176 12.19 -62.15 -32.58
N SER B 177 12.53 -62.48 -31.33
CA SER B 177 13.49 -63.55 -31.08
C SER B 177 13.00 -64.89 -31.63
N TYR B 178 11.69 -65.04 -31.86
CA TYR B 178 11.16 -66.29 -32.39
C TYR B 178 11.55 -66.52 -33.85
N LEU B 179 12.07 -65.50 -34.53
CA LEU B 179 12.39 -65.60 -35.95
C LEU B 179 13.89 -65.46 -36.13
N GLU B 180 14.49 -66.39 -36.87
CA GLU B 180 15.92 -66.39 -37.14
C GLU B 180 16.17 -66.67 -38.61
N GLU B 181 17.17 -65.97 -39.17
CA GLU B 181 17.69 -66.26 -40.50
C GLU B 181 19.11 -66.79 -40.44
N ALA B 182 19.56 -67.23 -39.27
CA ALA B 182 20.90 -67.80 -39.15
C ALA B 182 21.09 -68.93 -40.15
N SER B 183 20.14 -69.85 -40.21
CA SER B 183 20.13 -70.85 -41.27
C SER B 183 19.84 -70.17 -42.60
N GLY B 184 20.34 -70.78 -43.68
CA GLY B 184 20.07 -70.23 -44.99
C GLY B 184 18.59 -70.06 -45.27
N GLU B 185 17.77 -70.93 -44.68
CA GLU B 185 16.32 -70.84 -44.76
C GLU B 185 15.79 -70.17 -43.49
N VAL B 186 14.47 -70.18 -43.33
CA VAL B 186 13.84 -69.60 -42.14
C VAL B 186 14.04 -70.56 -40.98
N TYR B 187 14.56 -70.04 -39.86
CA TYR B 187 14.67 -70.80 -38.63
C TYR B 187 13.91 -70.06 -37.54
N ILE B 188 13.06 -70.78 -36.82
CA ILE B 188 12.23 -70.21 -35.76
C ILE B 188 12.26 -71.14 -34.56
N LYS B 189 11.87 -70.61 -33.40
CA LYS B 189 11.70 -71.41 -32.21
C LYS B 189 10.40 -70.99 -31.53
N PRO B 190 9.65 -71.93 -30.96
CA PRO B 190 8.37 -71.57 -30.32
C PRO B 190 8.56 -70.70 -29.10
N PRO B 191 9.60 -70.93 -28.25
CA PRO B 191 10.59 -72.01 -28.18
C PRO B 191 10.11 -73.18 -27.33
N SER B 192 11.03 -74.05 -26.91
CA SER B 192 10.69 -75.26 -26.18
C SER B 192 9.60 -75.01 -25.15
N GLY B 193 8.65 -75.93 -25.08
CA GLY B 193 7.53 -75.80 -24.17
C GLY B 193 6.51 -74.76 -24.56
N LYS B 194 6.20 -74.64 -25.85
CA LYS B 194 5.21 -73.69 -26.35
C LYS B 194 4.41 -74.34 -27.47
N ASN B 195 3.48 -73.58 -28.05
CA ASN B 195 2.58 -74.05 -29.09
C ASN B 195 2.44 -73.10 -30.28
N VAL B 196 3.53 -72.46 -30.69
CA VAL B 196 3.49 -71.23 -31.48
C VAL B 196 2.79 -71.45 -32.82
N THR B 197 2.14 -70.39 -33.30
CA THR B 197 1.64 -70.29 -34.67
C THR B 197 2.42 -69.20 -35.39
N TYR B 198 2.73 -69.43 -36.66
CA TYR B 198 3.50 -68.49 -37.44
C TYR B 198 2.89 -68.36 -38.83
N GLU B 199 3.15 -67.21 -39.46
CA GLU B 199 2.61 -66.89 -40.76
C GLU B 199 3.72 -66.32 -41.65
N CYS B 200 3.55 -66.49 -42.95
CA CYS B 200 4.51 -66.00 -43.94
C CYS B 200 3.73 -65.60 -45.19
N LYS B 201 4.01 -64.41 -45.70
CA LYS B 201 3.28 -63.88 -46.84
C LYS B 201 3.91 -64.22 -48.19
N CYS B 202 5.09 -64.83 -48.21
CA CYS B 202 5.74 -65.15 -49.47
C CYS B 202 4.87 -66.10 -50.29
N GLY B 203 4.70 -65.78 -51.57
CA GLY B 203 3.88 -66.58 -52.45
C GLY B 203 2.40 -66.38 -52.21
N ASP B 204 1.96 -66.72 -50.99
CA ASP B 204 0.56 -66.56 -50.59
C ASP B 204 0.51 -66.62 -49.08
N TYR B 205 -0.70 -66.69 -48.53
CA TYR B 205 -0.87 -66.83 -47.08
C TYR B 205 -0.40 -68.23 -46.68
N SER B 206 0.73 -68.29 -45.98
CA SER B 206 1.28 -69.55 -45.47
C SER B 206 1.19 -69.53 -43.95
N THR B 207 0.71 -70.63 -43.37
CA THR B 207 0.55 -70.75 -41.93
C THR B 207 1.22 -72.03 -41.45
N GLY B 208 1.68 -71.99 -40.21
CA GLY B 208 2.31 -73.16 -39.61
C GLY B 208 2.18 -73.20 -38.10
N ILE B 209 1.71 -74.33 -37.58
CA ILE B 209 1.58 -74.57 -36.15
C ILE B 209 2.73 -75.47 -35.72
N VAL B 210 3.57 -74.98 -34.80
CA VAL B 210 4.73 -75.71 -34.34
C VAL B 210 4.81 -75.59 -32.82
N SER B 211 4.86 -76.74 -32.15
CA SER B 211 4.93 -76.78 -30.69
C SER B 211 6.25 -77.43 -30.29
N THR B 212 7.09 -76.66 -29.60
CA THR B 212 8.39 -77.15 -29.13
C THR B 212 9.25 -77.65 -30.30
N ARG B 213 9.09 -77.05 -31.48
CA ARG B 213 9.83 -77.48 -32.66
C ARG B 213 10.24 -76.26 -33.48
N THR B 214 11.51 -76.24 -33.88
CA THR B 214 11.97 -75.26 -34.87
C THR B 214 11.63 -75.76 -36.27
N LYS B 215 11.09 -74.88 -37.10
CA LYS B 215 10.61 -75.25 -38.41
C LYS B 215 11.06 -74.24 -39.46
N MET B 216 11.05 -74.70 -40.71
CA MET B 216 11.52 -73.92 -41.85
C MET B 216 10.39 -73.79 -42.86
N ASN B 217 10.51 -72.78 -43.72
CA ASN B 217 9.56 -72.56 -44.80
C ASN B 217 10.31 -72.22 -46.08
N GLY B 218 9.60 -72.26 -47.20
CA GLY B 218 10.26 -72.11 -48.50
C GLY B 218 10.95 -70.77 -48.66
N CYS B 219 10.26 -69.70 -48.32
CA CYS B 219 10.81 -68.35 -48.50
C CYS B 219 11.86 -68.10 -47.43
N THR B 220 13.13 -68.12 -47.84
CA THR B 220 14.23 -68.12 -46.87
C THR B 220 14.23 -66.85 -46.02
N LYS B 221 13.84 -65.72 -46.60
CA LYS B 221 13.85 -64.46 -45.85
C LYS B 221 12.97 -64.60 -44.62
N ALA B 222 13.57 -64.47 -43.44
CA ALA B 222 12.83 -64.61 -42.18
C ALA B 222 12.12 -63.33 -41.77
N LYS B 223 12.25 -62.26 -42.55
CA LYS B 223 11.66 -60.98 -42.15
C LYS B 223 10.15 -60.99 -42.38
N GLN B 224 9.72 -61.21 -43.63
CA GLN B 224 8.30 -61.19 -43.94
C GLN B 224 7.55 -62.25 -43.13
N CYS B 225 8.21 -63.32 -42.75
CA CYS B 225 7.58 -64.33 -41.91
C CYS B 225 7.24 -63.72 -40.54
N ILE B 226 6.18 -64.23 -39.93
CA ILE B 226 5.66 -63.70 -38.68
C ILE B 226 5.32 -64.85 -37.75
N ALA B 227 5.61 -64.68 -36.46
CA ALA B 227 5.36 -65.69 -35.45
C ALA B 227 4.67 -65.06 -34.25
N TYR B 228 3.89 -65.88 -33.54
CA TYR B 228 3.16 -65.45 -32.37
C TYR B 228 3.59 -66.25 -31.15
N LYS B 229 3.78 -65.55 -30.03
CA LYS B 229 3.82 -66.23 -28.74
C LYS B 229 2.42 -66.26 -28.12
N ARG B 230 1.45 -66.66 -28.92
CA ARG B 230 0.05 -66.49 -28.56
C ARG B 230 -0.34 -67.51 -27.49
N ASP B 231 -1.14 -67.07 -26.54
CA ASP B 231 -1.71 -67.95 -25.53
C ASP B 231 -3.23 -67.92 -25.49
N GLN B 232 -3.86 -66.79 -25.83
CA GLN B 232 -5.31 -66.65 -25.89
C GLN B 232 -5.97 -67.34 -24.71
N THR B 233 -5.60 -66.90 -23.51
CA THR B 233 -6.14 -67.44 -22.27
C THR B 233 -6.71 -66.40 -21.32
N LYS B 234 -6.34 -65.13 -21.47
CA LYS B 234 -6.71 -64.09 -20.51
C LYS B 234 -7.48 -62.98 -21.20
N TRP B 235 -8.44 -62.41 -20.49
CA TRP B 235 -9.19 -61.26 -20.98
C TRP B 235 -8.51 -59.98 -20.50
N VAL B 236 -8.55 -58.95 -21.34
CA VAL B 236 -7.88 -57.69 -21.07
C VAL B 236 -8.82 -56.52 -21.35
N PHE B 237 -8.51 -55.38 -20.73
CA PHE B 237 -9.29 -54.18 -20.94
C PHE B 237 -8.89 -53.51 -22.25
N ASN B 238 -9.88 -53.06 -23.00
CA ASN B 238 -9.62 -52.44 -24.29
C ASN B 238 -8.68 -51.26 -24.13
N SER B 239 -7.62 -51.24 -24.93
CA SER B 239 -6.64 -50.17 -24.91
C SER B 239 -6.22 -49.86 -26.34
N PRO B 240 -5.94 -48.59 -26.65
CA PRO B 240 -5.49 -48.26 -28.01
C PRO B 240 -4.17 -48.91 -28.37
N ASP B 241 -3.27 -49.09 -27.40
CA ASP B 241 -1.95 -49.62 -27.67
C ASP B 241 -1.96 -51.08 -28.11
N LEU B 242 -3.07 -51.78 -27.94
CA LEU B 242 -3.18 -53.20 -28.25
C LEU B 242 -4.04 -53.40 -29.49
N ILE B 243 -3.52 -54.19 -30.43
CA ILE B 243 -4.27 -54.52 -31.64
C ILE B 243 -5.54 -55.28 -31.26
N ARG B 244 -6.57 -55.14 -32.08
CA ARG B 244 -7.81 -55.87 -31.86
C ARG B 244 -7.73 -57.25 -32.50
N HIS B 245 -8.02 -58.27 -31.71
CA HIS B 245 -8.13 -59.63 -32.25
C HIS B 245 -9.32 -59.70 -33.20
N THR B 246 -9.22 -60.60 -34.18
CA THR B 246 -10.26 -60.69 -35.19
C THR B 246 -11.63 -61.03 -34.59
N ASP B 247 -11.66 -61.59 -33.38
CA ASP B 247 -12.93 -61.90 -32.74
C ASP B 247 -13.76 -60.63 -32.51
N HIS B 248 -13.11 -59.55 -32.08
CA HIS B 248 -13.76 -58.30 -31.76
C HIS B 248 -15.10 -58.52 -31.05
N SER B 249 -15.05 -59.38 -30.04
CA SER B 249 -16.22 -59.82 -29.31
C SER B 249 -16.14 -59.35 -27.86
N VAL B 250 -17.25 -58.81 -27.36
CA VAL B 250 -17.37 -58.42 -25.96
C VAL B 250 -17.62 -59.69 -25.15
N GLN B 251 -16.65 -60.08 -24.32
CA GLN B 251 -16.71 -61.34 -23.59
C GLN B 251 -17.01 -61.16 -22.12
N GLY B 252 -16.67 -60.03 -21.52
CA GLY B 252 -16.94 -59.82 -20.11
C GLY B 252 -16.84 -58.36 -19.74
N LYS B 253 -17.07 -58.08 -18.46
CA LYS B 253 -17.01 -56.72 -17.95
C LYS B 253 -16.28 -56.71 -16.62
N LEU B 254 -16.17 -55.51 -16.06
CA LEU B 254 -15.70 -55.34 -14.69
C LEU B 254 -16.17 -53.99 -14.18
N HIS B 255 -16.28 -53.90 -12.85
CA HIS B 255 -16.68 -52.65 -12.20
C HIS B 255 -15.45 -51.76 -11.97
N ILE B 256 -15.71 -50.54 -11.53
CA ILE B 256 -14.67 -49.59 -11.18
C ILE B 256 -14.76 -49.34 -9.68
N PRO B 257 -13.71 -49.60 -8.91
CA PRO B 257 -13.80 -49.41 -7.46
C PRO B 257 -13.80 -47.94 -7.08
N PHE B 258 -14.20 -47.68 -5.83
CA PHE B 258 -14.11 -46.35 -5.24
C PHE B 258 -15.00 -45.35 -5.98
N ARG B 259 -16.30 -45.65 -5.97
CA ARG B 259 -17.26 -44.78 -6.63
C ARG B 259 -17.36 -43.44 -5.90
N LEU B 260 -18.15 -42.54 -6.47
CA LEU B 260 -18.44 -41.25 -5.86
C LEU B 260 -19.72 -41.34 -5.05
N THR B 261 -19.74 -40.69 -3.89
CA THR B 261 -20.90 -40.69 -3.03
C THR B 261 -21.06 -39.32 -2.39
N PRO B 262 -22.28 -38.95 -2.03
CA PRO B 262 -22.48 -37.75 -1.21
C PRO B 262 -22.11 -37.99 0.24
N THR B 263 -21.86 -36.90 0.94
CA THR B 263 -21.49 -36.91 2.35
C THR B 263 -21.58 -35.47 2.85
N VAL B 264 -21.14 -35.25 4.09
CA VAL B 264 -21.16 -33.94 4.72
C VAL B 264 -19.73 -33.48 4.92
N CYS B 265 -19.45 -32.22 4.58
CA CYS B 265 -18.13 -31.63 4.72
C CYS B 265 -18.24 -30.32 5.47
N PRO B 266 -17.21 -29.93 6.22
CA PRO B 266 -17.22 -28.65 6.92
C PRO B 266 -16.60 -27.53 6.10
N VAL B 267 -17.09 -26.32 6.36
CA VAL B 267 -16.56 -25.12 5.69
C VAL B 267 -16.46 -24.00 6.71
N PRO B 268 -15.51 -23.08 6.50
CA PRO B 268 -15.34 -21.98 7.45
C PRO B 268 -16.50 -21.00 7.41
N LEU B 269 -16.76 -20.38 8.55
CA LEU B 269 -17.67 -19.25 8.65
C LEU B 269 -16.82 -18.00 8.85
N ALA B 270 -16.54 -17.32 7.74
CA ALA B 270 -15.60 -16.20 7.77
C ALA B 270 -16.08 -15.11 8.73
N HIS B 271 -15.15 -14.25 9.12
CA HIS B 271 -15.44 -13.09 9.95
C HIS B 271 -16.63 -12.32 9.39
N THR B 272 -17.73 -12.29 10.14
CA THR B 272 -18.90 -11.55 9.70
C THR B 272 -18.61 -10.05 9.81
N PRO B 273 -19.34 -9.23 9.06
CA PRO B 273 -18.96 -7.82 8.92
C PRO B 273 -19.60 -6.92 9.98
N THR B 274 -19.02 -5.73 10.10
CA THR B 274 -19.63 -4.65 10.86
C THR B 274 -20.45 -3.79 9.90
N VAL B 275 -21.64 -3.40 10.35
CA VAL B 275 -22.61 -2.69 9.52
C VAL B 275 -22.76 -1.28 10.05
N THR B 276 -22.65 -0.31 9.15
CA THR B 276 -22.85 1.09 9.50
C THR B 276 -24.33 1.45 9.29
N LYS B 277 -24.65 2.74 9.36
CA LYS B 277 -25.99 3.23 9.14
C LYS B 277 -25.90 4.46 8.24
N TRP B 278 -26.45 4.34 7.03
CA TRP B 278 -26.28 5.34 5.98
C TRP B 278 -27.63 5.75 5.43
N PHE B 279 -27.73 7.00 5.01
CA PHE B 279 -28.99 7.60 4.59
C PHE B 279 -29.40 7.02 3.25
N LYS B 280 -30.53 6.30 3.23
CA LYS B 280 -30.97 5.54 2.06
C LYS B 280 -29.83 4.69 1.51
N GLY B 281 -29.13 4.00 2.42
CA GLY B 281 -28.06 3.12 2.02
C GLY B 281 -27.40 2.52 3.22
N ILE B 282 -26.27 1.87 2.99
CA ILE B 282 -25.46 1.27 4.05
C ILE B 282 -24.01 1.26 3.60
N THR B 283 -23.10 1.36 4.56
CA THR B 283 -21.68 1.18 4.34
C THR B 283 -21.17 0.06 5.25
N LEU B 284 -20.34 -0.81 4.69
CA LEU B 284 -19.96 -2.05 5.35
C LEU B 284 -18.48 -2.05 5.69
N HIS B 285 -18.08 -3.05 6.46
CA HIS B 285 -16.68 -3.26 6.85
C HIS B 285 -16.41 -4.75 6.76
N LEU B 286 -15.95 -5.20 5.59
CA LEU B 286 -15.66 -6.61 5.36
C LEU B 286 -14.21 -6.89 5.71
N THR B 287 -13.98 -8.02 6.36
CA THR B 287 -12.64 -8.46 6.75
C THR B 287 -12.46 -9.91 6.33
N ALA B 288 -11.32 -10.22 5.71
CA ALA B 288 -11.04 -11.57 5.27
C ALA B 288 -9.53 -11.76 5.15
N THR B 289 -9.10 -13.02 5.21
CA THR B 289 -7.72 -13.41 5.00
C THR B 289 -7.54 -14.21 3.72
N ARG B 290 -8.59 -14.37 2.93
CA ARG B 290 -8.56 -15.21 1.75
C ARG B 290 -9.66 -14.74 0.81
N PRO B 291 -9.54 -15.00 -0.49
CA PRO B 291 -10.63 -14.64 -1.42
C PRO B 291 -11.94 -15.25 -0.97
N THR B 292 -13.00 -14.44 -0.98
CA THR B 292 -14.32 -14.86 -0.54
C THR B 292 -15.37 -14.20 -1.43
N LEU B 293 -16.43 -14.95 -1.68
CA LEU B 293 -17.52 -14.48 -2.54
C LEU B 293 -18.54 -13.72 -1.71
N LEU B 294 -19.00 -12.60 -2.26
CA LEU B 294 -20.07 -11.81 -1.65
C LEU B 294 -21.04 -11.41 -2.75
N THR B 295 -22.28 -11.16 -2.37
CA THR B 295 -23.29 -10.75 -3.34
C THR B 295 -24.50 -10.21 -2.60
N THR B 296 -25.39 -9.58 -3.35
CA THR B 296 -26.65 -9.11 -2.83
C THR B 296 -27.60 -8.83 -3.99
N ARG B 297 -28.89 -8.75 -3.66
CA ARG B 297 -29.94 -8.52 -4.65
C ARG B 297 -31.10 -7.80 -3.97
N LYS B 298 -31.75 -6.92 -4.72
CA LYS B 298 -32.90 -6.23 -4.21
C LYS B 298 -34.04 -7.21 -3.95
N LEU B 299 -35.08 -6.73 -3.27
CA LEU B 299 -36.24 -7.54 -2.93
C LEU B 299 -37.51 -7.05 -3.62
N GLY B 300 -37.37 -6.27 -4.70
CA GLY B 300 -38.51 -5.76 -5.43
C GLY B 300 -38.48 -6.13 -6.89
N LEU B 301 -39.06 -5.28 -7.74
CA LEU B 301 -39.08 -5.55 -9.18
C LEU B 301 -37.67 -5.69 -9.73
N ARG B 302 -36.88 -4.63 -9.64
CA ARG B 302 -35.53 -4.62 -10.20
C ARG B 302 -34.61 -5.36 -9.26
N ALA B 303 -34.09 -6.50 -9.70
CA ALA B 303 -33.23 -7.31 -8.85
C ALA B 303 -31.97 -6.53 -8.45
N ASP B 304 -31.36 -5.84 -9.41
CA ASP B 304 -30.13 -5.09 -9.17
C ASP B 304 -29.11 -6.00 -8.48
N ALA B 305 -28.98 -7.21 -9.01
CA ALA B 305 -28.08 -8.19 -8.43
C ALA B 305 -26.63 -7.76 -8.61
N THR B 306 -25.80 -8.10 -7.63
CA THR B 306 -24.38 -7.79 -7.70
C THR B 306 -23.61 -8.85 -6.94
N ALA B 307 -22.37 -9.09 -7.39
CA ALA B 307 -21.49 -10.06 -6.79
C ALA B 307 -20.06 -9.59 -6.93
N GLU B 308 -19.19 -10.11 -6.07
CA GLU B 308 -17.80 -9.66 -6.02
C GLU B 308 -16.97 -10.68 -5.25
N TRP B 309 -15.66 -10.61 -5.46
CA TRP B 309 -14.69 -11.39 -4.71
C TRP B 309 -13.83 -10.43 -3.89
N ILE B 310 -13.68 -10.73 -2.60
CA ILE B 310 -12.94 -9.88 -1.67
C ILE B 310 -11.75 -10.66 -1.13
N THR B 311 -10.57 -10.06 -1.21
CA THR B 311 -9.34 -10.73 -0.78
C THR B 311 -9.05 -10.46 0.70
N GLY B 312 -8.88 -9.20 1.07
CA GLY B 312 -8.55 -8.84 2.44
C GLY B 312 -9.71 -8.19 3.16
N THR B 313 -9.55 -6.92 3.52
CA THR B 313 -10.59 -6.17 4.20
C THR B 313 -10.74 -4.80 3.56
N THR B 314 -11.97 -4.32 3.51
CA THR B 314 -12.29 -3.03 2.90
C THR B 314 -13.71 -2.66 3.30
N SER B 315 -14.25 -1.62 2.67
CA SER B 315 -15.61 -1.18 2.89
C SER B 315 -16.32 -0.96 1.56
N ARG B 316 -17.64 -1.11 1.58
CA ARG B 316 -18.45 -0.96 0.39
C ARG B 316 -19.74 -0.22 0.74
N ASN B 317 -20.19 0.63 -0.17
CA ASN B 317 -21.42 1.40 0.00
C ASN B 317 -22.48 0.85 -0.95
N PHE B 318 -23.58 0.35 -0.38
CA PHE B 318 -24.69 -0.18 -1.15
C PHE B 318 -25.93 0.64 -0.86
N SER B 319 -26.56 1.17 -1.89
CA SER B 319 -27.80 1.91 -1.72
C SER B 319 -28.96 0.94 -1.51
N VAL B 320 -29.88 1.31 -0.62
CA VAL B 320 -31.04 0.49 -0.28
C VAL B 320 -32.30 1.30 -0.55
N GLY B 321 -33.25 0.68 -1.25
CA GLY B 321 -34.52 1.33 -1.50
C GLY B 321 -35.50 1.13 -0.35
N ARG B 322 -36.63 1.83 -0.45
CA ARG B 322 -37.67 1.70 0.56
C ARG B 322 -38.20 0.28 0.61
N GLU B 323 -38.26 -0.40 -0.53
CA GLU B 323 -38.85 -1.74 -0.58
C GLU B 323 -38.10 -2.71 0.34
N GLY B 324 -36.83 -2.94 0.06
CA GLY B 324 -36.03 -3.87 0.82
C GLY B 324 -34.89 -4.41 -0.01
N LEU B 325 -33.86 -4.91 0.70
CA LEU B 325 -32.64 -5.39 0.07
C LEU B 325 -32.18 -6.67 0.72
N GLU B 326 -31.64 -7.59 -0.08
CA GLU B 326 -31.00 -8.80 0.42
C GLU B 326 -29.51 -8.56 0.60
N TYR B 327 -28.88 -9.41 1.42
CA TYR B 327 -27.49 -9.23 1.77
C TYR B 327 -26.87 -10.59 2.08
N VAL B 328 -25.77 -10.92 1.40
CA VAL B 328 -25.11 -12.21 1.53
C VAL B 328 -23.65 -11.99 1.87
N TRP B 329 -23.06 -12.95 2.57
CA TRP B 329 -21.64 -12.93 2.90
C TRP B 329 -21.29 -14.26 3.53
N GLY B 330 -20.01 -14.65 3.41
CA GLY B 330 -19.55 -15.87 4.03
C GLY B 330 -20.26 -17.08 3.45
N ASN B 331 -20.62 -18.00 4.35
CA ASN B 331 -21.34 -19.22 3.98
C ASN B 331 -22.50 -19.47 4.94
N HIS B 332 -23.05 -18.42 5.51
CA HIS B 332 -24.16 -18.52 6.45
C HIS B 332 -25.40 -17.90 5.83
N GLU B 333 -26.54 -18.15 6.47
CA GLU B 333 -27.80 -17.66 5.96
C GLU B 333 -27.75 -16.13 5.86
N PRO B 334 -28.34 -15.54 4.82
CA PRO B 334 -28.26 -14.09 4.64
C PRO B 334 -29.24 -13.37 5.56
N VAL B 335 -29.18 -12.05 5.54
CA VAL B 335 -30.05 -11.19 6.33
C VAL B 335 -30.58 -10.10 5.42
N ARG B 336 -31.89 -9.83 5.53
CA ARG B 336 -32.56 -8.83 4.71
C ARG B 336 -32.63 -7.52 5.49
N VAL B 337 -32.25 -6.42 4.84
CA VAL B 337 -32.22 -5.10 5.45
C VAL B 337 -32.92 -4.12 4.52
N TRP B 338 -33.87 -3.38 5.07
CA TRP B 338 -34.65 -2.38 4.35
C TRP B 338 -34.35 -1.00 4.97
N ALA B 339 -35.11 0.01 4.56
CA ALA B 339 -34.85 1.36 5.05
C ALA B 339 -36.14 2.17 5.02
N GLN B 340 -36.12 3.28 5.73
CA GLN B 340 -37.23 4.24 5.78
C GLN B 340 -36.64 5.65 5.74
N GLU B 341 -37.46 6.65 6.03
CA GLU B 341 -37.09 8.05 5.92
C GLU B 341 -36.93 8.68 7.30
N SER B 342 -35.95 9.59 7.40
CA SER B 342 -35.68 10.26 8.66
C SER B 342 -35.37 11.74 8.50
N ALA B 343 -35.53 12.32 7.31
CA ALA B 343 -35.21 13.72 7.11
C ALA B 343 -36.19 14.60 7.89
N PRO B 344 -35.76 15.81 8.29
CA PRO B 344 -36.58 16.69 9.14
C PRO B 344 -37.62 17.51 8.38
N GLY B 345 -38.76 16.87 8.10
CA GLY B 345 -39.81 17.53 7.35
C GLY B 345 -40.81 18.32 8.17
N ASP B 346 -41.49 17.66 9.10
CA ASP B 346 -42.65 18.28 9.73
C ASP B 346 -42.23 19.51 10.53
N PRO B 347 -42.99 20.61 10.46
CA PRO B 347 -42.67 21.79 11.28
C PRO B 347 -43.25 21.68 12.68
N HIS B 348 -43.10 22.75 13.46
CA HIS B 348 -43.61 22.81 14.84
C HIS B 348 -44.38 24.11 15.05
N GLY B 349 -45.21 24.48 14.08
CA GLY B 349 -46.01 25.68 14.18
C GLY B 349 -45.29 26.97 13.83
N TRP B 350 -44.00 26.91 13.51
CA TRP B 350 -43.22 28.09 13.15
C TRP B 350 -42.73 27.95 11.72
N PRO B 351 -42.19 29.01 11.11
CA PRO B 351 -41.59 28.87 9.79
C PRO B 351 -40.46 27.83 9.82
N HIS B 352 -40.40 27.02 8.78
CA HIS B 352 -39.44 25.92 8.74
C HIS B 352 -39.07 25.63 7.29
N GLU B 353 -37.93 24.97 7.12
CA GLU B 353 -37.47 24.52 5.81
C GLU B 353 -37.89 23.07 5.57
N ILE B 354 -39.21 22.86 5.57
CA ILE B 354 -39.75 21.51 5.40
C ILE B 354 -39.33 20.93 4.07
N ILE B 355 -39.28 21.77 3.04
CA ILE B 355 -39.05 21.31 1.66
C ILE B 355 -37.89 20.33 1.60
N ILE B 356 -36.84 20.56 2.40
CA ILE B 356 -35.64 19.74 2.30
C ILE B 356 -35.98 18.27 2.49
N HIS B 357 -36.79 17.95 3.49
CA HIS B 357 -37.21 16.56 3.69
C HIS B 357 -37.90 16.04 2.43
N TYR B 358 -38.86 16.80 1.91
CA TYR B 358 -39.54 16.39 0.70
C TYR B 358 -38.60 16.35 -0.49
N TYR B 359 -37.47 17.07 -0.42
CA TYR B 359 -36.46 16.95 -1.46
C TYR B 359 -35.64 15.67 -1.27
N HIS B 360 -35.40 15.27 -0.02
CA HIS B 360 -34.64 14.05 0.23
C HIS B 360 -35.38 12.82 -0.27
N ARG B 361 -36.71 12.86 -0.25
CA ARG B 361 -37.55 11.76 -0.73
C ARG B 361 -38.25 12.19 -2.00
N HIS B 362 -38.11 11.39 -3.05
CA HIS B 362 -38.77 11.70 -4.31
C HIS B 362 -38.35 13.07 -4.80
N PRO B 363 -37.12 13.24 -5.29
CA PRO B 363 -36.73 14.52 -5.89
C PRO B 363 -37.67 14.92 -7.02
N VAL B 364 -38.42 13.95 -7.53
CA VAL B 364 -39.53 14.19 -8.43
C VAL B 364 -40.79 14.40 -7.59
N TYR B 365 -41.73 15.16 -8.14
CA TYR B 365 -43.01 15.44 -7.47
C TYR B 365 -42.84 16.43 -6.33
N THR B 366 -41.61 16.84 -6.03
CA THR B 366 -41.33 17.79 -4.96
C THR B 366 -41.02 19.18 -5.48
N VAL B 367 -40.33 19.30 -6.61
CA VAL B 367 -40.12 20.59 -7.25
C VAL B 367 -41.24 20.91 -8.24
N ILE B 368 -41.98 19.90 -8.71
CA ILE B 368 -43.09 20.15 -9.61
C ILE B 368 -44.16 20.98 -8.92
N VAL B 369 -44.39 20.73 -7.63
CA VAL B 369 -45.35 21.53 -6.89
C VAL B 369 -44.89 22.98 -6.82
N LEU B 370 -43.60 23.22 -6.60
CA LEU B 370 -43.08 24.58 -6.58
C LEU B 370 -43.25 25.25 -7.95
N CYS B 371 -42.97 24.52 -9.02
CA CYS B 371 -43.16 25.08 -10.36
C CYS B 371 -44.62 25.43 -10.61
N GLY B 372 -45.54 24.55 -10.20
CA GLY B 372 -46.95 24.85 -10.36
C GLY B 372 -47.39 26.04 -9.53
N VAL B 373 -46.85 26.18 -8.32
CA VAL B 373 -47.17 27.33 -7.48
C VAL B 373 -46.71 28.61 -8.16
N ALA B 374 -45.48 28.61 -8.68
CA ALA B 374 -44.97 29.79 -9.38
C ALA B 374 -45.81 30.09 -10.61
N LEU B 375 -46.21 29.06 -11.36
CA LEU B 375 -47.05 29.27 -12.54
C LEU B 375 -48.38 29.91 -12.15
N ALA B 376 -49.01 29.40 -11.09
CA ALA B 376 -50.28 29.97 -10.65
C ALA B 376 -50.10 31.42 -10.20
N ILE B 377 -49.03 31.69 -9.46
CA ILE B 377 -48.79 33.06 -9.01
C ILE B 377 -48.65 33.99 -10.20
N LEU B 378 -47.82 33.59 -11.18
CA LEU B 378 -47.61 34.45 -12.34
C LEU B 378 -48.89 34.63 -13.14
N VAL B 379 -49.66 33.56 -13.34
CA VAL B 379 -50.89 33.66 -14.10
C VAL B 379 -51.86 34.62 -13.43
N GLY B 380 -52.07 34.44 -12.12
CA GLY B 380 -52.97 35.32 -11.40
C GLY B 380 -52.52 36.76 -11.46
N THR B 381 -51.23 37.00 -11.20
CA THR B 381 -50.72 38.37 -11.19
C THR B 381 -50.89 39.02 -12.56
N ALA B 382 -50.49 38.31 -13.63
CA ALA B 382 -50.55 38.90 -14.97
C ALA B 382 -52.00 39.18 -15.37
N SER B 383 -52.90 38.21 -15.15
CA SER B 383 -54.29 38.40 -15.54
C SER B 383 -54.91 39.55 -14.76
N SER B 384 -54.69 39.58 -13.45
CA SER B 384 -55.24 40.66 -12.64
C SER B 384 -54.72 42.01 -13.07
N ALA B 385 -53.41 42.12 -13.31
CA ALA B 385 -52.82 43.39 -13.72
C ALA B 385 -53.39 43.85 -15.06
N ALA B 386 -53.46 42.93 -16.02
CA ALA B 386 -53.97 43.30 -17.34
C ALA B 386 -55.42 43.77 -17.24
N CYS B 387 -56.25 43.03 -16.50
CA CYS B 387 -57.66 43.37 -16.42
C CYS B 387 -57.88 44.68 -15.66
N ILE B 388 -57.18 44.88 -14.55
CA ILE B 388 -57.34 46.13 -13.79
C ILE B 388 -56.87 47.31 -14.63
N ALA B 389 -55.74 47.15 -15.32
CA ALA B 389 -55.23 48.25 -16.13
C ALA B 389 -56.18 48.60 -17.25
N LYS B 390 -56.72 47.58 -17.94
CA LYS B 390 -57.64 47.86 -19.04
C LYS B 390 -58.94 48.48 -18.54
N ALA B 391 -59.47 47.98 -17.42
CA ALA B 391 -60.68 48.57 -16.86
C ALA B 391 -60.46 50.02 -16.47
N ARG B 392 -59.32 50.31 -15.83
CA ARG B 392 -59.00 51.67 -15.44
C ARG B 392 -58.86 52.57 -16.66
N ARG B 393 -58.17 52.08 -17.70
CA ARG B 393 -58.02 52.87 -18.91
C ARG B 393 -59.36 53.15 -19.55
N ASP B 394 -60.26 52.15 -19.59
CA ASP B 394 -61.58 52.36 -20.16
C ASP B 394 -62.38 53.36 -19.35
N CYS B 395 -62.28 53.30 -18.03
CA CYS B 395 -63.04 54.23 -17.19
C CYS B 395 -62.47 55.64 -17.25
N LEU B 396 -61.19 55.77 -17.57
CA LEU B 396 -60.53 57.08 -17.51
C LEU B 396 -60.47 57.76 -18.87
N THR B 397 -60.40 57.00 -19.95
CA THR B 397 -60.10 57.60 -21.26
C THR B 397 -61.25 58.42 -21.81
N PRO B 398 -62.44 57.86 -22.07
CA PRO B 398 -63.52 58.70 -22.57
C PRO B 398 -63.91 59.81 -21.59
N TYR B 399 -63.78 59.54 -20.30
CA TYR B 399 -63.88 60.60 -19.30
C TYR B 399 -62.88 61.71 -19.61
N ALA B 400 -61.70 61.34 -20.13
CA ALA B 400 -60.72 62.32 -20.61
C ALA B 400 -60.42 63.38 -19.56
N LEU B 401 -59.97 62.93 -18.39
CA LEU B 401 -59.71 63.84 -17.29
C LEU B 401 -58.22 64.16 -17.18
N ALA B 402 -57.88 64.99 -16.20
CA ALA B 402 -56.51 65.36 -15.91
C ALA B 402 -56.27 65.26 -14.41
N PRO B 403 -55.05 65.00 -13.96
CA PRO B 403 -54.80 64.90 -12.53
C PRO B 403 -55.02 66.23 -11.81
N ASN B 404 -55.47 66.14 -10.56
CA ASN B 404 -55.69 67.32 -9.72
C ASN B 404 -56.63 68.31 -10.41
N ALA B 405 -57.82 67.83 -10.76
CA ALA B 405 -58.83 68.65 -11.43
C ALA B 405 -60.17 68.47 -10.74
N THR B 406 -61.14 69.29 -11.14
CA THR B 406 -62.48 69.21 -10.56
C THR B 406 -63.26 68.01 -11.10
N VAL B 407 -63.20 67.79 -12.41
CA VAL B 407 -64.00 66.70 -13.00
C VAL B 407 -63.66 65.36 -12.36
N PRO B 408 -62.40 65.04 -12.04
CA PRO B 408 -62.08 63.71 -11.51
C PRO B 408 -62.66 63.43 -10.12
N THR B 409 -63.98 63.58 -9.98
CA THR B 409 -64.63 63.18 -8.73
C THR B 409 -64.52 61.67 -8.53
N ALA B 410 -65.12 60.90 -9.44
CA ALA B 410 -64.95 59.46 -9.43
C ALA B 410 -63.47 59.10 -9.27
N LEU B 411 -62.57 59.88 -9.86
CA LEU B 411 -61.13 59.68 -9.66
C LEU B 411 -60.76 59.79 -8.20
N ALA B 412 -61.30 60.78 -7.48
CA ALA B 412 -61.07 60.86 -6.03
C ALA B 412 -61.26 59.49 -5.40
N VAL B 413 -62.11 58.65 -6.01
CA VAL B 413 -62.23 57.26 -5.55
C VAL B 413 -61.28 56.33 -6.30
N LEU B 414 -61.11 56.52 -7.61
CA LEU B 414 -60.48 55.52 -8.46
C LEU B 414 -59.00 55.33 -8.12
N CYS B 415 -58.25 56.43 -8.05
CA CYS B 415 -56.81 56.35 -7.76
C CYS B 415 -56.56 56.58 -6.27
N PHE C 1 9.95 -17.54 -86.35
CA PHE C 1 9.23 -16.27 -86.28
C PHE C 1 9.54 -15.57 -84.97
N GLU C 2 9.13 -14.31 -84.85
CA GLU C 2 9.37 -13.50 -83.67
C GLU C 2 8.07 -12.90 -83.18
N HIS C 3 7.99 -12.71 -81.86
CA HIS C 3 6.80 -12.15 -81.24
C HIS C 3 7.21 -11.52 -79.92
N ALA C 4 6.31 -10.70 -79.37
CA ALA C 4 6.55 -10.09 -78.07
C ALA C 4 5.22 -9.98 -77.33
N THR C 5 5.31 -9.98 -76.01
CA THR C 5 4.10 -9.92 -75.17
C THR C 5 4.49 -9.70 -73.72
N THR C 6 3.61 -9.05 -72.99
CA THR C 6 3.82 -8.77 -71.56
C THR C 6 2.93 -9.68 -70.73
N VAL C 7 3.49 -10.15 -69.61
CA VAL C 7 2.77 -11.05 -68.71
C VAL C 7 2.91 -10.54 -67.28
N PRO C 8 1.87 -10.63 -66.45
CA PRO C 8 2.04 -10.24 -65.04
C PRO C 8 2.87 -11.25 -64.27
N ASN C 9 3.49 -10.77 -63.20
CA ASN C 9 4.26 -11.63 -62.31
C ASN C 9 3.31 -12.43 -61.44
N VAL C 10 3.32 -13.75 -61.62
CA VAL C 10 2.48 -14.66 -60.84
C VAL C 10 2.89 -16.09 -61.14
N PRO C 11 2.92 -16.99 -60.17
CA PRO C 11 3.34 -18.37 -60.44
C PRO C 11 2.19 -19.29 -60.78
N GLY C 12 2.48 -20.22 -61.69
CA GLY C 12 1.53 -21.27 -62.02
C GLY C 12 0.23 -20.79 -62.60
N ILE C 13 0.27 -19.82 -63.51
CA ILE C 13 -0.92 -19.31 -64.17
C ILE C 13 -0.70 -19.33 -65.68
N PRO C 14 -1.02 -20.42 -66.37
CA PRO C 14 -0.78 -20.46 -67.82
C PRO C 14 -1.51 -19.35 -68.54
N TYR C 15 -0.81 -18.70 -69.46
CA TYR C 15 -1.38 -17.72 -70.36
C TYR C 15 -1.30 -18.25 -71.79
N LYS C 16 -2.39 -18.13 -72.53
CA LYS C 16 -2.50 -18.66 -73.88
C LYS C 16 -2.54 -17.50 -74.87
N ALA C 17 -1.65 -17.53 -75.85
CA ALA C 17 -1.54 -16.48 -76.84
C ALA C 17 -1.45 -17.09 -78.23
N LEU C 18 -1.55 -16.24 -79.24
CA LEU C 18 -1.55 -16.67 -80.63
C LEU C 18 -0.52 -15.88 -81.42
N VAL C 19 0.09 -16.55 -82.39
CA VAL C 19 0.95 -15.91 -83.38
C VAL C 19 0.30 -16.11 -84.74
N GLU C 20 0.02 -15.01 -85.44
CA GLU C 20 -0.75 -15.04 -86.66
C GLU C 20 0.17 -14.84 -87.86
N ARG C 21 0.05 -15.74 -88.85
CA ARG C 21 0.84 -15.65 -90.08
C ARG C 21 -0.03 -16.15 -91.23
N ALA C 22 -0.20 -15.31 -92.24
CA ALA C 22 -0.97 -15.73 -93.41
C ALA C 22 -0.35 -16.96 -94.05
N GLY C 23 -1.19 -17.92 -94.41
CA GLY C 23 -0.72 -19.18 -94.95
C GLY C 23 -0.27 -20.19 -93.91
N TYR C 24 -0.35 -19.85 -92.63
CA TYR C 24 0.03 -20.76 -91.55
C TYR C 24 -0.98 -20.64 -90.42
N ALA C 25 -1.35 -21.78 -89.86
CA ALA C 25 -2.31 -21.77 -88.76
C ALA C 25 -1.71 -21.04 -87.56
N PRO C 26 -2.52 -20.29 -86.81
CA PRO C 26 -1.97 -19.56 -85.66
C PRO C 26 -1.67 -20.47 -84.49
N LEU C 27 -0.39 -20.68 -84.21
CA LEU C 27 0.00 -21.58 -83.14
C LEU C 27 -0.45 -21.05 -81.78
N ASN C 28 -0.81 -21.98 -80.90
CA ASN C 28 -1.19 -21.65 -79.54
C ASN C 28 0.03 -21.75 -78.64
N LEU C 29 0.41 -20.63 -78.02
CA LEU C 29 1.57 -20.56 -77.15
C LEU C 29 1.11 -20.49 -75.70
N GLU C 30 1.63 -21.39 -74.88
CA GLU C 30 1.28 -21.45 -73.46
C GLU C 30 2.51 -21.07 -72.63
N ILE C 31 2.32 -20.09 -71.75
CA ILE C 31 3.40 -19.52 -70.95
C ILE C 31 3.05 -19.70 -69.48
N THR C 32 3.94 -20.31 -68.71
CA THR C 32 3.72 -20.47 -67.28
C THR C 32 4.98 -20.05 -66.52
N VAL C 33 4.78 -19.31 -65.43
CA VAL C 33 5.85 -18.93 -64.53
C VAL C 33 5.94 -20.04 -63.50
N VAL C 34 6.86 -20.98 -63.71
CA VAL C 34 6.99 -22.12 -62.82
C VAL C 34 7.37 -21.65 -61.42
N SER C 35 8.32 -20.74 -61.33
CA SER C 35 8.80 -20.24 -60.04
C SER C 35 9.49 -18.90 -60.25
N SER C 36 9.71 -18.21 -59.15
CA SER C 36 10.44 -16.94 -59.15
C SER C 36 11.61 -17.04 -58.17
N GLU C 37 12.67 -16.30 -58.47
CA GLU C 37 13.87 -16.33 -57.63
C GLU C 37 14.50 -14.94 -57.67
N LEU C 38 14.23 -14.14 -56.64
CA LEU C 38 14.82 -12.82 -56.49
C LEU C 38 16.06 -12.93 -55.61
N THR C 39 17.22 -12.67 -56.19
CA THR C 39 18.49 -12.79 -55.49
C THR C 39 19.22 -11.45 -55.48
N PRO C 40 19.34 -10.77 -54.34
CA PRO C 40 20.07 -9.50 -54.31
C PRO C 40 21.57 -9.75 -54.17
N SER C 41 22.31 -8.64 -54.06
CA SER C 41 23.75 -8.69 -53.84
C SER C 41 24.02 -8.44 -52.36
N THR C 42 24.88 -9.26 -51.78
CA THR C 42 25.08 -9.30 -50.34
C THR C 42 26.53 -8.98 -50.00
N ASN C 43 26.72 -8.40 -48.81
CA ASN C 43 28.03 -8.12 -48.26
C ASN C 43 28.02 -8.43 -46.78
N LYS C 44 29.02 -9.18 -46.32
CA LYS C 44 29.11 -9.53 -44.92
C LYS C 44 29.83 -8.44 -44.15
N GLU C 45 29.26 -8.03 -43.02
CA GLU C 45 29.81 -6.95 -42.21
C GLU C 45 30.50 -7.46 -40.95
N TYR C 46 29.79 -8.23 -40.13
CA TYR C 46 30.40 -8.79 -38.92
C TYR C 46 29.41 -9.74 -38.25
N VAL C 47 29.96 -10.61 -37.42
CA VAL C 47 29.18 -11.61 -36.70
C VAL C 47 29.02 -11.15 -35.26
N THR C 48 28.08 -11.77 -34.56
CA THR C 48 27.86 -11.46 -33.15
C THR C 48 27.13 -12.63 -32.51
N CYS C 49 27.23 -12.70 -31.19
CA CYS C 49 26.61 -13.77 -30.41
C CYS C 49 26.82 -13.46 -28.93
N LYS C 50 26.27 -14.33 -28.09
CA LYS C 50 26.49 -14.20 -26.65
C LYS C 50 27.97 -14.34 -26.34
N PHE C 51 28.45 -13.54 -25.40
CA PHE C 51 29.86 -13.48 -25.06
C PHE C 51 30.11 -14.10 -23.69
N HIS C 52 31.33 -14.59 -23.49
CA HIS C 52 31.79 -15.07 -22.20
C HIS C 52 32.97 -14.21 -21.76
N THR C 53 32.90 -13.73 -20.52
CA THR C 53 33.97 -12.91 -19.96
C THR C 53 35.12 -13.81 -19.51
N VAL C 54 36.25 -13.18 -19.22
CA VAL C 54 37.44 -13.87 -18.73
C VAL C 54 37.89 -13.20 -17.46
N VAL C 55 38.18 -14.00 -16.43
CA VAL C 55 38.69 -13.48 -15.17
C VAL C 55 39.97 -14.22 -14.85
N PRO C 56 41.09 -13.87 -15.51
CA PRO C 56 42.31 -14.65 -15.33
C PRO C 56 42.83 -14.56 -13.90
N SER C 57 43.62 -15.55 -13.52
CA SER C 57 44.28 -15.56 -12.22
C SER C 57 44.96 -14.21 -12.00
N PRO C 58 44.75 -13.57 -10.85
CA PRO C 58 45.26 -12.21 -10.67
C PRO C 58 46.77 -12.17 -10.56
N GLN C 59 47.32 -10.98 -10.81
CA GLN C 59 48.76 -10.74 -10.69
C GLN C 59 49.00 -10.03 -9.36
N VAL C 60 49.43 -10.78 -8.36
CA VAL C 60 49.59 -10.27 -7.01
C VAL C 60 51.08 -10.20 -6.70
N LYS C 61 51.54 -9.01 -6.34
CA LYS C 61 52.92 -8.80 -5.92
C LYS C 61 52.96 -8.71 -4.40
N CYS C 62 53.64 -9.67 -3.78
CA CYS C 62 53.81 -9.74 -2.34
C CYS C 62 54.84 -8.70 -1.91
N CYS C 63 54.37 -7.63 -1.28
CA CYS C 63 55.22 -6.61 -0.70
C CYS C 63 56.11 -5.97 -1.77
N GLY C 64 55.46 -5.42 -2.79
CA GLY C 64 56.15 -4.74 -3.88
C GLY C 64 55.30 -3.71 -4.57
N SER C 65 55.36 -3.68 -5.90
CA SER C 65 54.57 -2.73 -6.70
C SER C 65 54.29 -3.32 -8.06
N LEU C 66 53.30 -2.76 -8.74
CA LEU C 66 52.89 -3.24 -10.05
C LEU C 66 52.37 -2.05 -10.86
N GLU C 67 51.75 -2.34 -12.00
CA GLU C 67 51.23 -1.30 -12.88
C GLU C 67 50.07 -1.86 -13.70
N CYS C 68 49.49 -1.00 -14.53
CA CYS C 68 48.33 -1.33 -15.35
C CYS C 68 48.76 -1.28 -16.81
N LYS C 69 49.10 -2.43 -17.37
CA LYS C 69 49.66 -2.50 -18.72
C LYS C 69 48.56 -2.41 -19.76
N ALA C 70 48.91 -2.70 -21.01
CA ALA C 70 47.99 -2.65 -22.13
C ALA C 70 48.03 -3.97 -22.89
N SER C 71 46.95 -4.26 -23.61
CA SER C 71 46.84 -5.49 -24.38
C SER C 71 45.84 -5.28 -25.51
N SER C 72 45.84 -6.22 -26.46
CA SER C 72 45.01 -6.14 -27.64
C SER C 72 43.68 -6.87 -27.50
N LYS C 73 43.43 -7.50 -26.35
CA LYS C 73 42.17 -8.23 -26.17
C LYS C 73 40.99 -7.27 -26.22
N ALA C 74 39.88 -7.74 -26.80
CA ALA C 74 38.67 -6.92 -26.85
C ALA C 74 38.17 -6.64 -25.45
N ASP C 75 37.80 -5.38 -25.21
CA ASP C 75 37.34 -4.95 -23.89
C ASP C 75 38.39 -5.19 -22.81
N TYR C 76 39.66 -5.23 -23.20
CA TYR C 76 40.71 -5.45 -22.21
C TYR C 76 40.77 -4.27 -21.25
N THR C 77 40.87 -4.59 -19.97
CA THR C 77 40.97 -3.58 -18.94
C THR C 77 41.85 -4.13 -17.82
N CYS C 78 42.55 -3.22 -17.14
CA CYS C 78 43.35 -3.57 -15.98
C CYS C 78 43.14 -2.54 -14.90
N ARG C 79 43.38 -2.95 -13.65
CA ARG C 79 43.32 -2.03 -12.53
C ARG C 79 44.07 -2.62 -11.35
N VAL C 80 44.64 -1.74 -10.53
CA VAL C 80 45.55 -2.13 -9.46
C VAL C 80 45.10 -1.52 -8.15
N PHE C 81 45.46 -2.19 -7.06
CA PHE C 81 45.19 -1.73 -5.71
C PHE C 81 46.37 -2.12 -4.83
N GLY C 82 46.45 -1.49 -3.65
CA GLY C 82 47.52 -1.76 -2.72
C GLY C 82 47.00 -1.99 -1.31
N GLY C 83 47.90 -2.42 -0.44
CA GLY C 83 47.57 -2.65 0.95
C GLY C 83 46.51 -3.72 1.14
N VAL C 84 46.68 -4.86 0.47
CA VAL C 84 45.69 -5.92 0.45
C VAL C 84 46.27 -7.17 1.11
N TYR C 85 45.45 -7.84 1.93
CA TYR C 85 45.82 -9.09 2.60
C TYR C 85 44.93 -10.20 2.08
N PRO C 86 45.29 -10.83 0.96
CA PRO C 86 44.51 -11.99 0.52
C PRO C 86 44.73 -13.20 1.42
N PHE C 87 43.71 -14.05 1.49
CA PHE C 87 43.74 -15.24 2.32
C PHE C 87 43.37 -16.46 1.49
N MET C 88 43.60 -17.63 2.06
CA MET C 88 43.34 -18.89 1.37
C MET C 88 43.34 -20.01 2.41
N TRP C 89 42.94 -21.20 1.97
CA TRP C 89 42.65 -22.27 2.93
C TRP C 89 43.86 -22.59 3.79
N GLY C 90 45.04 -22.66 3.19
CA GLY C 90 46.25 -22.85 3.97
C GLY C 90 46.61 -21.67 4.85
N GLY C 91 45.91 -20.54 4.70
CA GLY C 91 46.12 -19.36 5.50
C GLY C 91 46.28 -18.15 4.62
N ALA C 92 46.93 -17.13 5.17
CA ALA C 92 47.23 -15.90 4.44
C ALA C 92 48.53 -16.09 3.66
N GLN C 93 48.47 -15.87 2.36
CA GLN C 93 49.65 -16.08 1.52
C GLN C 93 50.69 -15.00 1.72
N CYS C 94 50.26 -13.77 2.02
CA CYS C 94 51.17 -12.65 2.13
C CYS C 94 50.43 -11.47 2.72
N PHE C 95 51.09 -10.73 3.59
CA PHE C 95 50.52 -9.49 4.12
C PHE C 95 51.63 -8.46 4.29
N CYS C 96 51.38 -7.27 3.78
CA CYS C 96 52.30 -6.14 3.91
C CYS C 96 51.43 -4.89 3.80
N ASP C 97 51.29 -4.18 4.93
CA ASP C 97 50.27 -3.14 5.09
C ASP C 97 50.15 -2.24 3.86
N SER C 98 51.27 -1.91 3.21
CA SER C 98 51.24 -1.02 2.06
C SER C 98 51.94 -1.66 0.86
N GLU C 99 52.99 -2.43 1.10
CA GLU C 99 53.80 -2.94 0.00
C GLU C 99 53.07 -3.96 -0.85
N ASN C 100 52.12 -4.72 -0.27
CA ASN C 100 51.33 -5.63 -1.08
C ASN C 100 50.59 -4.87 -2.17
N THR C 101 50.52 -5.47 -3.36
CA THR C 101 49.69 -4.90 -4.40
C THR C 101 49.04 -6.02 -5.21
N GLN C 102 47.86 -5.71 -5.73
CA GLN C 102 47.06 -6.63 -6.51
C GLN C 102 46.73 -5.98 -7.85
N LEU C 103 46.82 -6.75 -8.93
CA LEU C 103 46.51 -6.28 -10.27
C LEU C 103 45.56 -7.26 -10.91
N SER C 104 44.42 -6.75 -11.40
CA SER C 104 43.43 -7.57 -12.07
C SER C 104 43.20 -7.05 -13.48
N GLU C 105 42.82 -7.97 -14.37
CA GLU C 105 42.54 -7.64 -15.75
C GLU C 105 41.36 -8.47 -16.22
N ALA C 106 40.69 -7.96 -17.26
CA ALA C 106 39.48 -8.58 -17.77
C ALA C 106 39.34 -8.33 -19.25
N TYR C 107 38.84 -9.34 -19.96
CA TYR C 107 38.50 -9.24 -21.37
C TYR C 107 37.37 -10.22 -21.64
N VAL C 108 37.09 -10.48 -22.92
CA VAL C 108 35.91 -11.23 -23.31
C VAL C 108 36.17 -11.95 -24.62
N GLU C 109 35.44 -13.04 -24.86
CA GLU C 109 35.51 -13.73 -26.14
C GLU C 109 34.17 -14.41 -26.40
N PHE C 110 33.91 -14.71 -27.67
CA PHE C 110 32.68 -15.39 -28.05
C PHE C 110 32.59 -16.73 -27.35
N ALA C 111 31.39 -17.07 -26.87
CA ALA C 111 31.18 -18.30 -26.14
C ALA C 111 31.33 -19.50 -27.07
N PRO C 112 31.69 -20.67 -26.52
CA PRO C 112 31.87 -21.85 -27.39
C PRO C 112 30.63 -22.22 -28.18
N ASP C 113 29.44 -22.08 -27.59
CA ASP C 113 28.21 -22.41 -28.30
C ASP C 113 27.93 -21.43 -29.44
N CYS C 114 28.55 -20.25 -29.42
CA CYS C 114 28.37 -19.26 -30.47
C CYS C 114 28.44 -19.91 -31.85
N THR C 115 29.32 -20.92 -31.98
CA THR C 115 29.54 -21.55 -33.28
C THR C 115 28.24 -21.87 -34.00
N ILE C 116 27.16 -22.09 -33.25
CA ILE C 116 25.86 -22.37 -33.85
C ILE C 116 24.81 -21.34 -33.51
N ASP C 117 24.97 -20.58 -32.42
CA ASP C 117 24.00 -19.57 -32.04
C ASP C 117 24.33 -18.20 -32.62
N HIS C 118 25.35 -18.11 -33.46
CA HIS C 118 25.79 -16.82 -33.97
C HIS C 118 24.79 -16.23 -34.95
N ALA C 119 24.68 -14.91 -34.92
CA ALA C 119 23.94 -14.14 -35.91
C ALA C 119 24.93 -13.27 -36.66
N VAL C 120 24.51 -12.80 -37.83
CA VAL C 120 25.41 -12.07 -38.73
C VAL C 120 24.68 -10.85 -39.25
N ALA C 121 25.40 -9.74 -39.40
CA ALA C 121 24.86 -8.51 -39.96
C ALA C 121 25.23 -8.44 -41.44
N LEU C 122 24.23 -8.21 -42.29
CA LEU C 122 24.41 -8.23 -43.73
C LEU C 122 24.01 -6.89 -44.34
N LYS C 123 24.83 -6.44 -45.29
CA LYS C 123 24.55 -5.28 -46.12
C LYS C 123 24.09 -5.77 -47.48
N VAL C 124 22.86 -5.44 -47.86
CA VAL C 124 22.27 -5.92 -49.10
C VAL C 124 21.97 -4.73 -49.99
N HIS C 125 21.79 -5.03 -51.28
CA HIS C 125 21.63 -3.98 -52.29
C HIS C 125 21.33 -4.65 -53.63
N THR C 126 20.83 -3.84 -54.57
CA THR C 126 20.73 -4.22 -55.98
C THR C 126 20.02 -5.56 -56.14
N ALA C 127 18.73 -5.55 -55.77
CA ALA C 127 17.92 -6.75 -55.93
C ALA C 127 17.91 -7.17 -57.39
N ALA C 128 18.16 -8.46 -57.63
CA ALA C 128 18.16 -9.04 -58.97
C ALA C 128 17.24 -10.25 -58.98
N LEU C 129 16.62 -10.48 -60.14
CA LEU C 129 15.57 -11.50 -60.27
C LEU C 129 16.02 -12.63 -61.18
N LYS C 130 15.60 -13.84 -60.83
CA LYS C 130 15.80 -15.03 -61.64
C LYS C 130 14.46 -15.75 -61.73
N VAL C 131 14.03 -16.09 -62.95
CA VAL C 131 12.69 -16.58 -63.20
C VAL C 131 12.76 -17.86 -64.01
N GLY C 132 11.97 -18.85 -63.59
CA GLY C 132 11.84 -20.11 -64.30
C GLY C 132 10.51 -20.16 -65.03
N LEU C 133 10.57 -20.53 -66.31
CA LEU C 133 9.42 -20.51 -67.20
C LEU C 133 9.26 -21.87 -67.87
N ARG C 134 8.01 -22.24 -68.10
CA ARG C 134 7.68 -23.38 -68.96
C ARG C 134 6.87 -22.84 -70.13
N ILE C 135 7.36 -23.11 -71.35
CA ILE C 135 6.80 -22.55 -72.58
C ILE C 135 6.46 -23.72 -73.50
N VAL C 136 5.22 -23.78 -73.94
CA VAL C 136 4.76 -24.84 -74.84
C VAL C 136 4.26 -24.19 -76.13
N TYR C 137 4.81 -24.62 -77.26
CA TYR C 137 4.38 -24.16 -78.57
C TYR C 137 4.19 -25.37 -79.47
N GLY C 138 2.96 -25.59 -79.92
CA GLY C 138 2.67 -26.71 -80.80
C GLY C 138 3.12 -28.02 -80.20
N ASN C 139 2.61 -28.34 -79.01
CA ASN C 139 3.00 -29.53 -78.25
C ASN C 139 4.53 -29.68 -78.21
N THR C 140 5.23 -28.55 -78.19
CA THR C 140 6.69 -28.51 -78.02
C THR C 140 6.97 -27.78 -76.70
N THR C 141 7.26 -28.55 -75.66
CA THR C 141 7.47 -27.99 -74.35
C THR C 141 8.94 -27.66 -74.13
N ALA C 142 9.20 -26.66 -73.29
CA ALA C 142 10.56 -26.24 -72.97
C ALA C 142 10.57 -25.64 -71.58
N ARG C 143 11.54 -26.07 -70.78
CA ARG C 143 11.75 -25.55 -69.43
C ARG C 143 13.01 -24.69 -69.45
N LEU C 144 12.87 -23.43 -69.05
CA LEU C 144 13.93 -22.46 -69.17
C LEU C 144 14.04 -21.68 -67.87
N ASP C 145 15.20 -21.05 -67.64
CA ASP C 145 15.41 -20.20 -66.49
C ASP C 145 16.34 -19.07 -66.89
N THR C 146 15.98 -17.83 -66.54
CA THR C 146 16.70 -16.67 -67.02
C THR C 146 16.48 -15.48 -66.09
N PHE C 147 17.39 -14.51 -66.18
CA PHE C 147 17.22 -13.26 -65.46
C PHE C 147 16.22 -12.37 -66.20
N VAL C 148 15.63 -11.43 -65.46
CA VAL C 148 14.70 -10.49 -66.07
C VAL C 148 15.43 -9.38 -66.81
N ASN C 149 16.73 -9.24 -66.62
CA ASN C 149 17.47 -8.20 -67.32
C ASN C 149 17.31 -8.37 -68.83
N GLY C 150 17.13 -7.24 -69.52
CA GLY C 150 16.80 -7.29 -70.93
C GLY C 150 17.93 -7.78 -71.81
N VAL C 151 19.12 -7.99 -71.24
CA VAL C 151 20.28 -8.34 -72.06
C VAL C 151 20.39 -9.85 -72.21
N THR C 152 20.26 -10.60 -71.11
CA THR C 152 20.62 -12.01 -71.15
C THR C 152 19.43 -12.87 -71.56
N PRO C 153 19.55 -13.69 -72.60
CA PRO C 153 18.55 -14.73 -72.84
C PRO C 153 18.94 -16.04 -72.17
N GLY C 154 18.02 -16.62 -71.41
CA GLY C 154 18.24 -17.95 -70.87
C GLY C 154 18.30 -18.98 -72.00
N SER C 155 19.08 -20.03 -71.76
CA SER C 155 19.31 -21.05 -72.77
C SER C 155 18.40 -22.26 -72.52
N SER C 156 17.55 -22.56 -73.48
CA SER C 156 16.70 -23.75 -73.44
C SER C 156 16.39 -24.13 -74.89
N ARG C 157 17.01 -25.23 -75.35
CA ARG C 157 16.99 -25.64 -76.74
C ARG C 157 17.80 -24.70 -77.62
N ASP C 158 18.58 -23.80 -77.01
CA ASP C 158 19.29 -22.73 -77.72
C ASP C 158 18.31 -21.74 -78.35
N LEU C 159 17.13 -21.60 -77.72
CA LEU C 159 16.14 -20.60 -78.12
C LEU C 159 16.28 -19.41 -77.19
N LYS C 160 16.79 -18.29 -77.73
CA LYS C 160 17.03 -17.10 -76.93
C LYS C 160 15.73 -16.29 -76.86
N VAL C 161 15.14 -16.27 -75.67
CA VAL C 161 13.95 -15.48 -75.40
C VAL C 161 14.29 -14.46 -74.32
N ILE C 162 14.16 -13.18 -74.65
CA ILE C 162 14.48 -12.10 -73.74
C ILE C 162 13.20 -11.64 -73.05
N ALA C 163 13.37 -11.08 -71.84
CA ALA C 163 12.24 -10.57 -71.10
C ALA C 163 12.72 -9.46 -70.17
N GLY C 164 11.76 -8.67 -69.68
CA GLY C 164 12.06 -7.58 -68.79
C GLY C 164 12.41 -6.30 -69.53
N PRO C 165 12.77 -5.26 -68.77
CA PRO C 165 12.96 -5.22 -67.32
C PRO C 165 11.66 -5.24 -66.53
N ILE C 166 11.77 -5.42 -65.21
CA ILE C 166 10.59 -5.47 -64.35
C ILE C 166 9.81 -4.16 -64.48
N SER C 167 8.48 -4.27 -64.47
CA SER C 167 7.64 -3.08 -64.50
C SER C 167 7.83 -2.21 -63.28
N ALA C 168 7.90 -2.80 -62.09
CA ALA C 168 8.09 -2.06 -60.86
C ALA C 168 8.90 -2.91 -59.89
N ALA C 169 9.95 -2.32 -59.35
CA ALA C 169 10.89 -3.03 -58.47
C ALA C 169 10.31 -3.10 -57.07
N PHE C 170 10.32 -4.30 -56.49
CA PHE C 170 9.84 -4.54 -55.14
C PHE C 170 10.91 -5.32 -54.39
N SER C 171 11.23 -4.88 -53.18
CA SER C 171 12.27 -5.52 -52.39
C SER C 171 11.93 -5.45 -50.90
N PRO C 172 11.47 -6.54 -50.31
CA PRO C 172 11.22 -6.52 -48.86
C PRO C 172 12.49 -6.32 -48.04
N PHE C 173 13.66 -6.56 -48.64
CA PHE C 173 14.91 -6.44 -47.92
C PHE C 173 15.29 -4.97 -47.76
N ASP C 174 15.56 -4.57 -46.52
CA ASP C 174 16.20 -3.29 -46.28
C ASP C 174 17.70 -3.41 -46.53
N HIS C 175 18.34 -2.27 -46.76
CA HIS C 175 19.77 -2.29 -47.08
C HIS C 175 20.57 -3.02 -46.01
N LYS C 176 20.11 -2.96 -44.76
CA LYS C 176 20.73 -3.67 -43.65
C LYS C 176 19.78 -4.74 -43.14
N VAL C 177 20.32 -5.91 -42.81
CA VAL C 177 19.53 -7.03 -42.31
C VAL C 177 20.38 -7.84 -41.35
N VAL C 178 19.75 -8.76 -40.63
CA VAL C 178 20.45 -9.69 -39.74
C VAL C 178 19.94 -11.09 -40.03
N ILE C 179 20.82 -12.08 -39.85
CA ILE C 179 20.48 -13.47 -40.09
C ILE C 179 20.86 -14.29 -38.87
N ARG C 180 20.00 -15.23 -38.51
CA ARG C 180 20.20 -16.05 -37.31
C ARG C 180 19.41 -17.34 -37.46
N LYS C 181 20.11 -18.47 -37.48
CA LYS C 181 19.49 -19.80 -37.38
C LYS C 181 18.43 -20.01 -38.45
N GLY C 182 18.70 -19.54 -39.67
CA GLY C 182 17.77 -19.71 -40.77
C GLY C 182 16.66 -18.68 -40.81
N LEU C 183 16.73 -17.63 -40.00
CA LEU C 183 15.75 -16.57 -39.99
C LEU C 183 16.41 -15.26 -40.39
N VAL C 184 15.63 -14.39 -41.04
CA VAL C 184 16.10 -13.10 -41.51
C VAL C 184 15.25 -12.02 -40.86
N TYR C 185 15.89 -11.10 -40.16
CA TYR C 185 15.21 -10.02 -39.44
C TYR C 185 15.67 -8.68 -40.01
N ASN C 186 14.71 -7.83 -40.35
CA ASN C 186 15.01 -6.50 -40.88
C ASN C 186 15.40 -5.59 -39.72
N TYR C 187 16.64 -5.11 -39.73
CA TYR C 187 17.17 -4.32 -38.62
C TYR C 187 18.25 -3.39 -39.15
N ASP C 188 18.47 -2.31 -38.41
CA ASP C 188 19.49 -1.32 -38.74
C ASP C 188 20.62 -1.48 -37.72
N PHE C 189 21.53 -2.40 -38.00
CA PHE C 189 22.64 -2.64 -37.10
C PHE C 189 23.67 -1.52 -37.20
N PRO C 190 24.45 -1.29 -36.14
CA PRO C 190 25.49 -0.26 -36.20
C PRO C 190 26.66 -0.69 -37.07
N GLU C 191 27.54 0.27 -37.35
CA GLU C 191 28.68 0.03 -38.21
C GLU C 191 29.74 -0.80 -37.49
N TYR C 192 30.56 -1.49 -38.28
CA TYR C 192 31.69 -2.22 -37.74
C TYR C 192 32.58 -1.28 -36.93
N GLY C 193 32.97 -1.73 -35.74
CA GLY C 193 33.73 -0.90 -34.83
C GLY C 193 32.91 0.10 -34.05
N ALA C 194 31.59 0.12 -34.23
CA ALA C 194 30.69 1.00 -33.50
C ALA C 194 29.84 0.14 -32.57
N MET C 195 30.06 0.29 -31.26
CA MET C 195 29.38 -0.51 -30.27
C MET C 195 28.79 0.39 -29.19
N ASN C 196 27.85 -0.16 -28.43
CA ASN C 196 27.23 0.52 -27.32
C ASN C 196 26.90 -0.52 -26.27
N PRO C 197 27.33 -0.35 -25.02
CA PRO C 197 27.00 -1.35 -24.00
C PRO C 197 25.50 -1.53 -23.88
N GLY C 198 25.09 -2.79 -23.72
CA GLY C 198 23.68 -3.10 -23.63
C GLY C 198 22.92 -3.02 -24.93
N ALA C 199 23.62 -2.89 -26.06
CA ALA C 199 22.99 -2.74 -27.36
C ALA C 199 23.38 -3.90 -28.28
N PHE C 200 22.55 -4.10 -29.30
CA PHE C 200 22.83 -5.16 -30.27
C PHE C 200 24.20 -4.97 -30.89
N GLY C 201 24.84 -6.08 -31.24
CA GLY C 201 26.14 -6.05 -31.85
C GLY C 201 27.19 -5.41 -30.96
N ASP C 202 27.19 -5.78 -29.68
CA ASP C 202 28.23 -5.30 -28.78
C ASP C 202 29.57 -5.97 -29.03
N ILE C 203 29.58 -7.12 -29.70
CA ILE C 203 30.79 -7.86 -30.01
C ILE C 203 30.82 -8.13 -31.50
N GLN C 204 31.99 -7.97 -32.12
CA GLN C 204 32.13 -8.08 -33.57
C GLN C 204 33.29 -9.00 -33.91
N ALA C 205 33.22 -9.59 -35.10
CA ALA C 205 34.30 -10.41 -35.62
C ALA C 205 34.09 -10.68 -37.10
N SER C 206 35.13 -10.45 -37.91
CA SER C 206 35.02 -10.69 -39.34
C SER C 206 34.67 -12.14 -39.64
N SER C 207 35.09 -13.06 -38.78
CA SER C 207 34.77 -14.47 -38.91
C SER C 207 34.32 -15.02 -37.56
N LEU C 208 33.59 -16.13 -37.62
CA LEU C 208 33.10 -16.75 -36.39
C LEU C 208 34.25 -17.13 -35.47
N ASP C 209 35.42 -17.44 -36.04
CA ASP C 209 36.59 -17.85 -35.26
C ASP C 209 37.79 -16.92 -35.48
N ALA C 210 37.56 -15.74 -36.05
CA ALA C 210 38.64 -14.80 -36.24
C ALA C 210 39.29 -14.45 -34.90
N THR C 211 40.63 -14.45 -34.89
CA THR C 211 41.34 -14.08 -33.66
C THR C 211 41.05 -12.63 -33.28
N ASP C 212 40.99 -11.74 -34.26
CA ASP C 212 40.68 -10.35 -33.99
C ASP C 212 39.23 -10.20 -33.56
N ILE C 213 39.02 -9.40 -32.51
CA ILE C 213 37.69 -9.16 -31.96
C ILE C 213 37.70 -7.80 -31.28
N VAL C 214 36.55 -7.14 -31.29
CA VAL C 214 36.42 -5.82 -30.68
C VAL C 214 35.02 -5.70 -30.10
N ALA C 215 34.92 -4.99 -28.97
CA ALA C 215 33.65 -4.79 -28.29
C ALA C 215 33.79 -3.63 -27.32
N ARG C 216 32.66 -3.24 -26.72
CA ARG C 216 32.67 -2.24 -25.65
C ARG C 216 31.36 -2.39 -24.89
N THR C 217 31.43 -2.85 -23.63
CA THR C 217 30.23 -3.14 -22.87
C THR C 217 30.34 -2.65 -21.43
N ASP C 218 31.09 -1.57 -21.19
CA ASP C 218 31.13 -0.89 -19.90
C ASP C 218 31.54 -1.86 -18.78
N ILE C 219 32.79 -2.32 -18.88
CA ILE C 219 33.39 -3.18 -17.87
C ILE C 219 34.29 -2.31 -17.02
N ARG C 220 33.86 -2.02 -15.81
CA ARG C 220 34.69 -1.32 -14.81
C ARG C 220 34.93 -2.26 -13.64
N LEU C 221 36.20 -2.43 -13.28
CA LEU C 221 36.56 -3.33 -12.21
C LEU C 221 36.15 -2.76 -10.86
N LEU C 222 36.01 -3.65 -9.88
CA LEU C 222 35.61 -3.30 -8.53
C LEU C 222 36.74 -3.59 -7.55
N LYS C 223 36.77 -2.81 -6.47
CA LYS C 223 37.81 -2.97 -5.46
C LYS C 223 37.71 -4.35 -4.80
N PRO C 224 38.83 -4.94 -4.40
CA PRO C 224 38.76 -6.24 -3.71
C PRO C 224 37.93 -6.18 -2.44
N SER C 225 37.27 -7.29 -2.14
CA SER C 225 36.37 -7.38 -1.00
C SER C 225 37.15 -7.80 0.25
N VAL C 226 36.41 -8.16 1.30
CA VAL C 226 36.99 -8.34 2.63
C VAL C 226 37.70 -9.69 2.69
N LYS C 227 39.03 -9.64 2.77
CA LYS C 227 39.90 -10.71 3.26
C LYS C 227 39.94 -11.94 2.36
N ASN C 228 39.16 -12.00 1.28
CA ASN C 228 39.11 -13.18 0.44
C ASN C 228 39.52 -12.79 -0.98
N ILE C 229 40.55 -13.46 -1.50
CA ILE C 229 41.03 -13.14 -2.83
C ILE C 229 39.97 -13.52 -3.86
N HIS C 230 39.62 -12.57 -4.72
CA HIS C 230 38.70 -12.79 -5.83
C HIS C 230 38.77 -11.55 -6.71
N VAL C 231 37.95 -11.54 -7.76
CA VAL C 231 37.94 -10.45 -8.71
C VAL C 231 36.51 -9.96 -8.92
N PRO C 232 36.02 -9.06 -8.06
CA PRO C 232 34.68 -8.52 -8.27
C PRO C 232 34.66 -7.61 -9.50
N TYR C 233 33.78 -7.93 -10.44
CA TYR C 233 33.71 -7.23 -11.72
C TYR C 233 32.28 -6.76 -11.96
N THR C 234 32.10 -6.02 -13.05
CA THR C 234 30.81 -5.48 -13.41
C THR C 234 30.77 -5.27 -14.91
N GLN C 235 29.60 -5.47 -15.51
CA GLN C 235 29.44 -5.35 -16.95
C GLN C 235 27.97 -5.47 -17.30
N ALA C 236 27.60 -4.87 -18.43
CA ALA C 236 26.21 -4.80 -18.84
C ALA C 236 25.81 -6.06 -19.62
N VAL C 237 24.53 -6.40 -19.53
CA VAL C 237 24.04 -7.62 -20.15
C VAL C 237 24.33 -7.58 -21.65
N SER C 238 24.42 -8.77 -22.25
CA SER C 238 24.65 -8.87 -23.68
C SER C 238 23.49 -8.27 -24.44
N GLY C 239 23.81 -7.47 -25.46
CA GLY C 239 22.77 -7.00 -26.37
C GLY C 239 22.15 -8.10 -27.20
N TYR C 240 22.84 -9.23 -27.34
CA TYR C 240 22.29 -10.35 -28.11
C TYR C 240 21.00 -10.86 -27.47
N GLU C 241 21.04 -11.18 -26.18
CA GLU C 241 19.85 -11.69 -25.51
C GLU C 241 18.74 -10.65 -25.47
N MET C 242 19.10 -9.38 -25.21
CA MET C 242 18.10 -8.32 -25.22
C MET C 242 17.40 -8.24 -26.57
N TRP C 243 18.17 -8.15 -27.64
CA TRP C 243 17.57 -8.09 -28.98
C TRP C 243 16.77 -9.34 -29.27
N LYS C 244 17.20 -10.50 -28.76
CA LYS C 244 16.43 -11.72 -28.94
C LYS C 244 15.06 -11.61 -28.29
N ASN C 245 15.01 -11.08 -27.07
CA ASN C 245 13.73 -10.93 -26.39
C ASN C 245 12.82 -9.93 -27.09
N ASN C 246 13.40 -9.01 -27.87
CA ASN C 246 12.62 -7.97 -28.53
C ASN C 246 13.08 -7.76 -29.97
N SER C 247 13.54 -8.82 -30.63
CA SER C 247 13.99 -8.69 -32.01
C SER C 247 12.87 -8.32 -32.97
N GLY C 248 11.62 -8.50 -32.55
CA GLY C 248 10.49 -8.39 -33.45
C GLY C 248 10.25 -9.67 -34.22
N ARG C 249 9.14 -9.72 -34.92
CA ARG C 249 8.76 -10.93 -35.63
C ARG C 249 9.60 -11.10 -36.89
N PRO C 250 9.77 -12.34 -37.36
CA PRO C 250 10.56 -12.56 -38.57
C PRO C 250 9.94 -11.91 -39.79
N LEU C 251 10.80 -11.53 -40.73
CA LEU C 251 10.33 -11.00 -42.00
C LEU C 251 9.48 -12.02 -42.75
N GLN C 252 9.64 -13.31 -42.45
CA GLN C 252 8.86 -14.34 -43.13
C GLN C 252 7.36 -14.08 -43.02
N GLU C 253 6.92 -13.47 -41.92
CA GLU C 253 5.51 -13.24 -41.66
C GLU C 253 5.10 -11.80 -41.93
N THR C 254 5.94 -11.01 -42.61
CA THR C 254 5.63 -9.62 -42.89
C THR C 254 5.89 -9.20 -44.32
N ALA C 255 6.58 -10.00 -45.12
CA ALA C 255 6.88 -9.59 -46.49
C ALA C 255 5.60 -9.53 -47.31
N PRO C 256 5.48 -8.58 -48.23
CA PRO C 256 4.31 -8.53 -49.10
C PRO C 256 4.42 -9.57 -50.22
N PHE C 257 3.28 -9.82 -50.86
CA PHE C 257 3.20 -10.68 -52.03
C PHE C 257 3.55 -12.13 -51.72
N GLY C 258 3.50 -12.51 -50.46
CA GLY C 258 3.74 -13.90 -50.09
C GLY C 258 5.12 -14.41 -50.44
N CYS C 259 6.15 -13.61 -50.18
CA CYS C 259 7.51 -14.05 -50.46
C CYS C 259 7.84 -15.28 -49.61
N LYS C 260 8.60 -16.21 -50.21
CA LYS C 260 9.17 -17.34 -49.49
C LYS C 260 10.68 -17.13 -49.50
N ILE C 261 11.27 -16.88 -48.32
CA ILE C 261 12.63 -16.39 -48.22
C ILE C 261 13.52 -17.45 -47.60
N GLU C 262 14.70 -17.65 -48.20
CA GLU C 262 15.68 -18.59 -47.69
C GLU C 262 17.02 -17.89 -47.50
N VAL C 263 17.85 -18.47 -46.64
CA VAL C 263 19.00 -17.76 -46.08
C VAL C 263 20.27 -18.04 -46.85
N GLU C 264 20.62 -19.30 -47.10
CA GLU C 264 21.92 -19.58 -47.69
C GLU C 264 22.12 -18.88 -49.03
N PRO C 265 21.08 -18.57 -49.83
CA PRO C 265 21.28 -17.65 -50.95
C PRO C 265 20.85 -16.23 -50.59
N LEU C 266 20.23 -16.09 -49.43
CA LEU C 266 19.55 -14.86 -49.01
C LEU C 266 18.68 -14.34 -50.16
N ARG C 267 17.69 -15.16 -50.52
CA ARG C 267 16.86 -14.89 -51.68
C ARG C 267 15.39 -15.06 -51.33
N ALA C 268 14.55 -14.53 -52.21
CA ALA C 268 13.11 -14.69 -52.15
C ALA C 268 12.64 -15.54 -53.33
N THR C 269 11.46 -16.14 -53.17
CA THR C 269 10.98 -17.12 -54.13
C THR C 269 9.46 -17.14 -54.10
N ASN C 270 8.87 -17.37 -55.28
CA ASN C 270 7.42 -17.43 -55.44
C ASN C 270 6.73 -16.17 -54.91
N CYS C 271 7.40 -15.02 -55.04
CA CYS C 271 6.85 -13.75 -54.62
C CYS C 271 6.52 -12.96 -55.88
N ALA C 272 5.25 -12.60 -56.04
CA ALA C 272 4.73 -12.13 -57.33
C ALA C 272 4.24 -10.69 -57.22
N TYR C 273 4.66 -9.87 -58.17
CA TYR C 273 4.16 -8.50 -58.31
C TYR C 273 4.70 -7.92 -59.61
N GLY C 274 3.89 -7.12 -60.27
CA GLY C 274 4.32 -6.41 -61.46
C GLY C 274 4.11 -7.19 -62.73
N HIS C 275 4.67 -6.64 -63.81
CA HIS C 275 4.57 -7.22 -65.14
C HIS C 275 5.94 -7.22 -65.81
N ILE C 276 6.09 -8.12 -66.78
CA ILE C 276 7.36 -8.32 -67.47
C ILE C 276 7.09 -8.40 -68.97
N PRO C 277 7.78 -7.62 -69.80
CA PRO C 277 7.73 -7.88 -71.24
C PRO C 277 8.64 -9.04 -71.61
N ILE C 278 8.33 -9.68 -72.74
CA ILE C 278 9.04 -10.86 -73.20
C ILE C 278 9.12 -10.82 -74.71
N SER C 279 10.28 -11.20 -75.25
CA SER C 279 10.50 -11.38 -76.67
C SER C 279 10.78 -12.86 -76.92
N ILE C 280 10.12 -13.42 -77.93
CA ILE C 280 10.13 -14.85 -78.18
C ILE C 280 10.46 -15.09 -79.65
N ASP C 281 11.52 -15.83 -79.91
CA ASP C 281 11.87 -16.28 -81.25
C ASP C 281 11.42 -17.73 -81.42
N ILE C 282 10.93 -18.06 -82.61
CA ILE C 282 10.36 -19.38 -82.86
C ILE C 282 10.86 -19.91 -84.19
N PRO C 283 11.30 -21.17 -84.26
CA PRO C 283 11.62 -21.76 -85.57
C PRO C 283 10.39 -21.84 -86.45
N ASP C 284 10.59 -21.61 -87.74
CA ASP C 284 9.48 -21.73 -88.69
C ASP C 284 9.07 -23.18 -88.90
N ALA C 285 9.92 -24.14 -88.53
CA ALA C 285 9.55 -25.54 -88.64
C ALA C 285 8.35 -25.86 -87.77
N ALA C 286 8.31 -25.29 -86.55
CA ALA C 286 7.18 -25.54 -85.67
C ALA C 286 5.87 -25.07 -86.28
N PHE C 287 5.92 -24.08 -87.16
CA PHE C 287 4.71 -23.55 -87.79
C PHE C 287 4.19 -24.52 -88.83
N VAL C 288 2.88 -24.48 -89.06
CA VAL C 288 2.18 -25.39 -89.95
C VAL C 288 1.46 -24.58 -91.01
N ARG C 289 1.61 -24.99 -92.27
CA ARG C 289 0.94 -24.31 -93.37
C ARG C 289 -0.57 -24.43 -93.22
N SER C 290 -1.28 -23.35 -93.54
CA SER C 290 -2.73 -23.31 -93.31
C SER C 290 -3.44 -24.43 -94.05
N SER C 291 -3.13 -24.63 -95.33
CA SER C 291 -3.78 -25.70 -96.10
C SER C 291 -3.66 -27.04 -95.37
N GLU C 292 -2.51 -27.29 -94.75
CA GLU C 292 -2.39 -28.50 -93.94
C GLU C 292 -3.38 -28.47 -92.77
N SER C 293 -3.59 -27.30 -92.19
CA SER C 293 -4.56 -27.18 -91.11
C SER C 293 -5.99 -27.33 -91.66
N PRO C 294 -6.92 -27.83 -90.85
CA PRO C 294 -8.30 -27.96 -91.32
C PRO C 294 -8.98 -26.60 -91.46
N THR C 295 -9.99 -26.56 -92.31
CA THR C 295 -10.82 -25.39 -92.51
C THR C 295 -12.18 -25.61 -91.87
N ILE C 296 -12.83 -24.50 -91.51
CA ILE C 296 -14.09 -24.53 -90.78
C ILE C 296 -15.12 -23.73 -91.55
N LEU C 297 -16.39 -23.96 -91.22
CA LEU C 297 -17.50 -23.37 -91.96
C LEU C 297 -18.67 -23.11 -91.02
N GLU C 298 -19.27 -21.94 -91.14
CA GLU C 298 -20.53 -21.59 -90.50
C GLU C 298 -20.58 -22.09 -89.05
N VAL C 299 -19.65 -21.59 -88.25
CA VAL C 299 -19.55 -21.98 -86.85
C VAL C 299 -20.39 -21.00 -86.02
N SER C 300 -21.11 -21.54 -85.04
CA SER C 300 -21.97 -20.77 -84.17
C SER C 300 -21.51 -20.88 -82.73
N CYS C 301 -21.76 -19.81 -81.96
CA CYS C 301 -21.43 -19.75 -80.55
C CYS C 301 -22.70 -19.87 -79.73
N THR C 302 -22.70 -20.76 -78.74
CA THR C 302 -23.88 -21.01 -77.90
C THR C 302 -23.41 -21.16 -76.46
N VAL C 303 -23.96 -20.34 -75.58
CA VAL C 303 -23.61 -20.37 -74.16
C VAL C 303 -24.60 -21.31 -73.46
N ALA C 304 -24.12 -22.49 -73.08
CA ALA C 304 -24.96 -23.41 -72.32
C ALA C 304 -25.35 -22.80 -70.98
N ASP C 305 -24.39 -22.22 -70.28
CA ASP C 305 -24.61 -21.54 -69.01
C ASP C 305 -23.29 -20.95 -68.56
N CYS C 306 -23.37 -19.97 -67.66
CA CYS C 306 -22.17 -19.34 -67.11
C CYS C 306 -22.55 -18.60 -65.84
N ILE C 307 -21.85 -18.89 -64.75
CA ILE C 307 -21.97 -18.15 -63.50
C ILE C 307 -20.64 -17.46 -63.24
N TYR C 308 -20.68 -16.15 -63.01
CA TYR C 308 -19.46 -15.45 -62.68
C TYR C 308 -18.85 -16.05 -61.44
N SER C 309 -17.56 -16.35 -61.50
CA SER C 309 -16.89 -17.07 -60.43
C SER C 309 -15.39 -16.80 -60.54
N ALA C 310 -14.61 -17.59 -59.79
CA ALA C 310 -13.16 -17.47 -59.80
C ALA C 310 -12.47 -18.55 -60.61
N ASP C 311 -12.93 -19.79 -60.50
CA ASP C 311 -12.37 -20.89 -61.29
C ASP C 311 -12.97 -20.83 -62.69
N PHE C 312 -12.77 -21.89 -63.47
CA PHE C 312 -13.31 -21.97 -64.83
C PHE C 312 -14.80 -22.30 -64.78
N GLY C 313 -15.56 -21.41 -64.15
CA GLY C 313 -16.98 -21.59 -63.97
C GLY C 313 -17.84 -21.22 -65.16
N GLY C 314 -17.24 -20.63 -66.19
CA GLY C 314 -17.97 -20.30 -67.40
C GLY C 314 -17.91 -21.45 -68.39
N SER C 315 -19.06 -21.77 -68.97
CA SER C 315 -19.18 -22.87 -69.92
C SER C 315 -19.77 -22.36 -71.22
N LEU C 316 -19.23 -22.84 -72.34
CA LEU C 316 -19.66 -22.40 -73.66
C LEU C 316 -19.77 -23.61 -74.57
N THR C 317 -20.52 -23.44 -75.66
CA THR C 317 -20.68 -24.51 -76.65
C THR C 317 -20.44 -23.95 -78.04
N LEU C 318 -19.92 -24.81 -78.92
CA LEU C 318 -19.59 -24.41 -80.29
C LEU C 318 -20.04 -25.50 -81.25
N GLN C 319 -20.74 -25.10 -82.31
CA GLN C 319 -21.13 -25.97 -83.41
C GLN C 319 -20.41 -25.53 -84.66
N TYR C 320 -19.71 -26.45 -85.31
CA TYR C 320 -18.83 -26.12 -86.43
C TYR C 320 -19.05 -27.08 -87.59
N LYS C 321 -18.75 -26.59 -88.79
CA LYS C 321 -18.71 -27.40 -90.00
C LYS C 321 -17.31 -27.30 -90.60
N ALA C 322 -16.73 -28.43 -90.96
CA ALA C 322 -15.36 -28.49 -91.45
C ALA C 322 -15.26 -29.39 -92.67
N ASN C 323 -14.27 -29.12 -93.50
CA ASN C 323 -13.96 -29.94 -94.67
C ASN C 323 -12.75 -30.83 -94.45
N ARG C 324 -12.20 -30.85 -93.23
CA ARG C 324 -10.94 -31.54 -92.97
C ARG C 324 -10.93 -32.03 -91.53
N GLU C 325 -10.00 -32.94 -91.25
CA GLU C 325 -9.80 -33.50 -89.92
C GLU C 325 -8.43 -33.09 -89.40
N GLY C 326 -8.28 -33.13 -88.08
CA GLY C 326 -7.05 -32.72 -87.44
C GLY C 326 -7.27 -31.99 -86.13
N HIS C 327 -6.62 -30.85 -85.95
CA HIS C 327 -6.74 -30.07 -84.72
C HIS C 327 -6.62 -28.60 -85.04
N CYS C 328 -7.29 -27.78 -84.22
CA CYS C 328 -7.15 -26.33 -84.25
C CYS C 328 -7.06 -25.81 -82.82
N PRO C 329 -6.29 -24.74 -82.60
CA PRO C 329 -6.33 -24.07 -81.31
C PRO C 329 -7.53 -23.13 -81.21
N VAL C 330 -7.83 -22.74 -79.98
CA VAL C 330 -8.90 -21.78 -79.71
C VAL C 330 -8.33 -20.68 -78.83
N HIS C 331 -8.91 -19.48 -78.96
CA HIS C 331 -8.41 -18.34 -78.21
C HIS C 331 -9.55 -17.38 -77.91
N SER C 332 -9.42 -16.65 -76.81
CA SER C 332 -10.33 -15.57 -76.45
C SER C 332 -9.62 -14.25 -76.77
N HIS C 333 -9.94 -13.68 -77.93
CA HIS C 333 -9.31 -12.43 -78.33
C HIS C 333 -9.63 -11.27 -77.40
N SER C 334 -10.66 -11.41 -76.56
CA SER C 334 -10.99 -10.41 -75.56
C SER C 334 -10.31 -10.78 -74.25
N THR C 335 -9.57 -9.83 -73.68
CA THR C 335 -8.79 -10.11 -72.48
C THR C 335 -9.68 -10.47 -71.30
N THR C 336 -10.88 -9.88 -71.21
CA THR C 336 -11.68 -9.99 -70.00
C THR C 336 -11.93 -11.44 -69.60
N ALA C 337 -11.96 -12.35 -70.57
CA ALA C 337 -12.19 -13.77 -70.29
C ALA C 337 -11.12 -14.60 -70.97
N VAL C 338 -10.81 -15.74 -70.36
CA VAL C 338 -9.77 -16.65 -70.82
C VAL C 338 -10.27 -18.07 -70.75
N LEU C 339 -9.94 -18.86 -71.77
CA LEU C 339 -10.32 -20.26 -71.83
C LEU C 339 -9.52 -21.07 -70.81
N LYS C 340 -9.77 -22.38 -70.80
CA LYS C 340 -9.00 -23.32 -69.99
C LYS C 340 -8.27 -24.37 -70.81
N GLU C 341 -8.72 -24.67 -72.03
CA GLU C 341 -8.10 -25.65 -72.90
C GLU C 341 -7.63 -24.99 -74.18
N ALA C 342 -6.67 -25.62 -74.86
CA ALA C 342 -6.02 -25.05 -76.02
C ALA C 342 -6.63 -25.52 -77.34
N THR C 343 -6.76 -26.83 -77.54
CA THR C 343 -7.28 -27.36 -78.79
C THR C 343 -8.05 -28.65 -78.50
N THR C 344 -8.62 -29.22 -79.55
CA THR C 344 -9.42 -30.44 -79.43
C THR C 344 -9.51 -31.10 -80.80
N HIS C 345 -9.93 -32.37 -80.78
CA HIS C 345 -10.21 -33.07 -82.02
C HIS C 345 -11.30 -32.34 -82.79
N VAL C 346 -11.16 -32.31 -84.11
CA VAL C 346 -12.09 -31.61 -84.97
C VAL C 346 -12.97 -32.64 -85.68
N THR C 347 -13.99 -32.16 -86.38
CA THR C 347 -14.91 -33.03 -87.09
C THR C 347 -15.51 -32.27 -88.25
N ALA C 348 -16.09 -33.00 -89.20
CA ALA C 348 -16.72 -32.38 -90.35
C ALA C 348 -17.87 -31.49 -89.93
N THR C 349 -18.69 -31.93 -88.97
CA THR C 349 -19.82 -31.13 -88.50
C THR C 349 -20.01 -31.21 -87.00
N GLY C 350 -18.99 -31.60 -86.23
CA GLY C 350 -19.14 -31.84 -84.82
C GLY C 350 -19.31 -30.58 -83.99
N SER C 351 -19.55 -30.76 -82.68
CA SER C 351 -19.69 -29.66 -81.75
C SER C 351 -19.00 -30.01 -80.44
N ILE C 352 -18.57 -28.99 -79.71
CA ILE C 352 -17.77 -29.16 -78.51
C ILE C 352 -18.27 -28.22 -77.42
N THR C 353 -17.88 -28.53 -76.18
CA THR C 353 -18.12 -27.68 -75.02
C THR C 353 -16.78 -27.26 -74.43
N LEU C 354 -16.72 -26.02 -73.96
CA LEU C 354 -15.48 -25.40 -73.52
C LEU C 354 -15.67 -24.77 -72.14
N HIS C 355 -14.59 -24.78 -71.36
CA HIS C 355 -14.53 -24.09 -70.07
C HIS C 355 -13.79 -22.77 -70.22
N PHE C 356 -14.04 -21.87 -69.29
CA PHE C 356 -13.36 -20.58 -69.28
C PHE C 356 -13.70 -19.85 -67.98
N SER C 357 -13.07 -18.69 -67.80
CA SER C 357 -13.33 -17.82 -66.67
C SER C 357 -13.24 -16.38 -67.15
N THR C 358 -13.69 -15.45 -66.31
CA THR C 358 -13.77 -14.06 -66.71
C THR C 358 -13.65 -13.17 -65.48
N SER C 359 -13.32 -11.89 -65.73
CA SER C 359 -13.25 -10.88 -64.70
C SER C 359 -14.51 -10.03 -64.63
N SER C 360 -15.48 -10.25 -65.51
CA SER C 360 -16.75 -9.54 -65.50
C SER C 360 -17.89 -10.52 -65.69
N PRO C 361 -19.08 -10.23 -65.17
CA PRO C 361 -20.24 -11.10 -65.42
C PRO C 361 -20.81 -10.95 -66.82
N GLN C 362 -20.38 -9.95 -67.58
CA GLN C 362 -20.89 -9.71 -68.93
C GLN C 362 -20.04 -10.54 -69.90
N ALA C 363 -20.62 -11.63 -70.39
CA ALA C 363 -19.90 -12.54 -71.27
C ALA C 363 -20.03 -12.12 -72.72
N ASN C 364 -19.70 -10.86 -73.02
CA ASN C 364 -19.73 -10.33 -74.37
C ASN C 364 -18.30 -10.19 -74.87
N PHE C 365 -17.96 -10.95 -75.91
CA PHE C 365 -16.60 -10.96 -76.45
C PHE C 365 -16.63 -11.72 -77.77
N ILE C 366 -15.45 -11.92 -78.35
CA ILE C 366 -15.27 -12.71 -79.56
C ILE C 366 -14.23 -13.78 -79.28
N VAL C 367 -14.41 -14.96 -79.88
CA VAL C 367 -13.52 -16.09 -79.67
C VAL C 367 -13.19 -16.71 -81.02
N SER C 368 -11.93 -17.10 -81.18
CA SER C 368 -11.41 -17.60 -82.45
C SER C 368 -11.15 -19.10 -82.37
N LEU C 369 -11.66 -19.82 -83.38
CA LEU C 369 -11.37 -21.22 -83.60
C LEU C 369 -10.72 -21.36 -84.98
N CYS C 370 -9.72 -22.23 -85.08
CA CYS C 370 -8.86 -22.28 -86.27
C CYS C 370 -8.42 -20.84 -86.55
N GLY C 371 -8.59 -20.32 -87.76
CA GLY C 371 -8.33 -18.92 -88.02
C GLY C 371 -9.57 -18.05 -88.00
N LYS C 372 -10.75 -18.66 -88.04
CA LYS C 372 -12.00 -17.90 -88.04
C LYS C 372 -12.39 -17.58 -86.60
N LYS C 373 -13.39 -16.72 -86.43
CA LYS C 373 -13.86 -16.33 -85.11
C LYS C 373 -15.35 -16.06 -85.14
N THR C 374 -15.96 -16.14 -83.96
CA THR C 374 -17.38 -15.89 -83.77
C THR C 374 -17.60 -15.14 -82.47
N THR C 375 -18.67 -14.35 -82.42
CA THR C 375 -19.00 -13.58 -81.24
C THR C 375 -19.75 -14.44 -80.23
N CYS C 376 -19.75 -13.99 -78.98
CA CYS C 376 -20.41 -14.70 -77.89
C CYS C 376 -20.85 -13.67 -76.87
N ASN C 377 -22.16 -13.53 -76.67
CA ASN C 377 -22.70 -12.61 -75.68
C ASN C 377 -23.63 -13.37 -74.75
N ALA C 378 -23.61 -12.99 -73.47
CA ALA C 378 -24.44 -13.61 -72.45
C ALA C 378 -24.26 -12.90 -71.12
N GLU C 379 -25.00 -13.32 -70.10
CA GLU C 379 -24.89 -12.79 -68.75
C GLU C 379 -24.54 -13.90 -67.78
N CYS C 380 -23.56 -13.64 -66.92
CA CYS C 380 -23.15 -14.58 -65.89
C CYS C 380 -23.45 -13.99 -64.52
N LYS C 381 -23.75 -14.86 -63.56
CA LYS C 381 -24.16 -14.44 -62.24
C LYS C 381 -23.03 -14.59 -61.23
N PRO C 382 -23.02 -13.79 -60.16
CA PRO C 382 -22.04 -14.00 -59.10
C PRO C 382 -22.31 -15.31 -58.38
N PRO C 383 -21.30 -15.91 -57.76
CA PRO C 383 -21.49 -17.19 -57.08
C PRO C 383 -21.95 -17.00 -55.63
N ALA C 384 -22.29 -18.12 -55.01
CA ALA C 384 -22.66 -18.11 -53.60
C ALA C 384 -21.41 -18.09 -52.72
N ASP C 385 -20.54 -19.09 -52.87
CA ASP C 385 -19.27 -19.08 -52.16
C ASP C 385 -18.44 -17.88 -52.59
N HIS C 386 -17.82 -17.22 -51.62
CA HIS C 386 -17.08 -15.98 -51.88
C HIS C 386 -15.71 -15.97 -51.22
N ILE C 387 -15.23 -17.12 -50.74
CA ILE C 387 -13.93 -17.20 -50.08
C ILE C 387 -13.18 -18.42 -50.57
N ILE C 388 -12.17 -18.22 -51.42
CA ILE C 388 -11.33 -19.30 -51.92
C ILE C 388 -9.97 -18.74 -52.25
N GLY C 389 -8.93 -19.55 -52.04
CA GLY C 389 -7.56 -19.15 -52.27
C GLY C 389 -6.97 -19.66 -53.56
N GLU C 390 -7.75 -20.44 -54.29
CA GLU C 390 -7.27 -21.02 -55.55
C GLU C 390 -7.10 -19.89 -56.56
N PRO C 391 -6.38 -20.13 -57.67
CA PRO C 391 -6.09 -19.03 -58.59
C PRO C 391 -7.36 -18.29 -59.01
N HIS C 392 -7.26 -16.96 -59.01
CA HIS C 392 -8.41 -16.09 -59.21
C HIS C 392 -7.89 -14.74 -59.69
N LYS C 393 -8.77 -13.98 -60.34
CA LYS C 393 -8.40 -12.70 -60.94
C LYS C 393 -7.26 -12.88 -61.94
N VAL C 394 -7.27 -14.02 -62.65
CA VAL C 394 -6.29 -14.26 -63.69
C VAL C 394 -6.24 -13.09 -64.67
N ASP C 395 -7.34 -12.36 -64.79
CA ASP C 395 -7.38 -11.09 -65.50
C ASP C 395 -7.81 -9.99 -64.54
N GLN C 396 -7.09 -8.87 -64.59
CA GLN C 396 -7.46 -7.72 -63.78
C GLN C 396 -8.72 -7.06 -64.33
N GLU C 397 -9.48 -6.44 -63.45
CA GLU C 397 -10.70 -5.76 -63.86
C GLU C 397 -10.38 -4.53 -64.69
N PHE C 398 -11.23 -4.25 -65.66
CA PHE C 398 -11.10 -3.11 -66.56
C PHE C 398 -12.40 -2.30 -66.57
N GLN C 399 -12.93 -2.04 -65.37
CA GLN C 399 -14.19 -1.31 -65.19
C GLN C 399 -15.27 -1.80 -66.15
N ALA C 400 -15.16 -3.07 -66.55
CA ALA C 400 -16.14 -3.69 -67.45
C ALA C 400 -17.21 -4.46 -66.71
N ALA C 401 -17.16 -4.48 -65.38
CA ALA C 401 -18.24 -5.10 -64.61
C ALA C 401 -19.57 -4.40 -64.84
N VAL C 402 -19.54 -3.16 -65.35
CA VAL C 402 -20.76 -2.43 -65.68
C VAL C 402 -21.62 -3.29 -66.61
N SER C 403 -22.84 -3.59 -66.17
CA SER C 403 -23.72 -4.42 -66.96
C SER C 403 -24.30 -3.62 -68.13
N LYS C 404 -24.75 -4.36 -69.15
CA LYS C 404 -25.37 -3.71 -70.29
C LYS C 404 -26.64 -2.99 -69.90
N THR C 405 -27.36 -3.51 -68.90
CA THR C 405 -28.57 -2.84 -68.41
C THR C 405 -28.23 -1.49 -67.80
N SER C 406 -27.13 -1.42 -67.04
CA SER C 406 -26.71 -0.14 -66.47
C SER C 406 -26.34 0.85 -67.56
N TRP C 407 -25.65 0.39 -68.60
CA TRP C 407 -25.36 1.26 -69.73
C TRP C 407 -26.63 1.74 -70.42
N ASN C 408 -27.62 0.86 -70.54
CA ASN C 408 -28.90 1.25 -71.14
C ASN C 408 -29.57 2.34 -70.31
N TRP C 409 -29.59 2.17 -68.99
CA TRP C 409 -30.19 3.19 -68.14
C TRP C 409 -29.42 4.50 -68.20
N LEU C 410 -28.08 4.44 -68.25
CA LEU C 410 -27.28 5.66 -68.29
C LEU C 410 -27.47 6.41 -69.61
N LEU C 411 -27.50 5.68 -70.73
CA LEU C 411 -27.60 6.33 -72.03
C LEU C 411 -28.89 7.14 -72.14
N ALA C 412 -30.03 6.51 -71.83
CA ALA C 412 -31.30 7.21 -71.88
C ALA C 412 -31.46 8.24 -70.77
N LEU C 413 -30.56 8.26 -69.79
CA LEU C 413 -30.69 9.18 -68.67
C LEU C 413 -30.17 10.57 -69.02
N PHE C 414 -28.90 10.65 -69.43
CA PHE C 414 -28.27 11.94 -69.68
C PHE C 414 -29.12 12.76 -70.65
N GLY C 415 -29.44 13.98 -70.24
CA GLY C 415 -30.33 14.81 -71.02
C GLY C 415 -29.63 15.50 -72.18
N GLY C 416 -30.46 16.07 -73.05
CA GLY C 416 -29.96 16.82 -74.19
C GLY C 416 -30.71 18.13 -74.35
N ALA C 417 -31.12 18.72 -73.23
CA ALA C 417 -31.89 19.96 -73.27
C ALA C 417 -31.12 21.09 -73.94
N SER C 418 -29.79 20.99 -74.01
CA SER C 418 -29.02 22.04 -74.67
C SER C 418 -29.46 22.22 -76.12
N SER C 419 -29.88 21.14 -76.78
CA SER C 419 -30.45 21.27 -78.12
C SER C 419 -31.74 22.08 -78.07
N LEU C 420 -32.60 21.81 -77.08
CA LEU C 420 -33.79 22.63 -76.89
C LEU C 420 -33.40 24.08 -76.62
N ILE C 421 -32.32 24.30 -75.87
CA ILE C 421 -31.87 25.65 -75.58
C ILE C 421 -31.45 26.36 -76.87
N VAL C 422 -30.73 25.66 -77.74
CA VAL C 422 -30.29 26.28 -79.00
C VAL C 422 -31.48 26.57 -79.89
N VAL C 423 -32.45 25.66 -79.94
CA VAL C 423 -33.66 25.90 -80.72
C VAL C 423 -34.41 27.12 -80.17
N GLY C 424 -34.49 27.22 -78.85
CA GLY C 424 -35.12 28.38 -78.24
C GLY C 424 -34.40 29.67 -78.59
N LEU C 425 -33.07 29.63 -78.59
CA LEU C 425 -32.30 30.82 -78.95
C LEU C 425 -32.54 31.21 -80.40
N ILE C 426 -32.60 30.23 -81.30
CA ILE C 426 -32.81 30.53 -82.72
C ILE C 426 -34.20 31.13 -82.93
N VAL C 427 -35.22 30.53 -82.33
CA VAL C 427 -36.56 31.09 -82.46
C VAL C 427 -36.63 32.46 -81.80
N LEU C 428 -35.88 32.66 -80.72
CA LEU C 428 -35.81 33.98 -80.11
C LEU C 428 -35.23 35.01 -81.07
N VAL C 429 -34.18 34.63 -81.79
CA VAL C 429 -33.57 35.55 -82.75
C VAL C 429 -34.57 35.88 -83.85
N CYS C 430 -35.26 34.87 -84.37
CA CYS C 430 -36.22 35.11 -85.44
C CYS C 430 -37.37 36.00 -84.97
N SER C 431 -37.87 35.73 -83.76
CA SER C 431 -38.94 36.56 -83.20
C SER C 431 -38.46 37.97 -82.91
N SER C 432 -37.20 38.13 -82.50
CA SER C 432 -36.65 39.47 -82.30
C SER C 432 -36.61 40.24 -83.61
N MET C 433 -36.20 39.59 -84.69
CA MET C 433 -36.24 40.25 -86.00
C MET C 433 -37.66 40.60 -86.38
N LEU C 434 -38.60 39.68 -86.16
CA LEU C 434 -40.00 39.96 -86.49
C LEU C 434 -40.53 41.15 -85.71
N ILE C 435 -40.18 41.25 -84.43
CA ILE C 435 -40.56 42.40 -83.64
C ILE C 435 -39.90 43.66 -84.18
N ASN C 436 -38.62 43.55 -84.58
CA ASN C 436 -37.94 44.69 -85.19
C ASN C 436 -38.68 45.16 -86.43
N THR C 437 -39.42 44.26 -87.10
CA THR C 437 -40.28 44.70 -88.19
C THR C 437 -41.27 45.76 -87.71
N ARG C 438 -41.89 45.53 -86.56
CA ARG C 438 -42.79 46.50 -85.94
C ARG C 438 -43.99 46.79 -86.83
N ILE D 1 49.31 -29.58 -29.15
CA ILE D 1 48.28 -29.52 -28.12
C ILE D 1 47.70 -30.92 -27.92
N THR D 2 47.18 -31.19 -26.73
CA THR D 2 46.79 -32.53 -26.33
C THR D 2 45.35 -32.54 -25.80
N ASP D 3 44.87 -33.75 -25.49
CA ASP D 3 43.58 -33.93 -24.85
C ASP D 3 43.66 -34.97 -23.73
N ASP D 4 44.85 -35.26 -23.21
CA ASP D 4 45.00 -36.29 -22.18
C ASP D 4 44.43 -35.80 -20.85
N PHE D 5 44.58 -36.63 -19.82
CA PHE D 5 44.04 -36.34 -18.50
C PHE D 5 45.07 -36.47 -17.38
N THR D 6 46.24 -37.06 -17.65
CA THR D 6 47.21 -37.27 -16.58
C THR D 6 47.86 -35.96 -16.15
N LEU D 7 48.11 -35.05 -17.10
CA LEU D 7 48.84 -33.82 -16.80
C LEU D 7 48.03 -32.80 -16.02
N THR D 8 46.73 -33.02 -15.86
CA THR D 8 45.86 -32.08 -15.15
C THR D 8 45.57 -32.59 -13.74
N SER D 9 45.21 -31.65 -12.87
CA SER D 9 44.84 -31.96 -11.49
C SER D 9 43.75 -30.99 -11.05
N PRO D 10 42.88 -31.40 -10.12
CA PRO D 10 41.85 -30.48 -9.62
C PRO D 10 42.43 -29.38 -8.75
N TYR D 11 41.56 -28.53 -8.21
CA TYR D 11 41.99 -27.41 -7.38
C TYR D 11 40.83 -26.99 -6.49
N LEU D 12 41.17 -26.17 -5.50
CA LEU D 12 40.19 -25.66 -4.54
C LEU D 12 39.66 -24.30 -5.00
N GLY D 13 38.42 -24.00 -4.63
CA GLY D 13 37.78 -22.76 -5.03
C GLY D 13 36.92 -22.18 -3.92
N PHE D 14 36.34 -21.02 -4.22
CA PHE D 14 35.52 -20.25 -3.30
C PHE D 14 34.09 -20.22 -3.79
N CYS D 15 33.21 -20.94 -3.11
CA CYS D 15 31.79 -20.93 -3.44
C CYS D 15 31.05 -19.90 -2.60
N PRO D 16 30.24 -19.03 -3.20
CA PRO D 16 29.45 -18.10 -2.41
C PRO D 16 28.51 -18.79 -1.43
N TYR D 17 28.03 -19.97 -1.77
CA TYR D 17 27.18 -20.76 -0.90
C TYR D 17 27.88 -22.06 -0.55
N CYS D 18 27.77 -22.46 0.71
CA CYS D 18 28.29 -23.73 1.21
C CYS D 18 27.17 -24.47 1.92
N ARG D 19 27.49 -25.66 2.43
CA ARG D 19 26.51 -26.44 3.17
C ARG D 19 26.00 -25.67 4.39
N HIS D 20 26.75 -24.69 4.88
CA HIS D 20 26.37 -23.88 6.03
C HIS D 20 25.80 -22.53 5.63
N SER D 21 25.50 -22.33 4.35
CA SER D 21 24.95 -21.06 3.87
C SER D 21 25.89 -19.91 4.18
N ALA D 22 27.19 -20.19 4.20
CA ALA D 22 28.21 -19.20 4.41
C ALA D 22 29.22 -19.35 3.29
N PRO D 23 29.52 -18.29 2.55
CA PRO D 23 30.50 -18.41 1.47
C PRO D 23 31.83 -18.94 2.01
N CYS D 24 32.37 -19.96 1.35
CA CYS D 24 33.53 -20.65 1.90
C CYS D 24 34.23 -21.45 0.80
N PHE D 25 35.33 -22.08 1.20
CA PHE D 25 36.15 -22.85 0.27
C PHE D 25 35.61 -24.26 0.12
N SER D 26 35.50 -24.70 -1.13
CA SER D 26 35.12 -26.07 -1.47
C SER D 26 35.93 -26.51 -2.67
N PRO D 27 36.23 -27.81 -2.78
CA PRO D 27 36.89 -28.32 -3.98
C PRO D 27 35.94 -28.61 -5.13
N ILE D 28 34.66 -28.26 -5.00
CA ILE D 28 33.66 -28.54 -6.03
C ILE D 28 33.22 -27.21 -6.63
N LYS D 29 34.14 -26.24 -6.64
CA LYS D 29 33.81 -24.90 -7.11
C LYS D 29 33.43 -24.93 -8.59
N ILE D 30 32.47 -24.07 -8.96
CA ILE D 30 31.99 -23.95 -10.33
C ILE D 30 32.10 -22.48 -10.73
N GLU D 31 32.07 -22.23 -12.04
CA GLU D 31 32.23 -20.87 -12.55
C GLU D 31 31.16 -20.42 -13.52
N ASN D 32 30.59 -21.30 -14.34
CA ASN D 32 29.51 -20.87 -15.22
C ASN D 32 28.76 -22.09 -15.74
N VAL D 33 27.68 -21.82 -16.50
CA VAL D 33 26.80 -22.85 -17.03
C VAL D 33 26.44 -22.48 -18.46
N TRP D 34 25.90 -23.47 -19.18
CA TRP D 34 25.42 -23.25 -20.54
C TRP D 34 24.18 -24.11 -20.76
N ASP D 35 23.11 -23.50 -21.27
CA ASP D 35 21.82 -24.17 -21.40
C ASP D 35 21.16 -23.86 -22.73
N GLU D 36 21.95 -23.59 -23.78
CA GLU D 36 21.37 -23.25 -25.07
C GLU D 36 20.73 -24.44 -25.77
N SER D 37 21.00 -25.66 -25.31
CA SER D 37 20.43 -26.84 -25.94
C SER D 37 18.91 -26.81 -25.84
N ASP D 38 18.24 -27.15 -26.95
CA ASP D 38 16.79 -27.09 -26.99
C ASP D 38 16.15 -28.11 -26.03
N ASP D 39 16.84 -29.20 -25.74
CA ASP D 39 16.28 -30.23 -24.88
C ASP D 39 16.15 -29.79 -23.43
N GLY D 40 16.73 -28.65 -23.05
CA GLY D 40 16.73 -28.21 -21.68
C GLY D 40 17.88 -28.76 -20.84
N SER D 41 18.76 -29.54 -21.44
CA SER D 41 19.92 -30.06 -20.73
C SER D 41 20.87 -28.91 -20.38
N ILE D 42 21.86 -29.21 -19.54
CA ILE D 42 22.80 -28.21 -19.06
C ILE D 42 24.18 -28.83 -18.98
N ARG D 43 25.18 -28.01 -19.32
CA ARG D 43 26.60 -28.32 -19.18
C ARG D 43 27.15 -27.49 -18.04
N ILE D 44 27.88 -28.14 -17.13
CA ILE D 44 28.33 -27.52 -15.90
C ILE D 44 29.83 -27.77 -15.72
N GLN D 45 30.54 -26.72 -15.37
CA GLN D 45 31.95 -26.75 -15.03
C GLN D 45 32.13 -27.23 -13.58
N VAL D 46 33.39 -27.46 -13.21
CA VAL D 46 33.73 -27.63 -11.80
C VAL D 46 35.24 -27.58 -11.62
N SER D 47 35.69 -27.16 -10.44
CA SER D 47 37.11 -27.21 -10.13
C SER D 47 37.59 -28.66 -10.06
N ALA D 48 36.78 -29.54 -9.50
CA ALA D 48 37.13 -30.95 -9.37
C ALA D 48 37.01 -31.66 -10.72
N GLN D 49 37.20 -32.97 -10.71
CA GLN D 49 37.08 -33.77 -11.91
C GLN D 49 36.55 -35.15 -11.55
N PHE D 50 35.86 -35.76 -12.50
CA PHE D 50 35.36 -37.12 -12.32
C PHE D 50 35.05 -37.70 -13.69
N GLY D 51 34.58 -38.94 -13.70
CA GLY D 51 34.65 -39.76 -14.89
C GLY D 51 36.04 -40.33 -15.14
N TYR D 52 37.01 -39.96 -14.32
CA TYR D 52 38.36 -40.49 -14.37
C TYR D 52 38.76 -40.95 -12.98
N ASN D 53 39.94 -41.54 -12.88
CA ASN D 53 40.52 -41.79 -11.58
C ASN D 53 41.14 -40.51 -11.05
N GLN D 54 41.46 -40.52 -9.75
CA GLN D 54 42.18 -39.42 -9.12
C GLN D 54 43.27 -38.89 -10.03
N ALA D 55 43.23 -37.59 -10.30
CA ALA D 55 44.29 -36.95 -11.07
C ALA D 55 45.61 -37.13 -10.35
N GLY D 56 46.54 -37.86 -10.99
CA GLY D 56 47.82 -38.20 -10.42
C GLY D 56 47.93 -39.66 -10.03
N THR D 57 46.80 -40.33 -9.78
CA THR D 57 46.82 -41.76 -9.54
C THR D 57 47.20 -42.49 -10.82
N ALA D 58 47.79 -43.68 -10.65
CA ALA D 58 48.31 -44.43 -11.79
C ALA D 58 47.30 -44.56 -12.90
N ASP D 59 46.04 -44.82 -12.56
CA ASP D 59 44.99 -44.89 -13.57
C ASP D 59 44.65 -43.49 -14.05
N VAL D 60 44.70 -43.30 -15.38
CA VAL D 60 44.30 -42.02 -15.95
C VAL D 60 42.79 -41.87 -15.91
N THR D 61 42.05 -42.96 -16.15
CA THR D 61 40.60 -42.90 -16.24
C THR D 61 39.97 -44.06 -15.49
N LYS D 62 39.03 -43.72 -14.61
CA LYS D 62 38.19 -44.70 -13.92
C LYS D 62 36.86 -44.00 -13.65
N PHE D 63 35.81 -44.41 -14.37
CA PHE D 63 34.57 -43.68 -14.34
C PHE D 63 33.89 -43.74 -12.97
N ARG D 64 34.33 -44.63 -12.09
CA ARG D 64 33.76 -44.75 -10.75
C ARG D 64 34.42 -43.83 -9.74
N TYR D 65 35.43 -43.05 -10.13
CA TYR D 65 36.17 -42.21 -9.21
C TYR D 65 35.98 -40.74 -9.56
N MET D 66 36.04 -39.90 -8.53
CA MET D 66 35.97 -38.45 -8.66
C MET D 66 37.25 -37.85 -8.09
N SER D 67 37.90 -37.00 -8.87
CA SER D 67 39.16 -36.39 -8.49
C SER D 67 38.90 -35.05 -7.79
N TYR D 68 39.47 -34.90 -6.60
CA TYR D 68 39.31 -33.68 -5.81
C TYR D 68 40.52 -33.55 -4.91
N ASP D 69 40.73 -32.34 -4.38
CA ASP D 69 41.85 -32.09 -3.49
C ASP D 69 41.35 -31.53 -2.17
N HIS D 70 42.04 -31.88 -1.09
CA HIS D 70 41.72 -31.38 0.23
C HIS D 70 42.94 -31.61 1.12
N ASP D 71 42.91 -31.01 2.31
CA ASP D 71 44.02 -31.08 3.25
C ASP D 71 45.28 -30.66 2.49
N HIS D 72 46.22 -31.57 2.22
CA HIS D 72 47.46 -31.24 1.55
C HIS D 72 47.53 -31.76 0.12
N ASP D 73 46.62 -32.63 -0.29
CA ASP D 73 46.83 -33.34 -1.55
C ASP D 73 45.48 -33.79 -2.13
N ILE D 74 45.57 -34.48 -3.26
CA ILE D 74 44.39 -35.01 -3.94
C ILE D 74 43.99 -36.33 -3.31
N LYS D 75 42.70 -36.66 -3.40
CA LYS D 75 42.15 -37.87 -2.80
C LYS D 75 41.19 -38.54 -3.77
N GLU D 76 40.72 -39.72 -3.37
CA GLU D 76 39.79 -40.53 -4.15
C GLU D 76 38.46 -40.65 -3.42
N ASP D 77 37.43 -40.98 -4.20
CA ASP D 77 36.11 -41.33 -3.67
C ASP D 77 35.22 -41.77 -4.82
N SER D 78 34.13 -42.45 -4.47
CA SER D 78 33.18 -42.90 -5.47
C SER D 78 32.33 -41.74 -5.96
N MET D 79 32.21 -41.60 -7.28
CA MET D 79 31.37 -40.56 -7.86
C MET D 79 29.89 -40.81 -7.60
N GLU D 80 29.52 -42.01 -7.17
CA GLU D 80 28.10 -42.33 -6.98
C GLU D 80 27.45 -41.43 -5.94
N LYS D 81 28.22 -40.94 -4.98
CA LYS D 81 27.69 -40.12 -3.90
C LYS D 81 27.37 -38.70 -4.33
N LEU D 82 27.56 -38.36 -5.60
CA LEU D 82 27.32 -37.02 -6.11
C LEU D 82 25.86 -36.84 -6.49
N ALA D 83 25.38 -35.60 -6.38
CA ALA D 83 24.00 -35.28 -6.75
C ALA D 83 23.93 -33.84 -7.23
N ILE D 84 22.93 -33.57 -8.06
CA ILE D 84 22.69 -32.25 -8.62
C ILE D 84 21.22 -31.91 -8.41
N SER D 85 20.92 -30.64 -8.16
CA SER D 85 19.53 -30.23 -8.02
C SER D 85 19.41 -28.73 -8.15
N THR D 86 18.34 -28.29 -8.80
CA THR D 86 17.95 -26.88 -8.84
C THR D 86 16.65 -26.63 -8.11
N SER D 87 15.59 -27.34 -8.50
CA SER D 87 14.36 -27.41 -7.73
C SER D 87 14.03 -28.85 -7.34
N GLY D 88 14.90 -29.80 -7.67
CA GLY D 88 14.68 -31.19 -7.38
C GLY D 88 15.79 -32.03 -7.96
N PRO D 89 15.68 -33.35 -7.87
CA PRO D 89 16.73 -34.22 -8.39
C PRO D 89 16.94 -34.01 -9.88
N CYS D 90 18.19 -34.13 -10.31
CA CYS D 90 18.58 -33.98 -11.70
C CYS D 90 19.13 -35.31 -12.21
N ARG D 91 18.65 -35.74 -13.36
CA ARG D 91 19.11 -37.00 -13.95
C ARG D 91 20.43 -36.78 -14.68
N ARG D 92 21.43 -37.58 -14.33
CA ARG D 92 22.72 -37.50 -15.00
C ARG D 92 22.59 -37.95 -16.45
N LEU D 93 23.34 -37.30 -17.33
CA LEU D 93 23.41 -37.69 -18.73
C LEU D 93 24.80 -38.18 -19.11
N GLY D 94 25.84 -37.44 -18.75
CA GLY D 94 27.19 -37.88 -19.04
C GLY D 94 28.20 -36.98 -18.34
N HIS D 95 29.45 -37.42 -18.36
CA HIS D 95 30.50 -36.71 -17.66
C HIS D 95 31.83 -36.94 -18.37
N LYS D 96 32.66 -35.89 -18.41
CA LYS D 96 33.99 -36.00 -19.00
C LYS D 96 34.75 -34.72 -18.73
N GLY D 97 36.07 -34.85 -18.64
CA GLY D 97 36.88 -33.73 -18.20
C GLY D 97 36.43 -33.25 -16.82
N TYR D 98 36.51 -31.93 -16.61
CA TYR D 98 35.93 -31.33 -15.44
C TYR D 98 34.41 -31.21 -15.53
N PHE D 99 33.83 -31.54 -16.68
CA PHE D 99 32.50 -31.08 -17.05
C PHE D 99 31.46 -32.19 -16.93
N LEU D 100 30.23 -31.77 -16.61
CA LEU D 100 29.11 -32.69 -16.47
C LEU D 100 27.93 -32.20 -17.31
N LEU D 101 27.20 -33.14 -17.90
CA LEU D 101 26.00 -32.86 -18.67
C LEU D 101 24.82 -33.59 -18.05
N ALA D 102 23.75 -32.85 -17.78
CA ALA D 102 22.58 -33.44 -17.15
C ALA D 102 21.37 -32.53 -17.36
N GLN D 103 20.20 -33.10 -17.14
CA GLN D 103 18.93 -32.37 -17.27
C GLN D 103 18.35 -32.10 -15.90
N CYS D 104 17.77 -30.91 -15.74
CA CYS D 104 17.16 -30.48 -14.50
C CYS D 104 15.81 -29.86 -14.81
N PRO D 105 14.91 -29.82 -13.84
CA PRO D 105 13.63 -29.13 -14.04
C PRO D 105 13.81 -27.63 -14.01
N PRO D 106 12.76 -26.86 -14.27
CA PRO D 106 12.87 -25.41 -14.17
C PRO D 106 13.25 -24.97 -12.77
N GLY D 107 14.04 -23.91 -12.69
CA GLY D 107 14.48 -23.41 -11.39
C GLY D 107 15.14 -22.06 -11.54
N ASP D 108 15.44 -21.46 -10.38
CA ASP D 108 16.10 -20.17 -10.32
C ASP D 108 17.54 -20.26 -9.82
N SER D 109 17.97 -21.41 -9.32
CA SER D 109 19.34 -21.59 -8.88
C SER D 109 19.68 -23.07 -8.95
N VAL D 110 20.96 -23.35 -9.17
CA VAL D 110 21.44 -24.73 -9.29
C VAL D 110 22.44 -25.00 -8.17
N THR D 111 22.58 -26.28 -7.83
CA THR D 111 23.47 -26.68 -6.76
C THR D 111 23.96 -28.10 -7.03
N VAL D 112 25.21 -28.35 -6.63
CA VAL D 112 25.81 -29.67 -6.70
C VAL D 112 26.28 -30.05 -5.30
N SER D 113 25.89 -31.24 -4.84
CA SER D 113 26.17 -31.69 -3.50
C SER D 113 26.80 -33.07 -3.54
N ILE D 114 27.47 -33.43 -2.45
CA ILE D 114 28.08 -34.75 -2.32
C ILE D 114 28.35 -35.01 -0.85
N THR D 115 28.13 -36.26 -0.44
CA THR D 115 28.42 -36.69 0.91
C THR D 115 29.74 -37.46 0.93
N SER D 116 30.66 -37.02 1.78
CA SER D 116 31.94 -37.70 1.95
C SER D 116 31.85 -38.90 2.90
N GLY D 117 30.63 -39.35 3.21
CA GLY D 117 30.43 -40.38 4.19
C GLY D 117 30.29 -39.89 5.61
N ALA D 118 30.69 -38.64 5.87
CA ALA D 118 30.55 -38.05 7.19
C ALA D 118 30.04 -36.61 7.18
N SER D 119 30.03 -35.94 6.03
CA SER D 119 29.57 -34.56 5.95
C SER D 119 29.06 -34.28 4.55
N GLU D 120 28.26 -33.23 4.44
CA GLU D 120 27.69 -32.81 3.16
C GLU D 120 28.44 -31.59 2.66
N ASN D 121 29.08 -31.71 1.50
CA ASN D 121 29.79 -30.61 0.86
C ASN D 121 29.08 -30.29 -0.44
N SER D 122 28.71 -29.02 -0.61
CA SER D 122 27.91 -28.63 -1.76
C SER D 122 28.24 -27.18 -2.13
N CYS D 123 27.92 -26.84 -3.37
CA CYS D 123 28.10 -25.50 -3.88
C CYS D 123 26.89 -25.12 -4.72
N THR D 124 26.37 -23.92 -4.50
CA THR D 124 25.20 -23.40 -5.19
C THR D 124 25.58 -22.16 -5.98
N VAL D 125 25.00 -22.02 -7.17
CA VAL D 125 25.16 -20.82 -7.99
C VAL D 125 23.80 -20.42 -8.54
N GLU D 126 23.72 -19.17 -8.99
CA GLU D 126 22.46 -18.56 -9.38
C GLU D 126 22.33 -18.63 -10.90
N LYS D 127 21.17 -19.04 -11.39
CA LYS D 127 20.95 -19.10 -12.83
C LYS D 127 19.45 -19.21 -13.10
N LYS D 128 19.02 -18.52 -14.16
CA LYS D 128 17.63 -18.54 -14.58
C LYS D 128 17.40 -19.75 -15.49
N ILE D 129 16.60 -20.70 -15.04
CA ILE D 129 16.36 -21.94 -15.77
C ILE D 129 14.88 -22.07 -16.06
N ARG D 130 14.53 -22.10 -17.35
CA ARG D 130 13.18 -22.27 -17.83
C ARG D 130 13.13 -23.42 -18.82
N ARG D 131 11.94 -23.68 -19.35
CA ARG D 131 11.69 -24.79 -20.26
C ARG D 131 11.41 -24.19 -21.64
N LYS D 132 12.48 -23.93 -22.38
CA LYS D 132 12.38 -23.36 -23.72
C LYS D 132 12.17 -24.49 -24.73
N PHE D 133 11.16 -24.34 -25.57
CA PHE D 133 10.81 -25.36 -26.56
C PHE D 133 10.76 -24.74 -27.95
N VAL D 134 11.08 -25.56 -28.94
CA VAL D 134 11.17 -25.14 -30.33
C VAL D 134 9.79 -25.27 -30.96
N GLY D 135 9.49 -24.38 -31.89
CA GLY D 135 8.23 -24.43 -32.61
C GLY D 135 7.44 -23.14 -32.50
N ARG D 136 6.14 -23.26 -32.28
CA ARG D 136 5.25 -22.11 -32.21
C ARG D 136 4.30 -22.14 -31.02
N GLU D 137 4.15 -23.28 -30.35
CA GLU D 137 3.47 -23.36 -29.06
C GLU D 137 4.40 -24.04 -28.08
N GLU D 138 4.61 -23.39 -26.93
CA GLU D 138 5.44 -23.97 -25.88
C GLU D 138 4.67 -25.13 -25.26
N TYR D 139 5.03 -26.35 -25.66
CA TYR D 139 4.36 -27.55 -25.18
C TYR D 139 4.81 -27.85 -23.76
N LEU D 140 4.46 -29.02 -23.25
CA LEU D 140 4.84 -29.45 -21.92
C LEU D 140 5.75 -30.68 -21.94
N PHE D 141 5.36 -31.71 -22.68
CA PHE D 141 6.22 -32.85 -22.96
C PHE D 141 5.99 -33.29 -24.40
N PRO D 142 7.04 -33.73 -25.10
CA PRO D 142 6.88 -34.06 -26.51
C PRO D 142 5.84 -35.14 -26.72
N PRO D 143 4.99 -35.01 -27.75
CA PRO D 143 4.01 -36.06 -28.03
C PRO D 143 4.58 -37.17 -28.88
N VAL D 144 3.86 -38.29 -28.90
CA VAL D 144 4.23 -39.40 -29.78
C VAL D 144 4.10 -38.98 -31.23
N HIS D 145 3.05 -38.27 -31.58
CA HIS D 145 2.75 -37.90 -32.95
C HIS D 145 2.97 -36.40 -33.15
N GLY D 146 3.42 -36.05 -34.34
CA GLY D 146 3.67 -34.65 -34.66
C GLY D 146 4.55 -34.55 -35.90
N LYS D 147 5.08 -33.35 -36.09
CA LYS D 147 5.97 -33.06 -37.21
C LYS D 147 7.42 -33.05 -36.75
N LEU D 148 8.30 -33.54 -37.61
CA LEU D 148 9.73 -33.60 -37.33
C LEU D 148 10.41 -32.38 -37.94
N VAL D 149 11.20 -31.68 -37.13
CA VAL D 149 11.82 -30.42 -37.54
C VAL D 149 13.23 -30.34 -36.98
N LYS D 150 14.04 -29.49 -37.61
CA LYS D 150 15.42 -29.31 -37.19
C LYS D 150 15.48 -28.74 -35.78
N CYS D 151 16.53 -29.13 -35.05
CA CYS D 151 16.75 -28.66 -33.69
C CYS D 151 18.22 -28.80 -33.38
N HIS D 152 18.66 -28.15 -32.30
CA HIS D 152 20.05 -28.18 -31.86
C HIS D 152 20.10 -28.56 -30.39
N VAL D 153 20.92 -29.57 -30.07
CA VAL D 153 21.03 -30.05 -28.69
C VAL D 153 22.42 -30.63 -28.47
N TYR D 154 22.78 -30.80 -27.21
CA TYR D 154 24.06 -31.40 -26.86
C TYR D 154 23.99 -32.91 -26.97
N ASP D 155 24.96 -33.49 -27.65
CA ASP D 155 25.01 -34.94 -27.84
C ASP D 155 25.57 -35.60 -26.59
N HIS D 156 24.94 -36.71 -26.19
CA HIS D 156 25.37 -37.43 -25.00
C HIS D 156 26.65 -38.22 -25.21
N LEU D 157 27.28 -38.12 -26.38
CA LEU D 157 28.53 -38.83 -26.63
C LEU D 157 29.68 -38.14 -25.90
N LYS D 158 30.50 -38.94 -25.22
CA LYS D 158 31.64 -38.39 -24.48
C LYS D 158 32.56 -37.61 -25.40
N GLU D 159 32.76 -38.10 -26.62
CA GLU D 159 33.60 -37.41 -27.58
C GLU D 159 32.97 -36.08 -28.00
N THR D 160 33.81 -35.19 -28.52
CA THR D 160 33.39 -33.84 -28.83
C THR D 160 34.26 -33.26 -29.93
N SER D 161 33.79 -32.17 -30.53
CA SER D 161 34.55 -31.46 -31.56
C SER D 161 34.36 -29.95 -31.44
N ALA D 162 34.19 -29.43 -30.23
CA ALA D 162 33.92 -28.01 -30.03
C ALA D 162 34.70 -27.50 -28.84
N GLY D 163 34.94 -26.19 -28.84
CA GLY D 163 35.45 -25.50 -27.67
C GLY D 163 36.96 -25.62 -27.49
N TYR D 164 37.43 -24.95 -26.45
CA TYR D 164 38.85 -24.84 -26.15
C TYR D 164 39.02 -24.24 -24.77
N ILE D 165 40.00 -24.72 -24.01
CA ILE D 165 40.25 -24.23 -22.66
C ILE D 165 41.75 -24.24 -22.41
N THR D 166 42.21 -23.25 -21.65
CA THR D 166 43.62 -23.09 -21.31
C THR D 166 43.99 -23.94 -20.10
N MET D 167 45.28 -24.24 -19.99
CA MET D 167 45.80 -25.03 -18.87
C MET D 167 47.25 -24.63 -18.62
N HIS D 168 47.60 -24.39 -17.37
CA HIS D 168 48.97 -24.05 -17.00
C HIS D 168 49.17 -24.34 -15.53
N ARG D 169 50.43 -24.29 -15.10
CA ARG D 169 50.78 -24.59 -13.73
C ARG D 169 50.28 -23.49 -12.78
N PRO D 170 50.07 -23.83 -11.50
CA PRO D 170 49.50 -22.85 -10.57
C PRO D 170 50.56 -22.02 -9.85
N GLY D 171 50.10 -21.07 -9.03
CA GLY D 171 50.98 -20.32 -8.17
C GLY D 171 51.28 -21.08 -6.89
N PRO D 172 52.05 -20.47 -6.00
CA PRO D 172 52.40 -21.15 -4.74
C PRO D 172 51.19 -21.31 -3.83
N HIS D 173 51.26 -22.33 -2.99
CA HIS D 173 50.26 -22.62 -1.98
C HIS D 173 50.88 -22.37 -0.61
N ALA D 174 50.26 -21.48 0.17
CA ALA D 174 50.77 -21.12 1.48
C ALA D 174 49.96 -21.84 2.54
N TYR D 175 50.64 -22.64 3.38
CA TYR D 175 50.00 -23.41 4.44
C TYR D 175 50.36 -22.78 5.78
N LYS D 176 49.35 -22.48 6.59
CA LYS D 176 49.58 -21.84 7.87
C LYS D 176 50.32 -22.76 8.83
N SER D 177 49.95 -24.04 8.86
CA SER D 177 50.57 -24.98 9.78
C SER D 177 52.08 -25.08 9.58
N TYR D 178 52.58 -24.71 8.41
CA TYR D 178 54.01 -24.79 8.14
C TYR D 178 54.80 -23.75 8.93
N LEU D 179 54.14 -22.76 9.52
CA LEU D 179 54.81 -21.67 10.22
C LEU D 179 54.47 -21.73 11.70
N GLU D 180 55.48 -21.69 12.55
CA GLU D 180 55.31 -21.74 14.00
C GLU D 180 56.18 -20.69 14.66
N GLU D 181 55.64 -20.06 15.70
CA GLU D 181 56.39 -19.17 16.58
C GLU D 181 56.53 -19.76 17.98
N ALA D 182 56.27 -21.06 18.13
CA ALA D 182 56.43 -21.71 19.44
C ALA D 182 57.83 -21.46 19.98
N SER D 183 58.84 -21.69 19.16
CA SER D 183 60.19 -21.28 19.53
C SER D 183 60.29 -19.76 19.55
N GLY D 184 61.20 -19.25 20.37
CA GLY D 184 61.40 -17.82 20.42
C GLY D 184 61.69 -17.22 19.06
N GLU D 185 62.33 -17.98 18.19
CA GLU D 185 62.58 -17.60 16.82
C GLU D 185 61.53 -18.23 15.91
N VAL D 186 61.74 -18.13 14.59
CA VAL D 186 60.82 -18.72 13.62
C VAL D 186 61.07 -20.22 13.58
N TYR D 187 60.00 -21.00 13.73
CA TYR D 187 60.06 -22.44 13.57
C TYR D 187 59.07 -22.85 12.49
N ILE D 188 59.55 -23.65 11.54
CA ILE D 188 58.74 -24.10 10.41
C ILE D 188 58.97 -25.59 10.20
N LYS D 189 58.06 -26.23 9.47
CA LYS D 189 58.24 -27.60 9.05
C LYS D 189 57.83 -27.72 7.59
N PRO D 190 58.53 -28.52 6.79
CA PRO D 190 58.20 -28.63 5.37
C PRO D 190 56.83 -29.27 5.15
N PRO D 191 56.43 -30.30 5.93
CA PRO D 191 57.13 -31.09 6.95
C PRO D 191 57.85 -32.29 6.36
N SER D 192 58.20 -33.27 7.22
CA SER D 192 58.98 -34.42 6.80
C SER D 192 58.51 -34.96 5.45
N GLY D 193 59.47 -35.29 4.59
CA GLY D 193 59.17 -35.79 3.26
C GLY D 193 58.66 -34.73 2.30
N LYS D 194 59.23 -33.52 2.34
CA LYS D 194 58.83 -32.44 1.45
C LYS D 194 60.09 -31.67 1.04
N ASN D 195 59.89 -30.62 0.24
CA ASN D 195 60.96 -29.80 -0.30
C ASN D 195 60.71 -28.29 -0.21
N VAL D 196 60.12 -27.83 0.90
CA VAL D 196 59.44 -26.54 0.96
C VAL D 196 60.39 -25.39 0.66
N THR D 197 59.84 -24.32 0.09
CA THR D 197 60.49 -23.03 -0.02
C THR D 197 59.71 -22.02 0.81
N TYR D 198 60.45 -21.12 1.47
CA TYR D 198 59.83 -20.14 2.34
C TYR D 198 60.49 -18.78 2.12
N GLU D 199 59.73 -17.74 2.44
CA GLU D 199 60.17 -16.37 2.25
C GLU D 199 59.85 -15.56 3.50
N CYS D 200 60.65 -14.50 3.70
CA CYS D 200 60.48 -13.60 4.84
C CYS D 200 60.88 -12.20 4.40
N LYS D 201 60.03 -11.22 4.71
CA LYS D 201 60.24 -9.85 4.27
C LYS D 201 61.03 -9.01 5.26
N CYS D 202 61.32 -9.52 6.45
CA CYS D 202 62.05 -8.74 7.44
C CYS D 202 63.42 -8.35 6.91
N GLY D 203 63.76 -7.07 7.06
CA GLY D 203 65.04 -6.58 6.58
C GLY D 203 65.06 -6.40 5.08
N ASP D 204 64.88 -7.51 4.36
CA ASP D 204 64.85 -7.50 2.90
C ASP D 204 64.20 -8.81 2.44
N TYR D 205 64.26 -9.07 1.14
CA TYR D 205 63.76 -10.34 0.61
C TYR D 205 64.67 -11.46 1.06
N SER D 206 64.18 -12.30 1.97
CA SER D 206 64.90 -13.46 2.46
C SER D 206 64.21 -14.73 1.97
N THR D 207 64.99 -15.66 1.44
CA THR D 207 64.46 -16.91 0.92
C THR D 207 65.21 -18.09 1.54
N GLY D 208 64.50 -19.20 1.65
CA GLY D 208 65.10 -20.41 2.18
C GLY D 208 64.46 -21.68 1.65
N ILE D 209 65.31 -22.58 1.16
CA ILE D 209 64.87 -23.90 0.68
C ILE D 209 65.21 -24.93 1.74
N VAL D 210 64.20 -25.62 2.26
CA VAL D 210 64.37 -26.61 3.32
C VAL D 210 63.55 -27.84 2.97
N SER D 211 64.22 -28.99 2.93
CA SER D 211 63.57 -30.26 2.61
C SER D 211 63.67 -31.17 3.82
N THR D 212 62.52 -31.54 4.39
CA THR D 212 62.46 -32.42 5.54
C THR D 212 63.24 -31.85 6.73
N ARG D 213 63.30 -30.53 6.84
CA ARG D 213 64.06 -29.88 7.90
C ARG D 213 63.31 -28.67 8.42
N THR D 214 63.21 -28.55 9.74
CA THR D 214 62.73 -27.33 10.36
C THR D 214 63.88 -26.33 10.45
N LYS D 215 63.60 -25.08 10.08
CA LYS D 215 64.64 -24.06 10.01
C LYS D 215 64.16 -22.76 10.64
N MET D 216 65.14 -21.93 11.00
CA MET D 216 64.90 -20.67 11.69
C MET D 216 65.49 -19.53 10.87
N ASN D 217 64.98 -18.32 11.13
CA ASN D 217 65.49 -17.11 10.49
C ASN D 217 65.63 -16.02 11.53
N GLY D 218 66.33 -14.95 11.14
CA GLY D 218 66.67 -13.91 12.10
C GLY D 218 65.45 -13.24 12.70
N CYS D 219 64.49 -12.85 11.86
CA CYS D 219 63.30 -12.13 12.31
C CYS D 219 62.38 -13.12 13.02
N THR D 220 62.33 -13.03 14.35
CA THR D 220 61.65 -14.05 15.14
C THR D 220 60.16 -14.14 14.81
N LYS D 221 59.54 -13.00 14.50
CA LYS D 221 58.11 -13.01 14.19
C LYS D 221 57.84 -13.96 13.02
N ALA D 222 57.05 -15.00 13.27
CA ALA D 222 56.74 -15.99 12.24
C ALA D 222 55.60 -15.57 11.34
N LYS D 223 55.01 -14.40 11.57
CA LYS D 223 53.85 -13.98 10.79
C LYS D 223 54.27 -13.51 9.41
N GLN D 224 55.13 -12.48 9.35
CA GLN D 224 55.55 -11.94 8.06
C GLN D 224 56.24 -12.99 7.22
N CYS D 225 56.86 -13.99 7.85
CA CYS D 225 57.46 -15.08 7.09
C CYS D 225 56.38 -15.87 6.36
N ILE D 226 56.76 -16.44 5.22
CA ILE D 226 55.82 -17.12 4.33
C ILE D 226 56.46 -18.42 3.87
N ALA D 227 55.65 -19.48 3.78
CA ALA D 227 56.11 -20.78 3.36
C ALA D 227 55.17 -21.35 2.31
N TYR D 228 55.70 -22.22 1.45
CA TYR D 228 54.94 -22.85 0.38
C TYR D 228 54.97 -24.36 0.54
N LYS D 229 53.82 -25.00 0.36
CA LYS D 229 53.79 -26.43 0.11
C LYS D 229 53.82 -26.70 -1.39
N ARG D 230 54.75 -26.03 -2.08
CA ARG D 230 54.71 -25.98 -3.53
C ARG D 230 55.18 -27.31 -4.10
N ASP D 231 54.52 -27.75 -5.17
CA ASP D 231 54.93 -28.93 -5.91
C ASP D 231 55.21 -28.66 -7.38
N GLN D 232 54.53 -27.70 -7.97
CA GLN D 232 54.72 -27.30 -9.37
C GLN D 232 54.92 -28.52 -10.26
N THR D 233 53.90 -29.38 -10.27
CA THR D 233 53.92 -30.59 -11.07
C THR D 233 52.70 -30.76 -11.96
N LYS D 234 51.59 -30.08 -11.69
CA LYS D 234 50.33 -30.30 -12.39
C LYS D 234 49.85 -29.00 -13.03
N TRP D 235 49.22 -29.14 -14.19
CA TRP D 235 48.61 -28.00 -14.88
C TRP D 235 47.14 -27.91 -14.47
N VAL D 236 46.66 -26.67 -14.37
CA VAL D 236 45.30 -26.41 -13.91
C VAL D 236 44.62 -25.41 -14.83
N PHE D 237 43.29 -25.42 -14.80
CA PHE D 237 42.50 -24.49 -15.59
C PHE D 237 42.45 -23.13 -14.91
N ASN D 238 42.61 -22.08 -15.71
CA ASN D 238 42.63 -20.73 -15.16
C ASN D 238 41.33 -20.46 -14.40
N SER D 239 41.48 -19.98 -13.16
CA SER D 239 40.34 -19.64 -12.33
C SER D 239 40.64 -18.36 -11.57
N PRO D 240 39.64 -17.53 -11.33
CA PRO D 240 39.88 -16.30 -10.56
C PRO D 240 40.34 -16.57 -9.13
N ASP D 241 39.86 -17.65 -8.52
CA ASP D 241 40.17 -17.95 -7.12
C ASP D 241 41.63 -18.30 -6.90
N LEU D 242 42.39 -18.57 -7.95
CA LEU D 242 43.78 -19.00 -7.85
C LEU D 242 44.71 -17.89 -8.31
N ILE D 243 45.71 -17.58 -7.50
CA ILE D 243 46.71 -16.59 -7.88
C ILE D 243 47.44 -17.04 -9.12
N ARG D 244 47.92 -16.07 -9.91
CA ARG D 244 48.71 -16.39 -11.09
C ARG D 244 50.17 -16.55 -10.72
N HIS D 245 50.76 -17.68 -11.12
CA HIS D 245 52.19 -17.87 -10.97
C HIS D 245 52.94 -16.89 -11.85
N THR D 246 54.15 -16.52 -11.42
CA THR D 246 54.92 -15.51 -12.14
C THR D 246 55.20 -15.92 -13.58
N ASP D 247 55.14 -17.22 -13.88
CA ASP D 247 55.37 -17.66 -15.25
C ASP D 247 54.34 -17.06 -16.21
N HIS D 248 53.08 -17.03 -15.80
CA HIS D 248 51.97 -16.54 -16.62
C HIS D 248 52.13 -17.00 -18.07
N SER D 249 52.39 -18.29 -18.23
CA SER D 249 52.67 -18.91 -19.52
C SER D 249 51.58 -19.90 -19.86
N VAL D 250 51.12 -19.84 -21.10
CA VAL D 250 50.16 -20.82 -21.62
C VAL D 250 50.93 -22.08 -21.97
N GLN D 251 50.67 -23.16 -21.23
CA GLN D 251 51.44 -24.39 -21.38
C GLN D 251 50.68 -25.50 -22.08
N GLY D 252 49.34 -25.50 -22.01
CA GLY D 252 48.57 -26.53 -22.67
C GLY D 252 47.12 -26.14 -22.80
N LYS D 253 46.34 -27.03 -23.39
CA LYS D 253 44.91 -26.79 -23.58
C LYS D 253 44.13 -28.05 -23.24
N LEU D 254 42.82 -27.95 -23.39
CA LEU D 254 41.94 -29.12 -23.32
C LEU D 254 40.64 -28.79 -24.04
N HIS D 255 39.97 -29.84 -24.50
CA HIS D 255 38.68 -29.69 -25.16
C HIS D 255 37.55 -29.69 -24.13
N ILE D 256 36.35 -29.40 -24.60
CA ILE D 256 35.15 -29.42 -23.77
C ILE D 256 34.27 -30.55 -24.28
N PRO D 257 33.91 -31.53 -23.46
CA PRO D 257 33.10 -32.65 -23.95
C PRO D 257 31.65 -32.23 -24.18
N PHE D 258 30.94 -33.07 -24.93
CA PHE D 258 29.50 -32.94 -25.11
C PHE D 258 29.17 -31.64 -25.84
N ARG D 259 29.68 -31.54 -27.07
CA ARG D 259 29.44 -30.36 -27.90
C ARG D 259 27.97 -30.29 -28.30
N LEU D 260 27.62 -29.21 -28.98
CA LEU D 260 26.28 -29.03 -29.53
C LEU D 260 26.25 -29.52 -30.97
N THR D 261 25.16 -30.17 -31.36
CA THR D 261 24.99 -30.67 -32.70
C THR D 261 23.55 -30.49 -33.15
N PRO D 262 23.31 -30.37 -34.45
CA PRO D 262 21.95 -30.43 -34.96
C PRO D 262 21.41 -31.85 -34.98
N THR D 263 20.09 -31.94 -35.02
CA THR D 263 19.37 -33.22 -35.05
C THR D 263 17.92 -32.90 -35.39
N VAL D 264 17.07 -33.91 -35.32
CA VAL D 264 15.65 -33.79 -35.62
C VAL D 264 14.86 -34.01 -34.34
N CYS D 265 13.88 -33.14 -34.08
CA CYS D 265 13.03 -33.23 -32.92
C CYS D 265 11.58 -33.19 -33.33
N PRO D 266 10.68 -33.83 -32.57
CA PRO D 266 9.26 -33.78 -32.88
C PRO D 266 8.55 -32.65 -32.16
N VAL D 267 7.48 -32.17 -32.80
CA VAL D 267 6.64 -31.12 -32.22
C VAL D 267 5.19 -31.43 -32.49
N PRO D 268 4.30 -30.98 -31.61
CA PRO D 268 2.88 -31.26 -31.79
C PRO D 268 2.29 -30.51 -32.98
N LEU D 269 1.28 -31.11 -33.58
CA LEU D 269 0.45 -30.46 -34.59
C LEU D 269 -0.90 -30.17 -33.93
N ALA D 270 -1.04 -28.95 -33.43
CA ALA D 270 -2.21 -28.60 -32.64
C ALA D 270 -3.49 -28.77 -33.45
N HIS D 271 -4.60 -28.85 -32.73
CA HIS D 271 -5.93 -28.92 -33.32
C HIS D 271 -6.09 -27.84 -34.38
N THR D 272 -6.24 -28.24 -35.65
CA THR D 272 -6.43 -27.27 -36.70
C THR D 272 -7.83 -26.67 -36.59
N PRO D 273 -8.04 -25.49 -37.15
CA PRO D 273 -9.27 -24.74 -36.88
C PRO D 273 -10.40 -25.06 -37.85
N THR D 274 -11.60 -24.69 -37.43
CA THR D 274 -12.76 -24.67 -38.31
C THR D 274 -12.88 -23.28 -38.92
N VAL D 275 -13.19 -23.23 -40.21
CA VAL D 275 -13.22 -21.99 -40.97
C VAL D 275 -14.66 -21.71 -41.38
N THR D 276 -15.10 -20.48 -41.13
CA THR D 276 -16.42 -20.04 -41.55
C THR D 276 -16.33 -19.40 -42.93
N LYS D 277 -17.41 -18.76 -43.35
CA LYS D 277 -17.46 -18.06 -44.63
C LYS D 277 -18.11 -16.70 -44.40
N TRP D 278 -17.34 -15.64 -44.60
CA TRP D 278 -17.76 -14.29 -44.24
C TRP D 278 -17.57 -13.36 -45.42
N PHE D 279 -18.44 -12.36 -45.51
CA PHE D 279 -18.51 -11.46 -46.66
C PHE D 279 -17.29 -10.54 -46.64
N LYS D 280 -16.43 -10.66 -47.66
CA LYS D 280 -15.14 -9.96 -47.70
C LYS D 280 -14.38 -10.16 -46.38
N GLY D 281 -14.36 -11.39 -45.90
CA GLY D 281 -13.63 -11.70 -44.69
C GLY D 281 -13.81 -13.16 -44.33
N ILE D 282 -13.37 -13.49 -43.12
CA ILE D 282 -13.53 -14.84 -42.58
C ILE D 282 -13.60 -14.74 -41.06
N THR D 283 -14.31 -15.69 -40.47
CA THR D 283 -14.36 -15.86 -39.02
C THR D 283 -13.91 -17.27 -38.69
N LEU D 284 -13.08 -17.40 -37.67
CA LEU D 284 -12.38 -18.65 -37.37
C LEU D 284 -12.86 -19.22 -36.04
N HIS D 285 -12.43 -20.46 -35.78
CA HIS D 285 -12.73 -21.15 -34.53
C HIS D 285 -11.44 -21.87 -34.11
N LEU D 286 -10.61 -21.20 -33.32
CA LEU D 286 -9.36 -21.76 -32.86
C LEU D 286 -9.58 -22.48 -31.54
N THR D 287 -8.95 -23.65 -31.39
CA THR D 287 -9.02 -24.44 -30.17
C THR D 287 -7.62 -24.86 -29.77
N ALA D 288 -7.30 -24.70 -28.48
CA ALA D 288 -5.99 -25.05 -27.97
C ALA D 288 -6.08 -25.35 -26.48
N THR D 289 -5.11 -26.10 -25.98
CA THR D 289 -4.96 -26.38 -24.56
C THR D 289 -3.72 -25.74 -23.97
N ARG D 290 -3.00 -24.93 -24.76
CA ARG D 290 -1.73 -24.37 -24.34
C ARG D 290 -1.47 -23.12 -25.18
N PRO D 291 -0.67 -22.17 -24.69
CA PRO D 291 -0.34 -21.01 -25.52
C PRO D 291 0.27 -21.44 -26.85
N THR D 292 -0.21 -20.81 -27.93
CA THR D 292 0.20 -21.15 -29.28
C THR D 292 0.28 -19.88 -30.10
N LEU D 293 1.26 -19.82 -30.99
CA LEU D 293 1.47 -18.67 -31.85
C LEU D 293 0.63 -18.78 -33.11
N LEU D 294 0.02 -17.67 -33.51
CA LEU D 294 -0.71 -17.59 -34.76
C LEU D 294 -0.36 -16.27 -35.43
N THR D 295 -0.49 -16.23 -36.75
CA THR D 295 -0.19 -15.01 -37.48
C THR D 295 -0.75 -15.14 -38.89
N THR D 296 -0.75 -14.01 -39.59
CA THR D 296 -1.15 -13.98 -40.99
C THR D 296 -0.65 -12.68 -41.61
N ARG D 297 -0.60 -12.67 -42.94
CA ARG D 297 -0.13 -11.52 -43.70
C ARG D 297 -0.82 -11.50 -45.06
N LYS D 298 -1.11 -10.31 -45.55
CA LYS D 298 -1.69 -10.17 -46.87
C LYS D 298 -0.72 -10.67 -47.93
N LEU D 299 -1.24 -10.80 -49.16
CA LEU D 299 -0.46 -11.27 -50.29
C LEU D 299 -0.31 -10.19 -51.37
N GLY D 300 -0.52 -8.92 -51.01
CA GLY D 300 -0.38 -7.83 -51.95
C GLY D 300 0.61 -6.78 -51.50
N LEU D 301 0.39 -5.53 -51.90
CA LEU D 301 1.29 -4.45 -51.50
C LEU D 301 1.38 -4.33 -49.98
N ARG D 302 0.25 -4.01 -49.35
CA ARG D 302 0.22 -3.79 -47.91
C ARG D 302 0.25 -5.15 -47.21
N ALA D 303 1.33 -5.44 -46.49
CA ALA D 303 1.45 -6.73 -45.83
C ALA D 303 0.33 -6.92 -44.81
N ASP D 304 0.05 -5.88 -44.01
CA ASP D 304 -0.96 -5.95 -42.96
C ASP D 304 -0.71 -7.17 -42.10
N ALA D 305 0.56 -7.36 -41.72
CA ALA D 305 0.95 -8.51 -40.92
C ALA D 305 0.36 -8.42 -39.53
N THR D 306 0.03 -9.58 -38.97
CA THR D 306 -0.50 -9.64 -37.61
C THR D 306 -0.09 -10.95 -36.98
N ALA D 307 0.06 -10.93 -35.66
CA ALA D 307 0.45 -12.11 -34.89
C ALA D 307 -0.20 -12.01 -33.52
N GLU D 308 -0.32 -13.17 -32.87
CA GLU D 308 -1.01 -13.25 -31.59
C GLU D 308 -0.68 -14.58 -30.91
N TRP D 309 -0.90 -14.62 -29.61
CA TRP D 309 -0.78 -15.83 -28.81
C TRP D 309 -2.16 -16.21 -28.28
N ILE D 310 -2.54 -17.47 -28.47
CA ILE D 310 -3.85 -17.97 -28.08
C ILE D 310 -3.67 -19.05 -27.02
N THR D 311 -4.40 -18.91 -25.91
CA THR D 311 -4.26 -19.85 -24.79
C THR D 311 -5.24 -21.02 -24.93
N GLY D 312 -6.53 -20.73 -24.98
CA GLY D 312 -7.54 -21.77 -25.06
C GLY D 312 -8.20 -21.84 -26.42
N THR D 313 -9.50 -21.54 -26.47
CA THR D 313 -10.24 -21.54 -27.73
C THR D 313 -11.10 -20.29 -27.80
N THR D 314 -11.24 -19.77 -29.02
CA THR D 314 -12.00 -18.55 -29.28
C THR D 314 -12.22 -18.43 -30.78
N SER D 315 -12.70 -17.27 -31.21
CA SER D 315 -12.92 -16.98 -32.62
C SER D 315 -12.33 -15.61 -32.96
N ARG D 316 -11.93 -15.45 -34.21
CA ARG D 316 -11.35 -14.20 -34.69
C ARG D 316 -11.89 -13.89 -36.08
N ASN D 317 -12.11 -12.61 -36.34
CA ASN D 317 -12.60 -12.14 -37.63
C ASN D 317 -11.47 -11.40 -38.34
N PHE D 318 -11.07 -11.91 -39.50
CA PHE D 318 -10.02 -11.32 -40.32
C PHE D 318 -10.61 -10.92 -41.66
N SER D 319 -10.46 -9.66 -42.03
CA SER D 319 -10.92 -9.20 -43.34
C SER D 319 -9.94 -9.65 -44.42
N VAL D 320 -10.48 -10.02 -45.57
CA VAL D 320 -9.70 -10.49 -46.70
C VAL D 320 -10.01 -9.62 -47.91
N GLY D 321 -8.96 -9.16 -48.59
CA GLY D 321 -9.13 -8.38 -49.79
C GLY D 321 -9.29 -9.27 -51.01
N ARG D 322 -9.61 -8.60 -52.14
CA ARG D 322 -9.75 -9.33 -53.40
C ARG D 322 -8.44 -9.99 -53.80
N GLU D 323 -7.31 -9.35 -53.49
CA GLU D 323 -6.02 -9.86 -53.93
C GLU D 323 -5.77 -11.26 -53.37
N GLY D 324 -5.69 -11.38 -52.06
CA GLY D 324 -5.40 -12.65 -51.42
C GLY D 324 -4.80 -12.44 -50.04
N LEU D 325 -4.90 -13.47 -49.21
CA LEU D 325 -4.45 -13.41 -47.83
C LEU D 325 -3.74 -14.71 -47.46
N GLU D 326 -2.70 -14.58 -46.64
CA GLU D 326 -2.01 -15.73 -46.06
C GLU D 326 -2.62 -16.05 -44.69
N TYR D 327 -2.38 -17.28 -44.24
CA TYR D 327 -2.99 -17.77 -43.01
C TYR D 327 -2.10 -18.83 -42.39
N VAL D 328 -1.72 -18.62 -41.13
CA VAL D 328 -0.80 -19.51 -40.42
C VAL D 328 -1.45 -19.95 -39.12
N TRP D 329 -1.06 -21.14 -38.66
CA TRP D 329 -1.52 -21.69 -37.39
C TRP D 329 -0.74 -22.96 -37.10
N GLY D 330 -0.63 -23.28 -35.82
CA GLY D 330 0.05 -24.50 -35.44
C GLY D 330 1.51 -24.50 -35.85
N ASN D 331 1.96 -25.64 -36.37
CA ASN D 331 3.33 -25.79 -36.86
C ASN D 331 3.36 -26.50 -38.20
N HIS D 332 2.28 -26.37 -38.98
CA HIS D 332 2.17 -26.99 -40.28
C HIS D 332 2.18 -25.92 -41.36
N GLU D 333 2.33 -26.37 -42.60
CA GLU D 333 2.41 -25.44 -43.72
C GLU D 333 1.12 -24.61 -43.78
N PRO D 334 1.22 -23.33 -44.11
CA PRO D 334 0.04 -22.47 -44.11
C PRO D 334 -0.80 -22.70 -45.37
N VAL D 335 -1.95 -22.03 -45.41
CA VAL D 335 -2.87 -22.10 -46.53
C VAL D 335 -3.29 -20.69 -46.90
N ARG D 336 -3.31 -20.40 -48.19
CA ARG D 336 -3.64 -19.07 -48.70
C ARG D 336 -5.12 -19.06 -49.09
N VAL D 337 -5.84 -18.04 -48.65
CA VAL D 337 -7.27 -17.90 -48.90
C VAL D 337 -7.55 -16.50 -49.41
N TRP D 338 -8.24 -16.41 -50.53
CA TRP D 338 -8.62 -15.15 -51.16
C TRP D 338 -10.14 -15.04 -51.17
N ALA D 339 -10.67 -14.05 -51.87
CA ALA D 339 -12.12 -13.84 -51.88
C ALA D 339 -12.53 -13.15 -53.17
N GLN D 340 -13.83 -13.21 -53.43
CA GLN D 340 -14.45 -12.55 -54.59
C GLN D 340 -15.77 -11.94 -54.14
N GLU D 341 -16.59 -11.53 -55.10
CA GLU D 341 -17.82 -10.80 -54.83
C GLU D 341 -19.04 -11.68 -55.09
N SER D 342 -20.07 -11.51 -54.26
CA SER D 342 -21.29 -12.29 -54.40
C SER D 342 -22.56 -11.47 -54.17
N ALA D 343 -22.46 -10.14 -54.08
CA ALA D 343 -23.66 -9.34 -53.82
C ALA D 343 -24.58 -9.37 -55.05
N PRO D 344 -25.89 -9.19 -54.85
CA PRO D 344 -26.87 -9.32 -55.95
C PRO D 344 -27.01 -8.06 -56.81
N GLY D 345 -26.10 -7.92 -57.78
CA GLY D 345 -26.10 -6.76 -58.63
C GLY D 345 -26.95 -6.87 -59.88
N ASP D 346 -26.67 -7.85 -60.72
CA ASP D 346 -27.26 -7.86 -62.05
C ASP D 346 -28.78 -8.00 -61.98
N PRO D 347 -29.54 -7.25 -62.79
CA PRO D 347 -30.99 -7.41 -62.80
C PRO D 347 -31.44 -8.53 -63.72
N HIS D 348 -32.75 -8.69 -63.89
CA HIS D 348 -33.33 -9.72 -64.74
C HIS D 348 -34.38 -9.11 -65.66
N GLY D 349 -34.10 -7.94 -66.21
CA GLY D 349 -35.00 -7.27 -67.11
C GLY D 349 -36.10 -6.48 -66.45
N TRP D 350 -36.17 -6.49 -65.11
CA TRP D 350 -37.18 -5.75 -64.37
C TRP D 350 -36.50 -4.70 -63.50
N PRO D 351 -37.25 -3.76 -62.92
CA PRO D 351 -36.63 -2.83 -61.96
C PRO D 351 -35.99 -3.59 -60.81
N HIS D 352 -34.82 -3.13 -60.40
CA HIS D 352 -34.05 -3.82 -59.37
C HIS D 352 -33.21 -2.81 -58.60
N GLU D 353 -32.80 -3.22 -57.40
CA GLU D 353 -31.90 -2.42 -56.57
C GLU D 353 -30.45 -2.87 -56.79
N ILE D 354 -30.00 -2.72 -58.03
CA ILE D 354 -28.65 -3.14 -58.39
C ILE D 354 -27.62 -2.37 -57.58
N ILE D 355 -27.88 -1.10 -57.33
CA ILE D 355 -26.90 -0.22 -56.70
C ILE D 355 -26.26 -0.88 -55.49
N ILE D 356 -27.04 -1.64 -54.71
CA ILE D 356 -26.54 -2.19 -53.46
C ILE D 356 -25.28 -3.01 -53.72
N HIS D 357 -25.30 -3.88 -54.73
CA HIS D 357 -24.11 -4.65 -55.08
C HIS D 357 -22.94 -3.72 -55.35
N TYR D 358 -23.15 -2.72 -56.20
CA TYR D 358 -22.10 -1.76 -56.49
C TYR D 358 -21.71 -0.95 -55.26
N TYR D 359 -22.59 -0.87 -54.26
CA TYR D 359 -22.22 -0.26 -52.99
C TYR D 359 -21.37 -1.21 -52.15
N HIS D 360 -21.66 -2.51 -52.23
CA HIS D 360 -20.88 -3.47 -51.45
C HIS D 360 -19.43 -3.52 -51.92
N ARG D 361 -19.20 -3.27 -53.21
CA ARG D 361 -17.86 -3.25 -53.80
C ARG D 361 -17.50 -1.83 -54.16
N HIS D 362 -16.35 -1.37 -53.68
CA HIS D 362 -15.90 -0.02 -54.00
C HIS D 362 -16.95 1.00 -53.58
N PRO D 363 -17.11 1.26 -52.28
CA PRO D 363 -18.03 2.33 -51.87
C PRO D 363 -17.65 3.67 -52.48
N VAL D 364 -16.42 3.75 -52.99
CA VAL D 364 -15.99 4.86 -53.84
C VAL D 364 -16.30 4.50 -55.28
N TYR D 365 -16.51 5.52 -56.11
CA TYR D 365 -16.79 5.33 -57.54
C TYR D 365 -18.22 4.83 -57.77
N THR D 366 -18.96 4.55 -56.70
CA THR D 366 -20.32 4.06 -56.80
C THR D 366 -21.36 5.13 -56.48
N VAL D 367 -21.07 6.02 -55.52
CA VAL D 367 -21.92 7.17 -55.27
C VAL D 367 -21.52 8.38 -56.10
N ILE D 368 -20.27 8.40 -56.60
CA ILE D 368 -19.85 9.51 -57.44
C ILE D 368 -20.66 9.55 -58.72
N VAL D 369 -20.99 8.38 -59.27
CA VAL D 369 -21.84 8.32 -60.46
C VAL D 369 -23.21 8.92 -60.17
N LEU D 370 -23.77 8.59 -59.00
CA LEU D 370 -25.07 9.16 -58.63
C LEU D 370 -24.98 10.67 -58.48
N CYS D 371 -23.91 11.17 -57.87
CA CYS D 371 -23.74 12.61 -57.73
C CYS D 371 -23.62 13.28 -59.10
N GLY D 372 -22.87 12.67 -60.01
CA GLY D 372 -22.76 13.23 -61.35
C GLY D 372 -24.08 13.21 -62.09
N VAL D 373 -24.86 12.16 -61.91
CA VAL D 373 -26.18 12.08 -62.55
C VAL D 373 -27.07 13.20 -62.02
N ALA D 374 -27.07 13.40 -60.70
CA ALA D 374 -27.87 14.48 -60.13
C ALA D 374 -27.40 15.84 -60.64
N LEU D 375 -26.08 16.02 -60.74
CA LEU D 375 -25.54 17.29 -61.23
C LEU D 375 -26.00 17.54 -62.67
N ALA D 376 -25.92 16.51 -63.52
CA ALA D 376 -26.34 16.67 -64.90
C ALA D 376 -27.84 16.97 -64.98
N ILE D 377 -28.64 16.28 -64.18
CA ILE D 377 -30.08 16.53 -64.18
C ILE D 377 -30.36 17.99 -63.80
N LEU D 378 -29.74 18.46 -62.71
CA LEU D 378 -29.99 19.82 -62.26
C LEU D 378 -29.51 20.83 -63.30
N VAL D 379 -28.33 20.60 -63.89
CA VAL D 379 -27.82 21.56 -64.87
C VAL D 379 -28.76 21.64 -66.07
N GLY D 380 -29.15 20.48 -66.60
CA GLY D 380 -30.06 20.49 -67.73
C GLY D 380 -31.37 21.17 -67.41
N THR D 381 -31.97 20.82 -66.27
CA THR D 381 -33.25 21.41 -65.89
C THR D 381 -33.14 22.91 -65.75
N ALA D 382 -32.13 23.39 -65.02
CA ALA D 382 -31.99 24.82 -64.78
C ALA D 382 -31.75 25.58 -66.07
N SER D 383 -30.83 25.08 -66.91
CA SER D 383 -30.53 25.78 -68.15
C SER D 383 -31.75 25.81 -69.06
N SER D 384 -32.45 24.68 -69.20
CA SER D 384 -33.62 24.63 -70.05
C SER D 384 -34.70 25.58 -69.54
N ALA D 385 -34.95 25.58 -68.23
CA ALA D 385 -35.98 26.44 -67.68
C ALA D 385 -35.63 27.91 -67.89
N ALA D 386 -34.38 28.29 -67.61
CA ALA D 386 -33.99 29.68 -67.79
C ALA D 386 -34.15 30.11 -69.25
N CYS D 387 -33.68 29.27 -70.17
CA CYS D 387 -33.72 29.65 -71.58
C CYS D 387 -35.15 29.71 -72.10
N ILE D 388 -35.98 28.72 -71.76
CA ILE D 388 -37.37 28.74 -72.22
C ILE D 388 -38.10 29.94 -71.65
N ALA D 389 -37.89 30.23 -70.36
CA ALA D 389 -38.56 31.36 -69.74
C ALA D 389 -38.14 32.68 -70.40
N LYS D 390 -36.83 32.86 -70.64
CA LYS D 390 -36.37 34.10 -71.24
C LYS D 390 -36.87 34.23 -72.67
N ALA D 391 -36.86 33.14 -73.45
CA ALA D 391 -37.37 33.21 -74.81
C ALA D 391 -38.85 33.54 -74.82
N ARG D 392 -39.62 32.93 -73.93
CA ARG D 392 -41.05 33.22 -73.85
C ARG D 392 -41.29 34.67 -73.46
N ARG D 393 -40.52 35.17 -72.47
CA ARG D 393 -40.68 36.56 -72.07
C ARG D 393 -40.35 37.50 -73.22
N ASP D 394 -39.29 37.20 -73.98
CA ASP D 394 -38.93 38.05 -75.11
C ASP D 394 -40.01 38.02 -76.18
N CYS D 395 -40.58 36.85 -76.44
CA CYS D 395 -41.62 36.75 -77.47
C CYS D 395 -42.92 37.39 -77.03
N LEU D 396 -43.16 37.48 -75.72
CA LEU D 396 -44.44 37.97 -75.23
C LEU D 396 -44.42 39.44 -74.85
N THR D 397 -43.27 39.97 -74.43
CA THR D 397 -43.24 41.30 -73.84
C THR D 397 -43.46 42.40 -74.87
N PRO D 398 -42.61 42.57 -75.89
CA PRO D 398 -42.89 43.63 -76.88
C PRO D 398 -44.20 43.42 -77.59
N TYR D 399 -44.61 42.16 -77.80
CA TYR D 399 -45.96 41.87 -78.26
C TYR D 399 -46.98 42.49 -77.31
N ALA D 400 -46.67 42.52 -76.01
CA ALA D 400 -47.48 43.23 -75.01
C ALA D 400 -48.95 42.81 -75.10
N LEU D 401 -49.20 41.51 -74.95
CA LEU D 401 -50.55 41.00 -75.08
C LEU D 401 -51.18 40.77 -73.70
N ALA D 402 -52.42 40.29 -73.71
CA ALA D 402 -53.15 39.97 -72.50
C ALA D 402 -53.81 38.60 -72.68
N PRO D 403 -54.05 37.86 -71.59
CA PRO D 403 -54.67 36.55 -71.74
C PRO D 403 -56.10 36.64 -72.24
N ASN D 404 -56.52 35.63 -73.00
CA ASN D 404 -57.87 35.56 -73.54
C ASN D 404 -58.21 36.81 -74.35
N ALA D 405 -57.39 37.10 -75.35
CA ALA D 405 -57.58 38.26 -76.21
C ALA D 405 -57.47 37.85 -77.67
N THR D 406 -57.80 38.78 -78.56
CA THR D 406 -57.71 38.51 -80.00
C THR D 406 -56.28 38.52 -80.50
N VAL D 407 -55.47 39.49 -80.07
CA VAL D 407 -54.11 39.61 -80.58
C VAL D 407 -53.31 38.34 -80.32
N PRO D 408 -53.45 37.67 -79.17
CA PRO D 408 -52.62 36.49 -78.88
C PRO D 408 -52.90 35.29 -79.79
N THR D 409 -52.82 35.50 -81.11
CA THR D 409 -52.91 34.38 -82.03
C THR D 409 -51.73 33.43 -81.87
N ALA D 410 -50.52 33.93 -82.12
CA ALA D 410 -49.31 33.16 -81.83
C ALA D 410 -49.38 32.57 -80.44
N LEU D 411 -49.96 33.28 -79.47
CA LEU D 411 -50.19 32.74 -78.14
C LEU D 411 -51.04 31.48 -78.18
N ALA D 412 -52.11 31.47 -78.97
CA ALA D 412 -52.89 30.25 -79.14
C ALA D 412 -51.97 29.07 -79.38
N VAL D 413 -50.79 29.33 -79.95
CA VAL D 413 -49.78 28.27 -80.08
C VAL D 413 -48.83 28.25 -78.88
N LEU D 414 -48.42 29.43 -78.39
CA LEU D 414 -47.29 29.52 -77.47
C LEU D 414 -47.59 28.85 -76.13
N CYS D 415 -48.72 29.20 -75.52
CA CYS D 415 -49.09 28.64 -74.22
C CYS D 415 -50.02 27.44 -74.39
N PHE E 1 37.30 44.61 17.08
CA PHE E 1 36.35 45.34 16.26
C PHE E 1 35.06 44.55 16.14
N GLU E 2 34.02 45.19 15.60
CA GLU E 2 32.71 44.57 15.43
C GLU E 2 32.25 44.72 13.99
N HIS E 3 31.48 43.74 13.54
CA HIS E 3 30.98 43.73 12.18
C HIS E 3 29.71 42.87 12.14
N ALA E 4 28.94 43.01 11.07
CA ALA E 4 27.75 42.20 10.87
C ALA E 4 27.60 41.89 9.40
N THR E 5 26.94 40.77 9.10
CA THR E 5 26.77 40.35 7.71
C THR E 5 25.80 39.18 7.66
N THR E 6 25.08 39.06 6.56
CA THR E 6 24.13 37.98 6.34
C THR E 6 24.70 36.98 5.35
N VAL E 7 24.45 35.70 5.60
CA VAL E 7 24.94 34.63 4.74
C VAL E 7 23.80 33.67 4.43
N PRO E 8 23.71 33.12 3.22
CA PRO E 8 22.67 32.12 2.95
C PRO E 8 22.99 30.80 3.64
N ASN E 9 21.92 30.02 3.87
CA ASN E 9 22.07 28.70 4.45
C ASN E 9 22.56 27.74 3.37
N VAL E 10 23.76 27.20 3.55
CA VAL E 10 24.34 26.26 2.60
C VAL E 10 25.61 25.69 3.21
N PRO E 11 25.92 24.40 3.05
CA PRO E 11 27.12 23.84 3.65
C PRO E 11 28.33 23.87 2.72
N GLY E 12 29.49 24.10 3.33
CA GLY E 12 30.75 24.01 2.61
C GLY E 12 30.90 25.00 1.48
N ILE E 13 30.48 26.25 1.70
CA ILE E 13 30.63 27.30 0.69
C ILE E 13 31.31 28.51 1.32
N PRO E 14 32.63 28.58 1.30
CA PRO E 14 33.31 29.72 1.94
C PRO E 14 32.87 31.04 1.33
N TYR E 15 32.61 32.01 2.20
CA TYR E 15 32.32 33.38 1.82
C TYR E 15 33.43 34.27 2.35
N LYS E 16 33.92 35.17 1.49
CA LYS E 16 35.03 36.05 1.82
C LYS E 16 34.52 37.47 1.94
N ALA E 17 34.82 38.10 3.07
CA ALA E 17 34.37 39.46 3.35
C ALA E 17 35.54 40.28 3.88
N LEU E 18 35.32 41.58 3.99
CA LEU E 18 36.34 42.52 4.41
C LEU E 18 35.82 43.40 5.55
N VAL E 19 36.72 43.73 6.47
CA VAL E 19 36.46 44.72 7.52
C VAL E 19 37.42 45.88 7.28
N GLU E 20 36.87 47.07 7.11
CA GLU E 20 37.65 48.24 6.72
C GLU E 20 37.85 49.16 7.91
N ARG E 21 39.10 49.56 8.15
CA ARG E 21 39.45 50.46 9.23
C ARG E 21 40.60 51.33 8.77
N ALA E 22 40.42 52.65 8.82
CA ALA E 22 41.49 53.56 8.44
C ALA E 22 42.71 53.33 9.32
N GLY E 23 43.88 53.31 8.70
CA GLY E 23 45.11 53.02 9.40
C GLY E 23 45.38 51.55 9.64
N TYR E 24 44.50 50.67 9.18
CA TYR E 24 44.68 49.22 9.33
C TYR E 24 44.26 48.53 8.05
N ALA E 25 45.05 47.55 7.63
CA ALA E 25 44.73 46.83 6.41
C ALA E 25 43.39 46.09 6.57
N PRO E 26 42.57 46.01 5.53
CA PRO E 26 41.28 45.32 5.67
C PRO E 26 41.45 43.80 5.71
N LEU E 27 41.21 43.22 6.88
CA LEU E 27 41.39 41.78 7.04
C LEU E 27 40.39 41.02 6.18
N ASN E 28 40.84 39.87 5.68
CA ASN E 28 39.98 38.98 4.89
C ASN E 28 39.38 37.94 5.83
N LEU E 29 38.06 37.91 5.91
CA LEU E 29 37.34 37.00 6.79
C LEU E 29 36.67 35.92 5.94
N GLU E 30 36.94 34.66 6.28
CA GLU E 30 36.40 33.52 5.57
C GLU E 30 35.41 32.79 6.47
N ILE E 31 34.19 32.59 5.96
CA ILE E 31 33.10 32.00 6.72
C ILE E 31 32.63 30.76 5.99
N THR E 32 32.59 29.63 6.68
CA THR E 32 32.09 28.39 6.10
C THR E 32 31.10 27.72 7.05
N VAL E 33 29.99 27.25 6.49
CA VAL E 33 29.00 26.48 7.24
C VAL E 33 29.44 25.02 7.13
N VAL E 34 30.15 24.55 8.15
CA VAL E 34 30.67 23.18 8.12
C VAL E 34 29.52 22.18 8.06
N SER E 35 28.49 22.40 8.88
CA SER E 35 27.35 21.48 8.92
C SER E 35 26.16 22.22 9.51
N SER E 36 24.99 21.60 9.37
CA SER E 36 23.76 22.12 9.94
C SER E 36 23.13 21.02 10.80
N GLU E 37 22.40 21.45 11.84
CA GLU E 37 21.77 20.50 12.76
C GLU E 37 20.46 21.12 13.25
N LEU E 38 19.36 20.73 12.64
CA LEU E 38 18.03 21.18 13.04
C LEU E 38 17.44 20.13 13.99
N THR E 39 17.23 20.53 15.24
CA THR E 39 16.73 19.63 16.27
C THR E 39 15.43 20.18 16.85
N PRO E 40 14.29 19.55 16.59
CA PRO E 40 13.03 20.02 17.16
C PRO E 40 12.84 19.49 18.58
N SER E 41 11.69 19.83 19.16
CA SER E 41 11.31 19.35 20.48
C SER E 41 10.34 18.19 20.31
N THR E 42 10.58 17.10 21.04
CA THR E 42 9.88 15.85 20.84
C THR E 42 9.13 15.44 22.10
N ASN E 43 8.03 14.71 21.89
CA ASN E 43 7.24 14.15 22.98
C ASN E 43 6.81 12.74 22.58
N LYS E 44 7.01 11.79 23.47
CA LYS E 44 6.63 10.41 23.21
C LYS E 44 5.16 10.20 23.59
N GLU E 45 4.41 9.58 22.69
CA GLU E 45 2.98 9.36 22.89
C GLU E 45 2.68 7.90 23.25
N TYR E 46 3.09 6.96 22.41
CA TYR E 46 2.87 5.55 22.71
C TYR E 46 3.57 4.70 21.66
N VAL E 47 3.80 3.44 22.03
CA VAL E 47 4.47 2.47 21.17
C VAL E 47 3.43 1.54 20.58
N THR E 48 3.83 0.82 19.54
CA THR E 48 2.95 -0.16 18.91
C THR E 48 3.80 -1.15 18.14
N CYS E 49 3.21 -2.31 17.87
CA CYS E 49 3.88 -3.39 17.16
C CYS E 49 2.88 -4.50 16.92
N LYS E 50 3.33 -5.56 16.24
CA LYS E 50 2.49 -6.73 16.04
C LYS E 50 2.14 -7.34 17.39
N PHE E 51 0.91 -7.82 17.51
CA PHE E 51 0.39 -8.34 18.76
C PHE E 51 0.21 -9.86 18.67
N HIS E 52 0.26 -10.51 19.82
CA HIS E 52 -0.04 -11.92 19.95
C HIS E 52 -1.23 -12.08 20.88
N THR E 53 -2.22 -12.84 20.43
CA THR E 53 -3.41 -13.10 21.23
C THR E 53 -3.11 -14.16 22.28
N VAL E 54 -4.03 -14.31 23.23
CA VAL E 54 -3.93 -15.30 24.28
C VAL E 54 -5.22 -16.10 24.31
N VAL E 55 -5.07 -17.42 24.37
CA VAL E 55 -6.23 -18.31 24.45
C VAL E 55 -6.03 -19.20 25.67
N PRO E 56 -6.24 -18.70 26.88
CA PRO E 56 -5.93 -19.49 28.08
C PRO E 56 -6.80 -20.73 28.16
N SER E 57 -6.31 -21.71 28.90
CA SER E 57 -7.07 -22.93 29.17
C SER E 57 -8.47 -22.56 29.63
N PRO E 58 -9.52 -23.15 29.07
CA PRO E 58 -10.88 -22.70 29.38
C PRO E 58 -11.28 -23.06 30.80
N GLN E 59 -12.30 -22.35 31.29
CA GLN E 59 -12.87 -22.60 32.61
C GLN E 59 -14.16 -23.39 32.39
N VAL E 60 -14.08 -24.70 32.60
CA VAL E 60 -15.21 -25.61 32.33
C VAL E 60 -15.73 -26.10 33.67
N LYS E 61 -17.02 -25.89 33.90
CA LYS E 61 -17.70 -26.40 35.10
C LYS E 61 -18.51 -27.63 34.69
N CYS E 62 -18.13 -28.77 35.27
CA CYS E 62 -18.80 -30.05 35.03
C CYS E 62 -20.10 -30.06 35.81
N CYS E 63 -21.21 -29.95 35.08
CA CYS E 63 -22.55 -30.07 35.66
C CYS E 63 -22.78 -29.02 36.74
N GLY E 64 -22.62 -27.76 36.35
CA GLY E 64 -22.83 -26.64 37.25
C GLY E 64 -23.20 -25.35 36.54
N SER E 65 -22.60 -24.24 36.96
CA SER E 65 -22.87 -22.95 36.36
C SER E 65 -21.65 -22.05 36.51
N LEU E 66 -21.59 -21.00 35.71
CA LEU E 66 -20.46 -20.07 35.72
C LEU E 66 -20.99 -18.69 35.34
N GLU E 67 -20.07 -17.76 35.09
CA GLU E 67 -20.42 -16.40 34.74
C GLU E 67 -19.30 -15.78 33.91
N CYS E 68 -19.51 -14.52 33.52
CA CYS E 68 -18.59 -13.78 32.65
C CYS E 68 -18.04 -12.62 33.47
N LYS E 69 -16.86 -12.81 34.05
CA LYS E 69 -16.28 -11.84 34.97
C LYS E 69 -15.61 -10.70 34.20
N ALA E 70 -14.85 -9.88 34.91
CA ALA E 70 -14.16 -8.73 34.33
C ALA E 70 -12.68 -8.78 34.70
N SER E 71 -11.87 -8.13 33.88
CA SER E 71 -10.43 -8.09 34.11
C SER E 71 -9.85 -6.85 33.45
N SER E 72 -8.60 -6.54 33.80
CA SER E 72 -7.92 -5.35 33.32
C SER E 72 -7.08 -5.59 32.07
N LYS E 73 -7.03 -6.81 31.57
CA LYS E 73 -6.22 -7.10 30.38
C LYS E 73 -6.77 -6.34 29.18
N ALA E 74 -5.85 -5.88 28.33
CA ALA E 74 -6.26 -5.18 27.11
C ALA E 74 -7.06 -6.12 26.22
N ASP E 75 -8.16 -5.60 25.67
CA ASP E 75 -9.07 -6.38 24.84
C ASP E 75 -9.59 -7.61 25.57
N TYR E 76 -9.66 -7.54 26.89
CA TYR E 76 -10.16 -8.68 27.64
C TYR E 76 -11.63 -8.90 27.33
N THR E 77 -12.00 -10.16 27.09
CA THR E 77 -13.37 -10.52 26.82
C THR E 77 -13.63 -11.90 27.40
N CYS E 78 -14.88 -12.14 27.79
CA CYS E 78 -15.30 -13.44 28.26
C CYS E 78 -16.66 -13.78 27.67
N ARG E 79 -16.94 -15.07 27.60
CA ARG E 79 -18.25 -15.52 27.15
C ARG E 79 -18.46 -16.95 27.59
N VAL E 80 -19.73 -17.29 27.82
CA VAL E 80 -20.11 -18.56 28.44
C VAL E 80 -21.15 -19.26 27.58
N PHE E 81 -21.18 -20.59 27.69
CA PHE E 81 -22.16 -21.42 27.02
C PHE E 81 -22.50 -22.59 27.94
N GLY E 82 -23.60 -23.27 27.62
CA GLY E 82 -24.06 -24.39 28.42
C GLY E 82 -24.41 -25.58 27.55
N GLY E 83 -24.66 -26.71 28.22
CA GLY E 83 -25.04 -27.93 27.53
C GLY E 83 -24.00 -28.42 26.55
N VAL E 84 -22.75 -28.49 27.00
CA VAL E 84 -21.62 -28.83 26.15
C VAL E 84 -21.00 -30.14 26.64
N TYR E 85 -20.63 -30.99 25.68
CA TYR E 85 -19.97 -32.27 25.96
C TYR E 85 -18.57 -32.24 25.35
N PRO E 86 -17.59 -31.71 26.05
CA PRO E 86 -16.21 -31.78 25.54
C PRO E 86 -15.66 -33.19 25.61
N PHE E 87 -14.75 -33.50 24.69
CA PHE E 87 -14.14 -34.81 24.60
C PHE E 87 -12.62 -34.66 24.58
N MET E 88 -11.93 -35.79 24.74
CA MET E 88 -10.48 -35.81 24.80
C MET E 88 -10.03 -37.26 24.61
N TRP E 89 -8.71 -37.44 24.45
CA TRP E 89 -8.19 -38.72 24.01
C TRP E 89 -8.60 -39.84 24.95
N GLY E 90 -8.51 -39.60 26.25
CA GLY E 90 -8.98 -40.58 27.21
C GLY E 90 -10.48 -40.78 27.19
N GLY E 91 -11.22 -39.94 26.48
CA GLY E 91 -12.65 -40.04 26.34
C GLY E 91 -13.30 -38.72 26.64
N ALA E 92 -14.58 -38.78 27.02
CA ALA E 92 -15.33 -37.59 27.40
C ALA E 92 -15.09 -37.30 28.87
N GLN E 93 -14.64 -36.08 29.17
CA GLN E 93 -14.31 -35.72 30.55
C GLN E 93 -15.56 -35.52 31.39
N CYS E 94 -16.65 -35.07 30.78
CA CYS E 94 -17.86 -34.76 31.53
C CYS E 94 -18.99 -34.50 30.55
N PHE E 95 -20.19 -34.97 30.87
CA PHE E 95 -21.37 -34.67 30.07
C PHE E 95 -22.56 -34.49 30.99
N CYS E 96 -23.29 -33.39 30.79
CA CYS E 96 -24.51 -33.10 31.53
C CYS E 96 -25.35 -32.21 30.62
N ASP E 97 -26.45 -32.75 30.11
CA ASP E 97 -27.19 -32.15 29.00
C ASP E 97 -27.35 -30.64 29.14
N SER E 98 -27.55 -30.16 30.36
CA SER E 98 -27.76 -28.73 30.58
C SER E 98 -26.81 -28.18 31.64
N GLU E 99 -26.49 -28.98 32.64
CA GLU E 99 -25.71 -28.49 33.77
C GLU E 99 -24.26 -28.17 33.40
N ASN E 100 -23.70 -28.85 32.40
CA ASN E 100 -22.37 -28.49 31.94
C ASN E 100 -22.33 -27.05 31.47
N THR E 101 -21.25 -26.36 31.79
CA THR E 101 -21.04 -25.03 31.24
C THR E 101 -19.57 -24.80 30.93
N GLN E 102 -19.33 -23.97 29.92
CA GLN E 102 -17.99 -23.63 29.46
C GLN E 102 -17.85 -22.12 29.46
N LEU E 103 -16.69 -21.64 29.91
CA LEU E 103 -16.39 -20.22 29.95
C LEU E 103 -15.04 -20.00 29.30
N SER E 104 -14.99 -19.11 28.30
CA SER E 104 -13.76 -18.78 27.61
C SER E 104 -13.49 -17.30 27.74
N GLU E 105 -12.21 -16.95 27.70
CA GLU E 105 -11.77 -15.57 27.79
C GLU E 105 -10.58 -15.37 26.86
N ALA E 106 -10.38 -14.11 26.47
CA ALA E 106 -9.35 -13.78 25.50
C ALA E 106 -8.82 -12.38 25.77
N TYR E 107 -7.51 -12.21 25.56
CA TYR E 107 -6.85 -10.91 25.62
C TYR E 107 -5.63 -10.97 24.70
N VAL E 108 -4.75 -9.98 24.81
CA VAL E 108 -3.66 -9.82 23.86
C VAL E 108 -2.49 -9.14 24.54
N GLU E 109 -1.30 -9.37 24.00
CA GLU E 109 -0.10 -8.67 24.47
C GLU E 109 0.89 -8.54 23.33
N PHE E 110 1.80 -7.57 23.47
CA PHE E 110 2.82 -7.38 22.45
C PHE E 110 3.67 -8.64 22.29
N ALA E 111 3.97 -8.97 21.04
CA ALA E 111 4.73 -10.18 20.75
C ALA E 111 6.17 -10.05 21.25
N PRO E 112 6.82 -11.18 21.55
CA PRO E 112 8.20 -11.09 22.07
C PRO E 112 9.16 -10.39 21.13
N ASP E 113 9.01 -10.57 19.82
CA ASP E 113 9.90 -9.91 18.87
C ASP E 113 9.67 -8.41 18.83
N CYS E 114 8.52 -7.94 19.31
CA CYS E 114 8.21 -6.51 19.35
C CYS E 114 9.40 -5.72 19.85
N THR E 115 10.14 -6.29 20.81
CA THR E 115 11.25 -5.57 21.45
C THR E 115 12.14 -4.89 20.43
N ILE E 116 12.21 -5.41 19.21
CA ILE E 116 13.02 -4.80 18.17
C ILE E 116 12.20 -4.35 16.97
N ASP E 117 11.01 -4.90 16.75
CA ASP E 117 10.17 -4.51 15.63
C ASP E 117 9.21 -3.38 15.98
N HIS E 118 9.31 -2.83 17.19
CA HIS E 118 8.36 -1.83 17.64
C HIS E 118 8.54 -0.51 16.90
N ALA E 119 7.42 0.17 16.67
CA ALA E 119 7.40 1.53 16.17
C ALA E 119 6.79 2.42 17.24
N VAL E 120 7.04 3.71 17.13
CA VAL E 120 6.66 4.67 18.17
C VAL E 120 6.01 5.87 17.51
N ALA E 121 4.98 6.42 18.14
CA ALA E 121 4.32 7.63 17.67
C ALA E 121 4.88 8.83 18.43
N LEU E 122 5.32 9.86 17.70
CA LEU E 122 5.98 11.02 18.26
C LEU E 122 5.20 12.29 17.94
N LYS E 123 5.09 13.15 18.94
CA LYS E 123 4.55 14.50 18.79
C LYS E 123 5.72 15.47 18.79
N VAL E 124 5.89 16.20 17.68
CA VAL E 124 7.02 17.09 17.50
C VAL E 124 6.49 18.52 17.36
N HIS E 125 7.40 19.48 17.57
CA HIS E 125 7.03 20.88 17.61
C HIS E 125 8.29 21.71 17.75
N THR E 126 8.15 23.01 17.46
CA THR E 126 9.17 24.02 17.79
C THR E 126 10.55 23.60 17.26
N ALA E 127 10.65 23.55 15.94
CA ALA E 127 11.92 23.23 15.30
C ALA E 127 12.98 24.23 15.75
N ALA E 128 14.14 23.71 16.16
CA ALA E 128 15.27 24.53 16.58
C ALA E 128 16.50 24.10 15.82
N LEU E 129 17.39 25.06 15.56
CA LEU E 129 18.53 24.86 14.69
C LEU E 129 19.84 24.94 15.48
N LYS E 130 20.80 24.11 15.08
CA LYS E 130 22.16 24.14 15.60
C LYS E 130 23.10 24.11 14.41
N VAL E 131 24.07 25.03 14.37
CA VAL E 131 24.88 25.25 13.20
C VAL E 131 26.36 25.25 13.60
N GLY E 132 27.17 24.54 12.81
CA GLY E 132 28.61 24.51 13.00
C GLY E 132 29.29 25.35 11.93
N LEU E 133 30.20 26.21 12.38
CA LEU E 133 30.84 27.19 11.52
C LEU E 133 32.36 27.09 11.67
N ARG E 134 33.07 27.33 10.58
CA ARG E 134 34.51 27.53 10.60
C ARG E 134 34.79 28.94 10.11
N ILE E 135 35.49 29.73 10.93
CA ILE E 135 35.71 31.14 10.69
C ILE E 135 37.22 31.38 10.73
N VAL E 136 37.75 31.96 9.66
CA VAL E 136 39.18 32.26 9.57
C VAL E 136 39.35 33.76 9.38
N TYR E 137 40.14 34.38 10.28
CA TYR E 137 40.46 35.80 10.18
C TYR E 137 41.96 35.96 10.36
N GLY E 138 42.63 36.46 9.32
CA GLY E 138 44.07 36.67 9.39
C GLY E 138 44.80 35.41 9.77
N ASN E 139 44.62 34.35 8.97
CA ASN E 139 45.18 33.03 9.25
C ASN E 139 44.96 32.62 10.71
N THR E 140 43.83 33.05 11.28
CA THR E 140 43.40 32.64 12.62
C THR E 140 42.10 31.86 12.45
N THR E 141 42.20 30.54 12.52
CA THR E 141 41.04 29.69 12.31
C THR E 141 40.35 29.39 13.63
N ALA E 142 39.04 29.17 13.55
CA ALA E 142 38.23 28.86 14.72
C ALA E 142 37.06 27.98 14.29
N ARG E 143 36.83 26.90 15.04
CA ARG E 143 35.70 26.01 14.82
C ARG E 143 34.71 26.23 15.95
N LEU E 144 33.47 26.57 15.59
CA LEU E 144 32.47 26.97 16.57
C LEU E 144 31.16 26.26 16.23
N ASP E 145 30.27 26.17 17.22
CA ASP E 145 28.95 25.59 17.02
C ASP E 145 27.97 26.33 17.93
N THR E 146 26.83 26.74 17.37
CA THR E 146 25.91 27.61 18.10
C THR E 146 24.51 27.48 17.53
N PHE E 147 23.52 27.88 18.34
CA PHE E 147 22.15 27.97 17.86
C PHE E 147 21.96 29.23 17.04
N VAL E 148 20.94 29.21 16.18
CA VAL E 148 20.63 30.39 15.38
C VAL E 148 19.88 31.44 16.17
N ASN E 149 19.38 31.09 17.36
CA ASN E 149 18.67 32.07 18.17
C ASN E 149 19.56 33.27 18.45
N GLY E 150 18.97 34.47 18.37
CA GLY E 150 19.76 35.69 18.45
C GLY E 150 20.34 35.94 19.83
N VAL E 151 20.00 35.13 20.82
CA VAL E 151 20.43 35.41 22.18
C VAL E 151 21.77 34.73 22.48
N THR E 152 21.91 33.46 22.11
CA THR E 152 23.06 32.68 22.59
C THR E 152 24.24 32.81 21.64
N PRO E 153 25.41 33.26 22.12
CA PRO E 153 26.63 33.10 21.32
C PRO E 153 27.34 31.79 21.62
N GLY E 154 27.67 31.04 20.58
CA GLY E 154 28.50 29.86 20.76
C GLY E 154 29.89 30.25 21.21
N SER E 155 30.51 29.37 21.99
CA SER E 155 31.82 29.64 22.58
C SER E 155 32.92 28.99 21.75
N SER E 156 33.83 29.81 21.23
CA SER E 156 35.00 29.32 20.51
C SER E 156 36.09 30.39 20.65
N ARG E 157 37.10 30.09 21.47
CA ARG E 157 38.12 31.06 21.87
C ARG E 157 37.56 32.10 22.81
N ASP E 158 36.33 31.92 23.30
CA ASP E 158 35.61 32.92 24.08
C ASP E 158 35.27 34.14 23.22
N LEU E 159 35.12 33.92 21.92
CA LEU E 159 34.67 34.96 20.99
C LEU E 159 33.18 34.77 20.77
N LYS E 160 32.37 35.69 21.30
CA LYS E 160 30.92 35.61 21.20
C LYS E 160 30.48 36.21 19.88
N VAL E 161 30.02 35.34 18.98
CA VAL E 161 29.48 35.75 17.68
C VAL E 161 28.02 35.30 17.63
N ILE E 162 27.12 36.27 17.48
CA ILE E 162 25.69 36.00 17.44
C ILE E 162 25.25 35.90 15.99
N ALA E 163 24.17 35.17 15.76
CA ALA E 163 23.61 35.02 14.42
C ALA E 163 22.13 34.72 14.53
N GLY E 164 21.43 34.92 13.42
CA GLY E 164 20.01 34.67 13.35
C GLY E 164 19.20 35.87 13.77
N PRO E 165 17.87 35.72 13.82
CA PRO E 165 17.10 34.48 13.60
C PRO E 165 17.03 34.06 12.14
N ILE E 166 16.53 32.85 11.89
CA ILE E 166 16.42 32.34 10.53
C ILE E 166 15.54 33.27 9.70
N SER E 167 15.91 33.46 8.44
CA SER E 167 15.10 34.28 7.54
C SER E 167 13.73 33.66 7.30
N ALA E 168 13.66 32.35 7.09
CA ALA E 168 12.38 31.66 6.86
C ALA E 168 12.48 30.26 7.44
N ALA E 169 11.50 29.91 8.25
CA ALA E 169 11.48 28.63 8.96
C ALA E 169 11.00 27.53 8.03
N PHE E 170 11.75 26.43 7.98
CA PHE E 170 11.40 25.27 7.18
C PHE E 170 11.48 24.04 8.06
N SER E 171 10.46 23.19 7.98
CA SER E 171 10.41 22.00 8.82
C SER E 171 9.72 20.87 8.08
N PRO E 172 10.47 19.88 7.56
CA PRO E 172 9.81 18.74 6.92
C PRO E 172 8.98 17.91 7.89
N PHE E 173 9.21 18.06 9.19
CA PHE E 173 8.49 17.28 10.19
C PHE E 173 7.09 17.83 10.37
N ASP E 174 6.09 16.95 10.25
CA ASP E 174 4.75 17.28 10.68
C ASP E 174 4.65 17.14 12.20
N HIS E 175 3.64 17.80 12.78
CA HIS E 175 3.50 17.77 14.23
C HIS E 175 3.45 16.35 14.76
N LYS E 176 2.90 15.42 13.97
CA LYS E 176 2.85 14.01 14.32
C LYS E 176 3.72 13.22 13.36
N VAL E 177 4.44 12.24 13.90
CA VAL E 177 5.34 11.39 13.10
C VAL E 177 5.38 10.00 13.72
N VAL E 178 5.96 9.06 12.99
CA VAL E 178 6.18 7.71 13.49
C VAL E 178 7.62 7.31 13.20
N ILE E 179 8.18 6.50 14.09
CA ILE E 179 9.56 6.05 13.97
C ILE E 179 9.59 4.53 14.05
N ARG E 180 10.41 3.91 13.21
CA ARG E 180 10.50 2.45 13.15
C ARG E 180 11.85 2.06 12.55
N LYS E 181 12.67 1.35 13.33
CA LYS E 181 13.88 0.71 12.81
C LYS E 181 14.80 1.71 12.12
N GLY E 182 14.92 2.90 12.68
CA GLY E 182 15.78 3.92 12.10
C GLY E 182 15.18 4.70 10.96
N LEU E 183 13.88 4.56 10.72
CA LEU E 183 13.18 5.28 9.68
C LEU E 183 12.10 6.16 10.30
N VAL E 184 11.85 7.30 9.66
CA VAL E 184 10.86 8.27 10.13
C VAL E 184 9.82 8.44 9.04
N TYR E 185 8.56 8.21 9.38
CA TYR E 185 7.46 8.30 8.43
C TYR E 185 6.49 9.37 8.91
N ASN E 186 6.13 10.28 8.01
CA ASN E 186 5.19 11.34 8.33
C ASN E 186 3.77 10.78 8.30
N TYR E 187 3.10 10.79 9.44
CA TYR E 187 1.79 10.17 9.57
C TYR E 187 1.01 10.88 10.67
N ASP E 188 -0.32 10.79 10.58
CA ASP E 188 -1.23 11.37 11.57
C ASP E 188 -1.82 10.21 12.37
N PHE E 189 -1.11 9.79 13.41
CA PHE E 189 -1.57 8.69 14.23
C PHE E 189 -2.70 9.16 15.15
N PRO E 190 -3.56 8.25 15.59
CA PRO E 190 -4.64 8.62 16.51
C PRO E 190 -4.10 8.89 17.90
N GLU E 191 -4.98 9.45 18.73
CA GLU E 191 -4.61 9.83 20.09
C GLU E 191 -4.48 8.59 20.97
N TYR E 192 -3.70 8.74 22.04
CA TYR E 192 -3.59 7.69 23.04
C TYR E 192 -4.96 7.32 23.57
N GLY E 193 -5.22 6.02 23.66
CA GLY E 193 -6.53 5.55 24.06
C GLY E 193 -7.58 5.56 22.97
N ALA E 194 -7.22 5.98 21.76
CA ALA E 194 -8.12 6.00 20.62
C ALA E 194 -7.65 4.95 19.63
N MET E 195 -8.44 3.89 19.46
CA MET E 195 -8.09 2.78 18.60
C MET E 195 -9.24 2.47 17.66
N ASN E 196 -8.92 1.73 16.59
CA ASN E 196 -9.90 1.28 15.63
C ASN E 196 -9.44 -0.07 15.12
N PRO E 197 -10.28 -1.12 15.17
CA PRO E 197 -9.84 -2.42 14.66
C PRO E 197 -9.42 -2.33 13.20
N GLY E 198 -8.32 -3.02 12.88
CA GLY E 198 -7.80 -2.98 11.53
C GLY E 198 -7.08 -1.71 11.16
N ALA E 199 -6.81 -0.84 12.12
CA ALA E 199 -6.19 0.45 11.87
C ALA E 199 -4.85 0.54 12.60
N PHE E 200 -4.00 1.45 12.12
CA PHE E 200 -2.70 1.66 12.74
C PHE E 200 -2.87 2.01 14.21
N GLY E 201 -1.90 1.61 15.01
CA GLY E 201 -1.92 1.88 16.43
C GLY E 201 -3.10 1.27 17.12
N ASP E 202 -3.40 0.00 16.80
CA ASP E 202 -4.47 -0.70 17.51
C ASP E 202 -4.06 -1.10 18.93
N ILE E 203 -2.77 -1.14 19.21
CA ILE E 203 -2.25 -1.49 20.54
C ILE E 203 -1.31 -0.39 20.99
N GLN E 204 -1.42 -0.02 22.26
CA GLN E 204 -0.67 1.10 22.82
C GLN E 204 0.02 0.69 24.11
N ALA E 205 1.11 1.39 24.41
CA ALA E 205 1.83 1.19 25.66
C ALA E 205 2.81 2.33 25.90
N SER E 206 2.77 2.92 27.10
CA SER E 206 3.68 4.01 27.41
C SER E 206 5.13 3.58 27.30
N SER E 207 5.42 2.30 27.53
CA SER E 207 6.76 1.76 27.39
C SER E 207 6.67 0.44 26.63
N LEU E 208 7.81 0.06 26.04
CA LEU E 208 7.86 -1.20 25.29
C LEU E 208 7.51 -2.39 26.18
N ASP E 209 7.77 -2.30 27.48
CA ASP E 209 7.51 -3.38 28.41
C ASP E 209 6.57 -2.95 29.54
N ALA E 210 5.88 -1.83 29.37
CA ALA E 210 4.92 -1.39 30.38
C ALA E 210 3.85 -2.46 30.60
N THR E 211 3.55 -2.74 31.87
CA THR E 211 2.50 -3.70 32.18
C THR E 211 1.15 -3.22 31.67
N ASP E 212 0.87 -1.93 31.80
CA ASP E 212 -0.38 -1.38 31.31
C ASP E 212 -0.40 -1.38 29.79
N ILE E 213 -1.53 -1.81 29.22
CA ILE E 213 -1.71 -1.88 27.79
C ILE E 213 -3.19 -1.75 27.48
N VAL E 214 -3.51 -1.17 26.32
CA VAL E 214 -4.89 -0.97 25.91
C VAL E 214 -4.97 -1.13 24.40
N ALA E 215 -6.09 -1.69 23.94
CA ALA E 215 -6.30 -1.91 22.51
C ALA E 215 -7.78 -2.15 22.27
N ARG E 216 -8.15 -2.23 21.00
CA ARG E 216 -9.51 -2.61 20.62
C ARG E 216 -9.48 -3.06 19.16
N THR E 217 -9.69 -4.36 18.93
CA THR E 217 -9.55 -4.92 17.59
C THR E 217 -10.68 -5.88 17.25
N ASP E 218 -11.87 -5.66 17.81
CA ASP E 218 -13.07 -6.41 17.43
C ASP E 218 -12.87 -7.92 17.61
N ILE E 219 -12.71 -8.32 18.86
CA ILE E 219 -12.57 -9.72 19.24
C ILE E 219 -13.92 -10.16 19.79
N ARG E 220 -14.66 -10.95 19.00
CA ARG E 220 -15.90 -11.57 19.46
C ARG E 220 -15.71 -13.07 19.45
N LEU E 221 -16.01 -13.71 20.57
CA LEU E 221 -15.82 -15.14 20.71
C LEU E 221 -16.87 -15.90 19.89
N LEU E 222 -16.54 -17.15 19.55
CA LEU E 222 -17.39 -18.02 18.77
C LEU E 222 -17.87 -19.20 19.60
N LYS E 223 -19.04 -19.71 19.27
CA LYS E 223 -19.61 -20.83 20.00
C LYS E 223 -18.73 -22.08 19.83
N PRO E 224 -18.67 -22.94 20.85
CA PRO E 224 -17.87 -24.16 20.70
C PRO E 224 -18.35 -25.03 19.55
N SER E 225 -17.40 -25.72 18.93
CA SER E 225 -17.67 -26.54 17.77
C SER E 225 -18.06 -27.96 18.19
N VAL E 226 -18.10 -28.88 17.24
CA VAL E 226 -18.70 -30.20 17.44
C VAL E 226 -17.74 -31.08 18.23
N LYS E 227 -18.10 -31.37 19.47
CA LYS E 227 -17.61 -32.50 20.26
C LYS E 227 -16.14 -32.40 20.66
N ASN E 228 -15.42 -31.38 20.22
CA ASN E 228 -13.99 -31.26 20.50
C ASN E 228 -13.75 -29.96 21.25
N ILE E 229 -13.15 -30.07 22.44
CA ILE E 229 -12.88 -28.89 23.25
C ILE E 229 -11.84 -28.03 22.55
N HIS E 230 -12.17 -26.76 22.36
CA HIS E 230 -11.26 -25.76 21.82
C HIS E 230 -11.91 -24.40 22.01
N VAL E 231 -11.24 -23.36 21.52
CA VAL E 231 -11.72 -21.99 21.69
C VAL E 231 -11.73 -21.30 20.34
N PRO E 232 -12.80 -21.45 19.54
CA PRO E 232 -12.87 -20.73 18.26
C PRO E 232 -13.05 -19.25 18.52
N TYR E 233 -12.15 -18.45 17.95
CA TYR E 233 -12.13 -17.00 18.19
C TYR E 233 -12.09 -16.29 16.84
N THR E 234 -12.17 -14.96 16.91
CA THR E 234 -12.17 -14.13 15.72
C THR E 234 -11.63 -12.75 16.09
N GLN E 235 -10.93 -12.13 15.15
CA GLN E 235 -10.30 -10.84 15.40
C GLN E 235 -9.72 -10.33 14.09
N ALA E 236 -9.62 -9.01 13.99
CA ALA E 236 -9.17 -8.35 12.78
C ALA E 236 -7.65 -8.27 12.72
N VAL E 237 -7.12 -8.27 11.49
CA VAL E 237 -5.68 -8.28 11.31
C VAL E 237 -5.05 -7.06 12.00
N SER E 238 -3.78 -7.21 12.36
CA SER E 238 -3.06 -6.10 12.99
C SER E 238 -2.96 -4.93 12.03
N GLY E 239 -3.23 -3.73 12.55
CA GLY E 239 -2.98 -2.52 11.77
C GLY E 239 -1.51 -2.28 11.51
N TYR E 240 -0.62 -2.88 12.30
CA TYR E 240 0.81 -2.71 12.09
C TYR E 240 1.23 -3.25 10.73
N GLU E 241 0.87 -4.51 10.43
CA GLU E 241 1.25 -5.09 9.15
C GLU E 241 0.58 -4.37 7.98
N MET E 242 -0.70 -4.01 8.14
CA MET E 242 -1.39 -3.26 7.09
C MET E 242 -0.66 -1.95 6.79
N TRP E 243 -0.38 -1.16 7.83
CA TRP E 243 0.31 0.10 7.61
C TRP E 243 1.70 -0.14 7.03
N LYS E 244 2.35 -1.24 7.42
CA LYS E 244 3.64 -1.58 6.84
C LYS E 244 3.54 -1.80 5.33
N ASN E 245 2.51 -2.54 4.90
CA ASN E 245 2.34 -2.78 3.47
C ASN E 245 2.03 -1.50 2.71
N ASN E 246 1.49 -0.48 3.39
CA ASN E 246 1.08 0.75 2.74
C ASN E 246 1.49 1.97 3.57
N SER E 247 2.61 1.89 4.27
CA SER E 247 3.06 3.02 5.09
C SER E 247 3.44 4.22 4.23
N GLY E 248 3.67 4.03 2.94
CA GLY E 248 4.24 5.07 2.10
C GLY E 248 5.75 5.08 2.21
N ARG E 249 6.36 5.87 1.33
CA ARG E 249 7.82 5.91 1.29
C ARG E 249 8.38 6.71 2.45
N PRO E 250 9.61 6.42 2.86
CA PRO E 250 10.21 7.17 3.97
C PRO E 250 10.37 8.64 3.66
N LEU E 251 10.31 9.46 4.71
CA LEU E 251 10.56 10.89 4.56
C LEU E 251 11.98 11.16 4.05
N GLN E 252 12.90 10.20 4.22
CA GLN E 252 14.26 10.39 3.76
C GLN E 252 14.32 10.72 2.28
N GLU E 253 13.38 10.20 1.50
CA GLU E 253 13.36 10.38 0.05
C GLU E 253 12.35 11.44 -0.40
N THR E 254 11.83 12.24 0.53
CA THR E 254 10.83 13.24 0.19
C THR E 254 11.10 14.62 0.79
N ALA E 255 12.01 14.73 1.75
CA ALA E 255 12.24 16.03 2.38
C ALA E 255 12.86 16.99 1.38
N PRO E 256 12.51 18.27 1.43
CA PRO E 256 13.14 19.25 0.55
C PRO E 256 14.54 19.63 1.06
N PHE E 257 15.30 20.26 0.18
CA PHE E 257 16.61 20.81 0.49
C PHE E 257 17.62 19.73 0.87
N GLY E 258 17.35 18.49 0.51
CA GLY E 258 18.31 17.43 0.76
C GLY E 258 18.62 17.19 2.22
N CYS E 259 17.59 17.19 3.06
CA CYS E 259 17.80 16.92 4.47
C CYS E 259 18.37 15.52 4.68
N LYS E 260 19.28 15.39 5.64
CA LYS E 260 19.78 14.10 6.10
C LYS E 260 19.28 13.91 7.53
N ILE E 261 18.39 12.95 7.73
CA ILE E 261 17.61 12.86 8.96
C ILE E 261 18.03 11.62 9.73
N GLU E 262 18.22 11.78 11.04
CA GLU E 262 18.58 10.67 11.92
C GLU E 262 17.61 10.63 13.10
N VAL E 263 17.51 9.44 13.70
CA VAL E 263 16.39 9.12 14.57
C VAL E 263 16.71 9.37 16.04
N GLU E 264 17.84 8.86 16.55
CA GLU E 264 18.08 8.96 17.99
C GLU E 264 18.07 10.39 18.48
N PRO E 265 18.40 11.42 17.68
CA PRO E 265 18.11 12.80 18.11
C PRO E 265 16.83 13.31 17.47
N LEU E 266 16.28 12.53 16.53
CA LEU E 266 15.19 12.96 15.67
C LEU E 266 15.48 14.34 15.10
N ARG E 267 16.57 14.41 14.33
CA ARG E 267 17.07 15.69 13.84
C ARG E 267 17.37 15.60 12.36
N ALA E 268 17.52 16.77 11.75
CA ALA E 268 17.93 16.91 10.36
C ALA E 268 19.32 17.55 10.31
N THR E 269 20.01 17.33 9.20
CA THR E 269 21.41 17.73 9.09
C THR E 269 21.74 17.99 7.63
N ASN E 270 22.62 18.97 7.41
CA ASN E 270 23.06 19.36 6.07
C ASN E 270 21.89 19.69 5.16
N CYS E 271 20.84 20.26 5.73
CA CYS E 271 19.66 20.68 4.97
C CYS E 271 19.65 22.21 4.94
N ALA E 272 19.71 22.77 3.74
CA ALA E 272 20.03 24.18 3.55
C ALA E 272 18.86 24.92 2.93
N TYR E 273 18.51 26.08 3.52
CA TYR E 273 17.52 26.98 2.97
C TYR E 273 17.54 28.27 3.79
N GLY E 274 17.34 29.39 3.12
CA GLY E 274 17.20 30.66 3.80
C GLY E 274 18.53 31.37 4.03
N HIS E 275 18.45 32.44 4.81
CA HIS E 275 19.59 33.27 5.14
C HIS E 275 19.61 33.56 6.62
N ILE E 276 20.81 33.88 7.12
CA ILE E 276 21.03 34.10 8.54
C ILE E 276 21.87 35.36 8.71
N PRO E 277 21.46 36.32 9.54
CA PRO E 277 22.37 37.40 9.91
C PRO E 277 23.34 36.94 11.00
N ILE E 278 24.48 37.61 11.06
CA ILE E 278 25.55 37.25 11.97
C ILE E 278 26.23 38.52 12.47
N SER E 279 26.55 38.54 13.77
CA SER E 279 27.34 39.60 14.38
C SER E 279 28.65 39.00 14.85
N ILE E 280 29.76 39.67 14.55
CA ILE E 280 31.09 39.14 14.76
C ILE E 280 31.92 40.18 15.50
N ASP E 281 32.45 39.81 16.65
CA ASP E 281 33.39 40.64 17.39
C ASP E 281 34.81 40.11 17.14
N ILE E 282 35.76 41.03 17.04
CA ILE E 282 37.13 40.67 16.66
C ILE E 282 38.11 41.41 17.57
N PRO E 283 39.12 40.73 18.12
CA PRO E 283 40.17 41.46 18.85
C PRO E 283 40.92 42.39 17.91
N ASP E 284 41.30 43.56 18.43
CA ASP E 284 42.10 44.49 17.67
C ASP E 284 43.52 44.01 17.45
N ALA E 285 43.98 43.03 18.25
CA ALA E 285 45.31 42.48 18.05
C ALA E 285 45.43 41.81 16.68
N ALA E 286 44.38 41.10 16.26
CA ALA E 286 44.41 40.46 14.95
C ALA E 286 44.58 41.47 13.83
N PHE E 287 44.15 42.71 14.03
CA PHE E 287 44.25 43.73 13.01
C PHE E 287 45.70 44.21 12.88
N VAL E 288 46.04 44.67 11.69
CA VAL E 288 47.40 45.08 11.35
C VAL E 288 47.37 46.53 10.88
N ARG E 289 48.28 47.34 11.41
CA ARG E 289 48.37 48.74 11.01
C ARG E 289 48.74 48.84 9.53
N SER E 290 48.12 49.80 8.85
CA SER E 290 48.29 49.92 7.40
C SER E 290 49.75 50.09 7.01
N SER E 291 50.46 51.01 7.69
CA SER E 291 51.87 51.22 7.38
C SER E 291 52.64 49.91 7.41
N GLU E 292 52.32 49.02 8.36
CA GLU E 292 52.92 47.69 8.36
C GLU E 292 52.57 46.94 7.08
N SER E 293 51.34 47.09 6.61
CA SER E 293 50.93 46.44 5.38
C SER E 293 51.63 47.10 4.18
N PRO E 294 51.88 46.35 3.11
CA PRO E 294 52.51 46.95 1.93
C PRO E 294 51.56 47.89 1.20
N THR E 295 52.17 48.82 0.46
CA THR E 295 51.44 49.76 -0.37
C THR E 295 51.61 49.38 -1.84
N ILE E 296 50.63 49.76 -2.66
CA ILE E 296 50.59 49.38 -4.07
C ILE E 296 50.50 50.65 -4.91
N LEU E 297 50.82 50.49 -6.20
CA LEU E 297 50.89 51.63 -7.10
C LEU E 297 50.48 51.21 -8.50
N GLU E 298 49.66 52.03 -9.15
CA GLU E 298 49.34 51.92 -10.56
C GLU E 298 49.09 50.47 -10.97
N VAL E 299 48.08 49.87 -10.35
CA VAL E 299 47.72 48.48 -10.60
C VAL E 299 46.68 48.46 -11.72
N SER E 300 46.84 47.50 -12.63
CA SER E 300 45.94 47.35 -13.78
C SER E 300 45.25 45.99 -13.72
N CYS E 301 44.04 45.96 -14.27
CA CYS E 301 43.24 44.73 -14.35
C CYS E 301 43.22 44.24 -15.79
N THR E 302 43.52 42.96 -15.98
CA THR E 302 43.58 42.36 -17.30
C THR E 302 42.93 40.99 -17.25
N VAL E 303 41.92 40.77 -18.10
CA VAL E 303 41.20 39.51 -18.15
C VAL E 303 41.88 38.64 -19.21
N ALA E 304 42.61 37.62 -18.75
CA ALA E 304 43.21 36.67 -19.68
C ALA E 304 42.14 35.95 -20.49
N ASP E 305 41.10 35.46 -19.80
CA ASP E 305 39.97 34.80 -20.44
C ASP E 305 38.96 34.47 -19.35
N CYS E 306 37.72 34.23 -19.76
CA CYS E 306 36.66 33.87 -18.82
C CYS E 306 35.50 33.27 -19.60
N ILE E 307 35.08 32.07 -19.21
CA ILE E 307 33.89 31.43 -19.74
C ILE E 307 32.89 31.32 -18.60
N TYR E 308 31.67 31.81 -18.82
CA TYR E 308 30.64 31.66 -17.81
C TYR E 308 30.44 30.18 -17.51
N SER E 309 30.44 29.83 -16.23
CA SER E 309 30.41 28.44 -15.83
C SER E 309 29.90 28.37 -14.39
N ALA E 310 30.05 27.20 -13.77
CA ALA E 310 29.64 26.98 -12.40
C ALA E 310 30.80 26.96 -11.42
N ASP E 311 31.90 26.33 -11.77
CA ASP E 311 33.09 26.32 -10.93
C ASP E 311 33.83 27.63 -11.12
N PHE E 312 35.06 27.70 -10.62
CA PHE E 312 35.90 28.89 -10.75
C PHE E 312 36.48 28.97 -12.15
N GLY E 313 35.58 29.04 -13.13
CA GLY E 313 35.95 29.09 -14.54
C GLY E 313 36.39 30.44 -15.04
N GLY E 314 36.26 31.49 -14.24
CA GLY E 314 36.70 32.81 -14.64
C GLY E 314 38.14 33.02 -14.21
N SER E 315 38.95 33.57 -15.12
CA SER E 315 40.36 33.82 -14.87
C SER E 315 40.66 35.29 -15.12
N LEU E 316 41.49 35.86 -14.25
CA LEU E 316 41.83 37.28 -14.33
C LEU E 316 43.32 37.44 -14.08
N THR E 317 43.86 38.58 -14.50
CA THR E 317 45.28 38.89 -14.30
C THR E 317 45.41 40.29 -13.73
N LEU E 318 46.45 40.49 -12.92
CA LEU E 318 46.69 41.76 -12.26
C LEU E 318 48.18 42.09 -12.32
N GLN E 319 48.48 43.33 -12.73
CA GLN E 319 49.84 43.86 -12.72
C GLN E 319 49.90 45.01 -11.72
N TYR E 320 50.84 44.92 -10.78
CA TYR E 320 50.90 45.86 -9.67
C TYR E 320 52.32 46.38 -9.48
N LYS E 321 52.40 47.57 -8.89
CA LYS E 321 53.67 48.16 -8.44
C LYS E 321 53.55 48.43 -6.95
N ALA E 322 54.57 48.03 -6.19
CA ALA E 322 54.56 48.15 -4.74
C ALA E 322 55.89 48.68 -4.24
N ASN E 323 55.84 49.33 -3.07
CA ASN E 323 57.02 49.82 -2.38
C ASN E 323 57.42 48.94 -1.21
N ARG E 324 56.73 47.81 -1.01
CA ARG E 324 56.92 46.99 0.17
C ARG E 324 56.65 45.53 -0.17
N GLU E 325 57.09 44.66 0.73
CA GLU E 325 56.90 43.22 0.60
C GLU E 325 56.01 42.72 1.73
N GLY E 326 55.38 41.58 1.50
CA GLY E 326 54.46 41.01 2.47
C GLY E 326 53.26 40.33 1.82
N HIS E 327 52.06 40.64 2.31
CA HIS E 327 50.85 40.04 1.77
C HIS E 327 49.71 41.05 1.85
N CYS E 328 48.77 40.91 0.91
CA CYS E 328 47.52 41.66 0.92
C CYS E 328 46.37 40.71 0.57
N PRO E 329 45.19 40.93 1.14
CA PRO E 329 44.00 40.21 0.69
C PRO E 329 43.42 40.84 -0.56
N VAL E 330 42.57 40.07 -1.23
CA VAL E 330 41.86 40.55 -2.41
C VAL E 330 40.37 40.28 -2.21
N HIS E 331 39.54 41.11 -2.83
CA HIS E 331 38.10 40.98 -2.67
C HIS E 331 37.39 41.45 -3.92
N SER E 332 36.21 40.88 -4.17
CA SER E 332 35.32 41.32 -5.24
C SER E 332 34.20 42.12 -4.58
N HIS E 333 34.32 43.44 -4.62
CA HIS E 333 33.31 44.30 -4.01
C HIS E 333 31.96 44.17 -4.68
N SER E 334 31.90 43.61 -5.88
CA SER E 334 30.64 43.36 -6.57
C SER E 334 30.18 41.94 -6.25
N THR E 335 28.94 41.81 -5.79
CA THR E 335 28.43 40.51 -5.35
C THR E 335 28.39 39.51 -6.50
N THR E 336 28.10 39.98 -7.72
CA THR E 336 27.79 39.07 -8.81
C THR E 336 28.89 38.03 -9.02
N ALA E 337 30.13 38.37 -8.72
CA ALA E 337 31.25 37.45 -8.88
C ALA E 337 32.06 37.39 -7.60
N VAL E 338 32.67 36.23 -7.38
CA VAL E 338 33.44 35.95 -6.17
C VAL E 338 34.73 35.25 -6.54
N LEU E 339 35.81 35.63 -5.87
CA LEU E 339 37.12 35.03 -6.09
C LEU E 339 37.15 33.61 -5.55
N LYS E 340 38.32 32.97 -5.67
CA LYS E 340 38.57 31.66 -5.08
C LYS E 340 39.70 31.67 -4.06
N GLU E 341 40.63 32.63 -4.13
CA GLU E 341 41.74 32.71 -3.20
C GLU E 341 41.68 34.04 -2.46
N ALA E 342 42.34 34.08 -1.30
CA ALA E 342 42.27 35.23 -0.39
C ALA E 342 43.42 36.21 -0.57
N THR E 343 44.67 35.72 -0.53
CA THR E 343 45.82 36.59 -0.62
C THR E 343 46.95 35.84 -1.34
N THR E 344 48.07 36.54 -1.54
CA THR E 344 49.21 35.96 -2.23
C THR E 344 50.45 36.77 -1.87
N HIS E 345 51.61 36.19 -2.17
CA HIS E 345 52.86 36.92 -2.02
C HIS E 345 52.85 38.16 -2.93
N VAL E 346 53.40 39.24 -2.42
CA VAL E 346 53.43 40.51 -3.15
C VAL E 346 54.83 40.74 -3.68
N THR E 347 54.97 41.76 -4.51
CA THR E 347 56.25 42.08 -5.13
C THR E 347 56.28 43.57 -5.44
N ALA E 348 57.50 44.09 -5.68
CA ALA E 348 57.64 45.50 -6.01
C ALA E 348 56.93 45.84 -7.31
N THR E 349 57.03 44.97 -8.31
CA THR E 349 56.37 45.20 -9.60
C THR E 349 55.77 43.94 -10.19
N GLY E 350 55.52 42.91 -9.39
CA GLY E 350 55.07 41.63 -9.91
C GLY E 350 53.64 41.61 -10.41
N SER E 351 53.23 40.49 -10.99
CA SER E 351 51.87 40.31 -11.47
C SER E 351 51.41 38.89 -11.14
N ILE E 352 50.09 38.73 -11.02
CA ILE E 352 49.49 37.47 -10.58
C ILE E 352 48.28 37.14 -11.45
N THR E 353 47.88 35.88 -11.39
CA THR E 353 46.66 35.39 -12.02
C THR E 353 45.73 34.85 -10.94
N LEU E 354 44.43 35.08 -11.12
CA LEU E 354 43.41 34.79 -10.11
C LEU E 354 42.27 34.01 -10.73
N HIS E 355 41.67 33.14 -9.91
CA HIS E 355 40.46 32.41 -10.27
C HIS E 355 39.25 33.07 -9.64
N PHE E 356 38.09 32.81 -10.22
CA PHE E 356 36.83 33.34 -9.68
C PHE E 356 35.67 32.69 -10.44
N SER E 357 34.46 33.01 -9.98
CA SER E 357 33.23 32.56 -10.62
C SER E 357 32.22 33.69 -10.53
N THR E 358 31.13 33.56 -11.28
CA THR E 358 30.14 34.62 -11.36
C THR E 358 28.77 34.04 -11.67
N SER E 359 27.74 34.84 -11.39
CA SER E 359 26.36 34.49 -11.71
C SER E 359 25.87 35.11 -13.02
N SER E 360 26.70 35.92 -13.68
CA SER E 360 26.35 36.52 -14.96
C SER E 360 27.54 36.40 -15.91
N PRO E 361 27.30 36.34 -17.21
CA PRO E 361 28.41 36.33 -18.17
C PRO E 361 29.08 37.69 -18.34
N GLN E 362 28.49 38.75 -17.81
CA GLN E 362 29.04 40.10 -17.94
C GLN E 362 30.02 40.32 -16.80
N ALA E 363 31.31 40.28 -17.12
CA ALA E 363 32.35 40.41 -16.10
C ALA E 363 32.71 41.87 -15.85
N ASN E 364 31.70 42.70 -15.57
CA ASN E 364 31.89 44.11 -15.27
C ASN E 364 31.71 44.31 -13.77
N PHE E 365 32.77 44.73 -13.10
CA PHE E 365 32.75 44.91 -11.64
C PHE E 365 34.03 45.62 -11.24
N ILE E 366 34.22 45.78 -9.93
CA ILE E 366 35.43 46.34 -9.35
C ILE E 366 35.99 45.35 -8.34
N VAL E 367 37.31 45.29 -8.24
CA VAL E 367 37.98 44.35 -7.35
C VAL E 367 39.09 45.10 -6.60
N SER E 368 39.23 44.78 -5.32
CA SER E 368 40.14 45.48 -4.42
C SER E 368 41.32 44.59 -4.07
N LEU E 369 42.52 45.17 -4.20
CA LEU E 369 43.77 44.57 -3.74
C LEU E 369 44.39 45.52 -2.73
N CYS E 370 44.97 44.97 -1.66
CA CYS E 370 45.39 45.77 -0.51
C CYS E 370 44.19 46.65 -0.14
N GLY E 371 44.37 47.97 -0.01
CA GLY E 371 43.24 48.86 0.18
C GLY E 371 42.76 49.52 -1.09
N LYS E 372 43.56 49.47 -2.15
CA LYS E 372 43.18 50.11 -3.40
C LYS E 372 42.31 49.15 -4.21
N LYS E 373 41.72 49.65 -5.29
CA LYS E 373 40.86 48.83 -6.14
C LYS E 373 40.95 49.29 -7.59
N THR E 374 40.58 48.38 -8.49
CA THR E 374 40.60 48.63 -9.92
C THR E 374 39.39 47.97 -10.56
N THR E 375 38.92 48.55 -11.66
CA THR E 375 37.77 48.02 -12.37
C THR E 375 38.19 46.88 -13.30
N CYS E 376 37.21 46.06 -13.68
CA CYS E 376 37.45 44.93 -14.56
C CYS E 376 36.17 44.69 -15.35
N ASN E 377 36.24 44.85 -16.67
CA ASN E 377 35.11 44.60 -17.55
C ASN E 377 35.52 43.61 -18.64
N ALA E 378 34.57 42.73 -19.00
CA ALA E 378 34.81 41.73 -20.02
C ALA E 378 33.52 40.94 -20.28
N GLU E 379 33.57 40.02 -21.24
CA GLU E 379 32.43 39.15 -21.55
C GLU E 379 32.86 37.70 -21.38
N CYS E 380 32.01 36.93 -20.71
CA CYS E 380 32.23 35.50 -20.52
C CYS E 380 31.14 34.71 -21.24
N LYS E 381 31.49 33.52 -21.70
CA LYS E 381 30.59 32.72 -22.52
C LYS E 381 29.99 31.58 -21.70
N PRO E 382 28.81 31.10 -22.06
CA PRO E 382 28.28 29.91 -21.40
C PRO E 382 29.10 28.68 -21.74
N PRO E 383 29.10 27.67 -20.89
CA PRO E 383 29.90 26.48 -21.14
C PRO E 383 29.15 25.46 -22.00
N ALA E 384 29.89 24.43 -22.41
CA ALA E 384 29.28 23.33 -23.14
C ALA E 384 28.58 22.36 -22.20
N ASP E 385 29.32 21.80 -21.24
CA ASP E 385 28.70 20.96 -20.22
C ASP E 385 27.70 21.78 -19.42
N HIS E 386 26.54 21.19 -19.14
CA HIS E 386 25.44 21.90 -18.48
C HIS E 386 24.83 21.08 -17.35
N ILE E 387 25.47 20.00 -16.93
CA ILE E 387 24.95 19.15 -15.86
C ILE E 387 26.06 18.78 -14.89
N ILE E 388 26.08 19.41 -13.72
CA ILE E 388 27.06 19.10 -12.68
C ILE E 388 26.43 19.41 -11.33
N GLY E 389 26.81 18.61 -10.33
CA GLY E 389 26.26 18.74 -8.98
C GLY E 389 27.20 19.43 -8.02
N GLU E 390 28.38 19.80 -8.48
CA GLU E 390 29.35 20.46 -7.63
C GLU E 390 28.84 21.85 -7.28
N PRO E 391 29.42 22.51 -6.27
CA PRO E 391 28.86 23.80 -5.83
C PRO E 391 28.69 24.77 -7.00
N HIS E 392 27.54 25.43 -7.02
CA HIS E 392 27.15 26.29 -8.14
C HIS E 392 26.11 27.28 -7.62
N LYS E 393 25.97 28.38 -8.35
CA LYS E 393 25.09 29.46 -7.95
C LYS E 393 25.46 29.98 -6.57
N VAL E 394 26.77 29.99 -6.28
CA VAL E 394 27.27 30.55 -5.03
C VAL E 394 26.72 31.95 -4.82
N ASP E 395 26.39 32.65 -5.90
CA ASP E 395 25.65 33.90 -5.85
C ASP E 395 24.35 33.75 -6.62
N GLN E 396 23.27 34.22 -6.03
CA GLN E 396 21.98 34.21 -6.71
C GLN E 396 21.95 35.26 -7.81
N GLU E 397 21.17 34.99 -8.85
CA GLU E 397 21.05 35.92 -9.96
C GLU E 397 20.33 37.19 -9.51
N PHE E 398 20.74 38.30 -10.10
CA PHE E 398 20.14 39.62 -9.82
C PHE E 398 19.75 40.29 -11.13
N GLN E 399 19.08 39.53 -11.99
CA GLN E 399 18.63 40.01 -13.31
C GLN E 399 19.76 40.76 -14.04
N ALA E 400 21.00 40.43 -13.72
CA ALA E 400 22.17 41.04 -14.34
C ALA E 400 22.70 40.24 -15.51
N ALA E 401 22.08 39.10 -15.83
CA ALA E 401 22.47 38.35 -17.02
C ALA E 401 22.27 39.17 -18.29
N VAL E 402 21.46 40.23 -18.23
CA VAL E 402 21.25 41.12 -19.36
C VAL E 402 22.61 41.61 -19.85
N SER E 403 22.92 41.34 -21.11
CA SER E 403 24.20 41.73 -21.68
C SER E 403 24.21 43.23 -21.97
N LYS E 404 25.42 43.79 -22.04
CA LYS E 404 25.55 45.20 -22.38
C LYS E 404 25.00 45.49 -23.77
N THR E 405 25.13 44.53 -24.70
CA THR E 405 24.60 44.71 -26.04
C THR E 405 23.07 44.83 -26.00
N SER E 406 22.42 44.01 -25.18
CA SER E 406 20.97 44.11 -25.03
C SER E 406 20.56 45.46 -24.48
N TRP E 407 21.31 45.96 -23.48
CA TRP E 407 21.03 47.29 -22.96
C TRP E 407 21.23 48.36 -24.04
N ASN E 408 22.25 48.20 -24.87
CA ASN E 408 22.48 49.15 -25.95
C ASN E 408 21.30 49.15 -26.92
N TRP E 409 20.82 47.97 -27.29
CA TRP E 409 19.67 47.90 -28.20
C TRP E 409 18.42 48.47 -27.56
N LEU E 410 18.20 48.22 -26.26
CA LEU E 410 17.01 48.74 -25.59
C LEU E 410 17.05 50.25 -25.48
N LEU E 411 18.21 50.82 -25.12
CA LEU E 411 18.29 52.27 -24.92
C LEU E 411 17.93 53.02 -26.19
N ALA E 412 18.56 52.66 -27.31
CA ALA E 412 18.27 53.31 -28.59
C ALA E 412 16.90 52.95 -29.13
N LEU E 413 16.22 51.95 -28.54
CA LEU E 413 14.93 51.52 -29.06
C LEU E 413 13.81 52.43 -28.58
N PHE E 414 13.66 52.57 -27.27
CA PHE E 414 12.54 53.32 -26.71
C PHE E 414 12.48 54.71 -27.33
N GLY E 415 11.31 55.07 -27.86
CA GLY E 415 11.16 56.32 -28.56
C GLY E 415 10.98 57.50 -27.64
N GLY E 416 11.08 58.69 -28.23
CA GLY E 416 10.88 59.93 -27.50
C GLY E 416 10.01 60.89 -28.29
N ALA E 417 9.06 60.33 -29.05
CA ALA E 417 8.19 61.15 -29.89
C ALA E 417 7.38 62.14 -29.06
N SER E 418 7.20 61.89 -27.76
CA SER E 418 6.46 62.83 -26.93
C SER E 418 7.09 64.22 -26.96
N SER E 419 8.42 64.30 -27.09
CA SER E 419 9.06 65.59 -27.28
C SER E 419 8.63 66.22 -28.60
N LEU E 420 8.57 65.42 -29.66
CA LEU E 420 8.05 65.92 -30.93
C LEU E 420 6.59 66.36 -30.77
N ILE E 421 5.82 65.63 -29.95
CA ILE E 421 4.43 66.01 -29.72
C ILE E 421 4.35 67.37 -29.04
N VAL E 422 5.20 67.59 -28.03
CA VAL E 422 5.18 68.87 -27.32
C VAL E 422 5.61 70.00 -28.24
N VAL E 423 6.62 69.76 -29.08
CA VAL E 423 7.04 70.78 -30.03
C VAL E 423 5.91 71.09 -31.01
N GLY E 424 5.22 70.05 -31.47
CA GLY E 424 4.07 70.26 -32.34
C GLY E 424 2.98 71.07 -31.67
N LEU E 425 2.73 70.80 -30.39
CA LEU E 425 1.71 71.56 -29.66
C LEU E 425 2.12 73.02 -29.52
N ILE E 426 3.40 73.28 -29.24
CA ILE E 426 3.86 74.66 -29.07
C ILE E 426 3.76 75.41 -30.40
N VAL E 427 4.21 74.80 -31.49
CA VAL E 427 4.08 75.46 -32.79
C VAL E 427 2.62 75.63 -33.16
N LEU E 428 1.77 74.69 -32.76
CA LEU E 428 0.33 74.84 -32.98
C LEU E 428 -0.20 76.05 -32.24
N VAL E 429 0.22 76.27 -31.00
CA VAL E 429 -0.24 77.42 -30.24
C VAL E 429 0.22 78.71 -30.92
N CYS E 430 1.49 78.75 -31.34
CA CYS E 430 1.99 79.96 -31.99
C CYS E 430 1.26 80.23 -33.29
N SER E 431 1.02 79.20 -34.09
CA SER E 431 0.29 79.36 -35.34
C SER E 431 -1.16 79.76 -35.09
N SER E 432 -1.77 79.25 -34.01
CA SER E 432 -3.12 79.66 -33.65
C SER E 432 -3.17 81.14 -33.32
N MET E 433 -2.18 81.63 -32.57
CA MET E 433 -2.12 83.07 -32.30
C MET E 433 -1.93 83.85 -33.60
N LEU E 434 -1.04 83.38 -34.48
CA LEU E 434 -0.81 84.07 -35.74
C LEU E 434 -2.09 84.14 -36.57
N ILE E 435 -2.86 83.04 -36.60
CA ILE E 435 -4.14 83.05 -37.28
C ILE E 435 -5.10 84.03 -36.61
N ASN E 436 -5.09 84.05 -35.27
CA ASN E 436 -5.91 85.02 -34.55
C ASN E 436 -5.56 86.44 -34.95
N THR E 437 -4.32 86.67 -35.40
CA THR E 437 -3.99 87.98 -35.95
C THR E 437 -4.90 88.32 -37.13
N ARG E 438 -5.13 87.35 -38.02
CA ARG E 438 -6.06 87.51 -39.13
C ARG E 438 -5.62 88.64 -40.06
N ILE F 1 11.78 -16.95 39.95
CA ILE F 1 11.48 -17.59 38.67
C ILE F 1 12.71 -18.35 38.19
N THR F 2 12.49 -19.39 37.38
CA THR F 2 13.53 -20.33 37.02
C THR F 2 13.60 -20.50 35.50
N ASP F 3 14.59 -21.28 35.06
CA ASP F 3 14.73 -21.66 33.67
C ASP F 3 15.09 -23.14 33.52
N ASP F 4 14.83 -23.95 34.53
CA ASP F 4 15.19 -25.36 34.49
C ASP F 4 14.28 -26.12 33.53
N PHE F 5 14.47 -27.44 33.47
CA PHE F 5 13.73 -28.30 32.57
C PHE F 5 13.09 -29.50 33.25
N THR F 6 13.46 -29.80 34.50
CA THR F 6 12.93 -30.99 35.15
C THR F 6 11.47 -30.81 35.53
N LEU F 7 11.08 -29.61 35.94
CA LEU F 7 9.74 -29.38 36.47
C LEU F 7 8.67 -29.36 35.37
N THR F 8 9.06 -29.35 34.10
CA THR F 8 8.12 -29.30 33.00
C THR F 8 7.95 -30.68 32.37
N SER F 9 6.82 -30.87 31.71
CA SER F 9 6.52 -32.12 31.00
C SER F 9 5.72 -31.78 29.75
N PRO F 10 5.82 -32.60 28.70
CA PRO F 10 5.02 -32.35 27.49
C PRO F 10 3.54 -32.64 27.69
N TYR F 11 2.74 -32.48 26.64
CA TYR F 11 1.31 -32.70 26.73
C TYR F 11 0.77 -33.00 25.34
N LEU F 12 -0.47 -33.49 25.31
CA LEU F 12 -1.14 -33.83 24.07
C LEU F 12 -1.97 -32.66 23.57
N GLY F 13 -2.14 -32.58 22.24
CA GLY F 13 -2.87 -31.49 21.64
C GLY F 13 -3.70 -31.96 20.45
N PHE F 14 -4.44 -31.00 19.88
CA PHE F 14 -5.35 -31.23 18.77
C PHE F 14 -4.84 -30.51 17.53
N CYS F 15 -4.34 -31.29 16.57
CA CYS F 15 -3.90 -30.72 15.31
C CYS F 15 -5.02 -30.77 14.27
N PRO F 16 -5.29 -29.65 13.58
CA PRO F 16 -6.31 -29.70 12.52
C PRO F 16 -5.97 -30.68 11.42
N TYR F 17 -4.69 -30.90 11.16
CA TYR F 17 -4.23 -31.86 10.16
C TYR F 17 -3.44 -32.96 10.85
N CYS F 18 -3.67 -34.19 10.44
CA CYS F 18 -2.93 -35.35 10.91
C CYS F 18 -2.38 -36.11 9.70
N ARG F 19 -1.67 -37.21 9.99
CA ARG F 19 -1.14 -38.03 8.91
C ARG F 19 -2.25 -38.58 8.01
N HIS F 20 -3.48 -38.62 8.52
CA HIS F 20 -4.63 -39.11 7.76
C HIS F 20 -5.48 -37.98 7.20
N SER F 21 -4.99 -36.74 7.24
CA SER F 21 -5.72 -35.59 6.74
C SER F 21 -7.07 -35.44 7.46
N ALA F 22 -7.11 -35.86 8.72
CA ALA F 22 -8.29 -35.73 9.55
C ALA F 22 -7.84 -35.06 10.85
N PRO F 23 -8.48 -33.96 11.24
CA PRO F 23 -8.08 -33.31 12.50
C PRO F 23 -8.17 -34.29 13.65
N CYS F 24 -7.09 -34.36 14.45
CA CYS F 24 -7.01 -35.40 15.46
C CYS F 24 -5.97 -35.02 16.50
N PHE F 25 -5.85 -35.89 17.51
CA PHE F 25 -4.93 -35.66 18.61
C PHE F 25 -3.52 -36.15 18.27
N SER F 26 -2.55 -35.30 18.54
CA SER F 26 -1.14 -35.63 18.40
C SER F 26 -0.37 -35.01 19.55
N PRO F 27 0.74 -35.64 19.98
CA PRO F 27 1.59 -35.02 20.99
C PRO F 27 2.58 -34.01 20.43
N ILE F 28 2.50 -33.69 19.13
CA ILE F 28 3.43 -32.78 18.49
C ILE F 28 2.67 -31.51 18.12
N LYS F 29 1.65 -31.18 18.91
CA LYS F 29 0.80 -30.04 18.60
C LYS F 29 1.59 -28.74 18.65
N ILE F 30 1.23 -27.82 17.76
CA ILE F 30 1.87 -26.52 17.66
C ILE F 30 0.78 -25.45 17.75
N GLU F 31 1.19 -24.22 18.06
CA GLU F 31 0.22 -23.14 18.24
C GLU F 31 0.53 -21.88 17.43
N ASN F 32 1.79 -21.53 17.20
CA ASN F 32 2.06 -20.36 16.37
C ASN F 32 3.51 -20.39 15.90
N VAL F 33 3.86 -19.41 15.07
CA VAL F 33 5.19 -19.32 14.45
C VAL F 33 5.62 -17.87 14.48
N TRP F 34 6.92 -17.64 14.25
CA TRP F 34 7.47 -16.30 14.14
C TRP F 34 8.58 -16.32 13.10
N ASP F 35 8.53 -15.37 12.16
CA ASP F 35 9.44 -15.35 11.02
C ASP F 35 9.94 -13.93 10.72
N GLU F 36 10.03 -13.08 11.75
CA GLU F 36 10.46 -11.71 11.52
C GLU F 36 11.95 -11.61 11.21
N SER F 37 12.72 -12.67 11.45
CA SER F 37 14.15 -12.62 11.17
C SER F 37 14.40 -12.39 9.70
N ASP F 38 15.36 -11.51 9.40
CA ASP F 38 15.64 -11.17 8.01
C ASP F 38 16.20 -12.35 7.23
N ASP F 39 16.86 -13.29 7.90
CA ASP F 39 17.45 -14.43 7.22
C ASP F 39 16.43 -15.39 6.65
N GLY F 40 15.15 -15.24 7.00
CA GLY F 40 14.13 -16.17 6.59
C GLY F 40 13.96 -17.37 7.50
N SER F 41 14.72 -17.44 8.59
CA SER F 41 14.57 -18.53 9.54
C SER F 41 13.23 -18.43 10.25
N ILE F 42 12.88 -19.47 10.99
CA ILE F 42 11.59 -19.55 11.66
C ILE F 42 11.79 -20.20 13.03
N ARG F 43 11.03 -19.69 14.00
CA ARG F 43 10.92 -20.25 15.34
C ARG F 43 9.56 -20.90 15.48
N ILE F 44 9.53 -22.12 15.98
CA ILE F 44 8.33 -22.94 16.03
C ILE F 44 8.14 -23.50 17.43
N GLN F 45 6.91 -23.40 17.93
CA GLN F 45 6.48 -23.99 19.18
C GLN F 45 6.18 -25.47 19.00
N VAL F 46 5.93 -26.16 20.12
CA VAL F 46 5.34 -27.49 20.06
C VAL F 46 4.89 -27.90 21.45
N SER F 47 3.88 -28.77 21.52
CA SER F 47 3.48 -29.34 22.80
C SER F 47 4.58 -30.22 23.37
N ALA F 48 5.25 -30.98 22.52
CA ALA F 48 6.32 -31.87 22.95
C ALA F 48 7.58 -31.07 23.27
N GLN F 49 8.66 -31.79 23.56
CA GLN F 49 9.94 -31.17 23.86
C GLN F 49 11.06 -32.07 23.37
N PHE F 50 12.19 -31.45 23.02
CA PHE F 50 13.37 -32.19 22.62
C PHE F 50 14.57 -31.26 22.75
N GLY F 51 15.75 -31.79 22.42
CA GLY F 51 16.99 -31.23 22.89
C GLY F 51 17.29 -31.58 24.33
N TYR F 52 16.38 -32.28 25.00
CA TYR F 52 16.56 -32.76 26.36
C TYR F 52 16.23 -34.25 26.39
N ASN F 53 16.44 -34.85 27.54
CA ASN F 53 15.91 -36.19 27.77
C ASN F 53 14.43 -36.11 28.09
N GLN F 54 13.78 -37.26 28.04
CA GLN F 54 12.37 -37.37 28.46
C GLN F 54 12.11 -36.56 29.72
N ALA F 55 11.13 -35.65 29.63
CA ALA F 55 10.72 -34.90 30.80
C ALA F 55 10.25 -35.85 31.89
N GLY F 56 10.97 -35.86 33.01
CA GLY F 56 10.72 -36.77 34.10
C GLY F 56 11.77 -37.86 34.24
N THR F 57 12.46 -38.17 33.14
CA THR F 57 13.57 -39.11 33.22
C THR F 57 14.72 -38.48 34.00
N ALA F 58 15.53 -39.35 34.62
CA ALA F 58 16.59 -38.87 35.52
C ALA F 58 17.44 -37.80 34.85
N ASP F 59 17.78 -37.98 33.58
CA ASP F 59 18.54 -36.97 32.87
C ASP F 59 17.64 -35.77 32.56
N VAL F 60 18.09 -34.58 32.95
CA VAL F 60 17.34 -33.37 32.61
C VAL F 60 17.52 -33.04 31.14
N THR F 61 18.72 -33.24 30.60
CA THR F 61 19.02 -32.85 29.23
C THR F 61 19.81 -33.95 28.53
N LYS F 62 19.31 -34.34 27.35
CA LYS F 62 20.00 -35.25 26.45
C LYS F 62 19.57 -34.86 25.03
N PHE F 63 20.49 -34.26 24.27
CA PHE F 63 20.10 -33.66 23.00
C PHE F 63 19.66 -34.70 21.98
N ARG F 64 19.92 -35.99 22.24
CA ARG F 64 19.52 -37.06 21.33
C ARG F 64 18.11 -37.58 21.60
N TYR F 65 17.41 -37.04 22.61
CA TYR F 65 16.10 -37.54 22.99
C TYR F 65 15.04 -36.47 22.77
N MET F 66 13.82 -36.92 22.46
CA MET F 66 12.67 -36.05 22.31
C MET F 66 11.60 -36.47 23.31
N SER F 67 11.09 -35.51 24.08
CA SER F 67 10.12 -35.77 25.13
C SER F 67 8.71 -35.63 24.57
N TYR F 68 7.90 -36.67 24.76
CA TYR F 68 6.52 -36.67 24.28
C TYR F 68 5.73 -37.61 25.19
N ASP F 69 4.40 -37.47 25.12
CA ASP F 69 3.52 -38.31 25.94
C ASP F 69 2.53 -39.04 25.04
N HIS F 70 2.18 -40.26 25.43
CA HIS F 70 1.20 -41.05 24.72
C HIS F 70 0.71 -42.15 25.66
N ASP F 71 -0.34 -42.83 25.24
CA ASP F 71 -0.96 -43.87 26.07
C ASP F 71 -1.24 -43.27 27.43
N HIS F 72 -0.53 -43.70 28.48
CA HIS F 72 -0.77 -43.21 29.84
C HIS F 72 0.33 -42.28 30.34
N ASP F 73 1.47 -42.20 29.66
CA ASP F 73 2.63 -41.55 30.27
C ASP F 73 3.56 -41.02 29.19
N ILE F 74 4.67 -40.44 29.64
CA ILE F 74 5.69 -39.91 28.75
C ILE F 74 6.63 -41.04 28.32
N LYS F 75 7.21 -40.87 27.13
CA LYS F 75 8.09 -41.88 26.55
C LYS F 75 9.33 -41.22 25.96
N GLU F 76 10.26 -42.07 25.50
CA GLU F 76 11.51 -41.64 24.90
C GLU F 76 11.56 -42.04 23.43
N ASP F 77 12.43 -41.36 22.69
CA ASP F 77 12.76 -41.73 21.31
C ASP F 77 13.87 -40.81 20.83
N SER F 78 14.52 -41.23 19.75
CA SER F 78 15.58 -40.43 19.14
C SER F 78 14.99 -39.27 18.37
N MET F 79 15.52 -38.07 18.61
CA MET F 79 15.08 -36.90 17.87
C MET F 79 15.49 -36.95 16.40
N GLU F 80 16.40 -37.85 16.03
CA GLU F 80 16.89 -37.90 14.66
C GLU F 80 15.78 -38.18 13.67
N LYS F 81 14.74 -38.89 14.09
CA LYS F 81 13.66 -39.28 13.21
C LYS F 81 12.70 -38.13 12.90
N LEU F 82 12.97 -36.93 13.41
CA LEU F 82 12.10 -35.78 13.20
C LEU F 82 12.44 -35.08 11.89
N ALA F 83 11.44 -34.44 11.29
CA ALA F 83 11.63 -33.71 10.05
C ALA F 83 10.64 -32.56 9.98
N ILE F 84 11.01 -31.53 9.22
CA ILE F 84 10.18 -30.34 9.03
C ILE F 84 10.12 -30.07 7.54
N SER F 85 8.97 -29.57 7.07
CA SER F 85 8.86 -29.21 5.67
C SER F 85 7.66 -28.31 5.46
N THR F 86 7.82 -27.33 4.56
CA THR F 86 6.71 -26.50 4.09
C THR F 86 6.44 -26.74 2.61
N SER F 87 7.45 -26.56 1.76
CA SER F 87 7.42 -27.01 0.38
C SER F 87 8.53 -27.99 0.09
N GLY F 88 9.31 -28.37 1.10
CA GLY F 88 10.42 -29.28 0.94
C GLY F 88 11.18 -29.44 2.24
N PRO F 89 12.29 -30.17 2.22
CA PRO F 89 13.06 -30.37 3.44
C PRO F 89 13.53 -29.05 4.03
N CYS F 90 13.55 -29.01 5.37
CA CYS F 90 14.00 -27.83 6.11
C CYS F 90 15.25 -28.19 6.90
N ARG F 91 16.28 -27.35 6.79
CA ARG F 91 17.52 -27.58 7.51
C ARG F 91 17.39 -27.12 8.95
N ARG F 92 17.69 -28.01 9.88
CA ARG F 92 17.66 -27.66 11.29
C ARG F 92 18.77 -26.66 11.62
N LEU F 93 18.46 -25.73 12.52
CA LEU F 93 19.44 -24.77 13.01
C LEU F 93 19.74 -24.97 14.48
N GLY F 94 18.71 -25.09 15.32
CA GLY F 94 18.92 -25.34 16.73
C GLY F 94 17.61 -25.66 17.42
N HIS F 95 17.72 -26.12 18.66
CA HIS F 95 16.56 -26.55 19.41
C HIS F 95 16.80 -26.33 20.90
N LYS F 96 15.75 -25.93 21.60
CA LYS F 96 15.84 -25.75 23.05
C LYS F 96 14.45 -25.47 23.58
N GLY F 97 14.22 -25.87 24.84
CA GLY F 97 12.88 -25.83 25.39
C GLY F 97 11.93 -26.65 24.55
N TYR F 98 10.69 -26.18 24.44
CA TYR F 98 9.74 -26.74 23.50
C TYR F 98 10.02 -26.31 22.06
N PHE F 99 10.95 -25.39 21.86
CA PHE F 99 11.02 -24.59 20.65
C PHE F 99 12.14 -25.06 19.72
N LEU F 100 11.91 -24.87 18.43
CA LEU F 100 12.86 -25.23 17.39
C LEU F 100 13.08 -24.06 16.44
N LEU F 101 14.32 -23.89 15.99
CA LEU F 101 14.72 -22.86 15.04
C LEU F 101 15.29 -23.53 13.81
N ALA F 102 14.76 -23.17 12.63
CA ALA F 102 15.22 -23.77 11.40
C ALA F 102 14.81 -22.90 10.21
N GLN F 103 15.45 -23.14 9.08
CA GLN F 103 15.16 -22.41 7.85
C GLN F 103 14.40 -23.30 6.88
N CYS F 104 13.44 -22.73 6.18
CA CYS F 104 12.62 -23.43 5.22
C CYS F 104 12.52 -22.59 3.95
N PRO F 105 12.23 -23.21 2.81
CA PRO F 105 12.01 -22.44 1.59
C PRO F 105 10.66 -21.74 1.62
N PRO F 106 10.35 -20.93 0.61
CA PRO F 106 9.04 -20.28 0.57
C PRO F 106 7.93 -21.33 0.50
N GLY F 107 6.81 -21.00 1.14
CA GLY F 107 5.68 -21.92 1.16
C GLY F 107 4.44 -21.25 1.71
N ASP F 108 3.33 -21.97 1.63
CA ASP F 108 2.05 -21.50 2.12
C ASP F 108 1.58 -22.24 3.37
N SER F 109 2.25 -23.33 3.75
CA SER F 109 1.89 -24.07 4.95
C SER F 109 3.12 -24.83 5.43
N VAL F 110 3.20 -25.03 6.74
CA VAL F 110 4.33 -25.72 7.35
C VAL F 110 3.82 -27.00 8.01
N THR F 111 4.73 -27.96 8.18
CA THR F 111 4.37 -29.23 8.77
C THR F 111 5.61 -29.83 9.45
N VAL F 112 5.37 -30.54 10.54
CA VAL F 112 6.41 -31.26 11.26
C VAL F 112 5.97 -32.72 11.35
N SER F 113 6.87 -33.61 10.96
CA SER F 113 6.56 -35.04 10.90
C SER F 113 7.63 -35.83 11.64
N ILE F 114 7.28 -37.05 12.01
CA ILE F 114 8.23 -37.95 12.68
C ILE F 114 7.70 -39.37 12.55
N THR F 115 8.62 -40.31 12.34
CA THR F 115 8.29 -41.72 12.28
C THR F 115 8.66 -42.38 13.60
N SER F 116 7.69 -43.05 14.21
CA SER F 116 7.92 -43.79 15.45
C SER F 116 8.52 -45.17 15.20
N GLY F 117 9.02 -45.42 14.00
CA GLY F 117 9.50 -46.73 13.62
C GLY F 117 8.43 -47.64 13.06
N ALA F 118 7.16 -47.30 13.25
CA ALA F 118 6.06 -48.09 12.70
C ALA F 118 4.95 -47.25 12.09
N SER F 119 4.91 -45.95 12.34
CA SER F 119 3.86 -45.09 11.79
C SER F 119 4.40 -43.67 11.66
N GLU F 120 3.71 -42.88 10.84
CA GLU F 120 4.08 -41.49 10.61
C GLU F 120 3.10 -40.59 11.36
N ASN F 121 3.62 -39.81 12.30
CA ASN F 121 2.82 -38.86 13.07
C ASN F 121 3.30 -37.46 12.72
N SER F 122 2.38 -36.60 12.29
CA SER F 122 2.74 -35.28 11.81
C SER F 122 1.62 -34.30 12.09
N CYS F 123 1.98 -33.02 12.11
CA CYS F 123 1.02 -31.95 12.30
C CYS F 123 1.36 -30.81 11.34
N THR F 124 0.33 -30.29 10.67
CA THR F 124 0.46 -29.21 9.70
C THR F 124 -0.32 -28.00 10.18
N VAL F 125 0.25 -26.81 9.93
CA VAL F 125 -0.43 -25.55 10.22
C VAL F 125 -0.23 -24.62 9.03
N GLU F 126 -1.07 -23.60 8.95
CA GLU F 126 -1.13 -22.71 7.80
C GLU F 126 -0.34 -21.45 8.11
N LYS F 127 0.49 -21.02 7.17
CA LYS F 127 1.27 -19.80 7.35
C LYS F 127 1.82 -19.33 6.01
N LYS F 128 1.80 -18.01 5.83
CA LYS F 128 2.33 -17.39 4.62
C LYS F 128 3.83 -17.20 4.76
N ILE F 129 4.61 -17.90 3.94
CA ILE F 129 6.07 -17.88 4.04
C ILE F 129 6.63 -17.40 2.71
N ARG F 130 7.33 -16.28 2.74
CA ARG F 130 8.00 -15.68 1.58
C ARG F 130 9.45 -15.43 1.93
N ARG F 131 10.19 -14.89 0.95
CA ARG F 131 11.62 -14.64 1.07
C ARG F 131 11.80 -13.12 1.12
N LYS F 132 11.70 -12.58 2.33
CA LYS F 132 11.87 -11.15 2.55
C LYS F 132 13.34 -10.83 2.74
N PHE F 133 13.83 -9.86 1.99
CA PHE F 133 15.23 -9.47 2.01
C PHE F 133 15.37 -7.99 2.30
N VAL F 134 16.46 -7.64 2.96
CA VAL F 134 16.74 -6.27 3.37
C VAL F 134 17.45 -5.54 2.25
N GLY F 135 17.18 -4.24 2.14
CA GLY F 135 17.82 -3.42 1.14
C GLY F 135 16.84 -2.70 0.24
N ARG F 136 17.13 -2.70 -1.06
CA ARG F 136 16.30 -1.99 -2.03
C ARG F 136 15.97 -2.82 -3.26
N GLU F 137 16.67 -3.93 -3.50
CA GLU F 137 16.29 -4.92 -4.50
C GLU F 137 16.19 -6.28 -3.81
N GLU F 138 15.07 -6.95 -3.99
CA GLU F 138 14.89 -8.28 -3.43
C GLU F 138 15.76 -9.25 -4.24
N TYR F 139 16.91 -9.60 -3.68
CA TYR F 139 17.85 -10.47 -4.35
C TYR F 139 17.35 -11.92 -4.28
N LEU F 140 18.20 -12.87 -4.66
CA LEU F 140 17.86 -14.28 -4.62
C LEU F 140 18.73 -15.06 -3.63
N PHE F 141 20.04 -14.89 -3.71
CA PHE F 141 20.96 -15.40 -2.70
C PHE F 141 22.06 -14.37 -2.49
N PRO F 142 22.55 -14.21 -1.26
CA PRO F 142 23.53 -13.15 -0.98
C PRO F 142 24.77 -13.33 -1.82
N PRO F 143 25.32 -12.24 -2.36
CA PRO F 143 26.56 -12.34 -3.14
C PRO F 143 27.79 -12.31 -2.25
N VAL F 144 28.91 -12.71 -2.84
CA VAL F 144 30.19 -12.62 -2.14
C VAL F 144 30.55 -11.16 -1.89
N HIS F 145 30.32 -10.30 -2.88
CA HIS F 145 30.71 -8.90 -2.82
C HIS F 145 29.48 -8.01 -2.68
N GLY F 146 29.63 -6.93 -1.95
CA GLY F 146 28.54 -5.99 -1.74
C GLY F 146 28.84 -5.08 -0.57
N LYS F 147 27.79 -4.41 -0.12
CA LYS F 147 27.87 -3.50 1.02
C LYS F 147 27.33 -4.17 2.27
N LEU F 148 27.97 -3.86 3.40
CA LEU F 148 27.58 -4.40 4.69
C LEU F 148 26.68 -3.40 5.40
N VAL F 149 25.52 -3.89 5.88
CA VAL F 149 24.50 -3.03 6.46
C VAL F 149 23.87 -3.73 7.66
N LYS F 150 23.26 -2.92 8.52
CA LYS F 150 22.62 -3.46 9.71
C LYS F 150 21.45 -4.37 9.33
N CYS F 151 21.21 -5.37 10.17
CA CYS F 151 20.13 -6.33 9.96
C CYS F 151 19.79 -6.95 11.30
N HIS F 152 18.63 -7.60 11.35
CA HIS F 152 18.16 -8.25 12.57
C HIS F 152 17.79 -9.69 12.25
N VAL F 153 18.31 -10.64 13.03
CA VAL F 153 18.06 -12.06 12.80
C VAL F 153 18.15 -12.81 14.12
N TYR F 154 17.64 -14.03 14.12
CA TYR F 154 17.70 -14.87 15.32
C TYR F 154 19.07 -15.53 15.41
N ASP F 155 19.68 -15.44 16.59
CA ASP F 155 20.99 -16.03 16.81
C ASP F 155 20.87 -17.53 17.06
N HIS F 156 21.75 -18.31 16.44
CA HIS F 156 21.72 -19.75 16.59
C HIS F 156 22.22 -20.23 17.95
N LEU F 157 22.55 -19.32 18.87
CA LEU F 157 23.00 -19.71 20.18
C LEU F 157 21.83 -20.20 21.02
N LYS F 158 22.02 -21.35 21.69
CA LYS F 158 20.96 -21.90 22.53
C LYS F 158 20.52 -20.92 23.61
N GLU F 159 21.47 -20.17 24.17
CA GLU F 159 21.14 -19.19 25.19
C GLU F 159 20.34 -18.04 24.57
N THR F 160 19.64 -17.31 25.45
CA THR F 160 18.72 -16.28 25.00
C THR F 160 18.54 -15.24 26.09
N SER F 161 17.99 -14.08 25.71
CA SER F 161 17.70 -13.01 26.66
C SER F 161 16.40 -12.29 26.31
N ALA F 162 15.42 -13.03 25.76
CA ALA F 162 14.17 -12.41 25.32
C ALA F 162 13.00 -13.32 25.69
N GLY F 163 11.82 -12.70 25.81
CA GLY F 163 10.58 -13.42 25.91
C GLY F 163 10.27 -13.93 27.31
N TYR F 164 9.10 -14.56 27.42
CA TYR F 164 8.57 -15.02 28.68
C TYR F 164 7.37 -15.91 28.40
N ILE F 165 7.22 -16.98 29.18
CA ILE F 165 6.11 -17.92 29.00
C ILE F 165 5.67 -18.43 30.37
N THR F 166 4.37 -18.66 30.51
CA THR F 166 3.78 -19.13 31.76
C THR F 166 3.85 -20.65 31.85
N MET F 167 3.79 -21.16 33.08
CA MET F 167 3.83 -22.59 33.34
C MET F 167 3.06 -22.88 34.62
N HIS F 168 2.19 -23.88 34.58
CA HIS F 168 1.43 -24.28 35.76
C HIS F 168 0.94 -25.71 35.57
N ARG F 169 0.42 -26.28 36.66
CA ARG F 169 -0.04 -27.66 36.64
C ARG F 169 -1.30 -27.79 35.80
N PRO F 170 -1.58 -29.00 35.28
CA PRO F 170 -2.73 -29.17 34.39
C PRO F 170 -4.00 -29.56 35.13
N GLY F 171 -5.10 -29.69 34.38
CA GLY F 171 -6.33 -30.20 34.92
C GLY F 171 -6.35 -31.70 34.92
N PRO F 172 -7.45 -32.29 35.36
CA PRO F 172 -7.54 -33.76 35.39
C PRO F 172 -7.57 -34.37 34.00
N HIS F 173 -7.09 -35.62 33.93
CA HIS F 173 -7.11 -36.41 32.72
C HIS F 173 -8.10 -37.55 32.91
N ALA F 174 -9.10 -37.63 32.03
CA ALA F 174 -10.13 -38.66 32.11
C ALA F 174 -9.83 -39.76 31.11
N TYR F 175 -9.69 -40.98 31.60
CA TYR F 175 -9.38 -42.14 30.77
C TYR F 175 -10.62 -43.03 30.69
N LYS F 176 -11.04 -43.36 29.46
CA LYS F 176 -12.25 -44.15 29.28
C LYS F 176 -12.07 -45.57 29.80
N SER F 177 -10.90 -46.17 29.56
CA SER F 177 -10.66 -47.54 29.98
C SER F 177 -10.80 -47.72 31.48
N TYR F 178 -10.67 -46.64 32.25
CA TYR F 178 -10.80 -46.73 33.71
C TYR F 178 -12.23 -47.02 34.15
N LEU F 179 -13.21 -46.89 33.26
CA LEU F 179 -14.61 -47.05 33.61
C LEU F 179 -15.18 -48.26 32.87
N GLU F 180 -15.83 -49.16 33.62
CA GLU F 180 -16.43 -50.35 33.05
C GLU F 180 -17.83 -50.55 33.61
N GLU F 181 -18.74 -51.00 32.74
CA GLU F 181 -20.07 -51.43 33.14
C GLU F 181 -20.25 -52.93 32.94
N ALA F 182 -19.15 -53.67 32.77
CA ALA F 182 -19.25 -55.11 32.62
C ALA F 182 -20.02 -55.74 33.78
N SER F 183 -19.65 -55.36 35.00
CA SER F 183 -20.46 -55.71 36.16
C SER F 183 -21.80 -54.98 36.10
N GLY F 184 -22.82 -55.59 36.72
CA GLY F 184 -24.11 -54.95 36.76
C GLY F 184 -24.05 -53.56 37.35
N GLU F 185 -23.12 -53.33 38.28
CA GLU F 185 -22.86 -52.04 38.87
C GLU F 185 -21.67 -51.39 38.17
N VAL F 186 -21.19 -50.28 38.72
CA VAL F 186 -20.03 -49.58 38.16
C VAL F 186 -18.78 -50.36 38.55
N TYR F 187 -17.96 -50.68 37.55
CA TYR F 187 -16.65 -51.28 37.78
C TYR F 187 -15.59 -50.39 37.17
N ILE F 188 -14.55 -50.09 37.95
CA ILE F 188 -13.46 -49.22 37.53
C ILE F 188 -12.15 -49.84 37.96
N LYS F 189 -11.06 -49.37 37.34
CA LYS F 189 -9.72 -49.76 37.74
C LYS F 189 -8.85 -48.51 37.77
N PRO F 190 -7.94 -48.38 38.73
CA PRO F 190 -7.11 -47.18 38.81
C PRO F 190 -6.16 -47.05 37.63
N PRO F 191 -5.56 -48.14 37.12
CA PRO F 191 -5.51 -49.54 37.58
C PRO F 191 -4.36 -49.81 38.53
N SER F 192 -4.00 -51.08 38.72
CA SER F 192 -2.98 -51.48 39.70
C SER F 192 -1.79 -50.52 39.66
N GLY F 193 -1.31 -50.16 40.85
CA GLY F 193 -0.21 -49.24 40.97
C GLY F 193 -0.54 -47.79 40.66
N LYS F 194 -1.72 -47.33 41.07
CA LYS F 194 -2.15 -45.95 40.85
C LYS F 194 -2.88 -45.45 42.10
N ASN F 195 -3.36 -44.21 42.02
CA ASN F 195 -4.05 -43.54 43.13
C ASN F 195 -5.33 -42.82 42.74
N VAL F 196 -6.10 -43.40 41.83
CA VAL F 196 -7.10 -42.67 41.05
C VAL F 196 -8.16 -42.02 41.93
N THR F 197 -8.68 -40.88 41.46
CA THR F 197 -9.87 -40.26 42.00
C THR F 197 -10.97 -40.30 40.94
N TYR F 198 -12.20 -40.53 41.38
CA TYR F 198 -13.32 -40.65 40.46
C TYR F 198 -14.52 -39.91 41.03
N GLU F 199 -15.40 -39.49 40.13
CA GLU F 199 -16.58 -38.72 40.48
C GLU F 199 -17.79 -39.29 39.76
N CYS F 200 -18.96 -39.08 40.36
CA CYS F 200 -20.23 -39.55 39.81
C CYS F 200 -21.31 -38.55 40.18
N LYS F 201 -22.11 -38.15 39.20
CA LYS F 201 -23.12 -37.12 39.40
C LYS F 201 -24.48 -37.68 39.80
N CYS F 202 -24.66 -39.00 39.80
CA CYS F 202 -25.95 -39.57 40.16
C CYS F 202 -26.33 -39.19 41.58
N GLY F 203 -27.56 -38.75 41.76
CA GLY F 203 -28.05 -38.34 43.06
C GLY F 203 -27.49 -37.00 43.49
N ASP F 204 -26.17 -36.91 43.61
CA ASP F 204 -25.49 -35.68 43.98
C ASP F 204 -24.02 -35.83 43.60
N TYR F 205 -23.20 -34.89 44.05
CA TYR F 205 -21.75 -34.98 43.83
C TYR F 205 -21.20 -36.12 44.68
N SER F 206 -20.79 -37.20 44.03
CA SER F 206 -20.19 -38.35 44.68
C SER F 206 -18.73 -38.44 44.27
N THR F 207 -17.84 -38.63 45.25
CA THR F 207 -16.42 -38.72 45.00
C THR F 207 -15.86 -39.97 45.65
N GLY F 208 -14.80 -40.50 45.04
CA GLY F 208 -14.14 -41.68 45.58
C GLY F 208 -12.67 -41.76 45.22
N ILE F 209 -11.85 -41.97 46.24
CA ILE F 209 -10.41 -42.15 46.08
C ILE F 209 -10.09 -43.63 46.21
N VAL F 210 -9.51 -44.21 45.15
CA VAL F 210 -9.21 -45.63 45.11
C VAL F 210 -7.80 -45.81 44.53
N SER F 211 -6.94 -46.49 45.28
CA SER F 211 -5.57 -46.74 44.86
C SER F 211 -5.37 -48.24 44.71
N THR F 212 -5.09 -48.67 43.49
CA THR F 212 -4.86 -50.09 43.18
C THR F 212 -6.07 -50.94 43.55
N ARG F 213 -7.27 -50.37 43.46
CA ARG F 213 -8.48 -51.08 43.84
C ARG F 213 -9.61 -50.75 42.87
N THR F 214 -10.30 -51.78 42.40
CA THR F 214 -11.53 -51.60 41.66
C THR F 214 -12.68 -51.38 42.64
N LYS F 215 -13.53 -50.38 42.37
CA LYS F 215 -14.58 -50.00 43.29
C LYS F 215 -15.89 -49.78 42.55
N MET F 216 -16.99 -49.86 43.30
CA MET F 216 -18.33 -49.75 42.78
C MET F 216 -19.05 -48.60 43.45
N ASN F 217 -20.10 -48.10 42.80
CA ASN F 217 -20.94 -47.05 43.36
C ASN F 217 -22.40 -47.39 43.10
N GLY F 218 -23.28 -46.66 43.78
CA GLY F 218 -24.70 -47.01 43.74
C GLY F 218 -25.30 -46.93 42.36
N CYS F 219 -25.02 -45.84 41.64
CA CYS F 219 -25.60 -45.63 40.31
C CYS F 219 -24.89 -46.54 39.32
N THR F 220 -25.57 -47.60 38.89
CA THR F 220 -24.92 -48.65 38.12
C THR F 220 -24.37 -48.12 36.80
N LYS F 221 -25.06 -47.16 36.19
CA LYS F 221 -24.60 -46.64 34.91
C LYS F 221 -23.18 -46.09 35.04
N ALA F 222 -22.24 -46.67 34.32
CA ALA F 222 -20.84 -46.25 34.40
C ALA F 222 -20.53 -45.05 33.52
N LYS F 223 -21.52 -44.54 32.79
CA LYS F 223 -21.27 -43.44 31.85
C LYS F 223 -21.11 -42.12 32.59
N GLN F 224 -22.15 -41.73 33.34
CA GLN F 224 -22.11 -40.45 34.05
C GLN F 224 -20.95 -40.41 35.04
N CYS F 225 -20.52 -41.57 35.55
CA CYS F 225 -19.36 -41.60 36.43
C CYS F 225 -18.12 -41.18 35.67
N ILE F 226 -17.18 -40.59 36.40
CA ILE F 226 -15.98 -40.00 35.81
C ILE F 226 -14.78 -40.39 36.67
N ALA F 227 -13.66 -40.70 36.00
CA ALA F 227 -12.43 -41.10 36.69
C ALA F 227 -11.26 -40.32 36.11
N TYR F 228 -10.23 -40.15 36.94
CA TYR F 228 -9.02 -39.43 36.57
C TYR F 228 -7.82 -40.34 36.68
N LYS F 229 -6.94 -40.28 35.69
CA LYS F 229 -5.57 -40.79 35.86
C LYS F 229 -4.65 -39.67 36.33
N ARG F 230 -5.11 -38.94 37.35
CA ARG F 230 -4.46 -37.69 37.71
C ARG F 230 -3.15 -37.98 38.43
N ASP F 231 -2.13 -37.17 38.14
CA ASP F 231 -0.86 -37.23 38.84
C ASP F 231 -0.47 -35.92 39.49
N GLN F 232 -0.86 -34.79 38.91
CA GLN F 232 -0.60 -33.46 39.45
C GLN F 232 0.83 -33.36 39.99
N THR F 233 1.78 -33.60 39.09
CA THR F 233 3.20 -33.54 39.45
C THR F 233 4.02 -32.65 38.53
N LYS F 234 3.54 -32.31 37.34
CA LYS F 234 4.33 -31.59 36.35
C LYS F 234 3.63 -30.30 35.95
N TRP F 235 4.42 -29.27 35.69
CA TRP F 235 3.90 -28.00 35.19
C TRP F 235 3.94 -28.00 33.67
N VAL F 236 2.95 -27.37 33.06
CA VAL F 236 2.79 -27.35 31.60
C VAL F 236 2.51 -25.94 31.13
N PHE F 237 2.79 -25.71 29.85
CA PHE F 237 2.54 -24.42 29.23
C PHE F 237 1.06 -24.30 28.87
N ASN F 238 0.50 -23.12 29.15
CA ASN F 238 -0.92 -22.90 28.89
C ASN F 238 -1.22 -23.15 27.42
N SER F 239 -2.24 -23.97 27.17
CA SER F 239 -2.68 -24.28 25.82
C SER F 239 -4.19 -24.32 25.79
N PRO F 240 -4.81 -23.90 24.69
CA PRO F 240 -6.28 -23.98 24.60
C PRO F 240 -6.81 -25.40 24.66
N ASP F 241 -6.06 -26.37 24.13
CA ASP F 241 -6.54 -27.75 24.07
C ASP F 241 -6.65 -28.40 25.44
N LEU F 242 -6.08 -27.81 26.47
CA LEU F 242 -6.07 -28.39 27.81
C LEU F 242 -7.00 -27.61 28.73
N ILE F 243 -7.86 -28.33 29.45
CA ILE F 243 -8.76 -27.71 30.41
C ILE F 243 -7.94 -27.04 31.51
N ARG F 244 -8.50 -25.98 32.09
CA ARG F 244 -7.84 -25.30 33.20
C ARG F 244 -8.19 -25.98 34.51
N HIS F 245 -7.17 -26.32 35.28
CA HIS F 245 -7.39 -26.84 36.62
C HIS F 245 -7.98 -25.74 37.50
N THR F 246 -8.76 -26.15 38.51
CA THR F 246 -9.45 -25.19 39.34
C THR F 246 -8.48 -24.25 40.06
N ASP F 247 -7.21 -24.63 40.20
CA ASP F 247 -6.24 -23.76 40.84
C ASP F 247 -6.08 -22.45 40.07
N HIS F 248 -6.03 -22.53 38.75
CA HIS F 248 -5.83 -21.37 37.87
C HIS F 248 -4.79 -20.41 38.46
N SER F 249 -3.67 -21.00 38.87
CA SER F 249 -2.60 -20.28 39.55
C SER F 249 -1.34 -20.28 38.69
N VAL F 250 -0.71 -19.11 38.58
CA VAL F 250 0.57 -18.99 37.89
C VAL F 250 1.65 -19.49 38.84
N GLN F 251 2.27 -20.61 38.50
CA GLN F 251 3.24 -21.26 39.38
C GLN F 251 4.69 -21.09 38.93
N GLY F 252 4.93 -20.88 37.64
CA GLY F 252 6.30 -20.71 37.17
C GLY F 252 6.32 -20.12 35.79
N LYS F 253 7.54 -19.92 35.28
CA LYS F 253 7.74 -19.35 33.96
C LYS F 253 8.82 -20.13 33.22
N LEU F 254 9.09 -19.70 32.00
CA LEU F 254 10.24 -20.18 31.25
C LEU F 254 10.58 -19.16 30.17
N HIS F 255 11.84 -19.17 29.75
CA HIS F 255 12.30 -18.30 28.68
C HIS F 255 12.05 -18.93 27.32
N ILE F 256 12.28 -18.15 26.27
CA ILE F 256 12.17 -18.63 24.89
C ILE F 256 13.57 -18.59 24.29
N PRO F 257 14.11 -19.72 23.81
CA PRO F 257 15.47 -19.71 23.27
C PRO F 257 15.53 -19.02 21.92
N PHE F 258 16.75 -18.69 21.51
CA PHE F 258 17.03 -18.19 20.17
C PHE F 258 16.34 -16.84 19.94
N ARG F 259 16.71 -15.86 20.77
CA ARG F 259 16.14 -14.53 20.65
C ARG F 259 16.59 -13.87 19.35
N LEU F 260 16.06 -12.68 19.11
CA LEU F 260 16.44 -11.86 17.97
C LEU F 260 17.55 -10.90 18.38
N THR F 261 18.51 -10.69 17.50
CA THR F 261 19.62 -9.79 17.75
C THR F 261 19.99 -9.05 16.49
N PRO F 262 20.55 -7.84 16.61
CA PRO F 262 21.13 -7.17 15.45
C PRO F 262 22.47 -7.77 15.07
N THR F 263 22.85 -7.52 13.83
CA THR F 263 24.10 -8.00 13.26
C THR F 263 24.30 -7.28 11.93
N VAL F 264 25.32 -7.69 11.19
CA VAL F 264 25.67 -7.10 9.90
C VAL F 264 25.43 -8.13 8.81
N CYS F 265 24.78 -7.71 7.73
CA CYS F 265 24.48 -8.57 6.61
C CYS F 265 24.97 -7.91 5.32
N PRO F 266 25.34 -8.71 4.32
CA PRO F 266 25.75 -8.14 3.04
C PRO F 266 24.60 -8.03 2.04
N VAL F 267 24.71 -7.04 1.16
CA VAL F 267 23.72 -6.82 0.11
C VAL F 267 24.42 -6.47 -1.19
N PRO F 268 23.82 -6.81 -2.32
CA PRO F 268 24.45 -6.53 -3.61
C PRO F 268 24.50 -5.04 -3.91
N LEU F 269 25.52 -4.64 -4.65
CA LEU F 269 25.60 -3.30 -5.22
C LEU F 269 25.33 -3.44 -6.72
N ALA F 270 24.08 -3.22 -7.10
CA ALA F 270 23.66 -3.48 -8.47
C ALA F 270 24.46 -2.63 -9.46
N HIS F 271 24.43 -3.06 -10.72
CA HIS F 271 25.06 -2.33 -11.81
C HIS F 271 24.67 -0.87 -11.77
N THR F 272 25.64 0.02 -11.53
CA THR F 272 25.34 1.43 -11.51
C THR F 272 25.07 1.91 -12.93
N PRO F 273 24.37 3.03 -13.08
CA PRO F 273 23.86 3.42 -14.40
C PRO F 273 24.84 4.30 -15.18
N THR F 274 24.58 4.37 -16.48
CA THR F 274 25.22 5.34 -17.35
C THR F 274 24.34 6.58 -17.43
N VAL F 275 24.98 7.75 -17.36
CA VAL F 275 24.27 9.02 -17.29
C VAL F 275 24.53 9.79 -18.58
N THR F 276 23.46 10.29 -19.18
CA THR F 276 23.56 11.11 -20.37
C THR F 276 23.64 12.58 -19.96
N LYS F 277 23.52 13.48 -20.93
CA LYS F 277 23.54 14.92 -20.69
C LYS F 277 22.41 15.54 -21.49
N TRP F 278 21.41 16.10 -20.80
CA TRP F 278 20.19 16.55 -21.42
C TRP F 278 19.91 17.99 -21.00
N PHE F 279 19.26 18.74 -21.89
CA PHE F 279 19.05 20.17 -21.71
C PHE F 279 18.00 20.38 -20.63
N LYS F 280 18.40 21.02 -19.53
CA LYS F 280 17.53 21.15 -18.34
C LYS F 280 16.92 19.81 -17.96
N GLY F 281 17.75 18.77 -17.96
CA GLY F 281 17.29 17.46 -17.58
C GLY F 281 18.40 16.45 -17.71
N ILE F 282 18.03 15.18 -17.60
CA ILE F 282 18.97 14.07 -17.78
C ILE F 282 18.19 12.86 -18.28
N THR F 283 18.88 12.01 -19.04
CA THR F 283 18.35 10.73 -19.47
C THR F 283 19.32 9.64 -19.01
N LEU F 284 18.76 8.56 -18.48
CA LEU F 284 19.55 7.54 -17.79
C LEU F 284 19.51 6.22 -18.55
N HIS F 285 20.36 5.30 -18.10
CA HIS F 285 20.44 3.94 -18.67
C HIS F 285 20.59 2.97 -17.50
N LEU F 286 19.46 2.50 -16.98
CA LEU F 286 19.45 1.58 -15.87
C LEU F 286 19.49 0.14 -16.37
N THR F 287 20.28 -0.69 -15.70
CA THR F 287 20.42 -2.11 -16.04
C THR F 287 20.28 -2.93 -14.77
N ALA F 288 19.47 -3.98 -14.84
CA ALA F 288 19.26 -4.85 -13.69
C ALA F 288 18.82 -6.23 -14.17
N THR F 289 19.03 -7.22 -13.31
CA THR F 289 18.57 -8.59 -13.54
C THR F 289 17.48 -9.00 -12.56
N ARG F 290 17.00 -8.07 -11.74
CA ARG F 290 16.05 -8.38 -10.68
C ARG F 290 15.32 -7.09 -10.32
N PRO F 291 14.11 -7.19 -9.77
CA PRO F 291 13.44 -5.96 -9.33
C PRO F 291 14.29 -5.19 -8.34
N THR F 292 14.36 -3.87 -8.56
CA THR F 292 15.19 -2.98 -7.75
C THR F 292 14.47 -1.66 -7.57
N LEU F 293 14.63 -1.08 -6.39
CA LEU F 293 13.99 0.19 -6.06
C LEU F 293 14.86 1.35 -6.50
N LEU F 294 14.22 2.37 -7.07
CA LEU F 294 14.90 3.60 -7.44
C LEU F 294 14.00 4.76 -7.04
N THR F 295 14.62 5.91 -6.80
CA THR F 295 13.85 7.09 -6.41
C THR F 295 14.75 8.32 -6.55
N THR F 296 14.11 9.48 -6.46
CA THR F 296 14.82 10.75 -6.44
C THR F 296 13.89 11.83 -5.91
N ARG F 297 14.50 12.95 -5.50
CA ARG F 297 13.76 14.07 -4.94
C ARG F 297 14.54 15.35 -5.24
N LYS F 298 13.79 16.43 -5.47
CA LYS F 298 14.43 17.72 -5.69
C LYS F 298 15.15 18.18 -4.43
N LEU F 299 15.94 19.24 -4.57
CA LEU F 299 16.70 19.80 -3.46
C LEU F 299 16.25 21.21 -3.12
N GLY F 300 15.04 21.60 -3.53
CA GLY F 300 14.52 22.92 -3.23
C GLY F 300 13.19 22.88 -2.50
N LEU F 301 12.35 23.89 -2.72
CA LEU F 301 11.05 23.94 -2.06
C LEU F 301 10.22 22.71 -2.40
N ARG F 302 9.89 22.55 -3.69
CA ARG F 302 9.04 21.46 -4.14
C ARG F 302 9.87 20.18 -4.19
N ALA F 303 9.54 19.22 -3.32
CA ALA F 303 10.30 17.98 -3.28
C ALA F 303 10.23 17.24 -4.61
N ASP F 304 9.03 17.16 -5.19
CA ASP F 304 8.82 16.45 -6.44
C ASP F 304 9.41 15.04 -6.33
N ALA F 305 9.12 14.39 -5.21
CA ALA F 305 9.65 13.06 -4.95
C ALA F 305 9.04 12.05 -5.91
N THR F 306 9.84 11.05 -6.28
CA THR F 306 9.39 9.99 -7.15
C THR F 306 10.13 8.71 -6.82
N ALA F 307 9.45 7.59 -7.04
CA ALA F 307 10.01 6.26 -6.79
C ALA F 307 9.44 5.29 -7.78
N GLU F 308 10.15 4.18 -7.98
CA GLU F 308 9.76 3.21 -8.99
C GLU F 308 10.51 1.89 -8.73
N TRP F 309 9.98 0.82 -9.30
CA TRP F 309 10.63 -0.49 -9.31
C TRP F 309 11.00 -0.84 -10.74
N ILE F 310 12.24 -1.27 -10.94
CA ILE F 310 12.78 -1.59 -12.25
C ILE F 310 13.16 -3.05 -12.27
N THR F 311 12.68 -3.77 -13.29
CA THR F 311 12.94 -5.21 -13.39
C THR F 311 14.22 -5.50 -14.18
N GLY F 312 14.27 -5.06 -15.44
CA GLY F 312 15.41 -5.33 -16.28
C GLY F 312 16.26 -4.09 -16.53
N THR F 313 16.29 -3.64 -17.78
CA THR F 313 17.04 -2.45 -18.15
C THR F 313 16.20 -1.57 -19.06
N THR F 314 16.35 -0.27 -18.91
CA THR F 314 15.58 0.71 -19.66
C THR F 314 16.23 2.08 -19.46
N SER F 315 15.54 3.13 -19.92
CA SER F 315 16.00 4.50 -19.75
C SER F 315 14.87 5.36 -19.23
N ARG F 316 15.22 6.43 -18.51
CA ARG F 316 14.26 7.34 -17.93
C ARG F 316 14.76 8.77 -18.10
N ASN F 317 13.83 9.69 -18.34
CA ASN F 317 14.13 11.10 -18.50
C ASN F 317 13.59 11.85 -17.29
N PHE F 318 14.50 12.49 -16.54
CA PHE F 318 14.13 13.28 -15.36
C PHE F 318 14.55 14.71 -15.59
N SER F 319 13.61 15.64 -15.46
CA SER F 319 13.92 17.05 -15.58
C SER F 319 14.61 17.55 -14.30
N VAL F 320 15.59 18.43 -14.47
CA VAL F 320 16.35 18.98 -13.36
C VAL F 320 16.24 20.49 -13.40
N GLY F 321 15.92 21.10 -12.25
CA GLY F 321 15.86 22.53 -12.16
C GLY F 321 17.23 23.15 -11.89
N ARG F 322 17.26 24.48 -11.95
CA ARG F 322 18.50 25.20 -11.66
C ARG F 322 18.96 24.95 -10.24
N GLU F 323 18.03 24.79 -9.30
CA GLU F 323 18.40 24.64 -7.90
C GLU F 323 19.28 23.42 -7.70
N GLY F 324 18.75 22.24 -7.97
CA GLY F 324 19.48 21.00 -7.76
C GLY F 324 18.52 19.84 -7.58
N LEU F 325 19.05 18.64 -7.81
CA LEU F 325 18.25 17.43 -7.77
C LEU F 325 19.03 16.31 -7.08
N GLU F 326 18.31 15.49 -6.32
CA GLU F 326 18.88 14.29 -5.72
C GLU F 326 18.65 13.09 -6.64
N TYR F 327 19.44 12.05 -6.43
CA TYR F 327 19.41 10.88 -7.32
C TYR F 327 19.83 9.65 -6.53
N VAL F 328 18.98 8.62 -6.55
CA VAL F 328 19.21 7.40 -5.79
C VAL F 328 19.14 6.21 -6.72
N TRP F 329 19.86 5.14 -6.37
CA TRP F 329 19.82 3.89 -7.12
C TRP F 329 20.61 2.85 -6.34
N GLY F 330 20.26 1.59 -6.55
CA GLY F 330 20.98 0.51 -5.90
C GLY F 330 20.85 0.59 -4.39
N ASN F 331 21.98 0.35 -3.71
CA ASN F 331 22.05 0.41 -2.25
C ASN F 331 23.28 1.16 -1.79
N HIS F 332 23.75 2.10 -2.61
CA HIS F 332 24.92 2.90 -2.31
C HIS F 332 24.51 4.35 -2.10
N GLU F 333 25.45 5.13 -1.56
CA GLU F 333 25.16 6.53 -1.27
C GLU F 333 24.74 7.25 -2.56
N PRO F 334 23.79 8.15 -2.50
CA PRO F 334 23.30 8.84 -3.70
C PRO F 334 24.27 9.93 -4.13
N VAL F 335 23.96 10.53 -5.28
CA VAL F 335 24.75 11.61 -5.85
C VAL F 335 23.80 12.72 -6.26
N ARG F 336 24.15 13.96 -5.94
CA ARG F 336 23.34 15.12 -6.25
C ARG F 336 23.82 15.75 -7.55
N VAL F 337 22.89 16.03 -8.46
CA VAL F 337 23.21 16.59 -9.77
C VAL F 337 22.30 17.78 -10.02
N TRP F 338 22.90 18.91 -10.38
CA TRP F 338 22.19 20.15 -10.68
C TRP F 338 22.44 20.50 -12.15
N ALA F 339 22.03 21.70 -12.55
CA ALA F 339 22.15 22.09 -13.95
C ALA F 339 22.27 23.61 -14.05
N GLN F 340 22.71 24.06 -15.22
CA GLN F 340 22.83 25.48 -15.54
C GLN F 340 22.37 25.67 -16.99
N GLU F 341 22.65 26.84 -17.54
CA GLU F 341 22.16 27.23 -18.86
C GLU F 341 23.30 27.25 -19.87
N SER F 342 22.99 26.83 -21.11
CA SER F 342 23.98 26.79 -22.17
C SER F 342 23.45 27.27 -23.52
N ALA F 343 22.25 27.84 -23.57
CA ALA F 343 21.70 28.27 -24.85
C ALA F 343 22.50 29.46 -25.39
N PRO F 344 22.53 29.64 -26.72
CA PRO F 344 23.37 30.69 -27.35
C PRO F 344 22.72 32.07 -27.35
N GLY F 345 22.86 32.78 -26.23
CA GLY F 345 22.27 34.09 -26.09
C GLY F 345 23.12 35.25 -26.55
N ASP F 346 24.31 35.41 -25.96
CA ASP F 346 25.07 36.63 -26.15
C ASP F 346 25.47 36.79 -27.62
N PRO F 347 25.37 38.00 -28.18
CA PRO F 347 25.83 38.22 -29.56
C PRO F 347 27.32 38.50 -29.64
N HIS F 348 27.81 38.82 -30.83
CA HIS F 348 29.21 39.12 -31.06
C HIS F 348 29.36 40.41 -31.86
N GLY F 349 28.55 41.41 -31.54
CA GLY F 349 28.60 42.69 -32.22
C GLY F 349 27.83 42.75 -33.53
N TRP F 350 27.23 41.64 -33.96
CA TRP F 350 26.47 41.59 -35.20
C TRP F 350 25.02 41.25 -34.88
N PRO F 351 24.10 41.39 -35.84
CA PRO F 351 22.72 40.94 -35.60
C PRO F 351 22.70 39.46 -35.24
N HIS F 352 21.85 39.12 -34.27
CA HIS F 352 21.80 37.76 -33.77
C HIS F 352 20.40 37.46 -33.26
N GLU F 353 20.09 36.17 -33.16
CA GLU F 353 18.83 35.69 -32.60
C GLU F 353 19.01 35.37 -31.12
N ILE F 354 19.36 36.40 -30.35
CA ILE F 354 19.61 36.23 -28.92
C ILE F 354 18.35 35.73 -28.22
N ILE F 355 17.19 36.22 -28.66
CA ILE F 355 15.92 35.94 -27.97
C ILE F 355 15.79 34.46 -27.63
N ILE F 356 16.25 33.59 -28.53
CA ILE F 356 16.02 32.16 -28.34
C ILE F 356 16.59 31.70 -27.00
N HIS F 357 17.80 32.13 -26.67
CA HIS F 357 18.36 31.79 -25.36
C HIS F 357 17.45 32.26 -24.24
N TYR F 358 17.03 33.53 -24.31
CA TYR F 358 16.12 34.05 -23.29
C TYR F 358 14.77 33.35 -23.34
N TYR F 359 14.42 32.73 -24.47
CA TYR F 359 13.22 31.91 -24.52
C TYR F 359 13.46 30.55 -23.86
N HIS F 360 14.66 30.00 -23.99
CA HIS F 360 14.96 28.71 -23.37
C HIS F 360 14.92 28.80 -21.85
N ARG F 361 15.25 29.97 -21.30
CA ARG F 361 15.22 30.20 -19.86
C ARG F 361 14.10 31.17 -19.54
N HIS F 362 13.22 30.76 -18.62
CA HIS F 362 12.13 31.62 -18.21
C HIS F 362 11.28 32.01 -19.42
N PRO F 363 10.48 31.08 -19.96
CA PRO F 363 9.57 31.45 -21.05
C PRO F 363 8.63 32.57 -20.63
N VAL F 364 8.53 32.80 -19.33
CA VAL F 364 7.89 33.99 -18.78
C VAL F 364 8.94 35.08 -18.64
N TYR F 365 8.50 36.33 -18.70
CA TYR F 365 9.39 37.49 -18.56
C TYR F 365 10.23 37.71 -19.82
N THR F 366 10.13 36.81 -20.80
CA THR F 366 10.89 36.92 -22.03
C THR F 366 10.04 37.41 -23.20
N VAL F 367 8.78 36.98 -23.27
CA VAL F 367 7.86 37.52 -24.27
C VAL F 367 7.12 38.76 -23.76
N ILE F 368 7.07 38.94 -22.43
CA ILE F 368 6.42 40.13 -21.88
C ILE F 368 7.16 41.38 -22.31
N VAL F 369 8.49 41.30 -22.38
CA VAL F 369 9.27 42.45 -22.85
C VAL F 369 8.93 42.77 -24.30
N LEU F 370 8.78 41.74 -25.13
CA LEU F 370 8.40 41.97 -26.52
C LEU F 370 7.01 42.60 -26.61
N CYS F 371 6.07 42.12 -25.80
CA CYS F 371 4.73 42.70 -25.80
C CYS F 371 4.77 44.17 -25.38
N GLY F 372 5.56 44.48 -24.35
CA GLY F 372 5.69 45.87 -23.92
C GLY F 372 6.33 46.75 -24.97
N VAL F 373 7.33 46.20 -25.68
CA VAL F 373 7.98 46.95 -26.76
C VAL F 373 6.95 47.25 -27.86
N ALA F 374 6.17 46.25 -28.24
CA ALA F 374 5.15 46.48 -29.26
C ALA F 374 4.12 47.49 -28.79
N LEU F 375 3.72 47.42 -27.53
CA LEU F 375 2.75 48.38 -26.99
C LEU F 375 3.32 49.79 -27.04
N ALA F 376 4.57 49.97 -26.64
CA ALA F 376 5.18 51.29 -26.69
C ALA F 376 5.27 51.81 -28.11
N ILE F 377 5.67 50.93 -29.05
CA ILE F 377 5.76 51.35 -30.44
C ILE F 377 4.41 51.82 -30.94
N LEU F 378 3.36 51.02 -30.70
CA LEU F 378 2.03 51.38 -31.17
C LEU F 378 1.54 52.68 -30.52
N VAL F 379 1.75 52.83 -29.21
CA VAL F 379 1.30 54.03 -28.53
C VAL F 379 1.98 55.26 -29.11
N GLY F 380 3.31 55.21 -29.23
CA GLY F 380 4.03 56.34 -29.79
C GLY F 380 3.58 56.67 -31.20
N THR F 381 3.47 55.64 -32.05
CA THR F 381 3.07 55.89 -33.43
C THR F 381 1.68 56.51 -33.51
N ALA F 382 0.72 55.94 -32.78
CA ALA F 382 -0.65 56.43 -32.85
C ALA F 382 -0.75 57.85 -32.32
N SER F 383 -0.13 58.12 -31.16
CA SER F 383 -0.20 59.47 -30.60
C SER F 383 0.45 60.48 -31.52
N SER F 384 1.64 60.15 -32.04
CA SER F 384 2.33 61.08 -32.93
C SER F 384 1.52 61.34 -34.19
N ALA F 385 0.95 60.28 -34.78
CA ALA F 385 0.17 60.46 -36.01
C ALA F 385 -1.06 61.32 -35.75
N ALA F 386 -1.78 61.04 -34.66
CA ALA F 386 -2.98 61.82 -34.35
C ALA F 386 -2.63 63.28 -34.14
N CYS F 387 -1.58 63.55 -33.35
CA CYS F 387 -1.23 64.92 -33.05
C CYS F 387 -0.72 65.68 -34.28
N ILE F 388 0.13 65.05 -35.08
CA ILE F 388 0.64 65.71 -36.28
C ILE F 388 -0.51 65.99 -37.24
N ALA F 389 -1.41 65.02 -37.42
CA ALA F 389 -2.52 65.20 -38.34
C ALA F 389 -3.43 66.33 -37.87
N LYS F 390 -3.75 66.36 -36.58
CA LYS F 390 -4.63 67.42 -36.07
C LYS F 390 -3.97 68.79 -36.18
N ALA F 391 -2.68 68.87 -35.85
CA ALA F 391 -1.97 70.15 -35.96
C ALA F 391 -1.95 70.62 -37.41
N ARG F 392 -1.67 69.72 -38.34
CA ARG F 392 -1.65 70.07 -39.75
C ARG F 392 -3.03 70.52 -40.22
N ARG F 393 -4.08 69.81 -39.81
CA ARG F 393 -5.43 70.20 -40.19
C ARG F 393 -5.77 71.58 -39.64
N ASP F 394 -5.39 71.86 -38.39
CA ASP F 394 -5.66 73.16 -37.81
C ASP F 394 -4.90 74.26 -38.54
N CYS F 395 -3.65 73.99 -38.92
CA CYS F 395 -2.86 75.02 -39.60
C CYS F 395 -3.34 75.22 -41.03
N LEU F 396 -3.98 74.22 -41.63
CA LEU F 396 -4.34 74.30 -43.04
C LEU F 396 -5.79 74.72 -43.26
N THR F 397 -6.69 74.42 -42.31
CA THR F 397 -8.11 74.60 -42.58
C THR F 397 -8.52 76.07 -42.60
N PRO F 398 -8.37 76.83 -41.52
CA PRO F 398 -8.76 78.25 -41.61
C PRO F 398 -7.96 79.01 -42.65
N TYR F 399 -6.70 78.62 -42.86
CA TYR F 399 -5.96 79.12 -44.01
C TYR F 399 -6.70 78.85 -45.30
N ALA F 400 -7.41 77.71 -45.37
CA ALA F 400 -8.30 77.39 -46.48
C ALA F 400 -7.59 77.54 -47.82
N LEU F 401 -6.49 76.79 -47.99
CA LEU F 401 -5.69 76.90 -49.20
C LEU F 401 -6.01 75.75 -50.16
N ALA F 402 -5.33 75.77 -51.30
CA ALA F 402 -5.46 74.73 -52.30
C ALA F 402 -4.07 74.32 -52.77
N PRO F 403 -3.89 73.07 -53.23
CA PRO F 403 -2.57 72.65 -53.67
C PRO F 403 -2.11 73.40 -54.90
N ASN F 404 -0.79 73.60 -55.00
CA ASN F 404 -0.18 74.29 -56.14
C ASN F 404 -0.80 75.67 -56.35
N ALA F 405 -0.75 76.50 -55.31
CA ALA F 405 -1.30 77.84 -55.37
C ALA F 405 -0.30 78.84 -54.82
N THR F 406 -0.61 80.13 -54.96
CA THR F 406 0.28 81.17 -54.47
C THR F 406 0.20 81.31 -52.95
N VAL F 407 -1.01 81.30 -52.39
CA VAL F 407 -1.17 81.52 -50.95
C VAL F 407 -0.37 80.49 -50.15
N PRO F 408 -0.30 79.22 -50.54
CA PRO F 408 0.39 78.22 -49.72
C PRO F 408 1.91 78.43 -49.63
N THR F 409 2.32 79.61 -49.20
CA THR F 409 3.75 79.85 -48.94
C THR F 409 4.22 78.98 -47.77
N ALA F 410 3.65 79.22 -46.59
CA ALA F 410 3.91 78.35 -45.46
C ALA F 410 3.79 76.90 -45.85
N LEU F 411 2.84 76.56 -46.73
CA LEU F 411 2.73 75.21 -47.26
C LEU F 411 4.02 74.78 -47.96
N ALA F 412 4.62 75.65 -48.76
CA ALA F 412 5.92 75.32 -49.34
C ALA F 412 6.84 74.74 -48.30
N VAL F 413 6.64 75.12 -47.03
CA VAL F 413 7.38 74.49 -45.94
C VAL F 413 6.64 73.30 -45.36
N LEU F 414 5.31 73.40 -45.22
CA LEU F 414 4.55 72.46 -44.39
C LEU F 414 4.56 71.05 -44.99
N CYS F 415 4.22 70.93 -46.27
CA CYS F 415 4.18 69.63 -46.93
C CYS F 415 5.48 69.35 -47.67
N PHE G 1 -29.89 4.14 22.06
CA PHE G 1 -30.24 5.38 21.41
C PHE G 1 -29.05 6.34 21.42
N GLU G 2 -29.15 7.44 20.68
CA GLU G 2 -28.08 8.43 20.58
C GLU G 2 -28.63 9.80 20.89
N HIS G 3 -27.78 10.66 21.44
CA HIS G 3 -28.16 12.01 21.82
C HIS G 3 -26.90 12.87 21.86
N ALA G 4 -27.09 14.17 21.86
CA ALA G 4 -25.97 15.10 21.97
C ALA G 4 -26.42 16.31 22.78
N THR G 5 -25.45 16.95 23.44
CA THR G 5 -25.76 18.10 24.28
C THR G 5 -24.46 18.77 24.71
N THR G 6 -24.54 20.08 24.94
CA THR G 6 -23.39 20.86 25.39
C THR G 6 -23.54 21.21 26.86
N VAL G 7 -22.43 21.17 27.58
CA VAL G 7 -22.42 21.49 29.01
C VAL G 7 -21.30 22.45 29.32
N PRO G 8 -21.48 23.42 30.21
CA PRO G 8 -20.37 24.30 30.58
C PRO G 8 -19.34 23.57 31.42
N ASN G 9 -18.11 24.09 31.38
CA ASN G 9 -17.02 23.55 32.19
C ASN G 9 -17.21 24.03 33.63
N VAL G 10 -17.43 23.08 34.54
CA VAL G 10 -17.61 23.40 35.96
C VAL G 10 -17.66 22.08 36.73
N PRO G 11 -17.06 22.00 37.91
CA PRO G 11 -17.07 20.73 38.66
C PRO G 11 -18.22 20.62 39.64
N GLY G 12 -18.73 19.40 39.76
CA GLY G 12 -19.74 19.09 40.77
C GLY G 12 -21.04 19.85 40.60
N ILE G 13 -21.52 19.98 39.36
CA ILE G 13 -22.79 20.65 39.09
C ILE G 13 -23.67 19.73 38.24
N PRO G 14 -24.47 18.86 38.84
CA PRO G 14 -25.29 17.96 38.03
C PRO G 14 -26.22 18.71 37.09
N TYR G 15 -26.27 18.25 35.85
CA TYR G 15 -27.21 18.74 34.84
C TYR G 15 -28.16 17.61 34.49
N LYS G 16 -29.45 17.93 34.43
CA LYS G 16 -30.51 16.96 34.17
C LYS G 16 -31.09 17.22 32.80
N ALA G 17 -31.12 16.18 31.97
CA ALA G 17 -31.62 16.28 30.61
C ALA G 17 -32.56 15.12 30.32
N LEU G 18 -33.24 15.21 29.19
CA LEU G 18 -34.23 14.21 28.80
C LEU G 18 -33.95 13.72 27.38
N VAL G 19 -34.23 12.44 27.16
CA VAL G 19 -34.22 11.84 25.82
C VAL G 19 -35.64 11.39 25.53
N GLU G 20 -36.21 11.90 24.44
CA GLU G 20 -37.61 11.68 24.12
C GLU G 20 -37.74 10.67 22.99
N ARG G 21 -38.58 9.66 23.20
CA ARG G 21 -38.85 8.63 22.20
C ARG G 21 -40.31 8.21 22.32
N ALA G 22 -41.05 8.31 21.23
CA ALA G 22 -42.44 7.89 21.23
C ALA G 22 -42.54 6.42 21.60
N GLY G 23 -43.49 6.10 22.47
CA GLY G 23 -43.65 4.75 22.97
C GLY G 23 -42.72 4.38 24.11
N TYR G 24 -41.86 5.31 24.55
CA TYR G 24 -40.94 5.06 25.65
C TYR G 24 -40.88 6.29 26.53
N ALA G 25 -40.88 6.07 27.84
CA ALA G 25 -40.83 7.19 28.77
C ALA G 25 -39.51 7.94 28.60
N PRO G 26 -39.51 9.27 28.72
CA PRO G 26 -38.25 10.01 28.55
C PRO G 26 -37.32 9.85 29.75
N LEU G 27 -36.22 9.15 29.55
CA LEU G 27 -35.29 8.88 30.64
C LEU G 27 -34.65 10.19 31.11
N ASN G 28 -34.39 10.25 32.42
CA ASN G 28 -33.71 11.39 33.02
C ASN G 28 -32.23 11.09 33.09
N LEU G 29 -31.42 11.90 32.42
CA LEU G 29 -29.98 11.73 32.36
C LEU G 29 -29.31 12.79 33.23
N GLU G 30 -28.45 12.35 34.15
CA GLU G 30 -27.74 13.23 35.07
C GLU G 30 -26.26 13.21 34.73
N ILE G 31 -25.69 14.40 34.51
CA ILE G 31 -24.31 14.55 34.08
C ILE G 31 -23.59 15.39 35.11
N THR G 32 -22.47 14.89 35.63
CA THR G 32 -21.66 15.65 36.57
C THR G 32 -20.19 15.59 36.17
N VAL G 33 -19.53 16.74 36.24
CA VAL G 33 -18.10 16.83 36.00
C VAL G 33 -17.43 16.62 37.35
N VAL G 34 -17.01 15.37 37.60
CA VAL G 34 -16.42 15.03 38.89
C VAL G 34 -15.14 15.83 39.11
N SER G 35 -14.29 15.91 38.08
CA SER G 35 -13.03 16.62 38.19
C SER G 35 -12.55 16.99 36.80
N SER G 36 -11.55 17.86 36.75
CA SER G 36 -10.91 18.27 35.50
C SER G 36 -9.41 18.03 35.63
N GLU G 37 -8.77 17.75 34.50
CA GLU G 37 -7.33 17.48 34.50
C GLU G 37 -6.76 17.97 33.18
N LEU G 38 -6.19 19.18 33.20
CA LEU G 38 -5.53 19.75 32.04
C LEU G 38 -4.04 19.43 32.11
N THR G 39 -3.56 18.64 31.16
CA THR G 39 -2.17 18.20 31.12
C THR G 39 -1.52 18.64 29.83
N PRO G 40 -0.59 19.58 29.84
CA PRO G 40 0.09 20.00 28.62
C PRO G 40 1.25 19.06 28.30
N SER G 41 1.97 19.40 27.23
CA SER G 41 3.16 18.67 26.82
C SER G 41 4.39 19.42 27.29
N THR G 42 5.33 18.70 27.89
CA THR G 42 6.45 19.31 28.59
C THR G 42 7.77 18.87 27.95
N ASN G 43 8.77 19.75 28.06
CA ASN G 43 10.12 19.46 27.61
C ASN G 43 11.10 20.03 28.64
N LYS G 44 12.06 19.21 29.06
CA LYS G 44 13.06 19.66 30.02
C LYS G 44 14.20 20.35 29.30
N GLU G 45 14.60 21.52 29.80
CA GLU G 45 15.65 22.31 29.17
C GLU G 45 16.97 22.23 29.95
N TYR G 46 16.93 22.58 31.24
CA TYR G 46 18.14 22.49 32.06
C TYR G 46 17.78 22.79 33.51
N VAL G 47 18.67 22.35 34.39
CA VAL G 47 18.50 22.53 35.83
C VAL G 47 19.42 23.66 36.29
N THR G 48 19.15 24.16 37.49
CA THR G 48 19.98 25.21 38.07
C THR G 48 19.79 25.21 39.58
N CYS G 49 20.75 25.80 40.28
CA CYS G 49 20.73 25.86 41.74
C CYS G 49 21.92 26.70 42.19
N LYS G 50 22.01 26.90 43.50
CA LYS G 50 23.16 27.60 44.06
C LYS G 50 24.44 26.81 43.75
N PHE G 51 25.51 27.54 43.45
CA PHE G 51 26.76 26.95 43.03
C PHE G 51 27.81 27.12 44.12
N HIS G 52 28.79 26.22 44.12
CA HIS G 52 29.96 26.31 44.99
C HIS G 52 31.20 26.41 44.11
N THR G 53 32.04 27.40 44.39
CA THR G 53 33.27 27.59 43.66
C THR G 53 34.32 26.58 44.13
N VAL G 54 35.41 26.50 43.36
CA VAL G 54 36.53 25.63 43.68
C VAL G 54 37.80 26.46 43.65
N VAL G 55 38.63 26.31 44.68
CA VAL G 55 39.91 27.01 44.75
C VAL G 55 40.98 25.96 44.98
N PRO G 56 41.37 25.20 43.95
CA PRO G 56 42.31 24.11 44.17
C PRO G 56 43.66 24.61 44.64
N SER G 57 44.40 23.71 45.28
CA SER G 57 45.76 24.00 45.71
C SER G 57 46.54 24.59 44.52
N PRO G 58 47.24 25.71 44.71
CA PRO G 58 47.86 26.38 43.58
C PRO G 58 49.04 25.59 43.02
N GLN G 59 49.38 25.91 41.77
CA GLN G 59 50.52 25.30 41.09
C GLN G 59 51.67 26.31 41.15
N VAL G 60 52.59 26.10 42.07
CA VAL G 60 53.69 27.03 42.32
C VAL G 60 54.98 26.38 41.85
N LYS G 61 55.68 27.06 40.95
CA LYS G 61 56.98 26.62 40.47
C LYS G 61 58.05 27.45 41.17
N CYS G 62 58.88 26.76 41.97
CA CYS G 62 59.99 27.37 42.70
C CYS G 62 61.12 27.66 41.74
N CYS G 63 61.31 28.94 41.43
CA CYS G 63 62.43 29.40 40.62
C CYS G 63 62.40 28.75 39.23
N GLY G 64 61.28 28.96 38.53
CA GLY G 64 61.11 28.43 37.19
C GLY G 64 60.11 29.22 36.37
N SER G 65 59.25 28.51 35.64
CA SER G 65 58.25 29.16 34.80
C SER G 65 57.05 28.23 34.65
N LEU G 66 55.92 28.82 34.26
CA LEU G 66 54.67 28.07 34.10
C LEU G 66 53.86 28.71 32.98
N GLU G 67 52.61 28.29 32.84
CA GLU G 67 51.74 28.80 31.79
C GLU G 67 50.28 28.67 32.24
N CYS G 68 49.38 29.12 31.39
CA CYS G 68 47.95 29.16 31.66
C CYS G 68 47.27 28.20 30.69
N LYS G 69 47.01 26.98 31.15
CA LYS G 69 46.50 25.91 30.29
C LYS G 69 45.00 26.06 30.11
N ALA G 70 44.37 25.03 29.55
CA ALA G 70 42.94 25.01 29.29
C ALA G 70 42.33 23.75 29.88
N SER G 71 41.02 23.82 30.16
CA SER G 71 40.30 22.70 30.73
C SER G 71 38.82 22.82 30.36
N SER G 72 38.09 21.73 30.60
CA SER G 72 36.68 21.66 30.25
C SER G 72 35.75 22.03 31.39
N LYS G 73 36.28 22.34 32.56
CA LYS G 73 35.43 22.70 33.70
C LYS G 73 34.63 23.95 33.39
N ALA G 74 33.39 23.99 33.88
CA ALA G 74 32.56 25.17 33.69
C ALA G 74 33.18 26.36 34.40
N ASP G 75 33.20 27.51 33.71
CA ASP G 75 33.81 28.73 34.24
C ASP G 75 35.28 28.52 34.57
N TYR G 76 35.94 27.58 33.91
CA TYR G 76 37.34 27.34 34.18
C TYR G 76 38.16 28.55 33.76
N THR G 77 39.08 28.95 34.64
CA THR G 77 39.95 30.08 34.36
C THR G 77 41.30 29.80 35.01
N CYS G 78 42.35 30.34 34.40
CA CYS G 78 43.69 30.25 34.96
C CYS G 78 44.38 31.59 34.82
N ARG G 79 45.36 31.83 35.69
CA ARG G 79 46.18 33.03 35.58
C ARG G 79 47.47 32.83 36.36
N VAL G 80 48.52 33.49 35.90
CA VAL G 80 49.87 33.27 36.38
C VAL G 80 50.50 34.60 36.78
N PHE G 81 51.44 34.52 37.72
CA PHE G 81 52.22 35.67 38.15
C PHE G 81 53.64 35.20 38.46
N GLY G 82 54.55 36.16 38.57
CA GLY G 82 55.94 35.86 38.84
C GLY G 82 56.50 36.73 39.95
N GLY G 83 57.72 36.39 40.37
CA GLY G 83 58.40 37.15 41.41
C GLY G 83 57.65 37.17 42.73
N VAL G 84 57.21 36.01 43.19
CA VAL G 84 56.38 35.88 44.38
C VAL G 84 57.13 35.10 45.43
N TYR G 85 57.02 35.55 46.69
CA TYR G 85 57.63 34.89 47.84
C TYR G 85 56.52 34.43 48.78
N PRO G 86 55.96 33.24 48.54
CA PRO G 86 54.98 32.71 49.49
C PRO G 86 55.63 32.29 50.79
N PHE G 87 54.87 32.36 51.88
CA PHE G 87 55.33 32.00 53.21
C PHE G 87 54.37 31.02 53.84
N MET G 88 54.81 30.43 54.95
CA MET G 88 54.04 29.41 55.65
C MET G 88 54.64 29.24 57.04
N TRP G 89 53.94 28.48 57.89
CA TRP G 89 54.28 28.45 59.31
C TRP G 89 55.71 28.01 59.53
N GLY G 90 56.15 26.97 58.81
CA GLY G 90 57.54 26.57 58.89
C GLY G 90 58.51 27.57 58.31
N GLY G 91 58.02 28.61 57.64
CA GLY G 91 58.83 29.66 57.08
C GLY G 91 58.46 29.88 55.63
N ALA G 92 59.40 30.45 54.88
CA ALA G 92 59.24 30.69 53.46
C ALA G 92 59.63 29.43 52.70
N GLN G 93 58.72 28.91 51.87
CA GLN G 93 58.98 27.68 51.16
C GLN G 93 59.97 27.88 50.02
N CYS G 94 60.00 29.07 49.42
CA CYS G 94 60.84 29.32 48.26
C CYS G 94 60.81 30.80 47.95
N PHE G 95 61.96 31.35 47.58
CA PHE G 95 62.04 32.74 47.14
C PHE G 95 63.05 32.85 46.01
N CYS G 96 62.63 33.48 44.92
CA CYS G 96 63.50 33.76 43.78
C CYS G 96 62.92 34.99 43.10
N ASP G 97 63.66 36.11 43.19
CA ASP G 97 63.13 37.43 42.87
C ASP G 97 62.28 37.45 41.60
N SER G 98 62.69 36.68 40.59
CA SER G 98 61.97 36.67 39.32
C SER G 98 61.59 35.25 38.91
N GLU G 99 62.44 34.27 39.22
CA GLU G 99 62.24 32.92 38.73
C GLU G 99 61.03 32.25 39.36
N ASN G 100 60.66 32.61 40.59
CA ASN G 100 59.45 32.07 41.18
C ASN G 100 58.24 32.41 40.31
N THR G 101 57.32 31.44 40.19
CA THR G 101 56.06 31.75 39.53
C THR G 101 54.93 30.99 40.21
N GLN G 102 53.74 31.59 40.17
CA GLN G 102 52.54 31.05 40.77
C GLN G 102 51.46 30.97 39.71
N LEU G 103 50.71 29.87 39.71
CA LEU G 103 49.61 29.66 38.77
C LEU G 103 48.39 29.25 39.56
N SER G 104 47.29 29.96 39.35
CA SER G 104 46.03 29.66 40.02
C SER G 104 44.96 29.39 38.98
N GLU G 105 43.98 28.57 39.37
CA GLU G 105 42.87 28.23 38.50
C GLU G 105 41.60 28.13 39.34
N ALA G 106 40.47 28.30 38.67
CA ALA G 106 39.19 28.35 39.35
C ALA G 106 38.09 27.81 38.45
N TYR G 107 37.14 27.09 39.05
CA TYR G 107 35.95 26.63 38.37
C TYR G 107 34.85 26.50 39.42
N VAL G 108 33.75 25.84 39.06
CA VAL G 108 32.56 25.83 39.89
C VAL G 108 31.78 24.54 39.65
N GLU G 109 30.99 24.15 40.65
CA GLU G 109 30.09 23.01 40.49
C GLU G 109 28.87 23.20 41.38
N PHE G 110 27.80 22.50 41.05
CA PHE G 110 26.58 22.58 41.85
C PHE G 110 26.85 22.12 43.28
N ALA G 111 26.28 22.85 44.24
CA ALA G 111 26.52 22.56 45.64
C ALA G 111 25.87 21.23 46.02
N PRO G 112 26.39 20.56 47.05
CA PRO G 112 25.81 19.25 47.44
C PRO G 112 24.34 19.33 47.79
N ASP G 113 23.90 20.40 48.45
CA ASP G 113 22.48 20.52 48.80
C ASP G 113 21.60 20.72 47.58
N CYS G 114 22.18 21.13 46.45
CA CYS G 114 21.44 21.32 45.21
C CYS G 114 20.48 20.15 44.97
N THR G 115 20.92 18.94 45.33
CA THR G 115 20.14 17.74 45.05
C THR G 115 18.68 17.91 45.43
N ILE G 116 18.38 18.76 46.40
CA ILE G 116 17.00 19.02 46.80
C ILE G 116 16.57 20.46 46.60
N ASP G 117 17.50 21.41 46.53
CA ASP G 117 17.17 22.81 46.32
C ASP G 117 17.13 23.20 44.85
N HIS G 118 17.31 22.24 43.95
CA HIS G 118 17.41 22.55 42.53
C HIS G 118 16.06 22.99 41.96
N ALA G 119 16.14 23.92 41.01
CA ALA G 119 15.01 24.31 40.20
C ALA G 119 15.29 23.92 38.76
N VAL G 120 14.24 23.85 37.96
CA VAL G 120 14.34 23.34 36.59
C VAL G 120 13.57 24.27 35.67
N ALA G 121 14.11 24.50 34.47
CA ALA G 121 13.45 25.30 33.45
C ALA G 121 12.72 24.37 32.48
N LEU G 122 11.44 24.64 32.25
CA LEU G 122 10.57 23.79 31.45
C LEU G 122 10.01 24.56 30.26
N LYS G 123 9.99 23.89 29.11
CA LYS G 123 9.34 24.37 27.91
C LYS G 123 8.03 23.60 27.75
N VAL G 124 6.91 24.33 27.78
CA VAL G 124 5.59 23.72 27.74
C VAL G 124 4.88 24.18 26.48
N HIS G 125 3.83 23.44 26.10
CA HIS G 125 3.15 23.67 24.84
C HIS G 125 1.94 22.73 24.78
N THR G 126 1.02 23.05 23.86
CA THR G 126 -0.05 22.14 23.47
C THR G 126 -0.81 21.60 24.68
N ALA G 127 -1.49 22.53 25.36
CA ALA G 127 -2.31 22.15 26.50
C ALA G 127 -3.36 21.13 26.08
N ALA G 128 -3.46 20.05 26.85
CA ALA G 128 -4.43 18.99 26.59
C ALA G 128 -5.23 18.74 27.86
N LEU G 129 -6.48 18.35 27.68
CA LEU G 129 -7.42 18.22 28.79
C LEU G 129 -7.83 16.77 29.01
N LYS G 130 -8.02 16.42 30.27
CA LYS G 130 -8.55 15.12 30.68
C LYS G 130 -9.65 15.40 31.70
N VAL G 131 -10.82 14.79 31.50
CA VAL G 131 -12.01 15.12 32.26
C VAL G 131 -12.64 13.84 32.80
N GLY G 132 -13.01 13.87 34.07
CA GLY G 132 -13.72 12.78 34.71
C GLY G 132 -15.18 13.13 34.89
N LEU G 133 -16.05 12.20 34.49
CA LEU G 133 -17.48 12.42 34.45
C LEU G 133 -18.19 11.30 35.20
N ARG G 134 -19.30 11.65 35.85
CA ARG G 134 -20.24 10.68 36.40
C ARG G 134 -21.57 10.87 35.70
N ILE G 135 -22.07 9.79 35.08
CA ILE G 135 -23.25 9.84 34.24
C ILE G 135 -24.24 8.82 34.77
N VAL G 136 -25.46 9.26 35.08
CA VAL G 136 -26.51 8.37 35.59
C VAL G 136 -27.68 8.41 34.63
N TYR G 137 -28.09 7.24 34.15
CA TYR G 137 -29.25 7.10 33.29
C TYR G 137 -30.12 5.97 33.82
N GLY G 138 -31.34 6.30 34.23
CA GLY G 138 -32.26 5.30 34.74
C GLY G 138 -31.66 4.50 35.88
N ASN G 139 -31.24 5.22 36.93
CA ASN G 139 -30.55 4.62 38.09
C ASN G 139 -29.44 3.68 37.64
N THR G 140 -28.80 4.01 36.51
CA THR G 140 -27.63 3.29 36.01
C THR G 140 -26.46 4.28 36.04
N THR G 141 -25.61 4.15 37.04
CA THR G 141 -24.50 5.06 37.21
C THR G 141 -23.26 4.55 36.50
N ALA G 142 -22.41 5.47 36.07
CA ALA G 142 -21.16 5.14 35.39
C ALA G 142 -20.14 6.22 35.66
N ARG G 143 -18.93 5.81 36.03
CA ARG G 143 -17.81 6.71 36.24
C ARG G 143 -16.83 6.52 35.09
N LEU G 144 -16.54 7.62 34.39
CA LEU G 144 -15.75 7.58 33.17
C LEU G 144 -14.72 8.69 33.21
N ASP G 145 -13.66 8.53 32.41
CA ASP G 145 -12.63 9.56 32.28
C ASP G 145 -12.13 9.55 30.84
N THR G 146 -12.03 10.72 30.23
CA THR G 146 -11.73 10.80 28.80
C THR G 146 -11.13 12.16 28.47
N PHE G 147 -10.43 12.21 27.33
CA PHE G 147 -9.95 13.48 26.80
C PHE G 147 -11.09 14.24 26.13
N VAL G 148 -10.92 15.56 26.03
CA VAL G 148 -11.93 16.37 25.35
C VAL G 148 -11.80 16.28 23.84
N ASN G 149 -10.71 15.73 23.33
CA ASN G 149 -10.54 15.62 21.88
C ASN G 149 -11.71 14.82 21.30
N GLY G 150 -12.20 15.28 20.15
CA GLY G 150 -13.41 14.71 19.58
C GLY G 150 -13.24 13.30 19.07
N VAL G 151 -12.01 12.78 19.06
CA VAL G 151 -11.76 11.47 18.46
C VAL G 151 -11.92 10.36 19.48
N THR G 152 -11.34 10.53 20.68
CA THR G 152 -11.24 9.40 21.60
C THR G 152 -12.47 9.32 22.50
N PRO G 153 -13.18 8.19 22.54
CA PRO G 153 -14.16 7.98 23.59
C PRO G 153 -13.55 7.26 24.79
N GLY G 154 -13.75 7.81 25.99
CA GLY G 154 -13.35 7.11 27.19
C GLY G 154 -14.17 5.85 27.37
N SER G 155 -13.56 4.85 27.99
CA SER G 155 -14.19 3.54 28.16
C SER G 155 -14.78 3.42 29.57
N SER G 156 -16.10 3.21 29.63
CA SER G 156 -16.79 2.97 30.88
C SER G 156 -18.03 2.15 30.55
N ARG G 157 -18.02 0.86 30.90
CA ARG G 157 -19.02 -0.11 30.50
C ARG G 157 -18.94 -0.42 29.02
N ASP G 158 -17.87 0.02 28.34
CA ASP G 158 -17.75 -0.07 26.89
C ASP G 158 -18.78 0.81 26.19
N LEU G 159 -19.20 1.88 26.86
CA LEU G 159 -20.09 2.88 26.27
C LEU G 159 -19.23 4.05 25.79
N LYS G 160 -19.13 4.18 24.47
CA LYS G 160 -18.29 5.23 23.86
C LYS G 160 -19.11 6.52 23.79
N VAL G 161 -18.71 7.49 24.62
CA VAL G 161 -19.32 8.81 24.62
C VAL G 161 -18.23 9.82 24.27
N ILE G 162 -18.43 10.54 23.17
CA ILE G 162 -17.47 11.52 22.68
C ILE G 162 -17.87 12.90 23.19
N ALA G 163 -16.89 13.78 23.33
CA ALA G 163 -17.14 15.15 23.75
C ALA G 163 -16.05 16.05 23.22
N GLY G 164 -16.34 17.35 23.22
CA GLY G 164 -15.41 18.35 22.74
C GLY G 164 -15.54 18.58 21.25
N PRO G 165 -14.67 19.43 20.70
CA PRO G 165 -13.52 20.08 21.35
C PRO G 165 -13.93 21.23 22.27
N ILE G 166 -12.97 21.73 23.06
CA ILE G 166 -13.24 22.82 23.99
C ILE G 166 -13.76 24.03 23.23
N SER G 167 -14.73 24.72 23.84
CA SER G 167 -15.25 25.95 23.22
C SER G 167 -14.19 27.03 23.12
N ALA G 168 -13.38 27.22 24.17
CA ALA G 168 -12.34 28.23 24.16
C ALA G 168 -11.17 27.71 25.00
N ALA G 169 -9.98 27.77 24.43
CA ALA G 169 -8.78 27.24 25.06
C ALA G 169 -8.24 28.24 26.07
N PHE G 170 -7.97 27.76 27.28
CA PHE G 170 -7.40 28.58 28.34
C PHE G 170 -6.19 27.87 28.91
N SER G 171 -5.10 28.59 29.08
CA SER G 171 -3.86 27.99 29.57
C SER G 171 -3.10 29.00 30.43
N PRO G 172 -3.12 28.87 31.75
CA PRO G 172 -2.30 29.78 32.58
C PRO G 172 -0.81 29.60 32.36
N PHE G 173 -0.39 28.47 31.79
CA PHE G 173 1.02 28.20 31.58
C PHE G 173 1.54 29.00 30.40
N ASP G 174 2.62 29.75 30.62
CA ASP G 174 3.38 30.32 29.53
C ASP G 174 4.27 29.26 28.91
N HIS G 175 4.69 29.50 27.66
CA HIS G 175 5.51 28.51 26.97
C HIS G 175 6.74 28.14 27.77
N LYS G 176 7.27 29.08 28.56
CA LYS G 176 8.42 28.84 29.43
C LYS G 176 7.96 28.96 30.88
N VAL G 177 8.48 28.08 31.74
CA VAL G 177 8.13 28.07 33.16
C VAL G 177 9.32 27.56 33.94
N VAL G 178 9.27 27.72 35.27
CA VAL G 178 10.28 27.18 36.16
C VAL G 178 9.59 26.43 37.28
N ILE G 179 10.25 25.39 37.78
CA ILE G 179 9.70 24.56 38.85
C ILE G 179 10.74 24.45 39.96
N ARG G 180 10.27 24.53 41.21
CA ARG G 180 11.15 24.51 42.37
C ARG G 180 10.35 24.06 43.59
N LYS G 181 10.73 22.92 44.17
CA LYS G 181 10.23 22.49 45.46
C LYS G 181 8.70 22.41 45.48
N GLY G 182 8.12 21.92 44.39
CA GLY G 182 6.69 21.79 44.31
C GLY G 182 5.94 23.04 43.93
N LEU G 183 6.65 24.09 43.52
CA LEU G 183 6.05 25.34 43.09
C LEU G 183 6.38 25.60 41.63
N VAL G 184 5.46 26.25 40.94
CA VAL G 184 5.60 26.57 39.52
C VAL G 184 5.53 28.09 39.37
N TYR G 185 6.57 28.67 38.78
CA TYR G 185 6.67 30.11 38.59
C TYR G 185 6.75 30.40 37.10
N ASN G 186 5.91 31.32 36.64
CA ASN G 186 5.90 31.73 35.24
C ASN G 186 7.04 32.70 34.99
N TYR G 187 7.98 32.29 34.14
CA TYR G 187 9.20 33.05 33.91
C TYR G 187 9.70 32.76 32.51
N ASP G 188 10.48 33.70 31.97
CA ASP G 188 11.09 33.58 30.66
C ASP G 188 12.59 33.36 30.87
N PHE G 189 12.97 32.11 31.07
CA PHE G 189 14.37 31.79 31.31
C PHE G 189 15.16 31.86 30.00
N PRO G 190 16.46 32.11 30.07
CA PRO G 190 17.27 32.14 28.85
C PRO G 190 17.49 30.74 28.28
N GLU G 191 18.02 30.72 27.06
CA GLU G 191 18.24 29.46 26.36
C GLU G 191 19.41 28.70 26.96
N TYR G 192 19.41 27.38 26.75
CA TYR G 192 20.54 26.55 27.15
C TYR G 192 21.82 27.07 26.51
N GLY G 193 22.87 27.17 27.33
CA GLY G 193 24.11 27.73 26.87
C GLY G 193 24.15 29.24 26.82
N ALA G 194 23.08 29.91 27.23
CA ALA G 194 23.02 31.37 27.28
C ALA G 194 22.95 31.78 28.74
N MET G 195 24.01 32.43 29.23
CA MET G 195 24.12 32.82 30.62
C MET G 195 24.52 34.29 30.71
N ASN G 196 24.29 34.86 31.89
CA ASN G 196 24.66 36.23 32.18
C ASN G 196 25.04 36.29 33.65
N PRO G 197 26.23 36.79 34.00
CA PRO G 197 26.59 36.88 35.42
C PRO G 197 25.58 37.68 36.20
N GLY G 198 25.26 37.19 37.41
CA GLY G 198 24.26 37.85 38.23
C GLY G 198 22.84 37.66 37.79
N ALA G 199 22.58 36.77 36.83
CA ALA G 199 21.26 36.55 36.29
C ALA G 199 20.81 35.12 36.55
N PHE G 200 19.48 34.92 36.49
CA PHE G 200 18.92 33.59 36.70
C PHE G 200 19.51 32.62 35.69
N GLY G 201 19.62 31.36 36.12
CA GLY G 201 20.15 30.32 35.26
C GLY G 201 21.57 30.59 34.84
N ASP G 202 22.42 31.01 35.79
CA ASP G 202 23.83 31.19 35.49
C ASP G 202 24.57 29.86 35.35
N ILE G 203 24.01 28.78 35.88
CA ILE G 203 24.60 27.45 35.81
C ILE G 203 23.57 26.50 35.24
N GLN G 204 24.01 25.61 34.35
CA GLN G 204 23.12 24.72 33.62
C GLN G 204 23.64 23.29 33.69
N ALA G 205 22.72 22.34 33.56
CA ALA G 205 23.06 20.93 33.51
C ALA G 205 21.88 20.12 33.02
N SER G 206 22.10 19.25 32.03
CA SER G 206 21.02 18.42 31.51
C SER G 206 20.43 17.54 32.60
N SER G 207 21.23 17.16 33.59
CA SER G 207 20.77 16.37 34.72
C SER G 207 21.31 16.97 36.00
N LEU G 208 20.63 16.65 37.11
CA LEU G 208 21.06 17.16 38.41
C LEU G 208 22.48 16.74 38.74
N ASP G 209 22.91 15.59 38.22
CA ASP G 209 24.24 15.05 38.49
C ASP G 209 25.05 14.84 37.21
N ALA G 210 24.62 15.44 36.09
CA ALA G 210 25.37 15.33 34.85
C ALA G 210 26.78 15.86 35.03
N THR G 211 27.76 15.12 34.53
CA THR G 211 29.14 15.57 34.60
C THR G 211 29.34 16.85 33.81
N ASP G 212 28.71 16.96 32.64
CA ASP G 212 28.81 18.16 31.84
C ASP G 212 28.07 19.31 32.51
N ILE G 213 28.71 20.48 32.53
CA ILE G 213 28.14 21.67 33.13
C ILE G 213 28.74 22.89 32.44
N VAL G 214 27.97 23.97 32.38
CA VAL G 214 28.41 25.20 31.74
C VAL G 214 27.82 26.38 32.49
N ALA G 215 28.59 27.46 32.57
CA ALA G 215 28.15 28.66 33.27
C ALA G 215 29.03 29.83 32.82
N ARG G 216 28.66 31.02 33.28
CA ARG G 216 29.48 32.21 33.06
C ARG G 216 29.04 33.26 34.07
N THR G 217 29.91 33.56 35.05
CA THR G 217 29.53 34.47 36.13
C THR G 217 30.63 35.47 36.46
N ASP G 218 31.44 35.84 35.47
CA ASP G 218 32.43 36.92 35.61
C ASP G 218 33.40 36.64 36.76
N ILE G 219 34.18 35.58 36.57
CA ILE G 219 35.22 35.20 37.53
C ILE G 219 36.54 35.70 36.95
N ARG G 220 37.10 36.75 37.53
CA ARG G 220 38.43 37.23 37.19
C ARG G 220 39.32 37.10 38.42
N LEU G 221 40.47 36.46 38.25
CA LEU G 221 41.37 36.22 39.36
C LEU G 221 42.05 37.52 39.78
N LEU G 222 42.53 37.53 41.02
CA LEU G 222 43.20 38.69 41.61
C LEU G 222 44.65 38.36 41.89
N LYS G 223 45.50 39.40 41.85
CA LYS G 223 46.91 39.22 42.09
C LYS G 223 47.15 38.74 43.52
N PRO G 224 48.20 37.94 43.75
CA PRO G 224 48.49 37.49 45.12
C PRO G 224 48.76 38.66 46.05
N SER G 225 48.37 38.49 47.31
CA SER G 225 48.49 39.54 48.32
C SER G 225 49.87 39.46 48.99
N VAL G 226 50.01 40.19 50.10
CA VAL G 226 51.32 40.43 50.70
C VAL G 226 51.75 39.19 51.48
N LYS G 227 52.77 38.50 50.98
CA LYS G 227 53.63 37.58 51.71
C LYS G 227 52.93 36.30 52.17
N ASN G 228 51.63 36.16 51.96
CA ASN G 228 50.89 35.00 52.45
C ASN G 228 50.26 34.29 51.25
N ILE G 229 50.58 33.00 51.10
CA ILE G 229 50.05 32.24 49.98
C ILE G 229 48.54 32.07 50.15
N HIS G 230 47.81 32.44 49.11
CA HIS G 230 46.36 32.25 49.05
C HIS G 230 45.92 32.55 47.63
N VAL G 231 44.62 32.48 47.40
CA VAL G 231 44.07 32.69 46.06
C VAL G 231 42.95 33.72 46.14
N PRO G 232 43.26 35.01 46.09
CA PRO G 232 42.19 36.02 46.08
C PRO G 232 41.43 35.97 44.77
N TYR G 233 40.11 35.80 44.85
CA TYR G 233 39.26 35.62 43.69
C TYR G 233 38.11 36.61 43.75
N THR G 234 37.31 36.62 42.69
CA THR G 234 36.18 37.52 42.60
C THR G 234 35.14 36.90 41.66
N GLN G 235 33.87 37.14 41.96
CA GLN G 235 32.78 36.55 41.19
C GLN G 235 31.46 37.14 41.66
N ALA G 236 30.49 37.16 40.77
CA ALA G 236 29.20 37.78 41.04
C ALA G 236 28.26 36.80 41.75
N VAL G 237 27.36 37.37 42.55
CA VAL G 237 26.46 36.55 43.34
C VAL G 237 25.65 35.63 42.42
N SER G 238 25.19 34.51 42.99
CA SER G 238 24.37 33.57 42.24
C SER G 238 23.06 34.23 41.83
N GLY G 239 22.68 34.03 40.57
CA GLY G 239 21.36 34.46 40.14
C GLY G 239 20.23 33.69 40.79
N TYR G 240 20.53 32.49 41.31
CA TYR G 240 19.50 31.70 41.97
C TYR G 240 18.95 32.43 43.20
N GLU G 241 19.83 32.88 44.10
CA GLU G 241 19.37 33.58 45.29
C GLU G 241 18.70 34.90 44.94
N MET G 242 19.26 35.64 43.98
CA MET G 242 18.64 36.88 43.54
C MET G 242 17.21 36.63 43.06
N TRP G 243 17.04 35.70 42.14
CA TRP G 243 15.72 35.40 41.63
C TRP G 243 14.81 34.90 42.74
N LYS G 244 15.36 34.18 43.71
CA LYS G 244 14.56 33.75 44.86
C LYS G 244 14.02 34.94 45.63
N ASN G 245 14.87 35.94 45.88
CA ASN G 245 14.42 37.12 46.62
C ASN G 245 13.37 37.89 45.85
N ASN G 246 13.35 37.76 44.51
CA ASN G 246 12.44 38.52 43.67
C ASN G 246 11.81 37.65 42.59
N SER G 247 11.58 36.37 42.88
CA SER G 247 10.98 35.48 41.89
C SER G 247 9.55 35.88 41.55
N GLY G 248 8.91 36.69 42.39
CA GLY G 248 7.49 36.94 42.26
C GLY G 248 6.68 35.86 42.95
N ARG G 249 5.38 36.11 43.04
CA ARG G 249 4.51 35.18 43.74
C ARG G 249 4.23 33.95 42.89
N PRO G 250 3.92 32.81 43.54
CA PRO G 250 3.65 31.60 42.77
C PRO G 250 2.43 31.74 41.88
N LEU G 251 2.45 31.00 40.77
CA LEU G 251 1.28 30.95 39.89
C LEU G 251 0.06 30.40 40.61
N GLN G 252 0.26 29.65 41.69
CA GLN G 252 -0.87 29.08 42.43
C GLN G 252 -1.85 30.16 42.86
N GLU G 253 -1.36 31.37 43.14
CA GLU G 253 -2.19 32.46 43.63
C GLU G 253 -2.54 33.47 42.55
N THR G 254 -2.31 33.14 41.28
CA THR G 254 -2.57 34.07 40.20
C THR G 254 -3.34 33.45 39.04
N ALA G 255 -3.45 32.13 38.96
CA ALA G 255 -4.12 31.52 37.82
C ALA G 255 -5.62 31.85 37.85
N PRO G 256 -6.24 32.07 36.69
CA PRO G 256 -7.68 32.30 36.65
C PRO G 256 -8.47 31.01 36.82
N PHE G 257 -9.74 31.17 37.12
CA PHE G 257 -10.69 30.07 37.21
C PHE G 257 -10.36 29.09 38.33
N GLY G 258 -9.57 29.53 39.30
CA GLY G 258 -9.29 28.70 40.47
C GLY G 258 -8.58 27.41 40.14
N CYS G 259 -7.58 27.46 39.26
CA CYS G 259 -6.82 26.25 38.94
C CYS G 259 -6.12 25.72 40.18
N LYS G 260 -6.07 24.39 40.28
CA LYS G 260 -5.27 23.71 41.30
C LYS G 260 -4.16 22.98 40.56
N ILE G 261 -2.92 23.40 40.75
CA ILE G 261 -1.81 23.00 39.90
C ILE G 261 -0.85 22.13 40.69
N GLU G 262 -0.42 21.03 40.07
CA GLU G 262 0.55 20.12 40.67
C GLU G 262 1.71 19.90 39.72
N VAL G 263 2.84 19.49 40.29
CA VAL G 263 4.14 19.59 39.61
C VAL G 263 4.50 18.28 38.92
N GLU G 264 4.46 17.15 39.63
CA GLU G 264 4.96 15.91 39.03
C GLU G 264 4.27 15.57 37.72
N PRO G 265 3.00 15.95 37.47
CA PRO G 265 2.48 15.84 36.10
C PRO G 265 2.55 17.18 35.38
N LEU G 266 2.90 18.22 36.11
CA LEU G 266 2.81 19.60 35.65
C LEU G 266 1.45 19.85 35.01
N ARG G 267 0.41 19.70 35.82
CA ARG G 267 -0.96 19.75 35.33
C ARG G 267 -1.80 20.66 36.21
N ALA G 268 -2.97 21.02 35.67
CA ALA G 268 -3.98 21.78 36.39
C ALA G 268 -5.21 20.91 36.60
N THR G 269 -6.01 21.27 37.60
CA THR G 269 -7.10 20.43 38.03
C THR G 269 -8.19 21.30 38.65
N ASN G 270 -9.45 20.89 38.45
CA ASN G 270 -10.61 21.59 38.96
C ASN G 270 -10.63 23.05 38.55
N CYS G 271 -10.13 23.34 37.35
CA CYS G 271 -10.11 24.69 36.80
C CYS G 271 -11.13 24.73 35.66
N ALA G 272 -12.13 25.59 35.80
CA ALA G 272 -13.33 25.54 34.98
C ALA G 272 -13.48 26.79 34.12
N TYR G 273 -13.75 26.59 32.84
CA TYR G 273 -14.06 27.67 31.92
C TYR G 273 -14.50 27.06 30.60
N GLY G 274 -15.47 27.70 29.95
CA GLY G 274 -15.89 27.28 28.62
C GLY G 274 -16.99 26.25 28.64
N HIS G 275 -17.27 25.73 27.46
CA HIS G 275 -18.31 24.73 27.25
C HIS G 275 -17.77 23.61 26.38
N ILE G 276 -18.42 22.45 26.49
CA ILE G 276 -17.98 21.24 25.79
C ILE G 276 -19.21 20.57 25.20
N PRO G 277 -19.21 20.24 23.90
CA PRO G 277 -20.24 19.36 23.37
C PRO G 277 -19.95 17.90 23.70
N ILE G 278 -21.00 17.10 23.74
CA ILE G 278 -20.92 15.70 24.12
C ILE G 278 -21.90 14.89 23.28
N SER G 279 -21.45 13.72 22.84
CA SER G 279 -22.29 12.74 22.15
C SER G 279 -22.40 11.51 23.05
N ILE G 280 -23.62 11.01 23.21
CA ILE G 280 -23.92 9.96 24.17
C ILE G 280 -24.71 8.87 23.46
N ASP G 281 -24.19 7.65 23.48
CA ASP G 281 -24.91 6.47 23.00
C ASP G 281 -25.47 5.71 24.19
N ILE G 282 -26.67 5.17 24.01
CA ILE G 282 -27.39 4.53 25.12
C ILE G 282 -27.98 3.21 24.64
N PRO G 283 -27.83 2.12 25.39
CA PRO G 283 -28.55 0.89 25.04
C PRO G 283 -30.05 1.10 25.12
N ASP G 284 -30.78 0.45 24.20
CA ASP G 284 -32.23 0.52 24.23
C ASP G 284 -32.81 -0.28 25.39
N ALA G 285 -32.04 -1.19 25.98
CA ALA G 285 -32.52 -1.93 27.13
C ALA G 285 -32.83 -1.00 28.30
N ALA G 286 -31.98 0.01 28.51
CA ALA G 286 -32.21 0.96 29.58
C ALA G 286 -33.53 1.69 29.42
N PHE G 287 -34.00 1.84 28.18
CA PHE G 287 -35.24 2.54 27.92
C PHE G 287 -36.43 1.68 28.33
N VAL G 288 -37.53 2.35 28.68
CA VAL G 288 -38.73 1.70 29.18
C VAL G 288 -39.91 2.09 28.29
N ARG G 289 -40.69 1.09 27.89
CA ARG G 289 -41.87 1.34 27.06
C ARG G 289 -42.87 2.20 27.82
N SER G 290 -43.50 3.13 27.10
CA SER G 290 -44.39 4.10 27.74
C SER G 290 -45.52 3.42 28.50
N SER G 291 -46.18 2.45 27.87
CA SER G 291 -47.28 1.74 28.54
C SER G 291 -46.83 1.19 29.88
N GLU G 292 -45.59 0.70 29.96
CA GLU G 292 -45.06 0.27 31.25
C GLU G 292 -44.98 1.45 32.22
N SER G 293 -44.63 2.64 31.72
CA SER G 293 -44.59 3.82 32.55
C SER G 293 -46.01 4.25 32.92
N PRO G 294 -46.17 4.88 34.09
CA PRO G 294 -47.51 5.35 34.47
C PRO G 294 -47.97 6.53 33.64
N THR G 295 -49.28 6.68 33.56
CA THR G 295 -49.91 7.81 32.87
C THR G 295 -50.48 8.78 33.89
N ILE G 296 -50.59 10.04 33.49
CA ILE G 296 -51.00 11.12 34.38
C ILE G 296 -52.20 11.83 33.76
N LEU G 297 -52.92 12.57 34.61
CA LEU G 297 -54.16 13.21 34.19
C LEU G 297 -54.34 14.52 34.94
N GLU G 298 -54.75 15.55 34.20
CA GLU G 298 -55.20 16.83 34.76
C GLU G 298 -54.29 17.28 35.91
N VAL G 299 -53.02 17.47 35.59
CA VAL G 299 -52.03 17.90 36.57
C VAL G 299 -51.98 19.42 36.58
N SER G 300 -51.88 20.00 37.77
CA SER G 300 -51.84 21.44 37.97
C SER G 300 -50.52 21.85 38.62
N CYS G 301 -50.09 23.06 38.30
CA CYS G 301 -48.88 23.63 38.87
C CYS G 301 -49.25 24.72 39.86
N THR G 302 -48.66 24.66 41.05
CA THR G 302 -48.96 25.60 42.13
C THR G 302 -47.66 25.98 42.81
N VAL G 303 -47.37 27.27 42.86
CA VAL G 303 -46.16 27.79 43.49
C VAL G 303 -46.48 28.11 44.94
N ALA G 304 -45.99 27.28 45.86
CA ALA G 304 -46.17 27.56 47.28
C ALA G 304 -45.48 28.86 47.66
N ASP G 305 -44.24 29.04 47.21
CA ASP G 305 -43.47 30.26 47.43
C ASP G 305 -42.15 30.12 46.70
N CYS G 306 -41.51 31.26 46.46
CA CYS G 306 -40.20 31.25 45.80
C CYS G 306 -39.54 32.60 46.03
N ILE G 307 -38.31 32.58 46.55
CA ILE G 307 -37.48 33.76 46.67
C ILE G 307 -36.27 33.57 45.77
N TYR G 308 -36.02 34.54 44.90
CA TYR G 308 -34.84 34.48 44.06
C TYR G 308 -33.60 34.39 44.94
N SER G 309 -32.74 33.42 44.65
CA SER G 309 -31.59 33.13 45.49
C SER G 309 -30.56 32.40 44.64
N ALA G 310 -29.56 31.83 45.32
CA ALA G 310 -28.50 31.06 44.68
C ALA G 310 -28.66 29.57 44.82
N ASP G 311 -29.04 29.09 46.00
CA ASP G 311 -29.28 27.67 46.21
C ASP G 311 -30.67 27.33 45.66
N PHE G 312 -31.15 26.13 46.00
CA PHE G 312 -32.47 25.69 45.56
C PHE G 312 -33.56 26.35 46.42
N GLY G 313 -33.59 27.67 46.36
CA GLY G 313 -34.51 28.48 47.13
C GLY G 313 -35.91 28.58 46.56
N GLY G 314 -36.13 28.08 45.34
CA GLY G 314 -37.45 28.09 44.75
C GLY G 314 -38.19 26.82 45.09
N SER G 315 -39.45 26.96 45.49
CA SER G 315 -40.29 25.84 45.88
C SER G 315 -41.56 25.84 45.03
N LEU G 316 -41.97 24.64 44.62
CA LEU G 316 -43.15 24.49 43.76
C LEU G 316 -43.97 23.32 44.27
N THR G 317 -45.24 23.28 43.86
CA THR G 317 -46.12 22.19 44.22
C THR G 317 -46.85 21.69 42.98
N LEU G 318 -47.16 20.39 42.98
CA LEU G 318 -47.82 19.76 41.85
C LEU G 318 -48.91 18.82 42.35
N GLN G 319 -50.09 18.92 41.75
CA GLN G 319 -51.22 18.03 42.01
C GLN G 319 -51.50 17.25 40.74
N TYR G 320 -51.52 15.92 40.84
CA TYR G 320 -51.63 15.06 39.67
C TYR G 320 -52.67 13.98 39.89
N LYS G 321 -53.23 13.49 38.78
CA LYS G 321 -54.10 12.33 38.75
C LYS G 321 -53.49 11.29 37.82
N ALA G 322 -53.42 10.04 38.29
CA ALA G 322 -52.76 8.97 37.54
C ALA G 322 -53.62 7.71 37.57
N ASN G 323 -53.44 6.88 36.54
CA ASN G 323 -54.09 5.59 36.44
C ASN G 323 -53.15 4.44 36.77
N ARG G 324 -51.91 4.74 37.20
CA ARG G 324 -50.89 3.72 37.38
C ARG G 324 -49.95 4.14 38.49
N GLU G 325 -49.17 3.17 38.97
CA GLU G 325 -48.18 3.38 40.01
C GLU G 325 -46.80 3.13 39.44
N GLY G 326 -45.79 3.70 40.09
CA GLY G 326 -44.42 3.59 39.64
C GLY G 326 -43.62 4.86 39.85
N HIS G 327 -42.91 5.30 38.82
CA HIS G 327 -42.09 6.50 38.91
C HIS G 327 -42.07 7.22 37.57
N CYS G 328 -41.91 8.53 37.63
CA CYS G 328 -41.70 9.37 36.45
C CYS G 328 -40.61 10.38 36.75
N PRO G 329 -39.80 10.75 35.77
CA PRO G 329 -38.88 11.87 35.94
C PRO G 329 -39.58 13.19 35.73
N VAL G 330 -38.93 14.26 36.19
CA VAL G 330 -39.42 15.62 36.01
C VAL G 330 -38.30 16.45 35.40
N HIS G 331 -38.69 17.47 34.64
CA HIS G 331 -37.71 18.31 33.97
C HIS G 331 -38.24 19.72 33.83
N SER G 332 -37.32 20.68 33.80
CA SER G 332 -37.63 22.08 33.50
C SER G 332 -37.20 22.35 32.06
N HIS G 333 -38.17 22.31 31.15
CA HIS G 333 -37.87 22.53 29.73
C HIS G 333 -37.36 23.94 29.46
N SER G 334 -37.54 24.86 30.39
CA SER G 334 -37.00 26.21 30.28
C SER G 334 -35.65 26.26 30.98
N THR G 335 -34.63 26.74 30.26
CA THR G 335 -33.28 26.74 30.80
C THR G 335 -33.14 27.62 32.03
N THR G 336 -33.90 28.72 32.09
CA THR G 336 -33.67 29.74 33.11
C THR G 336 -33.71 29.16 34.51
N ALA G 337 -34.48 28.10 34.73
CA ALA G 337 -34.60 27.48 36.03
C ALA G 337 -34.37 25.98 35.92
N VAL G 338 -33.83 25.40 36.98
CA VAL G 338 -33.49 23.97 37.02
C VAL G 338 -33.94 23.39 38.34
N LEU G 339 -34.48 22.16 38.29
CA LEU G 339 -34.92 21.46 39.48
C LEU G 339 -33.73 21.03 40.32
N LYS G 340 -34.03 20.33 41.42
CA LYS G 340 -33.02 19.71 42.26
C LYS G 340 -33.15 18.20 42.35
N GLU G 341 -34.34 17.64 42.12
CA GLU G 341 -34.56 16.20 42.18
C GLU G 341 -35.04 15.70 40.83
N ALA G 342 -34.87 14.39 40.60
CA ALA G 342 -35.14 13.78 39.30
C ALA G 342 -36.52 13.15 39.21
N THR G 343 -36.88 12.30 40.16
CA THR G 343 -38.16 11.61 40.12
C THR G 343 -38.65 11.38 41.55
N THR G 344 -39.84 10.80 41.66
CA THR G 344 -40.44 10.54 42.96
C THR G 344 -41.50 9.45 42.80
N HIS G 345 -41.93 8.89 43.93
CA HIS G 345 -43.05 7.96 43.93
C HIS G 345 -44.30 8.66 43.41
N VAL G 346 -45.08 7.93 42.63
CA VAL G 346 -46.28 8.46 42.02
C VAL G 346 -47.50 7.93 42.77
N THR G 347 -48.67 8.46 42.44
CA THR G 347 -49.91 8.07 43.09
C THR G 347 -51.06 8.30 42.13
N ALA G 348 -52.20 7.67 42.44
CA ALA G 348 -53.37 7.83 41.61
C ALA G 348 -53.84 9.29 41.58
N THR G 349 -53.82 9.96 42.73
CA THR G 349 -54.25 11.35 42.81
C THR G 349 -53.36 12.19 43.72
N GLY G 350 -52.14 11.75 44.02
CA GLY G 350 -51.30 12.42 45.00
C GLY G 350 -50.73 13.75 44.53
N SER G 351 -50.04 14.44 45.42
CA SER G 351 -49.40 15.70 45.12
C SER G 351 -48.04 15.76 45.80
N ILE G 352 -47.13 16.54 45.24
CA ILE G 352 -45.75 16.60 45.69
C ILE G 352 -45.28 18.04 45.73
N THR G 353 -44.18 18.26 46.45
CA THR G 353 -43.47 19.54 46.50
C THR G 353 -42.06 19.35 45.97
N LEU G 354 -41.57 20.35 45.24
CA LEU G 354 -40.31 20.26 44.52
C LEU G 354 -39.45 21.48 44.83
N HIS G 355 -38.14 21.26 44.82
CA HIS G 355 -37.15 22.32 44.95
C HIS G 355 -36.58 22.66 43.57
N PHE G 356 -36.04 23.88 43.46
CA PHE G 356 -35.42 24.32 42.21
C PHE G 356 -34.71 25.65 42.46
N SER G 357 -34.01 26.11 41.43
CA SER G 357 -33.34 27.40 41.45
C SER G 357 -33.47 28.02 40.06
N THR G 358 -33.14 29.30 39.97
CA THR G 358 -33.32 30.04 38.73
C THR G 358 -32.31 31.17 38.63
N SER G 359 -32.13 31.67 37.41
CA SER G 359 -31.28 32.82 37.14
C SER G 359 -32.05 34.11 37.01
N SER G 360 -33.38 34.06 37.10
CA SER G 360 -34.22 35.24 37.06
C SER G 360 -35.28 35.17 38.15
N PRO G 361 -35.75 36.32 38.65
CA PRO G 361 -36.85 36.29 39.63
C PRO G 361 -38.20 35.98 39.01
N GLN G 362 -38.31 35.98 37.69
CA GLN G 362 -39.57 35.73 37.00
C GLN G 362 -39.71 34.23 36.81
N ALA G 363 -40.56 33.60 37.61
CA ALA G 363 -40.73 32.15 37.57
C ALA G 363 -41.78 31.74 36.54
N ASN G 364 -41.62 32.21 35.30
CA ASN G 364 -42.51 31.87 34.20
C ASN G 364 -41.80 30.88 33.29
N PHE G 365 -42.34 29.67 33.20
CA PHE G 365 -41.73 28.60 32.41
C PHE G 365 -42.72 27.45 32.31
N ILE G 366 -42.28 26.36 31.71
CA ILE G 366 -43.06 25.13 31.62
C ILE G 366 -42.21 23.99 32.18
N VAL G 367 -42.88 23.03 32.83
CA VAL G 367 -42.19 21.91 33.47
C VAL G 367 -42.94 20.63 33.12
N SER G 368 -42.17 19.57 32.84
CA SER G 368 -42.70 18.31 32.37
C SER G 368 -42.62 17.25 33.45
N LEU G 369 -43.73 16.56 33.67
CA LEU G 369 -43.81 15.38 34.52
C LEU G 369 -44.30 14.22 33.66
N CYS G 370 -43.73 13.03 33.88
CA CYS G 370 -43.92 11.90 32.97
C CYS G 370 -43.65 12.42 31.56
N GLY G 371 -44.55 12.22 30.60
CA GLY G 371 -44.41 12.84 29.29
C GLY G 371 -45.21 14.11 29.13
N LYS G 372 -46.15 14.37 30.02
CA LYS G 372 -46.98 15.57 29.93
C LYS G 372 -46.25 16.74 30.58
N LYS G 373 -46.78 17.95 30.40
CA LYS G 373 -46.17 19.14 30.96
C LYS G 373 -47.25 20.16 31.33
N THR G 374 -46.88 21.07 32.23
CA THR G 374 -47.77 22.13 32.67
C THR G 374 -46.96 23.41 32.86
N THR G 375 -47.63 24.54 32.70
CA THR G 375 -46.99 25.84 32.85
C THR G 375 -46.92 26.24 34.32
N CYS G 376 -46.02 27.17 34.63
CA CYS G 376 -45.83 27.66 35.99
C CYS G 376 -45.35 29.09 35.89
N ASN G 377 -46.15 30.02 36.40
CA ASN G 377 -45.78 31.44 36.42
C ASN G 377 -45.89 31.97 37.85
N ALA G 378 -44.96 32.86 38.20
CA ALA G 378 -44.93 33.46 39.53
C ALA G 378 -43.82 34.50 39.61
N GLU G 379 -43.71 35.17 40.75
CA GLU G 379 -42.65 36.15 40.99
C GLU G 379 -41.84 35.73 42.21
N CYS G 380 -40.53 35.79 42.08
CA CYS G 380 -39.61 35.49 43.16
C CYS G 380 -38.83 36.74 43.54
N LYS G 381 -38.48 36.84 44.82
CA LYS G 381 -37.84 38.04 45.34
C LYS G 381 -36.35 37.82 45.54
N PRO G 382 -35.53 38.88 45.48
CA PRO G 382 -34.12 38.72 45.82
C PRO G 382 -33.95 38.41 47.29
N PRO G 383 -32.85 37.77 47.68
CA PRO G 383 -32.65 37.41 49.08
C PRO G 383 -31.97 38.53 49.86
N ALA G 384 -31.91 38.34 51.18
CA ALA G 384 -31.21 39.28 52.04
C ALA G 384 -29.70 39.05 51.99
N ASP G 385 -29.28 37.83 52.35
CA ASP G 385 -27.87 37.47 52.22
C ASP G 385 -27.45 37.54 50.76
N HIS G 386 -26.27 38.11 50.52
CA HIS G 386 -25.79 38.35 49.16
C HIS G 386 -24.34 37.91 48.97
N ILE G 387 -23.78 37.15 49.90
CA ILE G 387 -22.40 36.70 49.80
C ILE G 387 -22.30 35.23 50.19
N ILE G 388 -22.14 34.35 49.20
CA ILE G 388 -21.97 32.92 49.46
C ILE G 388 -21.15 32.32 48.31
N GLY G 389 -20.35 31.32 48.65
CA GLY G 389 -19.47 30.68 47.69
C GLY G 389 -19.96 29.35 47.20
N GLU G 390 -21.11 28.92 47.71
CA GLU G 390 -21.67 27.64 47.31
C GLU G 390 -22.14 27.72 45.86
N PRO G 391 -22.40 26.60 45.19
CA PRO G 391 -22.71 26.65 43.76
C PRO G 391 -23.83 27.64 43.47
N HIS G 392 -23.63 28.43 42.42
CA HIS G 392 -24.52 29.53 42.08
C HIS G 392 -24.34 29.85 40.61
N LYS G 393 -25.36 30.50 40.04
CA LYS G 393 -25.37 30.80 38.61
C LYS G 393 -25.24 29.53 37.80
N VAL G 394 -25.84 28.44 38.29
CA VAL G 394 -25.87 27.19 37.56
C VAL G 394 -26.38 27.40 36.14
N ASP G 395 -27.20 28.43 35.95
CA ASP G 395 -27.59 28.90 34.62
C ASP G 395 -27.14 30.34 34.44
N GLN G 396 -26.54 30.63 33.29
CA GLN G 396 -26.14 31.98 32.97
C GLN G 396 -27.37 32.84 32.67
N GLU G 397 -27.26 34.13 32.95
CA GLU G 397 -28.36 35.05 32.69
C GLU G 397 -28.56 35.21 31.19
N PHE G 398 -29.83 35.39 30.80
CA PHE G 398 -30.22 35.59 29.42
C PHE G 398 -31.09 36.83 29.30
N GLN G 399 -30.64 37.92 29.92
CA GLN G 399 -31.35 39.20 29.93
C GLN G 399 -32.84 39.01 30.24
N ALA G 400 -33.16 37.93 30.95
CA ALA G 400 -34.54 37.62 31.33
C ALA G 400 -34.89 38.14 32.73
N ALA G 401 -33.94 38.78 33.41
CA ALA G 401 -34.26 39.39 34.70
C ALA G 401 -35.31 40.48 34.56
N VAL G 402 -35.52 40.99 33.35
CA VAL G 402 -36.56 41.98 33.07
C VAL G 402 -37.89 41.46 33.58
N SER G 403 -38.51 42.18 34.51
CA SER G 403 -39.77 41.75 35.08
C SER G 403 -40.91 41.98 34.09
N LYS G 404 -42.00 41.24 34.30
CA LYS G 404 -43.17 41.42 33.45
C LYS G 404 -43.75 42.82 33.58
N THR G 405 -43.64 43.40 34.78
CA THR G 405 -44.12 44.77 34.98
C THR G 405 -43.33 45.76 34.14
N SER G 406 -42.01 45.57 34.05
CA SER G 406 -41.19 46.43 33.22
C SER G 406 -41.57 46.30 31.75
N TRP G 407 -41.83 45.07 31.29
CA TRP G 407 -42.29 44.87 29.93
C TRP G 407 -43.64 45.56 29.70
N ASN G 408 -44.53 45.49 30.70
CA ASN G 408 -45.81 46.17 30.58
C ASN G 408 -45.64 47.67 30.44
N TRP G 409 -44.77 48.26 31.25
CA TRP G 409 -44.52 49.69 31.15
C TRP G 409 -43.88 50.06 29.82
N LEU G 410 -42.94 49.23 29.33
CA LEU G 410 -42.28 49.53 28.06
C LEU G 410 -43.24 49.43 26.89
N LEU G 411 -44.10 48.41 26.87
CA LEU G 411 -45.00 48.21 25.73
C LEU G 411 -45.93 49.41 25.56
N ALA G 412 -46.59 49.82 26.64
CA ALA G 412 -47.50 50.96 26.57
C ALA G 412 -46.75 52.29 26.42
N LEU G 413 -45.42 52.29 26.58
CA LEU G 413 -44.66 53.53 26.50
C LEU G 413 -44.39 53.93 25.05
N PHE G 414 -43.75 53.05 24.29
CA PHE G 414 -43.34 53.38 22.93
C PHE G 414 -44.53 53.90 22.14
N GLY G 415 -44.37 55.07 21.54
CA GLY G 415 -45.46 55.71 20.84
C GLY G 415 -45.68 55.15 19.45
N GLY G 416 -46.81 55.54 18.87
CA GLY G 416 -47.16 55.15 17.53
C GLY G 416 -47.69 56.33 16.72
N ALA G 417 -47.17 57.52 17.02
CA ALA G 417 -47.63 58.73 16.35
C ALA G 417 -47.42 58.66 14.84
N SER G 418 -46.51 57.80 14.37
CA SER G 418 -46.31 57.68 12.93
C SER G 418 -47.60 57.31 12.21
N SER G 419 -48.45 56.52 12.86
CA SER G 419 -49.77 56.25 12.28
C SER G 419 -50.59 57.52 12.18
N LEU G 420 -50.55 58.35 13.23
CA LEU G 420 -51.21 59.65 13.16
C LEU G 420 -50.61 60.50 12.05
N ILE G 421 -49.29 60.40 11.86
CA ILE G 421 -48.63 61.15 10.79
C ILE G 421 -49.15 60.71 9.43
N VAL G 422 -49.28 59.40 9.23
CA VAL G 422 -49.76 58.90 7.94
C VAL G 422 -51.21 59.30 7.72
N VAL G 423 -52.03 59.25 8.76
CA VAL G 423 -53.42 59.69 8.63
C VAL G 423 -53.47 61.17 8.28
N GLY G 424 -52.61 61.97 8.92
CA GLY G 424 -52.55 63.38 8.59
C GLY G 424 -52.13 63.62 7.15
N LEU G 425 -51.18 62.84 6.66
CA LEU G 425 -50.75 62.97 5.28
C LEU G 425 -51.87 62.61 4.32
N ILE G 426 -52.62 61.55 4.62
CA ILE G 426 -53.71 61.14 3.74
C ILE G 426 -54.81 62.20 3.71
N VAL G 427 -55.20 62.71 4.88
CA VAL G 427 -56.20 63.76 4.89
C VAL G 427 -55.66 65.02 4.22
N LEU G 428 -54.36 65.27 4.33
CA LEU G 428 -53.77 66.39 3.62
C LEU G 428 -53.91 66.22 2.12
N VAL G 429 -53.67 65.01 1.61
CA VAL G 429 -53.81 64.76 0.18
C VAL G 429 -55.26 64.97 -0.26
N CYS G 430 -56.20 64.45 0.51
CA CYS G 430 -57.61 64.60 0.14
C CYS G 430 -58.02 66.07 0.16
N SER G 431 -57.59 66.81 1.18
CA SER G 431 -57.90 68.24 1.25
C SER G 431 -57.22 69.02 0.14
N SER G 432 -56.01 68.61 -0.26
CA SER G 432 -55.34 69.25 -1.38
C SER G 432 -56.13 69.05 -2.67
N MET G 433 -56.64 67.83 -2.89
CA MET G 433 -57.50 67.61 -4.05
C MET G 433 -58.76 68.46 -3.97
N LEU G 434 -59.38 68.52 -2.80
CA LEU G 434 -60.59 69.31 -2.63
C LEU G 434 -60.33 70.78 -2.95
N ILE G 435 -59.18 71.30 -2.48
CA ILE G 435 -58.80 72.67 -2.82
C ILE G 435 -58.58 72.81 -4.31
N ASN G 436 -57.93 71.81 -4.93
CA ASN G 436 -57.75 71.83 -6.37
C ASN G 436 -59.09 71.91 -7.08
N THR G 437 -60.15 71.42 -6.46
CA THR G 437 -61.49 71.63 -7.02
C THR G 437 -61.77 73.11 -7.21
N ARG G 438 -61.44 73.92 -6.20
CA ARG G 438 -61.59 75.37 -6.27
C ARG G 438 -63.04 75.79 -6.49
N ILE H 1 36.54 3.40 45.73
CA ILE H 1 36.51 4.55 46.62
C ILE H 1 36.08 4.10 48.02
N THR H 2 36.50 4.84 49.04
CA THR H 2 36.35 4.42 50.43
C THR H 2 35.68 5.51 51.25
N ASP H 3 35.42 5.18 52.52
CA ASP H 3 34.91 6.13 53.50
C ASP H 3 35.62 6.01 54.84
N ASP H 4 36.81 5.42 54.87
CA ASP H 4 37.53 5.20 56.12
C ASP H 4 38.06 6.53 56.66
N PHE H 5 38.79 6.45 57.77
CA PHE H 5 39.33 7.62 58.43
C PHE H 5 40.83 7.54 58.71
N THR H 6 41.44 6.36 58.58
CA THR H 6 42.86 6.22 58.92
C THR H 6 43.74 6.91 57.89
N LEU H 7 43.36 6.85 56.61
CA LEU H 7 44.22 7.36 55.55
C LEU H 7 44.26 8.89 55.47
N THR H 8 43.40 9.58 56.22
CA THR H 8 43.35 11.03 56.21
C THR H 8 44.05 11.61 57.43
N SER H 9 44.47 12.86 57.31
CA SER H 9 45.11 13.59 58.39
C SER H 9 44.72 15.06 58.31
N PRO H 10 44.69 15.77 59.43
CA PRO H 10 44.37 17.21 59.38
C PRO H 10 45.48 18.03 58.77
N TYR H 11 45.31 19.35 58.72
CA TYR H 11 46.29 20.23 58.14
C TYR H 11 46.11 21.63 58.70
N LEU H 12 47.10 22.49 58.47
CA LEU H 12 47.09 23.85 58.94
C LEU H 12 46.53 24.78 57.88
N GLY H 13 45.91 25.88 58.31
CA GLY H 13 45.30 26.82 57.40
C GLY H 13 45.48 28.26 57.86
N PHE H 14 44.97 29.17 57.04
CA PHE H 14 45.09 30.61 57.24
C PHE H 14 43.70 31.19 57.51
N CYS H 15 43.46 31.60 58.76
CA CYS H 15 42.20 32.23 59.12
C CYS H 15 42.35 33.75 59.06
N PRO H 16 41.43 34.45 58.39
CA PRO H 16 41.49 35.92 58.38
C PRO H 16 41.41 36.52 59.77
N TYR H 17 40.71 35.86 60.69
CA TYR H 17 40.61 36.31 62.08
C TYR H 17 41.23 35.26 62.99
N CYS H 18 41.98 35.72 63.97
CA CYS H 18 42.57 34.87 65.00
C CYS H 18 42.17 35.41 66.38
N ARG H 19 42.64 34.73 67.42
CA ARG H 19 42.36 35.18 68.77
C ARG H 19 42.89 36.59 69.02
N HIS H 20 43.87 37.04 68.22
CA HIS H 20 44.46 38.35 68.36
C HIS H 20 43.90 39.35 67.33
N SER H 21 42.83 38.98 66.63
CA SER H 21 42.22 39.85 65.63
C SER H 21 43.23 40.21 64.53
N ALA H 22 44.15 39.29 64.27
CA ALA H 22 45.14 39.46 63.22
C ALA H 22 45.09 38.20 62.37
N PRO H 23 44.91 38.32 61.06
CA PRO H 23 44.87 37.11 60.22
C PRO H 23 46.15 36.30 60.39
N CYS H 24 45.99 35.00 60.63
CA CYS H 24 47.14 34.19 60.99
C CYS H 24 46.83 32.71 60.77
N PHE H 25 47.83 31.88 61.03
CA PHE H 25 47.71 30.45 60.83
C PHE H 25 47.08 29.78 62.04
N SER H 26 46.11 28.92 61.78
CA SER H 26 45.48 28.09 62.79
C SER H 26 45.20 26.72 62.20
N PRO H 27 45.21 25.66 63.02
CA PRO H 27 44.82 24.34 62.53
C PRO H 27 43.32 24.10 62.52
N ILE H 28 42.52 25.12 62.83
CA ILE H 28 41.07 24.99 62.89
C ILE H 28 40.47 25.78 61.73
N LYS H 29 41.21 25.86 60.62
CA LYS H 29 40.78 26.66 59.49
C LYS H 29 39.50 26.09 58.89
N ILE H 30 38.64 26.99 58.41
CA ILE H 30 37.36 26.65 57.80
C ILE H 30 37.31 27.30 56.43
N GLU H 31 36.43 26.80 55.57
CA GLU H 31 36.33 27.30 54.21
C GLU H 31 34.93 27.71 53.77
N ASN H 32 33.87 27.04 54.24
CA ASN H 32 32.52 27.48 53.88
C ASN H 32 31.51 26.86 54.83
N VAL H 33 30.25 27.25 54.63
CA VAL H 33 29.14 26.84 55.49
C VAL H 33 27.94 26.52 54.61
N TRP H 34 26.96 25.84 55.20
CA TRP H 34 25.70 25.54 54.51
C TRP H 34 24.57 25.59 55.54
N ASP H 35 23.51 26.33 55.21
CA ASP H 35 22.42 26.57 56.15
C ASP H 35 21.05 26.46 55.48
N GLU H 36 20.95 25.64 54.44
CA GLU H 36 19.68 25.51 53.72
C GLU H 36 18.63 24.76 54.53
N SER H 37 19.02 24.07 55.59
CA SER H 37 18.06 23.32 56.39
C SER H 37 17.03 24.26 57.00
N ASP H 38 15.76 23.85 56.95
CA ASP H 38 14.68 24.70 57.44
C ASP H 38 14.77 24.91 58.95
N ASP H 39 15.37 23.97 59.68
CA ASP H 39 15.45 24.08 61.13
C ASP H 39 16.38 25.19 61.59
N GLY H 40 17.17 25.78 60.69
CA GLY H 40 18.16 26.77 61.06
C GLY H 40 19.49 26.20 61.47
N SER H 41 19.66 24.89 61.42
CA SER H 41 20.93 24.26 61.74
C SER H 41 21.97 24.63 60.68
N ILE H 42 23.23 24.30 60.97
CA ILE H 42 24.34 24.66 60.09
C ILE H 42 25.33 23.51 60.07
N ARG H 43 25.91 23.29 58.88
CA ARG H 43 26.99 22.36 58.64
C ARG H 43 28.26 23.15 58.39
N ILE H 44 29.34 22.79 59.07
CA ILE H 44 30.58 23.57 59.06
C ILE H 44 31.75 22.64 58.77
N GLN H 45 32.62 23.10 57.87
CA GLN H 45 33.87 22.44 57.52
C GLN H 45 34.93 22.78 58.57
N VAL H 46 36.08 22.10 58.47
CA VAL H 46 37.27 22.54 59.19
C VAL H 46 38.48 21.80 58.66
N SER H 47 39.66 22.43 58.78
CA SER H 47 40.89 21.73 58.43
C SER H 47 41.16 20.58 59.38
N ALA H 48 40.86 20.77 60.67
CA ALA H 48 41.08 19.73 61.67
C ALA H 48 40.00 18.66 61.57
N GLN H 49 40.02 17.72 62.51
CA GLN H 49 39.03 16.65 62.54
C GLN H 49 38.77 16.27 63.99
N PHE H 50 37.55 15.78 64.24
CA PHE H 50 37.18 15.29 65.56
C PHE H 50 35.96 14.39 65.41
N GLY H 51 35.50 13.86 66.53
CA GLY H 51 34.66 12.69 66.52
C GLY H 51 35.43 11.41 66.30
N TYR H 52 36.75 11.52 66.07
CA TYR H 52 37.63 10.38 65.92
C TYR H 52 38.83 10.58 66.85
N ASN H 53 39.69 9.58 66.90
CA ASN H 53 40.98 9.76 67.54
C ASN H 53 41.92 10.50 66.59
N GLN H 54 43.03 10.98 67.15
CA GLN H 54 44.08 11.59 66.36
C GLN H 54 44.32 10.84 65.06
N ALA H 55 44.21 11.54 63.94
CA ALA H 55 44.53 10.95 62.65
C ALA H 55 45.96 10.44 62.65
N GLY H 56 46.13 9.13 62.51
CA GLY H 56 47.41 8.47 62.58
C GLY H 56 47.61 7.68 63.87
N THR H 57 46.90 8.03 64.93
CA THR H 57 46.93 7.24 66.15
C THR H 57 46.27 5.89 65.90
N ALA H 58 46.69 4.89 66.68
CA ALA H 58 46.24 3.52 66.45
C ALA H 58 44.71 3.44 66.37
N ASP H 59 44.02 4.17 67.23
CA ASP H 59 42.56 4.20 67.17
C ASP H 59 42.11 5.03 65.98
N VAL H 60 41.28 4.44 65.12
CA VAL H 60 40.72 5.18 64.01
C VAL H 60 39.67 6.17 64.49
N THR H 61 38.86 5.77 65.48
CA THR H 61 37.75 6.59 65.95
C THR H 61 37.69 6.61 67.47
N LYS H 62 37.65 7.81 68.03
CA LYS H 62 37.41 8.04 69.46
C LYS H 62 36.70 9.37 69.56
N PHE H 63 35.41 9.33 69.91
CA PHE H 63 34.60 10.53 69.84
C PHE H 63 35.03 11.60 70.86
N ARG H 64 35.87 11.23 71.82
CA ARG H 64 36.36 12.17 72.82
C ARG H 64 37.62 12.91 72.39
N TYR H 65 38.15 12.62 71.21
CA TYR H 65 39.40 13.20 70.75
C TYR H 65 39.17 14.07 69.51
N MET H 66 40.00 15.10 69.39
CA MET H 66 39.99 15.99 68.23
C MET H 66 41.37 15.96 67.57
N SER H 67 41.38 15.71 66.26
CA SER H 67 42.63 15.58 65.51
C SER H 67 43.04 16.94 64.95
N TYR H 68 44.28 17.33 65.24
CA TYR H 68 44.82 18.60 64.78
C TYR H 68 46.33 18.46 64.68
N ASP H 69 46.95 19.38 63.94
CA ASP H 69 48.40 19.36 63.78
C ASP H 69 48.99 20.69 64.22
N HIS H 70 50.19 20.63 64.78
CA HIS H 70 50.91 21.82 65.21
C HIS H 70 52.38 21.43 65.37
N ASP H 71 53.22 22.44 65.54
CA ASP H 71 54.66 22.24 65.65
C ASP H 71 55.10 21.41 64.45
N HIS H 72 55.50 20.15 64.66
CA HIS H 72 55.98 19.30 63.57
C HIS H 72 55.01 18.19 63.21
N ASP H 73 53.98 17.94 64.01
CA ASP H 73 53.20 16.72 63.83
C ASP H 73 51.80 16.91 64.38
N ILE H 74 51.01 15.83 64.30
CA ILE H 74 49.65 15.82 64.81
C ILE H 74 49.66 15.53 66.30
N LYS H 75 48.63 16.02 66.99
CA LYS H 75 48.53 15.87 68.44
C LYS H 75 47.10 15.48 68.82
N GLU H 76 46.92 15.21 70.11
CA GLU H 76 45.64 14.82 70.69
C GLU H 76 45.15 15.89 71.67
N ASP H 77 43.84 15.87 71.92
CA ASP H 77 43.22 16.67 72.97
C ASP H 77 41.75 16.31 73.05
N SER H 78 41.13 16.68 74.16
CA SER H 78 39.71 16.42 74.36
C SER H 78 38.88 17.39 73.53
N MET H 79 37.90 16.86 72.79
CA MET H 79 37.00 17.70 72.03
C MET H 79 36.08 18.54 72.92
N GLU H 80 35.99 18.19 74.21
CA GLU H 80 35.06 18.90 75.09
C GLU H 80 35.38 20.38 75.19
N LYS H 81 36.65 20.75 75.02
CA LYS H 81 37.07 22.14 75.16
C LYS H 81 36.69 23.00 73.96
N LEU H 82 35.99 22.45 72.97
CA LEU H 82 35.61 23.17 71.77
C LEU H 82 34.30 23.92 72.00
N ALA H 83 34.14 25.04 71.30
CA ALA H 83 32.93 25.84 71.39
C ALA H 83 32.68 26.55 70.06
N ILE H 84 31.41 26.87 69.82
CA ILE H 84 30.99 27.57 68.60
C ILE H 84 30.10 28.72 69.02
N SER H 85 30.18 29.84 68.29
CA SER H 85 29.30 30.95 68.59
C SER H 85 29.27 31.92 67.41
N THR H 86 28.09 32.48 67.15
CA THR H 86 27.92 33.56 66.20
C THR H 86 27.50 34.85 66.89
N SER H 87 26.39 34.81 67.63
CA SER H 87 26.02 35.87 68.56
C SER H 87 25.90 35.34 69.98
N GLY H 88 26.22 34.07 70.21
CA GLY H 88 26.13 33.46 71.50
C GLY H 88 26.46 31.98 71.42
N PRO H 89 26.31 31.26 72.53
CA PRO H 89 26.63 29.83 72.52
C PRO H 89 25.79 29.07 71.51
N CYS H 90 26.40 28.06 70.89
CA CYS H 90 25.74 27.21 69.92
C CYS H 90 25.67 25.79 70.45
N ARG H 91 24.49 25.19 70.38
CA ARG H 91 24.30 23.82 70.86
C ARG H 91 24.79 22.84 69.81
N ARG H 92 25.67 21.93 70.22
CA ARG H 92 26.15 20.91 69.32
C ARG H 92 25.03 19.93 68.97
N LEU H 93 25.03 19.46 67.73
CA LEU H 93 24.09 18.45 67.28
C LEU H 93 24.79 17.14 66.92
N GLY H 94 25.86 17.21 66.14
CA GLY H 94 26.61 16.00 65.81
C GLY H 94 27.89 16.36 65.10
N HIS H 95 28.75 15.36 64.95
CA HIS H 95 30.06 15.57 64.35
C HIS H 95 30.52 14.31 63.65
N LYS H 96 31.18 14.47 62.51
CA LYS H 96 31.74 13.33 61.79
C LYS H 96 32.59 13.85 60.64
N GLY H 97 33.60 13.06 60.28
CA GLY H 97 34.60 13.54 59.34
C GLY H 97 35.25 14.81 59.86
N TYR H 98 35.58 15.71 58.93
CA TYR H 98 36.02 17.05 59.30
C TYR H 98 34.87 17.94 59.75
N PHE H 99 33.63 17.47 59.61
CA PHE H 99 32.46 18.32 59.58
C PHE H 99 31.69 18.27 60.90
N LEU H 100 31.04 19.40 61.22
CA LEU H 100 30.25 19.55 62.42
C LEU H 100 28.87 20.09 62.07
N LEU H 101 27.84 19.61 62.76
CA LEU H 101 26.47 20.06 62.61
C LEU H 101 25.97 20.61 63.95
N ALA H 102 25.45 21.83 63.92
CA ALA H 102 24.97 22.45 65.16
C ALA H 102 24.04 23.60 64.82
N GLN H 103 23.28 24.02 65.82
CA GLN H 103 22.36 25.14 65.68
C GLN H 103 22.89 26.36 66.40
N CYS H 104 22.70 27.53 65.79
CA CYS H 104 23.14 28.80 66.33
C CYS H 104 22.01 29.81 66.22
N PRO H 105 22.02 30.86 67.03
CA PRO H 105 21.02 31.91 66.90
C PRO H 105 21.32 32.78 65.70
N PRO H 106 20.46 33.74 65.38
CA PRO H 106 20.75 34.64 64.26
C PRO H 106 22.02 35.44 64.52
N GLY H 107 22.75 35.70 63.43
CA GLY H 107 23.99 36.44 63.55
C GLY H 107 24.51 36.85 62.20
N ASP H 108 25.56 37.65 62.21
CA ASP H 108 26.22 38.13 61.01
C ASP H 108 27.58 37.51 60.78
N SER H 109 28.13 36.79 61.76
CA SER H 109 29.42 36.12 61.59
C SER H 109 29.47 34.95 62.56
N VAL H 110 30.23 33.93 62.18
CA VAL H 110 30.35 32.71 62.98
C VAL H 110 31.81 32.56 63.39
N THR H 111 32.02 31.82 64.48
CA THR H 111 33.36 31.62 65.00
C THR H 111 33.40 30.30 65.76
N VAL H 112 34.55 29.64 65.68
CA VAL H 112 34.81 28.41 66.42
C VAL H 112 36.07 28.64 67.26
N SER H 113 35.97 28.33 68.55
CA SER H 113 37.06 28.57 69.49
C SER H 113 37.36 27.31 70.28
N ILE H 114 38.55 27.27 70.85
CA ILE H 114 38.95 26.15 71.70
C ILE H 114 40.12 26.59 72.55
N THR H 115 40.13 26.13 73.81
CA THR H 115 41.22 26.40 74.73
C THR H 115 42.11 25.17 74.81
N SER H 116 43.40 25.35 74.56
CA SER H 116 44.37 24.27 74.69
C SER H 116 44.84 24.06 76.12
N GLY H 117 44.13 24.63 77.09
CA GLY H 117 44.54 24.59 78.47
C GLY H 117 45.47 25.72 78.87
N ALA H 118 46.05 26.43 77.90
CA ALA H 118 46.91 27.57 78.19
C ALA H 118 46.67 28.76 77.28
N SER H 119 45.94 28.60 76.18
CA SER H 119 45.69 29.71 75.26
C SER H 119 44.38 29.45 74.51
N GLU H 120 43.83 30.52 73.95
CA GLU H 120 42.58 30.44 73.20
C GLU H 120 42.91 30.53 71.71
N ASN H 121 42.57 29.49 70.97
CA ASN H 121 42.76 29.44 69.52
C ASN H 121 41.39 29.39 68.87
N SER H 122 41.12 30.32 67.95
CA SER H 122 39.81 30.43 67.36
C SER H 122 39.92 30.98 65.96
N CYS H 123 38.87 30.73 65.17
CA CYS H 123 38.78 31.22 63.80
C CYS H 123 37.37 31.71 63.54
N THR H 124 37.27 32.89 62.94
CA THR H 124 35.99 33.52 62.63
C THR H 124 35.86 33.69 61.13
N VAL H 125 34.64 33.50 60.63
CA VAL H 125 34.31 33.74 59.23
C VAL H 125 32.99 34.49 59.16
N GLU H 126 32.75 35.09 58.00
CA GLU H 126 31.62 36.00 57.82
C GLU H 126 30.49 35.24 57.13
N LYS H 127 29.26 35.40 57.65
CA LYS H 127 28.12 34.74 57.04
C LYS H 127 26.84 35.39 57.54
N LYS H 128 25.87 35.53 56.64
CA LYS H 128 24.57 36.08 56.97
C LYS H 128 23.67 34.98 57.51
N ILE H 129 23.30 35.06 58.79
CA ILE H 129 22.53 34.03 59.46
C ILE H 129 21.23 34.66 59.97
N ARG H 130 20.10 34.16 59.46
CA ARG H 130 18.77 34.58 59.86
C ARG H 130 17.94 33.36 60.25
N ARG H 131 16.71 33.61 60.64
CA ARG H 131 15.79 32.56 61.11
C ARG H 131 14.71 32.40 60.04
N LYS H 132 15.00 31.56 59.05
CA LYS H 132 14.06 31.28 57.96
C LYS H 132 13.13 30.16 58.37
N PHE H 133 11.83 30.40 58.22
CA PHE H 133 10.80 29.44 58.63
C PHE H 133 9.88 29.14 57.46
N VAL H 134 9.37 27.92 57.45
CA VAL H 134 8.51 27.43 56.38
C VAL H 134 7.07 27.80 56.68
N GLY H 135 6.30 28.06 55.63
CA GLY H 135 4.90 28.38 55.78
C GLY H 135 4.53 29.70 55.15
N ARG H 136 3.72 30.49 55.87
CA ARG H 136 3.23 31.76 55.36
C ARG H 136 3.35 32.90 56.36
N GLU H 137 3.59 32.61 57.64
CA GLU H 137 3.97 33.61 58.63
C GLU H 137 5.25 33.17 59.29
N GLU H 138 6.25 34.05 59.32
CA GLU H 138 7.50 33.75 59.97
C GLU H 138 7.27 33.78 61.48
N TYR H 139 7.14 32.59 62.07
CA TYR H 139 6.85 32.46 63.49
C TYR H 139 8.13 32.75 64.28
N LEU H 140 8.09 32.46 65.58
CA LEU H 140 9.25 32.66 66.45
C LEU H 140 9.77 31.35 67.03
N PHE H 141 8.89 30.53 67.59
CA PHE H 141 9.21 29.17 67.98
C PHE H 141 8.02 28.27 67.67
N PRO H 142 8.25 27.03 67.25
CA PRO H 142 7.15 26.18 66.82
C PRO H 142 6.14 25.98 67.94
N PRO H 143 4.85 26.01 67.64
CA PRO H 143 3.85 25.77 68.67
C PRO H 143 3.58 24.29 68.87
N VAL H 144 2.93 23.98 69.99
CA VAL H 144 2.49 22.61 70.25
C VAL H 144 1.45 22.18 69.22
N HIS H 145 0.51 23.07 68.90
CA HIS H 145 -0.61 22.77 68.02
C HIS H 145 -0.44 23.49 66.69
N GLY H 146 -0.90 22.84 65.63
CA GLY H 146 -0.80 23.42 64.30
C GLY H 146 -0.99 22.34 63.25
N LYS H 147 -0.62 22.69 62.02
CA LYS H 147 -0.71 21.79 60.89
C LYS H 147 0.66 21.21 60.56
N LEU H 148 0.66 19.95 60.15
CA LEU H 148 1.88 19.24 59.79
C LEU H 148 2.07 19.31 58.29
N VAL H 149 3.27 19.72 57.86
CA VAL H 149 3.56 19.97 56.45
C VAL H 149 4.97 19.49 56.13
N LYS H 150 5.21 19.25 54.85
CA LYS H 150 6.52 18.79 54.40
C LYS H 150 7.58 19.84 54.67
N CYS H 151 8.79 19.38 54.94
CA CYS H 151 9.92 20.26 55.20
C CYS H 151 11.20 19.48 54.90
N HIS H 152 12.30 20.21 54.79
CA HIS H 152 13.61 19.62 54.50
C HIS H 152 14.61 20.10 55.53
N VAL H 153 15.33 19.17 56.16
CA VAL H 153 16.30 19.51 57.19
C VAL H 153 17.40 18.46 57.22
N TYR H 154 18.51 18.80 57.86
CA TYR H 154 19.62 17.87 58.00
C TYR H 154 19.35 16.89 59.14
N ASP H 155 19.53 15.61 58.86
CA ASP H 155 19.30 14.56 59.85
C ASP H 155 20.49 14.48 60.80
N HIS H 156 20.21 14.34 62.09
CA HIS H 156 21.27 14.25 63.09
C HIS H 156 21.97 12.90 63.09
N LEU H 157 21.64 12.00 62.16
CA LEU H 157 22.31 10.72 62.10
C LEU H 157 23.70 10.87 61.52
N LYS H 158 24.68 10.24 62.16
CA LYS H 158 26.07 10.33 61.69
C LYS H 158 26.19 9.81 60.26
N GLU H 159 25.44 8.75 59.93
CA GLU H 159 25.48 8.21 58.58
C GLU H 159 24.85 9.20 57.58
N THR H 160 25.19 9.01 56.31
CA THR H 160 24.80 9.96 55.29
C THR H 160 24.75 9.26 53.94
N SER H 161 24.10 9.91 52.97
CA SER H 161 24.02 9.41 51.61
C SER H 161 24.10 10.52 50.58
N ALA H 162 24.86 11.58 50.88
CA ALA H 162 24.93 12.74 50.01
C ALA H 162 26.37 13.24 49.92
N GLY H 163 26.67 13.93 48.82
CA GLY H 163 27.90 14.69 48.70
C GLY H 163 29.10 13.84 48.32
N TYR H 164 30.22 14.55 48.15
CA TYR H 164 31.46 13.94 47.68
C TYR H 164 32.58 14.96 47.87
N ILE H 165 33.77 14.47 48.25
CA ILE H 165 34.92 15.35 48.47
C ILE H 165 36.17 14.62 48.04
N THR H 166 37.13 15.37 47.50
CA THR H 166 38.39 14.84 47.00
C THR H 166 39.41 14.72 48.14
N MET H 167 40.38 13.84 47.94
CA MET H 167 41.45 13.63 48.92
C MET H 167 42.70 13.17 48.18
N HIS H 168 43.84 13.78 48.51
CA HIS H 168 45.11 13.41 47.91
C HIS H 168 46.24 13.87 48.82
N ARG H 169 47.45 13.41 48.50
CA ARG H 169 48.61 13.73 49.33
C ARG H 169 48.99 15.20 49.16
N PRO H 170 49.69 15.76 50.15
CA PRO H 170 50.00 17.19 50.11
C PRO H 170 51.34 17.49 49.43
N GLY H 171 51.66 18.79 49.32
CA GLY H 171 52.96 19.21 48.85
C GLY H 171 53.97 19.21 49.97
N PRO H 172 55.20 19.62 49.68
CA PRO H 172 56.24 19.64 50.70
C PRO H 172 55.97 20.70 51.75
N HIS H 173 56.50 20.43 52.95
CA HIS H 173 56.44 21.36 54.08
C HIS H 173 57.84 21.87 54.36
N ALA H 174 58.01 23.19 54.31
CA ALA H 174 59.31 23.82 54.52
C ALA H 174 59.38 24.37 55.93
N TYR H 175 60.36 23.91 56.70
CA TYR H 175 60.55 24.33 58.09
C TYR H 175 61.79 25.21 58.16
N LYS H 176 61.63 26.40 58.75
CA LYS H 176 62.74 27.35 58.82
C LYS H 176 63.84 26.83 59.75
N SER H 177 63.46 26.23 60.88
CA SER H 177 64.46 25.78 61.83
C SER H 177 65.40 24.74 61.24
N TYR H 178 65.00 24.07 60.15
CA TYR H 178 65.85 23.08 59.52
C TYR H 178 67.06 23.69 58.83
N LEU H 179 67.08 25.00 58.64
CA LEU H 179 68.14 25.68 57.90
C LEU H 179 68.90 26.60 58.85
N GLU H 180 70.22 26.49 58.86
CA GLU H 180 71.07 27.30 59.71
C GLU H 180 72.26 27.82 58.92
N GLU H 181 72.64 29.07 59.18
CA GLU H 181 73.86 29.65 58.67
C GLU H 181 74.87 29.93 59.78
N ALA H 182 74.65 29.33 60.96
CA ALA H 182 75.60 29.50 62.07
C ALA H 182 77.01 29.15 61.63
N SER H 183 77.17 27.99 60.99
CA SER H 183 78.43 27.66 60.35
C SER H 183 78.66 28.59 59.16
N GLY H 184 79.93 28.81 58.83
CA GLY H 184 80.25 29.65 57.69
C GLY H 184 79.59 29.16 56.42
N GLU H 185 79.39 27.85 56.31
CA GLU H 185 78.67 27.24 55.20
C GLU H 185 77.22 26.96 55.63
N VAL H 186 76.49 26.24 54.78
CA VAL H 186 75.11 25.88 55.09
C VAL H 186 75.11 24.76 56.12
N TYR H 187 74.37 24.96 57.21
CA TYR H 187 74.15 23.92 58.21
C TYR H 187 72.66 23.67 58.34
N ILE H 188 72.28 22.39 58.28
CA ILE H 188 70.89 21.99 58.35
C ILE H 188 70.77 20.80 59.28
N LYS H 189 69.55 20.53 59.75
CA LYS H 189 69.26 19.34 60.52
C LYS H 189 67.96 18.74 60.01
N PRO H 190 67.85 17.42 59.95
CA PRO H 190 66.62 16.81 59.43
C PRO H 190 65.41 17.07 60.33
N PRO H 191 65.56 17.04 61.67
CA PRO H 191 66.68 16.67 62.54
C PRO H 191 66.69 15.18 62.88
N SER H 192 67.43 14.81 63.93
CA SER H 192 67.61 13.40 64.29
C SER H 192 66.30 12.63 64.19
N GLY H 193 66.37 11.43 63.64
CA GLY H 193 65.20 10.61 63.45
C GLY H 193 64.28 11.06 62.33
N LYS H 194 64.84 11.54 61.22
CA LYS H 194 64.05 11.98 60.07
C LYS H 194 64.74 11.55 58.79
N ASN H 195 64.14 11.92 57.65
CA ASN H 195 64.64 11.54 56.32
C ASN H 195 64.68 12.69 55.32
N VAL H 196 65.04 13.89 55.77
CA VAL H 196 64.71 15.13 55.08
C VAL H 196 65.32 15.17 53.67
N THR H 197 64.62 15.87 52.77
CA THR H 197 65.14 16.26 51.47
C THR H 197 65.25 17.78 51.43
N TYR H 198 66.31 18.28 50.80
CA TYR H 198 66.56 19.71 50.73
C TYR H 198 67.01 20.08 49.33
N GLU H 199 66.78 21.34 48.98
CA GLU H 199 67.10 21.86 47.66
C GLU H 199 67.81 23.20 47.81
N CYS H 200 68.61 23.53 46.80
CA CYS H 200 69.36 24.78 46.78
C CYS H 200 69.49 25.21 45.32
N LYS H 201 69.17 26.49 45.05
CA LYS H 201 69.16 27.01 43.70
C LYS H 201 70.49 27.62 43.26
N CYS H 202 71.46 27.73 44.16
CA CYS H 202 72.74 28.33 43.79
C CYS H 202 73.41 27.51 42.69
N GLY H 203 73.89 28.20 41.66
CA GLY H 203 74.53 27.54 40.55
C GLY H 203 73.54 26.86 39.63
N ASP H 204 72.81 25.89 40.17
CA ASP H 204 71.80 25.15 39.42
C ASP H 204 70.89 24.46 40.43
N TYR H 205 70.02 23.58 39.94
CA TYR H 205 69.17 22.78 40.82
C TYR H 205 70.03 21.78 41.57
N SER H 206 70.20 22.00 42.87
CA SER H 206 70.96 21.11 43.74
C SER H 206 70.00 20.45 44.72
N THR H 207 70.12 19.13 44.86
CA THR H 207 69.26 18.37 45.75
C THR H 207 70.10 17.51 46.69
N GLY H 208 69.56 17.27 47.86
CA GLY H 208 70.24 16.44 48.83
C GLY H 208 69.30 15.72 49.78
N ILE H 209 69.49 14.41 49.90
CA ILE H 209 68.72 13.57 50.81
C ILE H 209 69.59 13.26 52.02
N VAL H 210 69.13 13.67 53.21
CA VAL H 210 69.88 13.50 54.45
C VAL H 210 68.94 13.00 55.52
N SER H 211 69.28 11.86 56.13
CA SER H 211 68.47 11.27 57.18
C SER H 211 69.29 11.26 58.47
N THR H 212 68.80 11.97 59.48
CA THR H 212 69.47 12.04 60.78
C THR H 212 70.89 12.57 60.66
N ARG H 213 71.14 13.44 59.69
CA ARG H 213 72.48 13.97 59.44
C ARG H 213 72.40 15.43 59.06
N THR H 214 73.24 16.25 59.69
CA THR H 214 73.44 17.62 59.26
C THR H 214 74.43 17.65 58.11
N LYS H 215 74.10 18.41 57.06
CA LYS H 215 74.90 18.42 55.84
C LYS H 215 75.11 19.85 55.36
N MET H 216 76.14 20.02 54.54
CA MET H 216 76.56 21.31 54.02
C MET H 216 76.53 21.27 52.50
N ASN H 217 76.46 22.46 51.90
CA ASN H 217 76.50 22.60 50.45
C ASN H 217 77.42 23.77 50.09
N GLY H 218 77.77 23.84 48.81
CA GLY H 218 78.77 24.81 48.38
C GLY H 218 78.36 26.24 48.64
N CYS H 219 77.13 26.59 48.28
CA CYS H 219 76.65 27.98 48.42
C CYS H 219 76.36 28.24 49.89
N THR H 220 77.24 29.02 50.53
CA THR H 220 77.18 29.16 51.98
C THR H 220 75.88 29.78 52.44
N LYS H 221 75.32 30.70 51.66
CA LYS H 221 74.08 31.35 52.06
C LYS H 221 72.99 30.31 52.28
N ALA H 222 72.49 30.21 53.51
CA ALA H 222 71.48 29.23 53.86
C ALA H 222 70.07 29.68 53.51
N LYS H 223 69.91 30.89 52.96
CA LYS H 223 68.58 31.42 52.68
C LYS H 223 67.99 30.76 51.44
N GLN H 224 68.66 30.90 50.30
CA GLN H 224 68.15 30.33 49.05
C GLN H 224 67.97 28.82 49.16
N CYS H 225 68.75 28.17 50.01
CA CYS H 225 68.57 26.74 50.23
C CYS H 225 67.21 26.47 50.86
N ILE H 226 66.64 25.30 50.56
CA ILE H 226 65.30 24.95 50.98
C ILE H 226 65.32 23.51 51.50
N ALA H 227 64.57 23.26 52.57
CA ALA H 227 64.49 21.94 53.17
C ALA H 227 63.04 21.58 53.44
N TYR H 228 62.76 20.28 53.45
CA TYR H 228 61.42 19.75 53.67
C TYR H 228 61.41 18.87 54.90
N LYS H 229 60.38 19.03 55.74
CA LYS H 229 60.05 18.00 56.72
C LYS H 229 59.02 17.03 56.14
N ARG H 230 59.29 16.57 54.92
CA ARG H 230 58.28 15.87 54.15
C ARG H 230 58.10 14.45 54.69
N ASP H 231 56.86 14.01 54.73
CA ASP H 231 56.54 12.63 55.09
C ASP H 231 55.77 11.89 54.02
N GLN H 232 54.95 12.58 53.23
CA GLN H 232 54.17 12.00 52.13
C GLN H 232 53.59 10.65 52.53
N THR H 233 52.77 10.68 53.58
CA THR H 233 52.11 9.48 54.08
C THR H 233 50.60 9.62 54.23
N LYS H 234 50.06 10.83 54.26
CA LYS H 234 48.64 11.04 54.56
C LYS H 234 47.98 11.80 53.42
N TRP H 235 46.72 11.48 53.16
CA TRP H 235 45.93 12.19 52.18
C TRP H 235 45.15 13.31 52.88
N VAL H 236 44.97 14.42 52.16
CA VAL H 236 44.34 15.61 52.72
C VAL H 236 43.32 16.15 51.74
N PHE H 237 42.37 16.92 52.28
CA PHE H 237 41.35 17.55 51.46
C PHE H 237 41.91 18.80 50.79
N ASN H 238 41.58 18.97 49.51
CA ASN H 238 42.09 20.10 48.75
C ASN H 238 41.70 21.40 49.44
N SER H 239 42.69 22.26 49.65
CA SER H 239 42.47 23.57 50.26
C SER H 239 43.34 24.60 49.56
N PRO H 240 42.85 25.83 49.43
CA PRO H 240 43.67 26.87 48.80
C PRO H 240 44.94 27.18 49.56
N ASP H 241 44.91 27.08 50.89
CA ASP H 241 46.06 27.45 51.71
C ASP H 241 47.24 26.49 51.54
N LEU H 242 47.04 25.34 50.92
CA LEU H 242 48.08 24.34 50.76
C LEU H 242 48.54 24.27 49.32
N ILE H 243 49.85 24.31 49.11
CA ILE H 243 50.41 24.18 47.78
C ILE H 243 50.06 22.82 47.20
N ARG H 244 49.97 22.75 45.87
CA ARG H 244 49.69 21.49 45.19
C ARG H 244 50.99 20.73 44.95
N HIS H 245 51.04 19.48 45.38
CA HIS H 245 52.16 18.62 45.05
C HIS H 245 52.19 18.36 43.56
N THR H 246 53.40 18.14 43.04
CA THR H 246 53.57 17.96 41.60
C THR H 246 52.75 16.79 41.07
N ASP H 247 52.37 15.85 41.92
CA ASP H 247 51.57 14.72 41.46
C ASP H 247 50.23 15.18 40.92
N HIS H 248 49.59 16.13 41.57
CA HIS H 248 48.27 16.66 41.21
C HIS H 248 47.36 15.52 40.75
N SER H 249 47.32 14.47 41.56
CA SER H 249 46.58 13.26 41.26
C SER H 249 45.45 13.06 42.26
N VAL H 250 44.28 12.73 41.74
CA VAL H 250 43.13 12.39 42.59
C VAL H 250 43.33 10.96 43.08
N GLN H 251 43.56 10.80 44.39
CA GLN H 251 43.88 9.50 44.96
C GLN H 251 42.75 8.88 45.74
N GLY H 252 41.83 9.68 46.29
CA GLY H 252 40.72 9.12 47.03
C GLY H 252 39.62 10.14 47.23
N LYS H 253 38.56 9.71 47.90
CA LYS H 253 37.41 10.57 48.17
C LYS H 253 36.97 10.38 49.61
N LEU H 254 35.92 11.13 49.96
CA LEU H 254 35.23 10.93 51.22
C LEU H 254 33.83 11.51 51.10
N HIS H 255 32.91 10.98 51.93
CA HIS H 255 31.55 11.48 51.97
C HIS H 255 31.44 12.66 52.93
N ILE H 256 30.28 13.29 52.93
CA ILE H 256 29.96 14.39 53.83
C ILE H 256 28.86 13.91 54.77
N PRO H 257 29.07 13.91 56.08
CA PRO H 257 28.04 13.41 56.99
C PRO H 257 26.88 14.38 57.11
N PHE H 258 25.78 13.87 57.65
CA PHE H 258 24.61 14.68 58.01
C PHE H 258 24.00 15.32 56.76
N ARG H 259 23.55 14.45 55.84
CA ARG H 259 22.92 14.92 54.62
C ARG H 259 21.58 15.59 54.92
N LEU H 260 20.96 16.13 53.87
CA LEU H 260 19.65 16.72 53.97
C LEU H 260 18.60 15.68 53.61
N THR H 261 17.47 15.70 54.33
CA THR H 261 16.39 14.77 54.09
C THR H 261 15.05 15.48 54.27
N PRO H 262 14.00 15.02 53.59
CA PRO H 262 12.66 15.50 53.90
C PRO H 262 12.11 14.89 55.18
N THR H 263 11.13 15.56 55.74
CA THR H 263 10.46 15.15 56.97
C THR H 263 9.22 16.01 57.12
N VAL H 264 8.55 15.88 58.26
CA VAL H 264 7.33 16.62 58.55
C VAL H 264 7.61 17.59 59.69
N CYS H 265 7.15 18.83 59.53
CA CYS H 265 7.33 19.87 60.52
C CYS H 265 5.98 20.51 60.83
N PRO H 266 5.81 21.01 62.06
CA PRO H 266 4.56 21.70 62.41
C PRO H 266 4.64 23.20 62.19
N VAL H 267 3.48 23.79 61.90
CA VAL H 267 3.37 25.23 61.71
C VAL H 267 2.09 25.73 62.36
N PRO H 268 2.10 26.98 62.82
CA PRO H 268 0.92 27.52 63.49
C PRO H 268 -0.25 27.71 62.53
N LEU H 269 -1.45 27.59 63.07
CA LEU H 269 -2.68 27.96 62.36
C LEU H 269 -3.18 29.26 63.00
N ALA H 270 -2.81 30.38 62.38
CA ALA H 270 -3.09 31.68 62.97
C ALA H 270 -4.59 31.88 63.17
N HIS H 271 -4.91 32.85 64.04
CA HIS H 271 -6.29 33.25 64.29
C HIS H 271 -7.02 33.48 62.98
N THR H 272 -8.03 32.65 62.69
CA THR H 272 -8.80 32.83 61.48
C THR H 272 -9.67 34.08 61.61
N PRO H 273 -10.10 34.66 60.50
CA PRO H 273 -10.73 35.97 60.55
C PRO H 273 -12.24 35.91 60.71
N THR H 274 -12.79 37.06 61.11
CA THR H 274 -14.23 37.27 61.08
C THR H 274 -14.60 37.92 59.75
N VAL H 275 -15.69 37.45 59.17
CA VAL H 275 -16.12 37.86 57.83
C VAL H 275 -17.41 38.65 57.95
N THR H 276 -17.45 39.81 57.32
CA THR H 276 -18.65 40.64 57.28
C THR H 276 -19.46 40.27 56.04
N LYS H 277 -20.46 41.08 55.74
CA LYS H 277 -21.31 40.89 54.55
C LYS H 277 -21.49 42.24 53.89
N TRP H 278 -20.97 42.38 52.68
CA TRP H 278 -20.89 43.66 52.00
C TRP H 278 -21.48 43.53 50.61
N PHE H 279 -22.07 44.62 50.12
CA PHE H 279 -22.81 44.64 48.87
C PHE H 279 -21.83 44.53 47.71
N LYS H 280 -21.92 43.44 46.94
CA LYS H 280 -20.95 43.13 45.90
C LYS H 280 -19.52 43.25 46.43
N GLY H 281 -19.29 42.70 47.61
CA GLY H 281 -17.97 42.72 48.19
C GLY H 281 -17.98 42.08 49.56
N ILE H 282 -16.88 42.24 50.28
CA ILE H 282 -16.76 41.75 51.64
C ILE H 282 -15.76 42.64 52.38
N THR H 283 -15.96 42.76 53.69
CA THR H 283 -15.02 43.42 54.58
C THR H 283 -14.61 42.43 55.67
N LEU H 284 -13.33 42.42 55.98
CA LEU H 284 -12.74 41.38 56.81
C LEU H 284 -12.23 41.97 58.11
N HIS H 285 -11.86 41.08 59.04
CA HIS H 285 -11.28 41.45 60.33
C HIS H 285 -10.15 40.47 60.61
N LEU H 286 -8.94 40.84 60.18
CA LEU H 286 -7.76 40.00 60.36
C LEU H 286 -7.10 40.36 61.68
N THR H 287 -6.64 39.33 62.41
CA THR H 287 -5.94 39.50 63.68
C THR H 287 -4.69 38.64 63.66
N ALA H 288 -3.57 39.22 64.07
CA ALA H 288 -2.31 38.51 64.11
C ALA H 288 -1.38 39.16 65.14
N THR H 289 -0.41 38.38 65.60
CA THR H 289 0.64 38.85 66.50
C THR H 289 2.00 38.85 65.83
N ARG H 290 2.07 38.55 64.54
CA ARG H 290 3.32 38.40 63.82
C ARG H 290 3.05 38.60 62.35
N PRO H 291 4.06 39.00 61.57
CA PRO H 291 3.85 39.12 60.12
C PRO H 291 3.34 37.82 59.53
N THR H 292 2.32 37.93 58.68
CA THR H 292 1.67 36.78 58.07
C THR H 292 1.28 37.12 56.65
N LEU H 293 1.39 36.13 55.76
CA LEU H 293 1.07 36.31 54.36
C LEU H 293 -0.40 36.05 54.11
N LEU H 294 -1.01 36.90 53.30
CA LEU H 294 -2.39 36.73 52.87
C LEU H 294 -2.46 37.03 51.38
N THR H 295 -3.45 36.44 50.72
CA THR H 295 -3.62 36.65 49.29
C THR H 295 -5.00 36.17 48.88
N THR H 296 -5.37 36.53 47.66
CA THR H 296 -6.60 36.05 47.05
C THR H 296 -6.54 36.26 45.55
N ARG H 297 -7.42 35.56 44.84
CA ARG H 297 -7.48 35.62 43.39
C ARG H 297 -8.91 35.33 42.94
N LYS H 298 -9.33 35.99 41.88
CA LYS H 298 -10.65 35.74 41.32
C LYS H 298 -10.72 34.32 40.77
N LEU H 299 -11.94 33.90 40.45
CA LEU H 299 -12.20 32.56 39.91
C LEU H 299 -12.71 32.60 38.47
N GLY H 300 -12.50 33.71 37.77
CA GLY H 300 -12.94 33.84 36.40
C GLY H 300 -11.80 34.18 35.44
N LEU H 301 -12.12 34.89 34.36
CA LEU H 301 -11.09 35.27 33.39
C LEU H 301 -9.98 36.08 34.05
N ARG H 302 -10.34 37.25 34.57
CA ARG H 302 -9.36 38.16 35.16
C ARG H 302 -9.00 37.65 36.55
N ALA H 303 -7.75 37.21 36.73
CA ALA H 303 -7.32 36.67 38.02
C ALA H 303 -7.45 37.72 39.11
N ASP H 304 -7.02 38.95 38.84
CA ASP H 304 -7.04 40.03 39.81
C ASP H 304 -6.38 39.55 41.12
N ALA H 305 -5.23 38.90 40.96
CA ALA H 305 -4.52 38.35 42.10
C ALA H 305 -3.98 39.48 42.97
N THR H 306 -3.96 39.22 44.28
CA THR H 306 -3.42 40.18 45.23
C THR H 306 -2.82 39.43 46.41
N ALA H 307 -1.80 40.06 47.01
CA ALA H 307 -1.11 39.49 48.16
C ALA H 307 -0.63 40.62 49.05
N GLU H 308 -0.39 40.29 50.32
CA GLU H 308 -0.04 41.30 51.30
C GLU H 308 0.55 40.62 52.53
N TRP H 309 1.27 41.39 53.33
CA TRP H 309 1.79 40.97 54.62
C TRP H 309 1.10 41.79 55.71
N ILE H 310 0.59 41.11 56.73
CA ILE H 310 -0.15 41.74 57.82
C ILE H 310 0.60 41.50 59.12
N THR H 311 0.84 42.57 59.86
CA THR H 311 1.61 42.48 61.12
C THR H 311 0.70 42.23 62.31
N GLY H 312 -0.25 43.13 62.56
CA GLY H 312 -1.13 43.00 63.71
C GLY H 312 -2.55 42.63 63.31
N THR H 313 -3.49 43.53 63.54
CA THR H 313 -4.88 43.31 63.18
C THR H 313 -5.44 44.55 62.52
N THR H 314 -6.32 44.33 61.54
CA THR H 314 -6.92 45.41 60.77
C THR H 314 -8.10 44.84 59.98
N SER H 315 -8.63 45.63 59.06
CA SER H 315 -9.72 45.20 58.19
C SER H 315 -9.40 45.57 56.75
N ARG H 316 -9.94 44.79 55.82
CA ARG H 316 -9.73 45.01 54.40
C ARG H 316 -11.03 44.78 53.65
N ASN H 317 -11.25 45.59 52.62
CA ASN H 317 -12.44 45.50 51.77
C ASN H 317 -12.03 44.95 50.41
N PHE H 318 -12.60 43.80 50.05
CA PHE H 318 -12.33 43.16 48.77
C PHE H 318 -13.64 43.05 48.00
N SER H 319 -13.65 43.58 46.78
CA SER H 319 -14.83 43.46 45.94
C SER H 319 -14.90 42.05 45.34
N VAL H 320 -16.12 41.53 45.25
CA VAL H 320 -16.36 40.19 44.72
C VAL H 320 -17.32 40.30 43.55
N GLY H 321 -16.98 39.65 42.44
CA GLY H 321 -17.86 39.62 41.30
C GLY H 321 -18.90 38.51 41.40
N ARG H 322 -19.83 38.53 40.45
CA ARG H 322 -20.86 37.50 40.40
C ARG H 322 -20.24 36.12 40.19
N GLU H 323 -19.16 36.04 39.42
CA GLU H 323 -18.57 34.75 39.10
C GLU H 323 -18.13 34.00 40.36
N GLY H 324 -17.20 34.56 41.10
CA GLY H 324 -16.68 33.93 42.29
C GLY H 324 -15.27 34.42 42.60
N LEU H 325 -14.90 34.25 43.87
CA LEU H 325 -13.62 34.75 44.36
C LEU H 325 -12.96 33.71 45.27
N GLU H 326 -11.64 33.62 45.19
CA GLU H 326 -10.86 32.81 46.10
C GLU H 326 -10.39 33.64 47.29
N TYR H 327 -10.03 32.96 48.37
CA TYR H 327 -9.68 33.64 49.62
C TYR H 327 -8.72 32.78 50.41
N VAL H 328 -7.56 33.34 50.76
CA VAL H 328 -6.51 32.62 51.45
C VAL H 328 -6.13 33.39 52.71
N TRP H 329 -5.65 32.65 53.71
CA TRP H 329 -5.17 33.22 54.96
C TRP H 329 -4.53 32.11 55.78
N GLY H 330 -3.60 32.51 56.65
CA GLY H 330 -2.96 31.53 57.52
C GLY H 330 -2.20 30.50 56.74
N ASN H 331 -2.32 29.24 57.17
CA ASN H 331 -1.69 28.11 56.52
C ASN H 331 -2.65 26.95 56.37
N HIS H 332 -3.94 27.25 56.26
CA HIS H 332 -4.97 26.23 56.11
C HIS H 332 -5.60 26.36 54.73
N GLU H 333 -6.38 25.33 54.37
CA GLU H 333 -7.00 25.31 53.06
C GLU H 333 -7.89 26.54 52.88
N PRO H 334 -7.93 27.13 51.70
CA PRO H 334 -8.71 28.35 51.49
C PRO H 334 -10.19 28.04 51.34
N VAL H 335 -10.98 29.10 51.25
CA VAL H 335 -12.42 29.00 51.08
C VAL H 335 -12.83 29.95 49.96
N ARG H 336 -13.70 29.46 49.08
CA ARG H 336 -14.17 30.24 47.94
C ARG H 336 -15.50 30.88 48.29
N VAL H 337 -15.62 32.18 48.01
CA VAL H 337 -16.82 32.95 48.33
C VAL H 337 -17.23 33.74 47.10
N TRP H 338 -18.50 33.62 46.72
CA TRP H 338 -19.07 34.31 45.56
C TRP H 338 -20.18 35.23 46.08
N ALA H 339 -20.94 35.81 45.16
CA ALA H 339 -21.97 36.77 45.54
C ALA H 339 -23.09 36.77 44.51
N GLN H 340 -24.22 37.34 44.91
CA GLN H 340 -25.38 37.51 44.05
C GLN H 340 -25.98 38.89 44.32
N GLU H 341 -27.19 39.13 43.82
CA GLU H 341 -27.83 40.43 43.89
C GLU H 341 -28.97 40.43 44.89
N SER H 342 -29.14 41.56 45.58
CA SER H 342 -30.20 41.70 46.57
C SER H 342 -30.88 43.05 46.55
N ALA H 343 -30.62 43.90 45.56
CA ALA H 343 -31.24 45.21 45.52
C ALA H 343 -32.74 45.10 45.26
N PRO H 344 -33.54 46.06 45.74
CA PRO H 344 -35.02 45.97 45.64
C PRO H 344 -35.58 46.40 44.29
N GLY H 345 -35.57 45.48 43.33
CA GLY H 345 -36.04 45.77 42.01
C GLY H 345 -37.52 45.54 41.76
N ASP H 346 -37.99 44.32 41.98
CA ASP H 346 -39.32 43.95 41.52
C ASP H 346 -40.38 44.78 42.25
N PRO H 347 -41.40 45.27 41.54
CA PRO H 347 -42.48 46.00 42.22
C PRO H 347 -43.55 45.06 42.78
N HIS H 348 -44.62 45.62 43.32
CA HIS H 348 -45.73 44.85 43.89
C HIS H 348 -47.06 45.37 43.35
N GLY H 349 -47.11 45.66 42.06
CA GLY H 349 -48.33 46.14 41.42
C GLY H 349 -48.59 47.62 41.59
N TRP H 350 -47.73 48.34 42.31
CA TRP H 350 -47.89 49.78 42.52
C TRP H 350 -46.70 50.50 41.91
N PRO H 351 -46.76 51.83 41.77
CA PRO H 351 -45.57 52.56 41.32
C PRO H 351 -44.39 52.31 42.25
N HIS H 352 -43.21 52.15 41.65
CA HIS H 352 -42.02 51.81 42.42
C HIS H 352 -40.79 52.36 41.72
N GLU H 353 -39.72 52.49 42.49
CA GLU H 353 -38.42 52.91 41.97
C GLU H 353 -37.56 51.69 41.65
N ILE H 354 -38.07 50.88 40.71
CA ILE H 354 -37.37 49.65 40.33
C ILE H 354 -35.99 49.96 39.77
N ILE H 355 -35.88 51.07 39.02
CA ILE H 355 -34.67 51.39 38.29
C ILE H 355 -33.43 51.23 39.18
N ILE H 356 -33.56 51.59 40.47
CA ILE H 356 -32.38 51.60 41.34
C ILE H 356 -31.73 50.23 41.37
N HIS H 357 -32.52 49.16 41.50
CA HIS H 357 -31.96 47.82 41.46
C HIS H 357 -31.21 47.60 40.16
N TYR H 358 -31.86 47.92 39.03
CA TYR H 358 -31.19 47.76 37.74
C TYR H 358 -29.99 48.70 37.61
N TYR H 359 -29.95 49.77 38.41
CA TYR H 359 -28.76 50.61 38.44
C TYR H 359 -27.66 49.96 39.28
N HIS H 360 -28.04 49.25 40.35
CA HIS H 360 -27.04 48.59 41.19
C HIS H 360 -26.32 47.49 40.43
N ARG H 361 -27.00 46.85 39.47
CA ARG H 361 -26.43 45.79 38.65
C ARG H 361 -26.28 46.30 37.23
N HIS H 362 -25.06 46.19 36.69
CA HIS H 362 -24.83 46.62 35.31
C HIS H 362 -25.20 48.09 35.16
N PRO H 363 -24.41 49.02 35.69
CA PRO H 363 -24.69 50.44 35.43
C PRO H 363 -24.71 50.75 33.95
N VAL H 364 -24.15 49.84 33.15
CA VAL H 364 -24.31 49.86 31.70
C VAL H 364 -25.56 49.06 31.35
N TYR H 365 -26.18 49.39 30.22
CA TYR H 365 -27.37 48.71 29.73
C TYR H 365 -28.61 49.08 30.54
N THR H 366 -28.44 49.88 31.60
CA THR H 366 -29.56 50.30 32.45
C THR H 366 -29.98 51.74 32.17
N VAL H 367 -29.04 52.63 31.89
CA VAL H 367 -29.37 53.97 31.48
C VAL H 367 -29.53 54.08 29.97
N ILE H 368 -28.96 53.14 29.21
CA ILE H 368 -29.12 53.16 27.76
C ILE H 368 -30.59 52.99 27.39
N VAL H 369 -31.31 52.15 28.13
CA VAL H 369 -32.74 51.98 27.87
C VAL H 369 -33.47 53.29 28.10
N LEU H 370 -33.12 54.01 29.16
CA LEU H 370 -33.74 55.30 29.42
C LEU H 370 -33.45 56.29 28.30
N CYS H 371 -32.20 56.31 27.83
CA CYS H 371 -31.83 57.21 26.73
C CYS H 371 -32.62 56.86 25.47
N GLY H 372 -32.76 55.57 25.17
CA GLY H 372 -33.54 55.17 24.01
C GLY H 372 -35.01 55.52 24.15
N VAL H 373 -35.56 55.39 25.35
CA VAL H 373 -36.94 55.77 25.59
C VAL H 373 -37.13 57.26 25.34
N ALA H 374 -36.21 58.08 25.87
CA ALA H 374 -36.30 59.51 25.64
C ALA H 374 -36.16 59.84 24.17
N LEU H 375 -35.26 59.17 23.46
CA LEU H 375 -35.09 59.40 22.03
C LEU H 375 -36.37 59.07 21.28
N ALA H 376 -36.99 57.94 21.59
CA ALA H 376 -38.24 57.56 20.92
C ALA H 376 -39.33 58.57 21.22
N ILE H 377 -39.45 59.00 22.48
CA ILE H 377 -40.46 59.99 22.83
C ILE H 377 -40.27 61.26 22.03
N LEU H 378 -39.03 61.77 21.99
CA LEU H 378 -38.77 63.01 21.27
C LEU H 378 -39.02 62.85 19.78
N VAL H 379 -38.60 61.73 19.19
CA VAL H 379 -38.80 61.53 17.76
C VAL H 379 -40.30 61.50 17.45
N GLY H 380 -41.06 60.71 18.20
CA GLY H 380 -42.49 60.65 17.95
C GLY H 380 -43.16 62.00 18.11
N THR H 381 -42.84 62.71 19.19
CA THR H 381 -43.46 64.01 19.43
C THR H 381 -43.14 64.98 18.31
N ALA H 382 -41.86 65.08 17.93
CA ALA H 382 -41.45 66.05 16.92
C ALA H 382 -42.09 65.72 15.58
N SER H 383 -42.04 64.45 15.17
CA SER H 383 -42.61 64.07 13.88
C SER H 383 -44.10 64.31 13.85
N SER H 384 -44.81 63.92 14.92
CA SER H 384 -46.25 64.12 14.96
C SER H 384 -46.59 65.60 14.91
N ALA H 385 -45.88 66.43 15.68
CA ALA H 385 -46.17 67.86 15.71
C ALA H 385 -45.92 68.48 14.34
N ALA H 386 -44.79 68.15 13.72
CA ALA H 386 -44.49 68.71 12.41
C ALA H 386 -45.55 68.32 11.39
N CYS H 387 -45.92 67.04 11.36
CA CYS H 387 -46.88 66.58 10.37
C CYS H 387 -48.27 67.16 10.60
N ILE H 388 -48.73 67.19 11.86
CA ILE H 388 -50.05 67.76 12.13
C ILE H 388 -50.07 69.24 11.79
N ALA H 389 -49.01 69.96 12.16
CA ALA H 389 -48.97 71.39 11.86
C ALA H 389 -48.98 71.64 10.36
N LYS H 390 -48.19 70.89 9.60
CA LYS H 390 -48.15 71.11 8.16
C LYS H 390 -49.48 70.73 7.50
N ALA H 391 -50.09 69.62 7.94
CA ALA H 391 -51.39 69.26 7.38
C ALA H 391 -52.44 70.31 7.68
N ARG H 392 -52.45 70.83 8.92
CA ARG H 392 -53.40 71.87 9.28
C ARG H 392 -53.16 73.13 8.47
N ARG H 393 -51.89 73.52 8.30
CA ARG H 393 -51.60 74.70 7.50
C ARG H 393 -52.05 74.53 6.05
N ASP H 394 -51.83 73.33 5.49
CA ASP H 394 -52.26 73.08 4.12
C ASP H 394 -53.77 73.12 4.00
N CYS H 395 -54.47 72.57 4.99
CA CYS H 395 -55.93 72.56 4.92
C CYS H 395 -56.52 73.94 5.17
N LEU H 396 -55.80 74.81 5.85
CA LEU H 396 -56.34 76.11 6.24
C LEU H 396 -55.93 77.23 5.30
N THR H 397 -54.76 77.13 4.66
CA THR H 397 -54.21 78.27 3.93
C THR H 397 -54.96 78.56 2.65
N PRO H 398 -55.02 77.66 1.67
CA PRO H 398 -55.79 77.97 0.45
C PRO H 398 -57.26 78.22 0.75
N TYR H 399 -57.80 77.54 1.75
CA TYR H 399 -59.13 77.89 2.26
C TYR H 399 -59.17 79.36 2.67
N ALA H 400 -58.05 79.88 3.19
CA ALA H 400 -57.89 81.30 3.48
C ALA H 400 -59.05 81.83 4.32
N LEU H 401 -59.25 81.23 5.49
CA LEU H 401 -60.37 81.61 6.34
C LEU H 401 -59.91 82.53 7.46
N ALA H 402 -60.87 82.94 8.30
CA ALA H 402 -60.60 83.78 9.45
C ALA H 402 -61.33 83.20 10.66
N PRO H 403 -60.83 83.42 11.87
CA PRO H 403 -61.51 82.87 13.06
C PRO H 403 -62.88 83.48 13.26
N ASN H 404 -63.80 82.68 13.81
CA ASN H 404 -65.16 83.13 14.11
C ASN H 404 -65.84 83.70 12.86
N ALA H 405 -65.90 82.90 11.81
CA ALA H 405 -66.51 83.31 10.54
C ALA H 405 -67.46 82.22 10.06
N THR H 406 -68.22 82.53 9.01
CA THR H 406 -69.16 81.57 8.45
C THR H 406 -68.46 80.50 7.63
N VAL H 407 -67.50 80.89 6.80
CA VAL H 407 -66.84 79.91 5.92
C VAL H 407 -66.20 78.79 6.73
N PRO H 408 -65.59 79.03 7.88
CA PRO H 408 -64.91 77.96 8.61
C PRO H 408 -65.84 76.88 9.17
N THR H 409 -66.65 76.28 8.30
CA THR H 409 -67.47 75.14 8.72
C THR H 409 -66.58 73.96 9.08
N ALA H 410 -65.84 73.44 8.10
CA ALA H 410 -64.84 72.43 8.37
C ALA H 410 -63.99 72.81 9.57
N LEU H 411 -63.69 74.09 9.74
CA LEU H 411 -62.99 74.57 10.94
C LEU H 411 -63.76 74.23 12.21
N ALA H 412 -65.08 74.43 12.22
CA ALA H 412 -65.88 74.00 13.36
C ALA H 412 -65.48 72.60 13.79
N VAL H 413 -65.00 71.80 12.84
CA VAL H 413 -64.45 70.49 13.20
C VAL H 413 -62.94 70.56 13.46
N LEU H 414 -62.21 71.32 12.67
CA LEU H 414 -60.75 71.21 12.64
C LEU H 414 -60.11 71.66 13.95
N CYS H 415 -60.48 72.83 14.44
CA CYS H 415 -59.92 73.36 15.68
C CYS H 415 -60.83 73.04 16.86
#